data_2MZE
#
_entry.id   2MZE
#
_cell.length_a   1.000
_cell.length_b   1.000
_cell.length_c   1.000
_cell.angle_alpha   90.00
_cell.angle_beta   90.00
_cell.angle_gamma   90.00
#
_symmetry.space_group_name_H-M   'P 1'
#
loop_
_entity.id
_entity.type
_entity.pdbx_description
1 polymer Matrilysin
2 non-polymer 'CALCIUM ION'
3 non-polymer 'ZINC ION'
#
_entity_poly.entity_id   1
_entity_poly.type   'polypeptide(L)'
_entity_poly.pdbx_seq_one_letter_code
;LPLPQEAGGMSELQWEQAQDYLKRFYLYDSETKNANSLEAKLKEMQKFFGLPITGMLNSRVIEIMQKPRCGVPDVAEYSL
FPNSPKWTSKVVTYRIVSYTRDLPHITVDRLVSKALNMWGKEIPLHFRKVVWGTADIMIGFARGAHGDSYPFDGPGNTLA
HAFAPGTGLGGDAHFDEDERWTDGSSLGINFLYAATHALGHSLGMGHSSDPNAVMYPTYGNGDPQNFKLSQDDIKGIQKL
YGKRSNSRKK
;
_entity_poly.pdbx_strand_id   A
#
loop_
_chem_comp.id
_chem_comp.type
_chem_comp.name
_chem_comp.formula
CA non-polymer 'CALCIUM ION' 'Ca 2'
ZN non-polymer 'ZINC ION' 'Zn 2'
#
# COMPACT_ATOMS: atom_id res chain seq x y z
N LEU A 1 -7.72 -16.76 -17.29
CA LEU A 1 -6.50 -16.71 -16.49
C LEU A 1 -6.27 -18.04 -15.76
N PRO A 2 -5.03 -18.27 -15.34
CA PRO A 2 -4.65 -19.49 -14.63
C PRO A 2 -5.25 -19.56 -13.23
N LEU A 3 -5.17 -20.73 -12.60
CA LEU A 3 -5.70 -20.92 -11.26
C LEU A 3 -5.39 -22.31 -10.73
N PRO A 4 -4.10 -22.53 -10.37
CA PRO A 4 -3.63 -23.81 -9.85
C PRO A 4 -4.18 -24.10 -8.45
N GLN A 5 -3.67 -25.16 -7.83
CA GLN A 5 -4.10 -25.54 -6.50
C GLN A 5 -2.99 -26.29 -5.75
N GLU A 6 -2.01 -25.55 -5.27
CA GLU A 6 -0.90 -26.15 -4.54
C GLU A 6 -1.14 -26.10 -3.04
N ALA A 7 -1.97 -25.16 -2.61
CA ALA A 7 -2.29 -25.02 -1.19
C ALA A 7 -2.85 -26.31 -0.62
N GLY A 8 -3.59 -27.05 -1.45
CA GLY A 8 -4.17 -28.30 -1.00
C GLY A 8 -3.14 -29.26 -0.46
N GLY A 9 -1.94 -29.21 -1.03
CA GLY A 9 -0.87 -30.10 -0.58
C GLY A 9 0.21 -29.36 0.18
N MET A 10 -0.13 -28.20 0.72
CA MET A 10 0.82 -27.40 1.48
C MET A 10 1.01 -27.96 2.87
N SER A 11 2.08 -27.53 3.54
CA SER A 11 2.38 -28.00 4.89
C SER A 11 1.66 -27.16 5.94
N GLU A 12 1.67 -27.63 7.18
CA GLU A 12 1.01 -26.92 8.27
C GLU A 12 1.62 -25.54 8.48
N LEU A 13 2.92 -25.44 8.20
CA LEU A 13 3.64 -24.17 8.35
C LEU A 13 3.08 -23.11 7.40
N GLN A 14 2.82 -23.52 6.16
CA GLN A 14 2.29 -22.61 5.15
C GLN A 14 0.90 -22.13 5.53
N TRP A 15 0.08 -23.05 6.05
CA TRP A 15 -1.28 -22.72 6.46
C TRP A 15 -1.28 -21.89 7.74
N GLU A 16 -0.33 -22.18 8.63
CA GLU A 16 -0.24 -21.46 9.89
C GLU A 16 0.32 -20.06 9.67
N GLN A 17 1.24 -19.93 8.71
CA GLN A 17 1.84 -18.64 8.41
C GLN A 17 0.79 -17.65 7.91
N ALA A 18 -0.17 -18.15 7.15
CA ALA A 18 -1.23 -17.31 6.60
C ALA A 18 -1.99 -16.60 7.73
N GLN A 19 -2.14 -17.27 8.86
CA GLN A 19 -2.84 -16.69 10.00
C GLN A 19 -2.09 -15.48 10.54
N ASP A 20 -0.78 -15.60 10.64
CA ASP A 20 0.06 -14.52 11.15
C ASP A 20 0.26 -13.44 10.09
N TYR A 21 0.26 -13.86 8.83
CA TYR A 21 0.44 -12.92 7.72
C TYR A 21 -0.67 -11.88 7.70
N LEU A 22 -1.90 -12.33 7.90
CA LEU A 22 -3.06 -11.44 7.91
C LEU A 22 -3.07 -10.57 9.17
N LYS A 23 -2.38 -11.04 10.21
CA LYS A 23 -2.30 -10.31 11.47
C LYS A 23 -1.41 -9.07 11.32
N ARG A 24 -0.27 -9.25 10.66
CA ARG A 24 0.66 -8.14 10.46
C ARG A 24 0.10 -7.12 9.47
N PHE A 25 -0.75 -7.60 8.57
CA PHE A 25 -1.37 -6.73 7.56
C PHE A 25 -2.44 -5.84 8.20
N TYR A 26 -2.72 -6.08 9.47
CA TYR A 26 -3.73 -5.31 10.19
C TYR A 26 -3.12 -4.61 11.41
N LEU A 27 -2.93 -5.36 12.48
CA LEU A 27 -2.35 -4.82 13.70
C LEU A 27 -1.76 -5.92 14.57
N TYR A 28 -1.27 -5.55 15.75
CA TYR A 28 -0.70 -6.51 16.67
C TYR A 28 -1.73 -6.97 17.69
N ASP A 29 -2.44 -8.05 17.35
CA ASP A 29 -3.47 -8.60 18.23
C ASP A 29 -3.21 -10.08 18.50
N SER A 30 -2.55 -10.37 19.62
CA SER A 30 -2.23 -11.75 19.99
C SER A 30 -3.41 -12.39 20.73
N GLU A 31 -4.42 -11.59 21.02
CA GLU A 31 -5.61 -12.08 21.72
C GLU A 31 -6.57 -12.75 20.76
N THR A 32 -6.46 -12.41 19.48
CA THR A 32 -7.32 -12.97 18.45
C THR A 32 -6.90 -14.39 18.10
N LYS A 33 -5.79 -14.83 18.67
CA LYS A 33 -5.28 -16.18 18.42
C LYS A 33 -6.33 -17.24 18.78
N ASN A 34 -7.01 -17.75 17.77
CA ASN A 34 -8.03 -18.77 17.97
C ASN A 34 -8.46 -19.39 16.65
N ALA A 35 -9.06 -20.57 16.71
CA ALA A 35 -9.53 -21.26 15.53
C ALA A 35 -10.80 -20.62 14.96
N ASN A 36 -11.69 -20.22 15.87
CA ASN A 36 -12.94 -19.58 15.47
C ASN A 36 -12.70 -18.17 14.95
N SER A 37 -11.81 -17.45 15.63
CA SER A 37 -11.49 -16.07 15.24
C SER A 37 -10.95 -16.02 13.82
N LEU A 38 -10.45 -17.16 13.33
CA LEU A 38 -9.91 -17.24 11.98
C LEU A 38 -10.99 -16.98 10.94
N GLU A 39 -12.16 -17.59 11.15
CA GLU A 39 -13.28 -17.42 10.22
C GLU A 39 -13.76 -15.97 10.20
N ALA A 40 -14.00 -15.42 11.39
CA ALA A 40 -14.45 -14.04 11.51
C ALA A 40 -13.41 -13.06 10.99
N LYS A 41 -12.18 -13.22 11.46
CA LYS A 41 -11.08 -12.36 11.05
C LYS A 41 -10.86 -12.45 9.54
N LEU A 42 -10.77 -13.67 9.03
CA LEU A 42 -10.55 -13.89 7.61
C LEU A 42 -11.66 -13.21 6.78
N LYS A 43 -12.87 -13.24 7.31
CA LYS A 43 -14.01 -12.62 6.62
C LYS A 43 -13.76 -11.13 6.39
N GLU A 44 -13.28 -10.46 7.42
CA GLU A 44 -13.00 -9.02 7.33
C GLU A 44 -11.96 -8.74 6.25
N MET A 45 -11.03 -9.68 6.07
CA MET A 45 -9.97 -9.53 5.08
C MET A 45 -10.55 -9.60 3.66
N GLN A 46 -11.58 -10.42 3.50
CA GLN A 46 -12.22 -10.58 2.20
C GLN A 46 -12.79 -9.26 1.70
N LYS A 47 -13.37 -8.49 2.60
CA LYS A 47 -13.95 -7.19 2.26
C LYS A 47 -12.86 -6.18 1.94
N PHE A 48 -11.72 -6.31 2.61
CA PHE A 48 -10.61 -5.40 2.38
C PHE A 48 -9.96 -5.64 1.02
N PHE A 49 -9.89 -6.92 0.63
CA PHE A 49 -9.30 -7.30 -0.64
C PHE A 49 -10.30 -7.12 -1.78
N GLY A 50 -11.57 -7.39 -1.50
CA GLY A 50 -12.61 -7.26 -2.50
C GLY A 50 -13.04 -8.60 -3.07
N LEU A 51 -12.30 -9.65 -2.74
CA LEU A 51 -12.61 -10.99 -3.22
C LEU A 51 -13.98 -11.44 -2.72
N PRO A 52 -14.74 -12.10 -3.60
CA PRO A 52 -16.07 -12.61 -3.27
C PRO A 52 -16.03 -13.77 -2.28
N ILE A 53 -15.24 -14.79 -2.61
CA ILE A 53 -15.12 -15.96 -1.74
C ILE A 53 -14.80 -15.54 -0.31
N THR A 54 -15.78 -15.70 0.58
CA THR A 54 -15.60 -15.35 1.98
C THR A 54 -15.25 -16.57 2.81
N GLY A 55 -14.59 -16.34 3.94
CA GLY A 55 -14.19 -17.43 4.81
C GLY A 55 -13.32 -18.45 4.12
N MET A 56 -12.70 -18.03 3.02
CA MET A 56 -11.83 -18.92 2.25
C MET A 56 -10.35 -18.65 2.58
N LEU A 57 -9.51 -19.64 2.31
CA LEU A 57 -8.08 -19.52 2.58
C LEU A 57 -7.33 -20.74 2.04
N ASN A 58 -7.08 -20.75 0.74
CA ASN A 58 -6.37 -21.85 0.11
C ASN A 58 -6.26 -21.64 -1.39
N SER A 59 -7.26 -20.98 -1.97
CA SER A 59 -7.28 -20.71 -3.40
C SER A 59 -6.62 -19.36 -3.71
N ARG A 60 -7.45 -18.34 -3.92
CA ARG A 60 -6.95 -17.01 -4.22
C ARG A 60 -6.61 -16.25 -2.94
N VAL A 61 -7.33 -16.57 -1.86
CA VAL A 61 -7.10 -15.92 -0.57
C VAL A 61 -5.71 -16.23 -0.04
N ILE A 62 -5.28 -17.47 -0.18
CA ILE A 62 -3.96 -17.90 0.28
C ILE A 62 -2.87 -17.38 -0.65
N GLU A 63 -3.19 -17.27 -1.93
CA GLU A 63 -2.23 -16.81 -2.92
C GLU A 63 -1.82 -15.37 -2.64
N ILE A 64 -2.80 -14.52 -2.32
CA ILE A 64 -2.54 -13.11 -2.03
C ILE A 64 -1.76 -12.97 -0.73
N MET A 65 -1.95 -13.91 0.20
CA MET A 65 -1.26 -13.88 1.48
C MET A 65 0.23 -14.09 1.29
N GLN A 66 0.60 -14.94 0.33
CA GLN A 66 2.00 -15.23 0.05
C GLN A 66 2.57 -14.24 -0.94
N LYS A 67 1.69 -13.61 -1.72
CA LYS A 67 2.12 -12.63 -2.72
C LYS A 67 2.37 -11.28 -2.07
N PRO A 68 3.37 -10.55 -2.60
CA PRO A 68 3.73 -9.22 -2.09
C PRO A 68 2.67 -8.17 -2.40
N ARG A 69 2.72 -7.06 -1.66
CA ARG A 69 1.76 -5.98 -1.85
C ARG A 69 2.27 -4.68 -1.24
N CYS A 70 2.08 -4.54 0.06
CA CYS A 70 2.52 -3.34 0.77
C CYS A 70 2.98 -3.69 2.19
N GLY A 71 3.83 -2.83 2.75
CA GLY A 71 4.33 -3.07 4.09
C GLY A 71 3.55 -2.31 5.15
N VAL A 72 2.39 -1.79 4.76
CA VAL A 72 1.55 -1.03 5.68
C VAL A 72 0.27 -1.80 6.00
N PRO A 73 -0.17 -1.70 7.28
CA PRO A 73 -1.38 -2.38 7.74
C PRO A 73 -2.65 -1.78 7.15
N ASP A 74 -3.79 -2.35 7.50
CA ASP A 74 -5.09 -1.87 7.01
C ASP A 74 -5.86 -1.17 8.12
N VAL A 75 -5.29 -1.17 9.33
CA VAL A 75 -5.93 -0.54 10.47
C VAL A 75 -4.91 0.15 11.36
N ALA A 76 -5.19 1.41 11.69
CA ALA A 76 -4.28 2.18 12.54
C ALA A 76 -5.05 2.87 13.67
N GLU A 77 -4.31 3.44 14.61
CA GLU A 77 -4.92 4.13 15.74
C GLU A 77 -3.86 4.70 16.68
N TYR A 78 -3.55 5.98 16.49
CA TYR A 78 -2.54 6.64 17.31
C TYR A 78 -2.84 8.13 17.46
N SER A 79 -3.70 8.47 18.42
CA SER A 79 -4.07 9.86 18.67
C SER A 79 -4.68 10.47 17.41
N LEU A 80 -5.08 11.74 17.51
CA LEU A 80 -5.67 12.45 16.38
C LEU A 80 -5.11 13.87 16.28
N PHE A 81 -3.81 13.96 16.05
CA PHE A 81 -3.15 15.25 15.93
C PHE A 81 -3.57 15.96 14.64
N PRO A 82 -3.29 15.33 13.50
CA PRO A 82 -3.63 15.87 12.18
C PRO A 82 -5.14 15.87 11.92
N ASN A 83 -5.66 16.99 11.44
CA ASN A 83 -7.07 17.12 11.17
C ASN A 83 -7.48 16.21 10.00
N SER A 84 -8.53 15.42 10.22
CA SER A 84 -9.01 14.49 9.20
C SER A 84 -7.95 13.45 8.86
N PRO A 85 -8.40 12.33 8.28
CA PRO A 85 -7.51 11.24 7.89
C PRO A 85 -6.60 11.60 6.72
N LYS A 86 -7.20 12.14 5.66
CA LYS A 86 -6.46 12.53 4.47
C LYS A 86 -5.86 13.93 4.65
N TRP A 87 -4.97 14.30 3.74
CA TRP A 87 -4.32 15.60 3.80
C TRP A 87 -5.35 16.72 3.88
N THR A 88 -5.15 17.65 4.82
CA THR A 88 -6.07 18.77 5.00
C THR A 88 -5.37 20.09 4.69
N SER A 89 -4.12 20.02 4.30
CA SER A 89 -3.34 21.22 3.96
C SER A 89 -3.79 21.80 2.63
N LYS A 90 -3.18 22.92 2.25
CA LYS A 90 -3.51 23.58 1.00
C LYS A 90 -2.49 23.24 -0.08
N VAL A 91 -1.39 22.60 0.32
CA VAL A 91 -0.35 22.21 -0.61
C VAL A 91 0.47 21.05 -0.07
N VAL A 92 0.87 20.15 -0.96
CA VAL A 92 1.66 18.99 -0.58
C VAL A 92 3.03 19.02 -1.23
N THR A 93 4.07 18.82 -0.41
CA THR A 93 5.44 18.83 -0.91
C THR A 93 6.12 17.47 -0.67
N TYR A 94 6.97 17.08 -1.62
CA TYR A 94 7.67 15.80 -1.51
C TYR A 94 9.13 15.95 -1.93
N ARG A 95 10.01 15.19 -1.28
CA ARG A 95 11.43 15.24 -1.59
C ARG A 95 12.09 13.88 -1.35
N ILE A 96 12.87 13.42 -2.32
CA ILE A 96 13.55 12.14 -2.21
C ILE A 96 14.74 12.23 -1.26
N VAL A 97 14.84 11.27 -0.35
CA VAL A 97 15.94 11.24 0.61
C VAL A 97 17.16 10.53 0.03
N SER A 98 16.92 9.45 -0.70
CA SER A 98 18.00 8.68 -1.31
C SER A 98 17.50 7.89 -2.51
N TYR A 99 18.43 7.32 -3.28
CA TYR A 99 18.07 6.53 -4.45
C TYR A 99 18.69 5.15 -4.39
N THR A 100 18.07 4.19 -5.07
CA THR A 100 18.56 2.82 -5.10
C THR A 100 19.42 2.57 -6.33
N ARG A 101 20.49 1.80 -6.15
CA ARG A 101 21.39 1.48 -7.26
C ARG A 101 20.62 0.90 -8.43
N ASP A 102 19.40 0.43 -8.17
CA ASP A 102 18.57 -0.16 -9.20
C ASP A 102 18.19 0.89 -10.25
N LEU A 103 17.98 2.12 -9.80
CA LEU A 103 17.60 3.21 -10.70
C LEU A 103 18.28 4.51 -10.27
N PRO A 104 18.49 5.42 -11.25
CA PRO A 104 19.13 6.71 -11.00
C PRO A 104 18.24 7.65 -10.18
N HIS A 105 18.87 8.54 -9.42
CA HIS A 105 18.13 9.49 -8.60
C HIS A 105 17.10 10.25 -9.42
N ILE A 106 17.37 10.39 -10.72
CA ILE A 106 16.47 11.09 -11.62
C ILE A 106 15.26 10.23 -11.95
N THR A 107 15.49 8.94 -12.17
CA THR A 107 14.41 8.02 -12.49
C THR A 107 13.50 7.79 -11.29
N VAL A 108 14.10 7.72 -10.10
CA VAL A 108 13.34 7.50 -8.87
C VAL A 108 12.56 8.75 -8.48
N ASP A 109 13.22 9.89 -8.55
CA ASP A 109 12.59 11.17 -8.19
C ASP A 109 11.45 11.48 -9.15
N ARG A 110 11.68 11.25 -10.44
CA ARG A 110 10.66 11.50 -11.46
C ARG A 110 9.51 10.52 -11.34
N LEU A 111 9.83 9.28 -10.95
CA LEU A 111 8.82 8.24 -10.80
C LEU A 111 7.80 8.62 -9.72
N VAL A 112 8.30 9.03 -8.57
CA VAL A 112 7.44 9.43 -7.46
C VAL A 112 6.45 10.51 -7.89
N SER A 113 6.94 11.48 -8.66
CA SER A 113 6.11 12.58 -9.13
C SER A 113 5.11 12.08 -10.18
N LYS A 114 5.52 11.10 -10.96
CA LYS A 114 4.66 10.53 -12.00
C LYS A 114 3.41 9.91 -11.39
N ALA A 115 3.55 9.36 -10.19
CA ALA A 115 2.43 8.74 -9.50
C ALA A 115 1.80 9.70 -8.49
N LEU A 116 2.65 10.45 -7.79
CA LEU A 116 2.17 11.41 -6.80
C LEU A 116 1.37 12.53 -7.46
N ASN A 117 1.77 12.89 -8.68
CA ASN A 117 1.09 13.95 -9.42
C ASN A 117 -0.30 13.50 -9.86
N MET A 118 -0.41 12.25 -10.28
CA MET A 118 -1.68 11.70 -10.73
C MET A 118 -2.72 11.76 -9.61
N TRP A 119 -2.25 11.58 -8.38
CA TRP A 119 -3.15 11.62 -7.22
C TRP A 119 -3.73 13.01 -7.02
N GLY A 120 -2.89 14.02 -7.19
CA GLY A 120 -3.34 15.40 -7.03
C GLY A 120 -4.23 15.86 -8.16
N LYS A 121 -3.89 15.45 -9.38
CA LYS A 121 -4.66 15.82 -10.55
C LYS A 121 -6.08 15.28 -10.47
N GLU A 122 -6.29 14.31 -9.57
CA GLU A 122 -7.60 13.70 -9.39
C GLU A 122 -8.30 14.29 -8.17
N ILE A 123 -7.78 15.39 -7.67
CA ILE A 123 -8.35 16.06 -6.50
C ILE A 123 -8.14 17.56 -6.57
N PRO A 124 -9.06 18.32 -5.93
CA PRO A 124 -8.99 19.77 -5.89
C PRO A 124 -7.83 20.29 -5.04
N LEU A 125 -7.06 19.36 -4.49
CA LEU A 125 -5.91 19.72 -3.66
C LEU A 125 -4.88 20.50 -4.47
N HIS A 126 -3.63 20.47 -4.00
CA HIS A 126 -2.55 21.18 -4.68
C HIS A 126 -1.19 20.61 -4.26
N PHE A 127 -0.27 20.54 -5.21
CA PHE A 127 1.07 20.03 -4.95
C PHE A 127 2.14 21.07 -5.27
N ARG A 128 3.23 21.03 -4.54
CA ARG A 128 4.33 21.97 -4.74
C ARG A 128 5.66 21.24 -4.93
N LYS A 129 6.48 21.75 -5.83
CA LYS A 129 7.78 21.14 -6.10
C LYS A 129 8.81 21.55 -5.06
N VAL A 130 9.76 20.66 -4.78
CA VAL A 130 10.79 20.93 -3.79
C VAL A 130 12.11 21.29 -4.47
N VAL A 131 12.68 22.43 -4.10
CA VAL A 131 13.95 22.88 -4.68
C VAL A 131 14.80 23.60 -3.63
N TRP A 132 14.20 23.90 -2.49
CA TRP A 132 14.89 24.59 -1.41
C TRP A 132 14.22 24.34 -0.07
N GLY A 133 14.87 23.54 0.78
CA GLY A 133 14.32 23.24 2.08
C GLY A 133 13.87 21.80 2.19
N THR A 134 13.04 21.51 3.20
CA THR A 134 12.54 20.16 3.42
C THR A 134 11.11 20.01 2.91
N ALA A 135 10.72 18.78 2.59
CA ALA A 135 9.39 18.50 2.09
C ALA A 135 8.58 17.71 3.11
N ASP A 136 7.27 17.64 2.91
CA ASP A 136 6.39 16.91 3.80
C ASP A 136 6.57 15.41 3.63
N ILE A 137 6.41 14.93 2.40
CA ILE A 137 6.56 13.52 2.11
C ILE A 137 7.97 13.20 1.62
N MET A 138 8.74 12.52 2.47
CA MET A 138 10.11 12.15 2.12
C MET A 138 10.16 10.78 1.46
N ILE A 139 10.79 10.71 0.29
CA ILE A 139 10.91 9.46 -0.44
C ILE A 139 12.32 8.90 -0.34
N GLY A 140 12.53 7.99 0.60
CA GLY A 140 13.83 7.38 0.78
C GLY A 140 13.76 5.88 0.90
N PHE A 141 14.90 5.21 0.73
CA PHE A 141 14.96 3.75 0.81
C PHE A 141 15.61 3.31 2.13
N ALA A 142 15.20 2.15 2.62
CA ALA A 142 15.74 1.61 3.87
C ALA A 142 15.02 0.34 4.28
N ARG A 143 15.60 -0.37 5.24
CA ARG A 143 15.01 -1.61 5.73
C ARG A 143 14.35 -1.40 7.08
N GLY A 144 13.65 -2.43 7.57
CA GLY A 144 12.99 -2.34 8.85
C GLY A 144 13.95 -2.00 9.98
N ALA A 145 15.25 -2.16 9.72
CA ALA A 145 16.27 -1.87 10.72
C ALA A 145 16.84 -0.47 10.52
N HIS A 146 16.16 0.33 9.71
CA HIS A 146 16.61 1.70 9.44
C HIS A 146 16.29 2.61 10.63
N GLY A 147 15.60 2.06 11.63
CA GLY A 147 15.25 2.84 12.79
C GLY A 147 13.75 2.91 13.03
N ASP A 148 13.03 1.96 12.44
CA ASP A 148 11.58 1.92 12.58
C ASP A 148 11.13 0.55 13.12
N SER A 149 9.84 0.45 13.42
CA SER A 149 9.28 -0.79 13.94
C SER A 149 9.13 -1.83 12.83
N TYR A 150 8.82 -3.06 13.23
CA TYR A 150 8.65 -4.16 12.27
C TYR A 150 9.98 -4.47 11.57
N PRO A 151 10.32 -5.76 11.50
CA PRO A 151 11.54 -6.22 10.85
C PRO A 151 11.51 -6.05 9.34
N PHE A 152 12.68 -5.88 8.74
CA PHE A 152 12.78 -5.71 7.29
C PHE A 152 12.06 -6.83 6.55
N ASP A 153 12.23 -8.05 7.05
CA ASP A 153 11.59 -9.22 6.45
C ASP A 153 12.33 -9.63 5.18
N GLY A 154 13.01 -8.68 4.54
CA GLY A 154 13.74 -8.96 3.33
C GLY A 154 12.83 -9.07 2.12
N PRO A 155 13.25 -9.86 1.13
CA PRO A 155 12.48 -10.07 -0.10
C PRO A 155 11.20 -10.87 0.14
N GLY A 156 10.14 -10.49 -0.57
CA GLY A 156 8.87 -11.19 -0.42
C GLY A 156 7.87 -10.40 0.41
N ASN A 157 7.18 -11.09 1.31
CA ASN A 157 6.18 -10.45 2.16
C ASN A 157 6.61 -9.04 2.53
N THR A 158 5.66 -8.11 2.50
CA THR A 158 5.95 -6.72 2.83
C THR A 158 6.73 -6.03 1.70
N LEU A 159 6.09 -5.08 1.04
CA LEU A 159 6.73 -4.35 -0.05
C LEU A 159 7.34 -3.05 0.45
N ALA A 160 6.52 -2.24 1.13
CA ALA A 160 6.98 -0.96 1.66
C ALA A 160 6.00 -0.43 2.71
N HIS A 161 6.54 0.29 3.69
CA HIS A 161 5.72 0.86 4.75
C HIS A 161 5.57 2.37 4.57
N ALA A 162 4.33 2.84 4.51
CA ALA A 162 4.06 4.27 4.35
C ALA A 162 3.46 4.87 5.62
N PHE A 163 3.69 6.15 5.83
CA PHE A 163 3.17 6.84 7.00
C PHE A 163 1.99 7.74 6.64
N ALA A 164 1.09 7.94 7.60
CA ALA A 164 -0.08 8.78 7.38
C ALA A 164 0.25 10.25 7.55
N PRO A 165 -0.64 11.12 7.06
CA PRO A 165 -0.46 12.58 7.15
C PRO A 165 -0.60 13.09 8.58
N GLY A 166 0.46 12.93 9.37
CA GLY A 166 0.43 13.38 10.75
C GLY A 166 1.73 14.06 11.16
N THR A 167 1.63 15.29 11.65
CA THR A 167 2.79 16.04 12.08
C THR A 167 3.73 16.31 10.91
N GLY A 168 4.91 16.83 11.22
CA GLY A 168 5.88 17.13 10.17
C GLY A 168 6.74 15.93 9.82
N LEU A 169 7.15 15.19 10.83
CA LEU A 169 7.99 14.01 10.62
C LEU A 169 7.19 12.88 9.99
N GLY A 170 5.92 12.75 10.41
CA GLY A 170 5.07 11.72 9.86
C GLY A 170 4.51 12.06 8.50
N GLY A 171 4.05 11.06 7.77
CA GLY A 171 3.51 11.28 6.45
C GLY A 171 4.55 11.17 5.36
N ASP A 172 5.63 10.45 5.64
CA ASP A 172 6.71 10.25 4.69
C ASP A 172 6.51 8.96 3.90
N ALA A 173 7.27 8.80 2.82
CA ALA A 173 7.19 7.60 1.99
C ALA A 173 8.47 6.78 2.08
N HIS A 174 8.30 5.48 2.32
CA HIS A 174 9.44 4.58 2.43
C HIS A 174 9.30 3.40 1.48
N PHE A 175 10.41 2.75 1.16
CA PHE A 175 10.42 1.61 0.25
C PHE A 175 11.43 0.56 0.69
N ASP A 176 11.04 -0.70 0.62
CA ASP A 176 11.92 -1.79 1.01
C ASP A 176 13.08 -1.94 0.03
N GLU A 177 14.23 -1.36 0.39
CA GLU A 177 15.41 -1.43 -0.46
C GLU A 177 15.80 -2.88 -0.75
N ASP A 178 15.27 -3.79 0.04
CA ASP A 178 15.56 -5.22 -0.14
C ASP A 178 14.73 -5.79 -1.28
N GLU A 179 13.68 -5.07 -1.68
CA GLU A 179 12.82 -5.52 -2.76
C GLU A 179 13.45 -5.23 -4.12
N ARG A 180 12.69 -5.50 -5.18
CA ARG A 180 13.18 -5.28 -6.54
C ARG A 180 12.46 -4.10 -7.19
N TRP A 181 13.16 -2.99 -7.33
CA TRP A 181 12.59 -1.79 -7.94
C TRP A 181 13.18 -1.54 -9.32
N THR A 182 12.33 -1.18 -10.27
CA THR A 182 12.75 -0.92 -11.64
C THR A 182 11.59 -0.48 -12.51
N ASP A 183 11.90 0.10 -13.66
CA ASP A 183 10.88 0.56 -14.59
C ASP A 183 11.10 -0.03 -15.98
N GLY A 184 12.12 0.45 -16.67
CA GLY A 184 12.42 -0.04 -18.00
C GLY A 184 12.74 -1.52 -18.02
N SER A 185 13.02 -2.08 -16.84
CA SER A 185 13.34 -3.49 -16.71
C SER A 185 12.09 -4.31 -16.47
N SER A 186 11.07 -3.68 -15.92
CA SER A 186 9.81 -4.34 -15.61
C SER A 186 10.05 -5.79 -15.17
N LEU A 187 10.83 -5.94 -14.10
CA LEU A 187 11.14 -7.27 -13.58
C LEU A 187 10.60 -7.44 -12.17
N GLY A 188 10.59 -6.35 -11.40
CA GLY A 188 10.09 -6.39 -10.05
C GLY A 188 8.90 -5.48 -9.83
N ILE A 189 8.87 -4.80 -8.69
CA ILE A 189 7.78 -3.88 -8.37
C ILE A 189 7.96 -2.54 -9.07
N ASN A 190 7.25 -2.36 -10.17
CA ASN A 190 7.32 -1.13 -10.94
C ASN A 190 7.18 0.08 -10.03
N PHE A 191 8.22 0.93 -10.01
CA PHE A 191 8.21 2.13 -9.18
C PHE A 191 6.98 2.98 -9.46
N LEU A 192 6.53 2.97 -10.71
CA LEU A 192 5.37 3.75 -11.12
C LEU A 192 4.10 3.18 -10.48
N TYR A 193 3.93 1.87 -10.56
CA TYR A 193 2.76 1.21 -10.00
C TYR A 193 2.82 1.23 -8.47
N ALA A 194 4.02 1.06 -7.93
CA ALA A 194 4.21 1.05 -6.48
C ALA A 194 4.07 2.46 -5.91
N ALA A 195 4.51 3.45 -6.67
CA ALA A 195 4.43 4.84 -6.23
C ALA A 195 2.99 5.26 -6.01
N THR A 196 2.12 4.91 -6.94
CA THR A 196 0.70 5.25 -6.86
C THR A 196 0.08 4.68 -5.59
N HIS A 197 0.39 3.41 -5.29
CA HIS A 197 -0.14 2.75 -4.11
C HIS A 197 0.53 3.28 -2.85
N ALA A 198 1.84 3.51 -2.93
CA ALA A 198 2.61 4.01 -1.80
C ALA A 198 2.28 5.47 -1.52
N LEU A 199 2.28 6.28 -2.57
CA LEU A 199 1.99 7.71 -2.43
C LEU A 199 0.56 7.92 -1.93
N GLY A 200 -0.36 7.07 -2.38
CA GLY A 200 -1.74 7.18 -1.96
C GLY A 200 -1.90 7.02 -0.46
N HIS A 201 -0.99 6.27 0.15
CA HIS A 201 -1.04 6.03 1.60
C HIS A 201 -0.78 7.34 2.37
N SER A 202 0.10 8.18 1.82
CA SER A 202 0.44 9.45 2.46
C SER A 202 -0.75 10.40 2.42
N LEU A 203 -1.67 10.17 1.50
CA LEU A 203 -2.86 11.01 1.36
C LEU A 203 -3.98 10.50 2.26
N GLY A 204 -3.70 9.46 3.03
CA GLY A 204 -4.71 8.91 3.92
C GLY A 204 -5.64 7.93 3.22
N MET A 205 -5.51 7.85 1.90
CA MET A 205 -6.35 6.95 1.11
C MET A 205 -6.27 5.52 1.64
N GLY A 206 -7.18 4.67 1.17
CA GLY A 206 -7.19 3.29 1.61
C GLY A 206 -7.42 2.32 0.47
N HIS A 207 -7.07 1.05 0.70
CA HIS A 207 -7.24 0.02 -0.32
C HIS A 207 -8.69 -0.06 -0.77
N SER A 208 -8.90 -0.33 -2.06
CA SER A 208 -10.24 -0.44 -2.61
C SER A 208 -10.60 -1.89 -2.90
N SER A 209 -11.89 -2.20 -2.86
CA SER A 209 -12.36 -3.55 -3.11
C SER A 209 -12.61 -3.77 -4.59
N ASP A 210 -12.46 -2.72 -5.37
CA ASP A 210 -12.67 -2.80 -6.82
C ASP A 210 -11.54 -3.57 -7.49
N PRO A 211 -11.90 -4.43 -8.46
CA PRO A 211 -10.93 -5.24 -9.20
C PRO A 211 -10.05 -4.41 -10.12
N ASN A 212 -10.38 -3.12 -10.24
CA ASN A 212 -9.61 -2.22 -11.10
C ASN A 212 -9.16 -0.99 -10.31
N ALA A 213 -8.96 -1.17 -9.01
CA ALA A 213 -8.52 -0.07 -8.15
C ALA A 213 -7.00 0.03 -8.13
N VAL A 214 -6.50 1.26 -8.03
CA VAL A 214 -5.06 1.49 -8.01
C VAL A 214 -4.46 1.08 -6.67
N MET A 215 -5.28 1.09 -5.62
CA MET A 215 -4.83 0.71 -4.29
C MET A 215 -5.12 -0.76 -4.02
N TYR A 216 -5.50 -1.48 -5.07
CA TYR A 216 -5.80 -2.91 -4.94
C TYR A 216 -4.63 -3.67 -4.35
N PRO A 217 -4.89 -4.43 -3.28
CA PRO A 217 -3.86 -5.23 -2.61
C PRO A 217 -3.37 -6.40 -3.45
N THR A 218 -4.17 -6.77 -4.46
CA THR A 218 -3.82 -7.88 -5.34
C THR A 218 -3.02 -7.38 -6.54
N TYR A 219 -2.23 -6.34 -6.33
CA TYR A 219 -1.40 -5.77 -7.39
C TYR A 219 -0.58 -6.85 -8.09
N GLY A 220 -0.76 -6.97 -9.41
CA GLY A 220 -0.02 -7.97 -10.16
C GLY A 220 -0.80 -8.46 -11.37
N ASN A 221 -0.60 -7.80 -12.51
CA ASN A 221 -1.29 -8.17 -13.73
C ASN A 221 -0.86 -7.27 -14.89
N GLY A 222 -1.56 -7.40 -16.02
CA GLY A 222 -1.24 -6.59 -17.18
C GLY A 222 -1.20 -5.10 -16.86
N ASP A 223 0.01 -4.54 -16.79
CA ASP A 223 0.18 -3.13 -16.50
C ASP A 223 0.49 -2.34 -17.76
N PRO A 224 -0.53 -1.66 -18.30
CA PRO A 224 -0.40 -0.85 -19.52
C PRO A 224 0.45 0.39 -19.30
N GLN A 225 0.97 0.96 -20.38
CA GLN A 225 1.80 2.16 -20.30
C GLN A 225 0.95 3.38 -19.94
N ASN A 226 -0.36 3.27 -20.14
CA ASN A 226 -1.27 4.36 -19.84
C ASN A 226 -1.89 4.19 -18.46
N PHE A 227 -1.36 3.23 -17.70
CA PHE A 227 -1.86 2.97 -16.35
C PHE A 227 -1.91 4.25 -15.53
N LYS A 228 -3.08 4.53 -14.94
CA LYS A 228 -3.26 5.73 -14.12
C LYS A 228 -4.18 5.44 -12.94
N LEU A 229 -4.67 6.50 -12.32
CA LEU A 229 -5.58 6.37 -11.17
C LEU A 229 -6.83 5.59 -11.56
N SER A 230 -7.39 4.86 -10.60
CA SER A 230 -8.59 4.08 -10.83
C SER A 230 -9.84 4.92 -10.62
N GLN A 231 -10.97 4.43 -11.12
CA GLN A 231 -12.24 5.14 -10.99
C GLN A 231 -12.65 5.22 -9.52
N ASP A 232 -12.88 4.07 -8.91
CA ASP A 232 -13.30 4.00 -7.51
C ASP A 232 -12.29 4.74 -6.62
N ASP A 233 -11.04 4.77 -7.06
CA ASP A 233 -9.98 5.45 -6.30
C ASP A 233 -10.19 6.96 -6.32
N ILE A 234 -10.43 7.51 -7.50
CA ILE A 234 -10.64 8.94 -7.64
C ILE A 234 -11.96 9.37 -7.01
N LYS A 235 -13.00 8.57 -7.23
CA LYS A 235 -14.32 8.86 -6.69
C LYS A 235 -14.30 8.79 -5.16
N GLY A 236 -13.47 7.91 -4.63
CA GLY A 236 -13.38 7.76 -3.19
C GLY A 236 -12.84 9.00 -2.51
N ILE A 237 -11.75 9.54 -3.04
CA ILE A 237 -11.14 10.74 -2.48
C ILE A 237 -12.00 11.97 -2.77
N GLN A 238 -12.70 11.95 -3.88
CA GLN A 238 -13.56 13.07 -4.27
C GLN A 238 -14.75 13.19 -3.32
N LYS A 239 -15.11 12.08 -2.68
CA LYS A 239 -16.24 12.06 -1.76
C LYS A 239 -15.86 12.75 -0.44
N LEU A 240 -14.58 12.73 -0.10
CA LEU A 240 -14.10 13.36 1.12
C LEU A 240 -13.58 14.76 0.85
N TYR A 241 -13.04 14.96 -0.35
CA TYR A 241 -12.51 16.27 -0.74
C TYR A 241 -13.57 17.10 -1.43
N GLY A 242 -14.43 16.44 -2.20
CA GLY A 242 -15.49 17.14 -2.92
C GLY A 242 -16.85 16.54 -2.66
N LYS A 243 -17.51 16.09 -3.73
CA LYS A 243 -18.83 15.50 -3.61
C LYS A 243 -18.74 13.98 -3.65
N ARG A 244 -19.71 13.32 -3.02
CA ARG A 244 -19.74 11.85 -2.98
C ARG A 244 -20.75 11.31 -4.00
N SER A 245 -20.71 10.00 -4.21
CA SER A 245 -21.61 9.35 -5.15
C SER A 245 -21.62 7.83 -4.95
N ASN A 246 -22.02 7.40 -3.76
CA ASN A 246 -22.06 5.98 -3.44
C ASN A 246 -20.67 5.35 -3.53
N SER A 247 -20.04 5.18 -2.36
CA SER A 247 -18.70 4.59 -2.31
C SER A 247 -18.64 3.51 -1.23
N ARG A 248 -17.43 3.04 -0.95
CA ARG A 248 -17.22 2.00 0.04
C ARG A 248 -16.20 2.46 1.10
N LYS A 249 -15.83 1.54 1.99
CA LYS A 249 -14.87 1.84 3.04
C LYS A 249 -13.45 1.80 2.49
N LYS A 250 -12.47 2.09 3.36
CA LYS A 250 -11.08 2.08 2.97
C LYS A 250 -10.45 0.71 3.18
CA CA B . 6.39 14.14 6.91
CA CA C . 10.03 -7.50 1.19
ZN ZN D . 10.53 3.29 8.00
ZN ZN E . -1.25 -0.50 0.80
N LEU A 1 -12.07 -15.48 -14.25
CA LEU A 1 -10.66 -15.66 -13.91
C LEU A 1 -10.40 -17.07 -13.39
N PRO A 2 -9.13 -17.49 -13.44
CA PRO A 2 -8.72 -18.82 -12.97
C PRO A 2 -8.83 -18.98 -11.46
N LEU A 3 -9.20 -20.17 -11.02
CA LEU A 3 -9.34 -20.44 -9.59
C LEU A 3 -8.94 -21.88 -9.27
N PRO A 4 -7.61 -22.13 -9.29
CA PRO A 4 -7.07 -23.46 -9.00
C PRO A 4 -7.21 -23.84 -7.53
N GLN A 5 -6.59 -24.95 -7.15
CA GLN A 5 -6.66 -25.43 -5.77
C GLN A 5 -5.39 -26.20 -5.40
N GLU A 6 -4.29 -25.47 -5.24
CA GLU A 6 -3.01 -26.09 -4.88
C GLU A 6 -2.80 -26.04 -3.37
N ALA A 7 -3.18 -24.93 -2.75
CA ALA A 7 -3.02 -24.77 -1.31
C ALA A 7 -3.75 -25.87 -0.55
N GLY A 8 -4.86 -26.33 -1.10
CA GLY A 8 -5.64 -27.38 -0.46
C GLY A 8 -4.81 -28.63 -0.21
N GLY A 9 -3.72 -28.78 -0.96
CA GLY A 9 -2.86 -29.94 -0.80
C GLY A 9 -1.54 -29.59 -0.14
N MET A 10 -1.51 -28.48 0.58
CA MET A 10 -0.31 -28.04 1.25
C MET A 10 -0.22 -28.64 2.66
N SER A 11 0.97 -28.58 3.25
CA SER A 11 1.18 -29.12 4.58
C SER A 11 0.76 -28.11 5.65
N GLU A 12 0.69 -28.58 6.90
CA GLU A 12 0.30 -27.72 8.01
C GLU A 12 1.18 -26.49 8.08
N LEU A 13 2.44 -26.64 7.69
CA LEU A 13 3.39 -25.54 7.72
C LEU A 13 2.96 -24.42 6.77
N GLN A 14 2.50 -24.80 5.58
CA GLN A 14 2.06 -23.84 4.60
C GLN A 14 0.82 -23.08 5.09
N TRP A 15 -0.09 -23.82 5.71
CA TRP A 15 -1.31 -23.22 6.23
C TRP A 15 -1.03 -22.37 7.47
N GLU A 16 -0.06 -22.80 8.26
CA GLU A 16 0.31 -22.08 9.48
C GLU A 16 0.92 -20.73 9.14
N GLN A 17 1.68 -20.68 8.04
CA GLN A 17 2.32 -19.44 7.61
C GLN A 17 1.28 -18.39 7.23
N ALA A 18 0.20 -18.83 6.62
CA ALA A 18 -0.86 -17.93 6.19
C ALA A 18 -1.53 -17.27 7.40
N GLN A 19 -1.68 -18.04 8.47
CA GLN A 19 -2.30 -17.53 9.69
C GLN A 19 -1.45 -16.43 10.32
N ASP A 20 -0.14 -16.64 10.34
CA ASP A 20 0.78 -15.66 10.92
C ASP A 20 0.99 -14.50 9.96
N TYR A 21 0.93 -14.79 8.67
CA TYR A 21 1.12 -13.76 7.65
C TYR A 21 0.07 -12.66 7.78
N LEU A 22 -1.17 -13.05 7.99
CA LEU A 22 -2.27 -12.10 8.15
C LEU A 22 -2.16 -11.36 9.47
N LYS A 23 -1.45 -11.94 10.42
CA LYS A 23 -1.28 -11.34 11.73
C LYS A 23 -0.35 -10.13 11.65
N ARG A 24 0.78 -10.30 10.98
CA ARG A 24 1.75 -9.22 10.84
C ARG A 24 1.16 -8.06 10.03
N PHE A 25 0.22 -8.38 9.14
CA PHE A 25 -0.43 -7.38 8.31
C PHE A 25 -1.20 -6.38 9.16
N TYR A 26 -1.60 -6.82 10.35
CA TYR A 26 -2.35 -5.96 11.27
C TYR A 26 -1.62 -5.80 12.59
N LEU A 27 -0.33 -5.45 12.51
CA LEU A 27 0.48 -5.26 13.70
C LEU A 27 0.50 -6.52 14.56
N TYR A 28 1.02 -6.39 15.77
CA TYR A 28 1.08 -7.52 16.70
C TYR A 28 -0.05 -7.46 17.70
N ASP A 29 -1.17 -8.09 17.36
CA ASP A 29 -2.33 -8.12 18.23
C ASP A 29 -2.62 -9.53 18.71
N SER A 30 -2.69 -9.72 20.02
CA SER A 30 -2.96 -11.02 20.60
C SER A 30 -4.46 -11.29 20.68
N GLU A 31 -5.25 -10.28 20.34
CA GLU A 31 -6.70 -10.40 20.36
C GLU A 31 -7.18 -11.43 19.34
N THR A 32 -6.29 -11.81 18.43
CA THR A 32 -6.62 -12.78 17.40
C THR A 32 -6.39 -14.21 17.90
N LYS A 33 -6.12 -14.34 19.20
CA LYS A 33 -5.88 -15.65 19.80
C LYS A 33 -6.99 -16.63 19.43
N ASN A 34 -6.78 -17.90 19.75
CA ASN A 34 -7.77 -18.94 19.47
C ASN A 34 -7.91 -19.14 17.96
N ALA A 35 -8.04 -20.40 17.55
CA ALA A 35 -8.19 -20.73 16.14
C ALA A 35 -9.60 -20.40 15.65
N ASN A 36 -10.58 -20.51 16.53
CA ASN A 36 -11.96 -20.24 16.19
C ASN A 36 -12.12 -18.79 15.72
N SER A 37 -11.14 -17.95 16.06
CA SER A 37 -11.18 -16.55 15.68
C SER A 37 -10.60 -16.36 14.28
N LEU A 38 -9.80 -17.31 13.83
CA LEU A 38 -9.18 -17.25 12.51
C LEU A 38 -10.24 -17.14 11.43
N GLU A 39 -11.37 -17.81 11.63
CA GLU A 39 -12.46 -17.78 10.67
C GLU A 39 -13.03 -16.37 10.53
N ALA A 40 -13.37 -15.76 11.66
CA ALA A 40 -13.93 -14.41 11.67
C ALA A 40 -12.89 -13.39 11.19
N LYS A 41 -11.67 -13.53 11.67
CA LYS A 41 -10.59 -12.61 11.29
C LYS A 41 -10.35 -12.66 9.78
N LEU A 42 -10.45 -13.87 9.21
CA LEU A 42 -10.23 -14.04 7.78
C LEU A 42 -11.34 -13.37 6.98
N LYS A 43 -12.55 -13.40 7.51
CA LYS A 43 -13.71 -12.80 6.85
C LYS A 43 -13.47 -11.31 6.61
N GLU A 44 -12.98 -10.62 7.64
CA GLU A 44 -12.71 -9.19 7.54
C GLU A 44 -11.69 -8.90 6.45
N MET A 45 -10.77 -9.84 6.25
CA MET A 45 -9.73 -9.69 5.24
C MET A 45 -10.33 -9.74 3.84
N GLN A 46 -11.37 -10.56 3.67
CA GLN A 46 -12.03 -10.69 2.38
C GLN A 46 -12.62 -9.37 1.92
N LYS A 47 -13.20 -8.63 2.87
CA LYS A 47 -13.81 -7.33 2.57
C LYS A 47 -12.75 -6.31 2.19
N PHE A 48 -11.53 -6.50 2.71
CA PHE A 48 -10.43 -5.59 2.41
C PHE A 48 -9.98 -5.72 0.96
N PHE A 49 -9.84 -6.96 0.50
CA PHE A 49 -9.41 -7.22 -0.87
C PHE A 49 -10.60 -7.15 -1.83
N GLY A 50 -11.77 -7.57 -1.35
CA GLY A 50 -12.96 -7.55 -2.18
C GLY A 50 -13.28 -8.91 -2.78
N LEU A 51 -12.43 -9.88 -2.51
CA LEU A 51 -12.62 -11.23 -3.02
C LEU A 51 -13.94 -11.82 -2.52
N PRO A 52 -14.62 -12.57 -3.40
CA PRO A 52 -15.90 -13.20 -3.06
C PRO A 52 -15.74 -14.34 -2.05
N ILE A 53 -14.85 -15.27 -2.36
CA ILE A 53 -14.60 -16.41 -1.48
C ILE A 53 -14.30 -15.94 -0.05
N THR A 54 -15.24 -16.17 0.85
CA THR A 54 -15.08 -15.78 2.24
C THR A 54 -14.88 -17.00 3.14
N GLY A 55 -14.30 -16.77 4.30
CA GLY A 55 -14.06 -17.87 5.24
C GLY A 55 -13.20 -18.96 4.64
N MET A 56 -12.51 -18.63 3.56
CA MET A 56 -11.64 -19.60 2.89
C MET A 56 -10.18 -19.14 2.90
N LEU A 57 -9.26 -20.07 2.69
CA LEU A 57 -7.84 -19.75 2.68
C LEU A 57 -7.05 -20.80 1.90
N ASN A 58 -7.01 -20.64 0.58
CA ASN A 58 -6.29 -21.57 -0.28
C ASN A 58 -6.39 -21.14 -1.74
N SER A 59 -7.51 -20.52 -2.10
CA SER A 59 -7.73 -20.07 -3.47
C SER A 59 -7.00 -18.75 -3.73
N ARG A 60 -7.76 -17.65 -3.70
CA ARG A 60 -7.19 -16.33 -3.92
C ARG A 60 -6.62 -15.76 -2.64
N VAL A 61 -7.18 -16.17 -1.51
CA VAL A 61 -6.72 -15.69 -0.20
C VAL A 61 -5.25 -16.03 0.01
N ILE A 62 -4.87 -17.25 -0.34
CA ILE A 62 -3.50 -17.70 -0.18
C ILE A 62 -2.60 -17.08 -1.24
N GLU A 63 -3.15 -16.83 -2.41
CA GLU A 63 -2.40 -16.24 -3.52
C GLU A 63 -1.84 -14.87 -3.12
N ILE A 64 -2.67 -14.06 -2.47
CA ILE A 64 -2.27 -12.74 -2.04
C ILE A 64 -1.34 -12.81 -0.83
N MET A 65 -1.52 -13.85 -0.02
CA MET A 65 -0.70 -14.05 1.17
C MET A 65 0.78 -14.13 0.81
N GLN A 66 1.08 -14.83 -0.29
CA GLN A 66 2.46 -14.98 -0.74
C GLN A 66 2.85 -13.85 -1.69
N LYS A 67 1.85 -13.25 -2.33
CA LYS A 67 2.08 -12.16 -3.27
C LYS A 67 2.16 -10.83 -2.53
N PRO A 68 3.31 -10.14 -2.66
CA PRO A 68 3.54 -8.85 -2.02
C PRO A 68 2.70 -7.74 -2.64
N ARG A 69 2.37 -6.73 -1.84
CA ARG A 69 1.57 -5.61 -2.33
C ARG A 69 1.92 -4.33 -1.57
N CYS A 70 1.66 -4.31 -0.26
CA CYS A 70 1.96 -3.15 0.56
C CYS A 70 2.40 -3.58 1.95
N GLY A 71 3.25 -2.77 2.58
CA GLY A 71 3.73 -3.09 3.91
C GLY A 71 3.08 -2.22 4.98
N VAL A 72 1.94 -1.62 4.64
CA VAL A 72 1.23 -0.77 5.58
C VAL A 72 0.11 -1.54 6.27
N PRO A 73 0.00 -1.35 7.60
CA PRO A 73 -1.02 -2.03 8.41
C PRO A 73 -2.43 -1.50 8.12
N ASP A 74 -3.40 -2.40 8.14
CA ASP A 74 -4.79 -2.04 7.89
C ASP A 74 -5.57 -1.90 9.19
N VAL A 75 -4.86 -1.59 10.27
CA VAL A 75 -5.47 -1.42 11.58
C VAL A 75 -5.04 -0.12 12.24
N ALA A 76 -6.02 0.65 12.70
CA ALA A 76 -5.73 1.93 13.36
C ALA A 76 -6.49 2.04 14.68
N GLU A 77 -6.16 3.07 15.45
CA GLU A 77 -6.81 3.30 16.73
C GLU A 77 -6.96 4.78 17.02
N TYR A 78 -8.17 5.29 16.90
CA TYR A 78 -8.45 6.70 17.14
C TYR A 78 -7.90 7.14 18.49
N SER A 79 -7.15 8.23 18.49
CA SER A 79 -6.55 8.76 19.71
C SER A 79 -5.74 10.02 19.42
N LEU A 80 -6.34 11.17 19.71
CA LEU A 80 -5.67 12.46 19.48
C LEU A 80 -5.25 12.59 18.02
N PHE A 81 -5.88 11.82 17.15
CA PHE A 81 -5.55 11.86 15.72
C PHE A 81 -5.53 13.29 15.20
N PRO A 82 -4.74 13.52 14.14
CA PRO A 82 -4.61 14.85 13.53
C PRO A 82 -5.88 15.29 12.81
N ASN A 83 -6.37 16.47 13.16
CA ASN A 83 -7.58 17.00 12.54
C ASN A 83 -7.49 16.95 11.02
N SER A 84 -8.51 16.35 10.39
CA SER A 84 -8.54 16.22 8.93
C SER A 84 -7.37 15.37 8.45
N PRO A 85 -7.68 14.12 8.06
CA PRO A 85 -6.67 13.18 7.56
C PRO A 85 -6.15 13.56 6.18
N LYS A 86 -6.98 13.40 5.17
CA LYS A 86 -6.60 13.73 3.80
C LYS A 86 -5.91 15.09 3.75
N TRP A 87 -4.89 15.20 2.90
CA TRP A 87 -4.14 16.45 2.76
C TRP A 87 -5.09 17.63 2.62
N THR A 88 -5.13 18.48 3.65
CA THR A 88 -6.00 19.64 3.65
C THR A 88 -5.18 20.92 3.65
N SER A 89 -3.87 20.79 3.79
CA SER A 89 -2.97 21.94 3.82
C SER A 89 -3.10 22.75 2.53
N LYS A 90 -2.50 23.94 2.52
CA LYS A 90 -2.55 24.81 1.36
C LYS A 90 -1.63 24.30 0.26
N VAL A 91 -0.54 23.64 0.66
CA VAL A 91 0.42 23.10 -0.29
C VAL A 91 1.27 22.00 0.35
N VAL A 92 1.62 20.99 -0.44
CA VAL A 92 2.42 19.88 0.05
C VAL A 92 3.65 19.67 -0.83
N THR A 93 4.77 19.36 -0.19
CA THR A 93 6.02 19.13 -0.91
C THR A 93 6.58 17.74 -0.62
N TYR A 94 7.55 17.32 -1.41
CA TYR A 94 8.16 16.01 -1.25
C TYR A 94 9.61 16.02 -1.74
N ARG A 95 10.46 15.24 -1.08
CA ARG A 95 11.87 15.15 -1.46
C ARG A 95 12.42 13.75 -1.21
N ILE A 96 13.21 13.26 -2.15
CA ILE A 96 13.78 11.92 -2.04
C ILE A 96 14.94 11.92 -1.04
N VAL A 97 14.97 10.91 -0.19
CA VAL A 97 16.01 10.78 0.82
C VAL A 97 17.21 9.99 0.28
N SER A 98 16.92 8.94 -0.47
CA SER A 98 17.96 8.09 -1.04
C SER A 98 17.55 7.60 -2.43
N TYR A 99 18.54 7.15 -3.21
CA TYR A 99 18.28 6.64 -4.55
C TYR A 99 18.49 5.14 -4.61
N THR A 100 17.80 4.49 -5.56
CA THR A 100 17.91 3.05 -5.73
C THR A 100 19.13 2.69 -6.56
N ARG A 101 19.80 1.60 -6.18
CA ARG A 101 20.99 1.16 -6.89
C ARG A 101 20.61 0.51 -8.23
N ASP A 102 19.31 0.33 -8.45
CA ASP A 102 18.81 -0.27 -9.67
C ASP A 102 18.40 0.80 -10.67
N LEU A 103 18.03 1.98 -10.16
CA LEU A 103 17.61 3.09 -11.00
C LEU A 103 18.28 4.39 -10.57
N PRO A 104 18.43 5.32 -11.52
CA PRO A 104 19.06 6.62 -11.27
C PRO A 104 18.18 7.51 -10.38
N HIS A 105 18.83 8.39 -9.62
CA HIS A 105 18.12 9.30 -8.74
C HIS A 105 17.06 10.08 -9.50
N ILE A 106 17.26 10.24 -10.80
CA ILE A 106 16.33 10.97 -11.64
C ILE A 106 15.09 10.12 -11.95
N THR A 107 15.31 8.83 -12.17
CA THR A 107 14.23 7.91 -12.48
C THR A 107 13.33 7.69 -11.26
N VAL A 108 13.95 7.59 -10.09
CA VAL A 108 13.22 7.37 -8.85
C VAL A 108 12.48 8.65 -8.43
N ASP A 109 13.18 9.77 -8.48
CA ASP A 109 12.60 11.05 -8.11
C ASP A 109 11.44 11.42 -9.04
N ARG A 110 11.65 11.21 -10.34
CA ARG A 110 10.62 11.51 -11.33
C ARG A 110 9.45 10.55 -11.23
N LEU A 111 9.75 9.30 -10.86
CA LEU A 111 8.72 8.29 -10.73
C LEU A 111 7.70 8.67 -9.67
N VAL A 112 8.19 9.09 -8.49
CA VAL A 112 7.32 9.50 -7.40
C VAL A 112 6.36 10.60 -7.84
N SER A 113 6.88 11.55 -8.61
CA SER A 113 6.07 12.66 -9.10
C SER A 113 5.06 12.19 -10.14
N LYS A 114 5.45 11.18 -10.92
CA LYS A 114 4.59 10.63 -11.95
C LYS A 114 3.32 10.04 -11.35
N ALA A 115 3.45 9.49 -10.14
CA ALA A 115 2.31 8.90 -9.45
C ALA A 115 1.69 9.89 -8.46
N LEU A 116 2.54 10.62 -7.76
CA LEU A 116 2.07 11.60 -6.78
C LEU A 116 1.32 12.74 -7.47
N ASN A 117 1.76 13.08 -8.68
CA ASN A 117 1.12 14.15 -9.44
C ASN A 117 -0.27 13.73 -9.90
N MET A 118 -0.43 12.45 -10.22
CA MET A 118 -1.71 11.93 -10.67
C MET A 118 -2.74 11.96 -9.55
N TRP A 119 -2.28 11.73 -8.33
CA TRP A 119 -3.16 11.74 -7.16
C TRP A 119 -3.76 13.13 -6.94
N GLY A 120 -2.89 14.15 -6.94
CA GLY A 120 -3.35 15.51 -6.74
C GLY A 120 -4.11 16.05 -7.92
N LYS A 121 -3.77 15.57 -9.11
CA LYS A 121 -4.43 16.01 -10.33
C LYS A 121 -5.92 15.67 -10.31
N GLU A 122 -6.30 14.76 -9.42
CA GLU A 122 -7.69 14.35 -9.28
C GLU A 122 -8.37 15.10 -8.13
N ILE A 123 -7.71 16.14 -7.64
CA ILE A 123 -8.25 16.93 -6.54
C ILE A 123 -7.82 18.40 -6.65
N PRO A 124 -8.72 19.30 -6.25
CA PRO A 124 -8.45 20.75 -6.29
C PRO A 124 -7.40 21.17 -5.26
N LEU A 125 -6.50 20.25 -4.93
CA LEU A 125 -5.44 20.54 -3.96
C LEU A 125 -4.34 21.38 -4.59
N HIS A 126 -3.16 21.37 -3.98
CA HIS A 126 -2.02 22.12 -4.48
C HIS A 126 -0.71 21.48 -4.06
N PHE A 127 0.11 21.11 -5.03
CA PHE A 127 1.39 20.48 -4.76
C PHE A 127 2.55 21.42 -5.12
N ARG A 128 3.60 21.38 -4.30
CA ARG A 128 4.76 22.24 -4.53
C ARG A 128 6.03 21.39 -4.64
N LYS A 129 6.92 21.79 -5.55
CA LYS A 129 8.17 21.07 -5.75
C LYS A 129 9.21 21.48 -4.70
N VAL A 130 10.20 20.62 -4.49
CA VAL A 130 11.25 20.89 -3.52
C VAL A 130 12.54 21.32 -4.21
N VAL A 131 13.06 22.47 -3.80
CA VAL A 131 14.30 22.99 -4.39
C VAL A 131 15.13 23.73 -3.35
N TRP A 132 14.53 23.97 -2.19
CA TRP A 132 15.22 24.67 -1.11
C TRP A 132 14.59 24.34 0.25
N GLY A 133 15.32 23.57 1.06
CA GLY A 133 14.81 23.20 2.37
C GLY A 133 14.36 21.75 2.42
N THR A 134 13.58 21.41 3.44
CA THR A 134 13.09 20.06 3.60
C THR A 134 11.62 19.95 3.16
N ALA A 135 11.21 18.74 2.80
CA ALA A 135 9.84 18.50 2.36
C ALA A 135 9.08 17.66 3.38
N ASP A 136 7.75 17.63 3.24
CA ASP A 136 6.90 16.87 4.14
C ASP A 136 6.96 15.38 3.81
N ILE A 137 6.69 15.04 2.55
CA ILE A 137 6.72 13.66 2.11
C ILE A 137 8.10 13.26 1.62
N MET A 138 8.79 12.45 2.41
CA MET A 138 10.13 11.98 2.05
C MET A 138 10.06 10.61 1.36
N ILE A 139 10.75 10.49 0.23
CA ILE A 139 10.77 9.25 -0.51
C ILE A 139 12.16 8.61 -0.47
N GLY A 140 12.38 7.76 0.54
CA GLY A 140 13.66 7.09 0.67
C GLY A 140 13.52 5.60 0.86
N PHE A 141 14.63 4.88 0.73
CA PHE A 141 14.62 3.43 0.89
C PHE A 141 15.24 3.02 2.22
N ALA A 142 14.79 1.89 2.76
CA ALA A 142 15.29 1.39 4.03
C ALA A 142 14.56 0.12 4.45
N ARG A 143 15.10 -0.57 5.45
CA ARG A 143 14.50 -1.79 5.94
C ARG A 143 13.78 -1.55 7.26
N GLY A 144 13.08 -2.58 7.74
CA GLY A 144 12.35 -2.46 9.00
C GLY A 144 13.25 -2.09 10.16
N ALA A 145 14.56 -2.24 9.96
CA ALA A 145 15.54 -1.94 11.00
C ALA A 145 16.14 -0.56 10.78
N HIS A 146 15.54 0.22 9.90
CA HIS A 146 16.03 1.56 9.59
C HIS A 146 15.76 2.51 10.76
N GLY A 147 15.00 2.04 11.74
CA GLY A 147 14.69 2.86 12.89
C GLY A 147 13.20 3.12 13.04
N ASP A 148 12.41 2.05 12.97
CA ASP A 148 10.97 2.16 13.11
C ASP A 148 10.32 0.79 13.23
N SER A 149 8.99 0.77 13.30
CA SER A 149 8.26 -0.49 13.42
C SER A 149 8.22 -1.23 12.10
N TYR A 150 7.56 -2.40 12.09
CA TYR A 150 7.46 -3.22 10.89
C TYR A 150 8.83 -3.72 10.45
N PRO A 151 9.06 -5.03 10.66
CA PRO A 151 10.33 -5.67 10.30
C PRO A 151 10.51 -5.77 8.78
N PHE A 152 11.77 -5.78 8.34
CA PHE A 152 12.08 -5.87 6.92
C PHE A 152 11.39 -7.08 6.29
N ASP A 153 11.10 -8.07 7.11
CA ASP A 153 10.43 -9.29 6.64
C ASP A 153 11.08 -9.78 5.34
N GLY A 154 12.33 -9.41 5.12
CA GLY A 154 13.04 -9.82 3.92
C GLY A 154 12.16 -9.71 2.68
N PRO A 155 12.56 -10.42 1.62
CA PRO A 155 11.83 -10.42 0.34
C PRO A 155 10.48 -11.13 0.45
N GLY A 156 9.49 -10.61 -0.27
CA GLY A 156 8.16 -11.21 -0.25
C GLY A 156 7.17 -10.39 0.55
N ASN A 157 6.40 -11.06 1.41
CA ASN A 157 5.41 -10.38 2.24
C ASN A 157 5.89 -8.99 2.62
N THR A 158 4.98 -8.01 2.54
CA THR A 158 5.30 -6.64 2.88
C THR A 158 6.14 -5.98 1.78
N LEU A 159 5.51 -5.07 1.04
CA LEU A 159 6.20 -4.37 -0.04
C LEU A 159 6.82 -3.07 0.47
N ALA A 160 5.99 -2.22 1.07
CA ALA A 160 6.46 -0.95 1.59
C ALA A 160 5.50 -0.40 2.66
N HIS A 161 6.05 0.33 3.62
CA HIS A 161 5.24 0.90 4.69
C HIS A 161 5.16 2.42 4.57
N ALA A 162 3.95 2.93 4.48
CA ALA A 162 3.73 4.37 4.35
C ALA A 162 3.10 4.95 5.62
N PHE A 163 3.22 6.26 5.79
CA PHE A 163 2.67 6.93 6.95
C PHE A 163 1.51 7.83 6.56
N ALA A 164 0.42 7.77 7.32
CA ALA A 164 -0.76 8.58 7.06
C ALA A 164 -0.45 10.07 7.21
N PRO A 165 -1.32 10.92 6.66
CA PRO A 165 -1.16 12.37 6.73
C PRO A 165 -1.38 12.92 8.13
N GLY A 166 -0.42 12.64 9.01
CA GLY A 166 -0.53 13.12 10.39
C GLY A 166 0.78 13.69 10.90
N THR A 167 0.81 15.01 11.09
CA THR A 167 2.01 15.68 11.58
C THR A 167 3.14 15.62 10.56
N GLY A 168 4.16 16.43 10.76
CA GLY A 168 5.29 16.46 9.84
C GLY A 168 5.90 15.08 9.65
N LEU A 169 5.92 14.29 10.72
CA LEU A 169 6.48 12.94 10.66
C LEU A 169 5.60 12.02 9.82
N GLY A 170 4.35 12.42 9.63
CA GLY A 170 3.42 11.62 8.85
C GLY A 170 3.46 11.96 7.37
N GLY A 171 2.87 11.10 6.55
CA GLY A 171 2.85 11.33 5.12
C GLY A 171 4.14 10.92 4.45
N ASP A 172 5.09 10.44 5.25
CA ASP A 172 6.38 10.00 4.72
C ASP A 172 6.24 8.71 3.93
N ALA A 173 7.08 8.54 2.92
CA ALA A 173 7.04 7.34 2.09
C ALA A 173 8.30 6.50 2.29
N HIS A 174 8.10 5.20 2.53
CA HIS A 174 9.22 4.29 2.73
C HIS A 174 9.08 3.07 1.85
N PHE A 175 10.17 2.71 1.17
CA PHE A 175 10.17 1.55 0.28
C PHE A 175 11.10 0.46 0.81
N ASP A 176 10.66 -0.80 0.72
CA ASP A 176 11.46 -1.92 1.18
C ASP A 176 12.66 -2.15 0.27
N GLU A 177 13.81 -1.64 0.68
CA GLU A 177 15.03 -1.80 -0.10
C GLU A 177 15.34 -3.26 -0.35
N ASP A 178 14.71 -4.13 0.43
CA ASP A 178 14.92 -5.57 0.30
C ASP A 178 14.13 -6.13 -0.88
N GLU A 179 13.17 -5.35 -1.38
CA GLU A 179 12.35 -5.76 -2.50
C GLU A 179 13.04 -5.43 -3.82
N ARG A 180 12.32 -5.64 -4.92
CA ARG A 180 12.87 -5.37 -6.25
C ARG A 180 12.14 -4.19 -6.90
N TRP A 181 12.85 -3.07 -7.03
CA TRP A 181 12.28 -1.87 -7.63
C TRP A 181 12.91 -1.60 -8.99
N THR A 182 12.08 -1.21 -9.95
CA THR A 182 12.55 -0.92 -11.31
C THR A 182 11.41 -0.44 -12.20
N ASP A 183 11.76 0.17 -13.33
CA ASP A 183 10.77 0.66 -14.27
C ASP A 183 11.04 0.13 -15.67
N GLY A 184 12.08 0.65 -16.30
CA GLY A 184 12.43 0.22 -17.64
C GLY A 184 12.70 -1.27 -17.73
N SER A 185 12.93 -1.89 -16.57
CA SER A 185 13.20 -3.32 -16.52
C SER A 185 11.92 -4.11 -16.30
N SER A 186 10.92 -3.46 -15.70
CA SER A 186 9.64 -4.10 -15.44
C SER A 186 9.84 -5.56 -15.02
N LEU A 187 10.70 -5.77 -14.03
CA LEU A 187 10.98 -7.11 -13.54
C LEU A 187 10.39 -7.30 -12.15
N GLY A 188 10.37 -6.24 -11.36
CA GLY A 188 9.83 -6.32 -10.01
C GLY A 188 8.64 -5.40 -9.81
N ILE A 189 8.59 -4.74 -8.66
CA ILE A 189 7.50 -3.83 -8.35
C ILE A 189 7.69 -2.48 -9.04
N ASN A 190 6.97 -2.28 -10.13
CA ASN A 190 7.06 -1.03 -10.89
C ASN A 190 6.93 0.18 -9.96
N PHE A 191 7.97 1.00 -9.92
CA PHE A 191 7.98 2.19 -9.07
C PHE A 191 6.75 3.06 -9.35
N LEU A 192 6.30 3.06 -10.60
CA LEU A 192 5.14 3.84 -10.99
C LEU A 192 3.87 3.30 -10.35
N TYR A 193 3.67 1.99 -10.43
CA TYR A 193 2.50 1.35 -9.85
C TYR A 193 2.57 1.37 -8.34
N ALA A 194 3.77 1.18 -7.80
CA ALA A 194 3.97 1.18 -6.35
C ALA A 194 3.84 2.59 -5.77
N ALA A 195 4.31 3.58 -6.52
CA ALA A 195 4.25 4.97 -6.09
C ALA A 195 2.81 5.39 -5.82
N THR A 196 1.91 5.03 -6.72
CA THR A 196 0.50 5.37 -6.59
C THR A 196 -0.08 4.78 -5.30
N HIS A 197 0.26 3.53 -5.02
CA HIS A 197 -0.23 2.85 -3.83
C HIS A 197 0.45 3.40 -2.58
N ALA A 198 1.74 3.70 -2.69
CA ALA A 198 2.49 4.23 -1.57
C ALA A 198 2.15 5.70 -1.32
N LEU A 199 2.14 6.49 -2.39
CA LEU A 199 1.83 7.91 -2.29
C LEU A 199 0.39 8.11 -1.82
N GLY A 200 -0.53 7.35 -2.39
CA GLY A 200 -1.93 7.46 -2.02
C GLY A 200 -2.15 7.24 -0.53
N HIS A 201 -1.28 6.45 0.09
CA HIS A 201 -1.39 6.17 1.51
C HIS A 201 -1.14 7.43 2.34
N SER A 202 -0.12 8.18 1.97
CA SER A 202 0.22 9.42 2.68
C SER A 202 -0.93 10.41 2.62
N LEU A 203 -1.80 10.25 1.64
CA LEU A 203 -2.95 11.13 1.47
C LEU A 203 -4.12 10.68 2.35
N GLY A 204 -3.92 9.58 3.07
CA GLY A 204 -4.96 9.06 3.94
C GLY A 204 -5.95 8.20 3.20
N MET A 205 -5.79 8.10 1.89
CA MET A 205 -6.68 7.29 1.06
C MET A 205 -6.81 5.88 1.63
N GLY A 206 -7.71 5.09 1.04
CA GLY A 206 -7.91 3.72 1.50
C GLY A 206 -7.95 2.74 0.35
N HIS A 207 -7.72 1.46 0.67
CA HIS A 207 -7.72 0.41 -0.34
C HIS A 207 -9.10 0.31 -1.01
N SER A 208 -9.13 -0.32 -2.18
CA SER A 208 -10.38 -0.48 -2.93
C SER A 208 -10.63 -1.95 -3.23
N SER A 209 -11.92 -2.33 -3.27
CA SER A 209 -12.30 -3.71 -3.55
C SER A 209 -12.44 -3.93 -5.05
N ASP A 210 -12.28 -2.87 -5.83
CA ASP A 210 -12.39 -2.95 -7.28
C ASP A 210 -11.19 -3.69 -7.87
N PRO A 211 -11.47 -4.58 -8.84
CA PRO A 211 -10.44 -5.37 -9.51
C PRO A 211 -9.54 -4.52 -10.40
N ASN A 212 -9.88 -3.25 -10.54
CA ASN A 212 -9.10 -2.33 -11.36
C ASN A 212 -8.81 -1.04 -10.60
N ALA A 213 -8.72 -1.14 -9.27
CA ALA A 213 -8.44 0.02 -8.44
C ALA A 213 -6.94 0.24 -8.29
N VAL A 214 -6.54 1.50 -8.20
CA VAL A 214 -5.13 1.85 -8.05
C VAL A 214 -4.59 1.40 -6.71
N MET A 215 -5.48 1.31 -5.72
CA MET A 215 -5.08 0.89 -4.38
C MET A 215 -5.36 -0.60 -4.18
N TYR A 216 -5.73 -1.28 -5.26
CA TYR A 216 -6.02 -2.71 -5.21
C TYR A 216 -4.84 -3.48 -4.63
N PRO A 217 -5.02 -4.01 -3.41
CA PRO A 217 -3.99 -4.79 -2.72
C PRO A 217 -3.73 -6.14 -3.38
N THR A 218 -4.69 -6.58 -4.19
CA THR A 218 -4.58 -7.86 -4.89
C THR A 218 -3.78 -7.72 -6.17
N TYR A 219 -2.57 -7.19 -6.06
CA TYR A 219 -1.71 -7.00 -7.22
C TYR A 219 -1.21 -8.34 -7.76
N GLY A 220 -1.45 -8.59 -9.04
CA GLY A 220 -1.03 -9.83 -9.66
C GLY A 220 0.36 -9.72 -10.29
N ASN A 221 0.62 -10.57 -11.27
CA ASN A 221 1.91 -10.56 -11.95
C ASN A 221 1.88 -9.65 -13.18
N GLY A 222 3.02 -9.52 -13.84
CA GLY A 222 3.10 -8.68 -15.02
C GLY A 222 2.87 -7.21 -14.71
N ASP A 223 3.40 -6.34 -15.55
CA ASP A 223 3.24 -4.89 -15.34
C ASP A 223 2.54 -4.26 -16.54
N PRO A 224 1.79 -3.19 -16.28
CA PRO A 224 1.05 -2.47 -17.33
C PRO A 224 1.98 -1.69 -18.26
N GLN A 225 1.42 -1.21 -19.36
CA GLN A 225 2.20 -0.46 -20.34
C GLN A 225 2.38 0.99 -19.89
N ASN A 226 1.28 1.60 -19.44
CA ASN A 226 1.32 2.98 -18.98
C ASN A 226 0.69 3.12 -17.60
N PHE A 227 -0.40 2.39 -17.38
CA PHE A 227 -1.10 2.43 -16.10
C PHE A 227 -1.67 3.82 -15.83
N LYS A 228 -2.90 3.86 -15.33
CA LYS A 228 -3.56 5.12 -15.02
C LYS A 228 -4.41 5.00 -13.76
N LEU A 229 -4.85 6.15 -13.24
CA LEU A 229 -5.68 6.16 -12.04
C LEU A 229 -6.98 5.40 -12.26
N SER A 230 -7.50 4.80 -11.18
CA SER A 230 -8.73 4.04 -11.26
C SER A 230 -9.95 4.94 -11.09
N GLN A 231 -11.10 4.48 -11.56
CA GLN A 231 -12.33 5.25 -11.45
C GLN A 231 -12.74 5.42 -9.99
N ASP A 232 -13.07 4.30 -9.35
CA ASP A 232 -13.50 4.33 -7.94
C ASP A 232 -12.43 5.01 -7.07
N ASP A 233 -11.19 4.96 -7.54
CA ASP A 233 -10.09 5.57 -6.80
C ASP A 233 -10.18 7.10 -6.82
N ILE A 234 -10.40 7.64 -8.01
CA ILE A 234 -10.52 9.09 -8.17
C ILE A 234 -11.80 9.61 -7.52
N LYS A 235 -12.89 8.89 -7.72
CA LYS A 235 -14.18 9.27 -7.15
C LYS A 235 -14.13 9.23 -5.62
N GLY A 236 -13.34 8.32 -5.09
CA GLY A 236 -13.22 8.19 -3.64
C GLY A 236 -12.64 9.44 -3.01
N ILE A 237 -11.52 9.91 -3.55
CA ILE A 237 -10.86 11.10 -3.02
C ILE A 237 -11.64 12.36 -3.37
N GLN A 238 -12.30 12.34 -4.53
CA GLN A 238 -13.08 13.48 -4.97
C GLN A 238 -14.34 13.65 -4.12
N LYS A 239 -14.78 12.56 -3.50
CA LYS A 239 -15.97 12.58 -2.66
C LYS A 239 -15.68 13.28 -1.34
N LEU A 240 -14.43 13.22 -0.90
CA LEU A 240 -14.03 13.85 0.35
C LEU A 240 -13.40 15.21 0.10
N TYR A 241 -12.82 15.38 -1.09
CA TYR A 241 -12.18 16.64 -1.46
C TYR A 241 -13.16 17.55 -2.18
N GLY A 242 -14.04 16.96 -2.98
CA GLY A 242 -15.02 17.74 -3.72
C GLY A 242 -16.38 17.06 -3.77
N LYS A 243 -16.84 16.77 -4.98
CA LYS A 243 -18.14 16.12 -5.17
C LYS A 243 -18.01 14.61 -5.08
N ARG A 244 -19.06 13.95 -4.60
CA ARG A 244 -19.05 12.49 -4.45
C ARG A 244 -19.70 11.83 -5.66
N SER A 245 -19.95 10.53 -5.55
CA SER A 245 -20.56 9.78 -6.64
C SER A 245 -20.76 8.33 -6.25
N ASN A 246 -21.12 8.10 -4.98
CA ASN A 246 -21.35 6.75 -4.49
C ASN A 246 -20.07 5.93 -4.53
N SER A 247 -19.37 5.86 -3.40
CA SER A 247 -18.12 5.11 -3.31
C SER A 247 -17.99 4.42 -1.96
N ARG A 248 -16.89 3.71 -1.77
CA ARG A 248 -16.64 3.01 -0.51
C ARG A 248 -15.21 3.26 -0.03
N LYS A 249 -14.81 2.50 1.00
CA LYS A 249 -13.47 2.62 1.55
C LYS A 249 -12.95 1.28 2.05
N LYS A 250 -12.54 0.43 1.12
CA LYS A 250 -12.04 -0.89 1.47
C LYS A 250 -11.62 -1.66 0.21
CA CA B . 6.41 13.33 6.60
CA CA C . 9.44 -7.61 1.48
ZN ZN D . 9.91 3.12 8.26
ZN ZN E . -1.99 -0.26 0.69
N LEU A 1 -5.77 -13.40 -12.71
CA LEU A 1 -7.02 -14.12 -12.52
C LEU A 1 -6.75 -15.52 -11.96
N PRO A 2 -7.79 -16.13 -11.37
CA PRO A 2 -7.68 -17.48 -10.80
C PRO A 2 -7.54 -18.55 -11.86
N LEU A 3 -6.96 -19.69 -11.49
CA LEU A 3 -6.76 -20.79 -12.41
C LEU A 3 -6.07 -21.96 -11.71
N PRO A 4 -4.84 -21.72 -11.22
CA PRO A 4 -4.06 -22.74 -10.52
C PRO A 4 -4.65 -23.10 -9.16
N GLN A 5 -4.10 -24.14 -8.54
CA GLN A 5 -4.57 -24.60 -7.24
C GLN A 5 -3.50 -25.41 -6.53
N GLU A 6 -2.24 -25.01 -6.69
CA GLU A 6 -1.13 -25.71 -6.06
C GLU A 6 -1.18 -25.55 -4.54
N ALA A 7 -1.83 -24.49 -4.09
CA ALA A 7 -1.95 -24.22 -2.66
C ALA A 7 -2.57 -25.40 -1.92
N GLY A 8 -3.49 -26.09 -2.59
CA GLY A 8 -4.15 -27.24 -1.99
C GLY A 8 -3.16 -28.31 -1.57
N GLY A 9 -1.98 -28.29 -2.16
CA GLY A 9 -0.97 -29.28 -1.83
C GLY A 9 0.19 -28.68 -1.05
N MET A 10 -0.05 -27.54 -0.41
CA MET A 10 0.97 -26.87 0.36
C MET A 10 1.20 -27.59 1.70
N SER A 11 2.32 -27.28 2.35
CA SER A 11 2.66 -27.90 3.63
C SER A 11 1.97 -27.17 4.78
N GLU A 12 2.02 -27.78 5.96
CA GLU A 12 1.40 -27.19 7.14
C GLU A 12 2.05 -25.86 7.50
N LEU A 13 3.34 -25.75 7.21
CA LEU A 13 4.08 -24.52 7.50
C LEU A 13 3.61 -23.38 6.61
N GLN A 14 3.41 -23.68 5.33
CA GLN A 14 2.95 -22.67 4.37
C GLN A 14 1.50 -22.27 4.66
N TRP A 15 0.68 -23.23 5.03
CA TRP A 15 -0.72 -22.98 5.33
C TRP A 15 -0.87 -22.24 6.66
N GLU A 16 -0.07 -22.63 7.64
CA GLU A 16 -0.10 -22.00 8.95
C GLU A 16 0.53 -20.61 8.92
N GLN A 17 1.59 -20.46 8.12
CA GLN A 17 2.28 -19.18 7.99
C GLN A 17 1.36 -18.15 7.35
N ALA A 18 0.57 -18.57 6.38
CA ALA A 18 -0.35 -17.67 5.69
C ALA A 18 -1.30 -17.01 6.67
N GLN A 19 -1.76 -17.76 7.66
CA GLN A 19 -2.68 -17.25 8.66
C GLN A 19 -1.98 -16.25 9.57
N ASP A 20 -0.76 -16.57 9.98
CA ASP A 20 0.01 -15.70 10.86
C ASP A 20 0.39 -14.41 10.14
N TYR A 21 0.57 -14.50 8.84
CA TYR A 21 0.94 -13.33 8.04
C TYR A 21 -0.15 -12.26 8.11
N LEU A 22 -1.40 -12.70 8.16
CA LEU A 22 -2.53 -11.77 8.24
C LEU A 22 -2.60 -11.11 9.62
N LYS A 23 -1.98 -11.74 10.60
CA LYS A 23 -1.97 -11.22 11.97
C LYS A 23 -1.01 -10.04 12.08
N ARG A 24 0.02 -10.04 11.25
CA ARG A 24 1.01 -8.97 11.27
C ARG A 24 0.57 -7.81 10.38
N PHE A 25 -0.22 -8.12 9.37
CA PHE A 25 -0.71 -7.10 8.44
C PHE A 25 -1.64 -6.13 9.16
N TYR A 26 -2.15 -6.54 10.31
CA TYR A 26 -3.06 -5.70 11.09
C TYR A 26 -2.47 -5.42 12.48
N LEU A 27 -1.22 -4.96 12.51
CA LEU A 27 -0.55 -4.66 13.77
C LEU A 27 -0.30 -5.92 14.58
N TYR A 28 0.10 -5.74 15.83
CA TYR A 28 0.38 -6.87 16.72
C TYR A 28 -0.80 -7.11 17.66
N ASP A 29 -1.71 -7.98 17.25
CA ASP A 29 -2.88 -8.31 18.05
C ASP A 29 -2.87 -9.79 18.45
N SER A 30 -2.34 -10.07 19.63
CA SER A 30 -2.27 -11.45 20.13
C SER A 30 -3.57 -11.85 20.81
N GLU A 31 -4.37 -10.86 21.17
CA GLU A 31 -5.65 -11.10 21.83
C GLU A 31 -6.55 -11.98 20.97
N THR A 32 -6.30 -11.98 19.66
CA THR A 32 -7.08 -12.77 18.73
C THR A 32 -6.50 -14.17 18.56
N LYS A 33 -5.53 -14.50 19.41
CA LYS A 33 -4.88 -15.80 19.36
C LYS A 33 -5.91 -16.92 19.55
N ASN A 34 -6.08 -17.74 18.52
CA ASN A 34 -7.03 -18.85 18.57
C ASN A 34 -7.00 -19.65 17.28
N ALA A 35 -7.35 -20.93 17.37
CA ALA A 35 -7.37 -21.80 16.19
C ALA A 35 -8.59 -21.52 15.33
N ASN A 36 -9.73 -21.27 15.97
CA ASN A 36 -10.97 -20.99 15.25
C ASN A 36 -11.05 -19.51 14.89
N SER A 37 -10.26 -18.69 15.57
CA SER A 37 -10.25 -17.26 15.32
C SER A 37 -9.86 -16.96 13.87
N LEU A 38 -9.20 -17.93 13.23
CA LEU A 38 -8.78 -17.77 11.85
C LEU A 38 -9.96 -17.47 10.94
N GLU A 39 -11.09 -18.12 11.21
CA GLU A 39 -12.30 -17.92 10.41
C GLU A 39 -12.71 -16.46 10.42
N ALA A 40 -12.86 -15.90 11.62
CA ALA A 40 -13.25 -14.50 11.77
C ALA A 40 -12.18 -13.56 11.22
N LYS A 41 -10.92 -13.94 11.43
CA LYS A 41 -9.80 -13.12 10.97
C LYS A 41 -9.77 -13.07 9.44
N LEU A 42 -9.86 -14.23 8.81
CA LEU A 42 -9.85 -14.31 7.35
C LEU A 42 -11.06 -13.60 6.75
N LYS A 43 -12.19 -13.68 7.45
CA LYS A 43 -13.41 -13.03 6.99
C LYS A 43 -13.22 -11.52 6.85
N GLU A 44 -12.61 -10.92 7.87
CA GLU A 44 -12.37 -9.48 7.86
C GLU A 44 -11.48 -9.08 6.69
N MET A 45 -10.56 -9.98 6.31
CA MET A 45 -9.65 -9.73 5.20
C MET A 45 -10.41 -9.69 3.88
N GLN A 46 -11.45 -10.52 3.77
CA GLN A 46 -12.25 -10.58 2.55
C GLN A 46 -12.87 -9.22 2.24
N LYS A 47 -13.33 -8.53 3.28
CA LYS A 47 -13.95 -7.21 3.12
C LYS A 47 -12.91 -6.17 2.73
N PHE A 48 -11.67 -6.37 3.18
CA PHE A 48 -10.59 -5.45 2.87
C PHE A 48 -10.20 -5.54 1.40
N PHE A 49 -10.12 -6.76 0.89
CA PHE A 49 -9.75 -6.99 -0.50
C PHE A 49 -10.96 -6.82 -1.42
N GLY A 50 -12.13 -7.20 -0.93
CA GLY A 50 -13.34 -7.07 -1.72
C GLY A 50 -13.78 -8.39 -2.32
N LEU A 51 -12.94 -9.41 -2.18
CA LEU A 51 -13.25 -10.73 -2.72
C LEU A 51 -14.54 -11.29 -2.10
N PRO A 52 -15.37 -11.90 -2.94
CA PRO A 52 -16.65 -12.49 -2.49
C PRO A 52 -16.43 -13.73 -1.63
N ILE A 53 -15.65 -14.68 -2.13
CA ILE A 53 -15.37 -15.91 -1.40
C ILE A 53 -14.88 -15.61 0.02
N THR A 54 -15.74 -15.87 1.00
CA THR A 54 -15.39 -15.63 2.40
C THR A 54 -15.00 -16.93 3.10
N GLY A 55 -14.27 -16.81 4.21
CA GLY A 55 -13.85 -17.98 4.96
C GLY A 55 -13.02 -18.93 4.12
N MET A 56 -12.49 -18.44 3.01
CA MET A 56 -11.68 -19.26 2.11
C MET A 56 -10.19 -18.94 2.28
N LEU A 57 -9.35 -19.86 1.84
CA LEU A 57 -7.90 -19.67 1.94
C LEU A 57 -7.16 -20.80 1.22
N ASN A 58 -6.95 -20.63 -0.07
CA ASN A 58 -6.25 -21.63 -0.88
C ASN A 58 -6.26 -21.24 -2.35
N SER A 59 -7.29 -20.51 -2.76
CA SER A 59 -7.43 -20.08 -4.15
C SER A 59 -6.85 -18.68 -4.34
N ARG A 60 -7.72 -17.68 -4.37
CA ARG A 60 -7.30 -16.30 -4.55
C ARG A 60 -6.90 -15.67 -3.22
N VAL A 61 -7.51 -16.15 -2.15
CA VAL A 61 -7.23 -15.64 -0.81
C VAL A 61 -5.79 -15.96 -0.39
N ILE A 62 -5.36 -17.18 -0.71
CA ILE A 62 -4.00 -17.61 -0.37
C ILE A 62 -2.97 -16.97 -1.29
N GLU A 63 -3.37 -16.71 -2.53
CA GLU A 63 -2.48 -16.10 -3.52
C GLU A 63 -2.00 -14.73 -3.03
N ILE A 64 -2.93 -13.95 -2.51
CA ILE A 64 -2.60 -12.61 -2.00
C ILE A 64 -1.62 -12.68 -0.84
N MET A 65 -1.67 -13.78 -0.10
CA MET A 65 -0.78 -13.98 1.04
C MET A 65 0.66 -14.18 0.57
N GLN A 66 0.81 -14.85 -0.56
CA GLN A 66 2.14 -15.10 -1.11
C GLN A 66 2.60 -13.96 -2.02
N LYS A 67 1.63 -13.24 -2.59
CA LYS A 67 1.93 -12.12 -3.46
C LYS A 67 2.14 -10.84 -2.66
N PRO A 68 3.18 -10.08 -3.03
CA PRO A 68 3.52 -8.83 -2.36
C PRO A 68 2.49 -7.73 -2.62
N ARG A 69 1.98 -7.12 -1.56
CA ARG A 69 1.00 -6.06 -1.69
C ARG A 69 1.56 -4.73 -1.18
N CYS A 70 1.41 -4.48 0.12
CA CYS A 70 1.89 -3.25 0.72
C CYS A 70 2.39 -3.50 2.15
N GLY A 71 3.27 -2.63 2.63
CA GLY A 71 3.80 -2.78 3.97
C GLY A 71 3.09 -1.88 4.97
N VAL A 72 1.87 -1.46 4.63
CA VAL A 72 1.10 -0.60 5.51
C VAL A 72 -0.11 -1.35 6.09
N PRO A 73 -0.32 -1.18 7.39
CA PRO A 73 -1.43 -1.83 8.10
C PRO A 73 -2.80 -1.26 7.69
N ASP A 74 -3.84 -2.06 7.88
CA ASP A 74 -5.19 -1.64 7.53
C ASP A 74 -6.00 -1.32 8.79
N VAL A 75 -5.33 -1.35 9.94
CA VAL A 75 -5.99 -1.06 11.20
C VAL A 75 -5.22 -0.01 11.99
N ALA A 76 -5.93 1.01 12.46
CA ALA A 76 -5.31 2.08 13.23
C ALA A 76 -6.10 2.36 14.51
N GLU A 77 -5.52 3.18 15.39
CA GLU A 77 -6.18 3.52 16.65
C GLU A 77 -5.34 4.52 17.43
N TYR A 78 -5.90 5.02 18.53
CA TYR A 78 -5.21 5.99 19.37
C TYR A 78 -4.98 7.30 18.62
N SER A 79 -4.89 8.40 19.37
CA SER A 79 -4.69 9.71 18.78
C SER A 79 -5.90 10.13 17.95
N LEU A 80 -6.32 11.38 18.12
CA LEU A 80 -7.46 11.91 17.38
C LEU A 80 -7.09 12.21 15.93
N PHE A 81 -5.80 12.07 15.63
CA PHE A 81 -5.32 12.33 14.28
C PHE A 81 -5.52 13.80 13.89
N PRO A 82 -4.76 14.25 12.88
CA PRO A 82 -4.84 15.63 12.39
C PRO A 82 -6.16 15.91 11.67
N ASN A 83 -6.32 17.14 11.20
CA ASN A 83 -7.52 17.54 10.49
C ASN A 83 -7.83 16.58 9.36
N SER A 84 -8.85 15.75 9.55
CA SER A 84 -9.24 14.77 8.54
C SER A 84 -8.12 13.76 8.30
N PRO A 85 -8.49 12.59 7.77
CA PRO A 85 -7.53 11.52 7.47
C PRO A 85 -6.61 11.86 6.31
N LYS A 86 -7.14 12.59 5.33
CA LYS A 86 -6.36 12.99 4.16
C LYS A 86 -5.74 14.37 4.38
N TRP A 87 -4.78 14.71 3.52
CA TRP A 87 -4.11 15.99 3.62
C TRP A 87 -5.11 17.13 3.74
N THR A 88 -4.93 17.97 4.76
CA THR A 88 -5.83 19.09 4.98
C THR A 88 -5.10 20.43 4.81
N SER A 89 -3.81 20.35 4.51
CA SER A 89 -3.00 21.55 4.33
C SER A 89 -3.41 22.29 3.06
N LYS A 90 -2.68 23.35 2.74
CA LYS A 90 -2.97 24.16 1.56
C LYS A 90 -2.16 23.66 0.36
N VAL A 91 -1.03 23.04 0.64
CA VAL A 91 -0.15 22.52 -0.41
C VAL A 91 0.68 21.35 0.09
N VAL A 92 0.87 20.36 -0.78
CA VAL A 92 1.65 19.18 -0.43
C VAL A 92 2.90 19.06 -1.30
N THR A 93 4.04 18.86 -0.65
CA THR A 93 5.31 18.74 -1.36
C THR A 93 5.96 17.38 -1.09
N TYR A 94 6.98 17.06 -1.88
CA TYR A 94 7.69 15.79 -1.72
C TYR A 94 9.17 15.96 -2.03
N ARG A 95 10.00 15.19 -1.32
CA ARG A 95 11.44 15.24 -1.52
C ARG A 95 12.07 13.87 -1.33
N ILE A 96 12.93 13.48 -2.26
CA ILE A 96 13.59 12.19 -2.20
C ILE A 96 14.72 12.21 -1.16
N VAL A 97 14.68 11.24 -0.25
CA VAL A 97 15.70 11.14 0.79
C VAL A 97 16.91 10.35 0.30
N SER A 98 16.65 9.27 -0.43
CA SER A 98 17.73 8.42 -0.94
C SER A 98 17.25 7.64 -2.16
N TYR A 99 18.19 7.00 -2.85
CA TYR A 99 17.87 6.21 -4.04
C TYR A 99 18.45 4.80 -3.92
N THR A 100 17.83 3.86 -4.64
CA THR A 100 18.27 2.48 -4.62
C THR A 100 19.22 2.19 -5.78
N ARG A 101 20.24 1.39 -5.53
CA ARG A 101 21.21 1.04 -6.55
C ARG A 101 20.51 0.48 -7.79
N ASP A 102 19.27 0.05 -7.62
CA ASP A 102 18.49 -0.50 -8.72
C ASP A 102 18.22 0.57 -9.78
N LEU A 103 17.96 1.79 -9.32
CA LEU A 103 17.68 2.90 -10.23
C LEU A 103 18.39 4.17 -9.76
N PRO A 104 18.69 5.06 -10.72
CA PRO A 104 19.36 6.34 -10.43
C PRO A 104 18.46 7.31 -9.67
N HIS A 105 19.08 8.17 -8.87
CA HIS A 105 18.34 9.15 -8.09
C HIS A 105 17.37 9.93 -8.97
N ILE A 106 17.70 10.03 -10.26
CA ILE A 106 16.85 10.74 -11.20
C ILE A 106 15.65 9.91 -11.60
N THR A 107 15.85 8.60 -11.75
CA THR A 107 14.77 7.70 -12.12
C THR A 107 13.76 7.55 -11.00
N VAL A 108 14.25 7.48 -9.77
CA VAL A 108 13.38 7.34 -8.61
C VAL A 108 12.64 8.65 -8.32
N ASP A 109 13.37 9.75 -8.34
CA ASP A 109 12.78 11.06 -8.09
C ASP A 109 11.67 11.37 -9.09
N ARG A 110 11.95 11.11 -10.36
CA ARG A 110 10.98 11.36 -11.42
C ARG A 110 9.82 10.36 -11.34
N LEU A 111 10.12 9.14 -10.92
CA LEU A 111 9.11 8.10 -10.80
C LEU A 111 8.02 8.52 -9.81
N VAL A 112 8.43 8.97 -8.64
CA VAL A 112 7.48 9.41 -7.61
C VAL A 112 6.54 10.48 -8.15
N SER A 113 7.09 11.41 -8.92
CA SER A 113 6.30 12.49 -9.50
C SER A 113 5.35 11.96 -10.58
N LYS A 114 5.81 10.94 -11.29
CA LYS A 114 5.01 10.34 -12.36
C LYS A 114 3.72 9.74 -11.80
N ALA A 115 3.80 9.23 -10.57
CA ALA A 115 2.63 8.63 -9.92
C ALA A 115 1.93 9.64 -9.02
N LEU A 116 2.72 10.45 -8.30
CA LEU A 116 2.18 11.45 -7.40
C LEU A 116 1.42 12.52 -8.18
N ASN A 117 1.89 12.81 -9.39
CA ASN A 117 1.25 13.82 -10.24
C ASN A 117 -0.17 13.39 -10.62
N MET A 118 -0.35 12.09 -10.83
CA MET A 118 -1.65 11.55 -11.20
C MET A 118 -2.65 11.69 -10.04
N TRP A 119 -2.15 11.59 -8.82
CA TRP A 119 -2.99 11.70 -7.64
C TRP A 119 -3.47 13.14 -7.44
N GLY A 120 -2.51 14.07 -7.43
CA GLY A 120 -2.84 15.47 -7.25
C GLY A 120 -3.77 15.98 -8.34
N LYS A 121 -3.47 15.62 -9.59
CA LYS A 121 -4.28 16.06 -10.72
C LYS A 121 -5.72 15.55 -10.58
N GLU A 122 -5.91 14.54 -9.75
CA GLU A 122 -7.24 13.97 -9.53
C GLU A 122 -7.89 14.56 -8.29
N ILE A 123 -7.31 15.65 -7.79
CA ILE A 123 -7.84 16.32 -6.61
C ILE A 123 -7.62 17.83 -6.68
N PRO A 124 -8.56 18.59 -6.10
CA PRO A 124 -8.48 20.05 -6.09
C PRO A 124 -7.37 20.58 -5.19
N LEU A 125 -6.57 19.65 -4.66
CA LEU A 125 -5.47 20.02 -3.77
C LEU A 125 -4.47 20.90 -4.49
N HIS A 126 -3.25 20.98 -3.94
CA HIS A 126 -2.21 21.80 -4.54
C HIS A 126 -0.82 21.21 -4.24
N PHE A 127 -0.06 20.92 -5.29
CA PHE A 127 1.27 20.36 -5.14
C PHE A 127 2.34 21.40 -5.47
N ARG A 128 3.48 21.28 -4.80
CA ARG A 128 4.59 22.21 -5.02
C ARG A 128 5.91 21.46 -5.19
N LYS A 129 6.75 21.94 -6.10
CA LYS A 129 8.04 21.32 -6.36
C LYS A 129 9.07 21.74 -5.32
N VAL A 130 9.89 20.80 -4.88
CA VAL A 130 10.92 21.08 -3.89
C VAL A 130 12.29 21.19 -4.54
N VAL A 131 13.03 22.23 -4.17
CA VAL A 131 14.37 22.45 -4.73
C VAL A 131 15.28 23.09 -3.69
N TRP A 132 14.69 23.77 -2.71
CA TRP A 132 15.46 24.42 -1.66
C TRP A 132 14.80 24.23 -0.30
N GLY A 133 15.42 23.43 0.55
CA GLY A 133 14.88 23.17 1.86
C GLY A 133 14.32 21.76 2.01
N THR A 134 13.45 21.57 2.99
CA THR A 134 12.84 20.26 3.22
C THR A 134 11.42 20.21 2.67
N ALA A 135 10.96 19.00 2.36
CA ALA A 135 9.61 18.82 1.83
C ALA A 135 8.73 18.06 2.82
N ASP A 136 7.42 18.10 2.58
CA ASP A 136 6.47 17.42 3.45
C ASP A 136 6.67 15.91 3.40
N ILE A 137 6.51 15.33 2.21
CA ILE A 137 6.67 13.90 2.03
C ILE A 137 8.11 13.55 1.67
N MET A 138 8.67 12.59 2.40
CA MET A 138 10.04 12.15 2.16
C MET A 138 10.07 10.77 1.51
N ILE A 139 10.70 10.67 0.35
CA ILE A 139 10.80 9.42 -0.37
C ILE A 139 12.21 8.84 -0.26
N GLY A 140 12.39 7.93 0.70
CA GLY A 140 13.69 7.30 0.89
C GLY A 140 13.60 5.79 0.99
N PHE A 141 14.73 5.13 0.89
CA PHE A 141 14.78 3.67 0.97
C PHE A 141 15.34 3.22 2.31
N ALA A 142 14.88 2.06 2.78
CA ALA A 142 15.33 1.51 4.05
C ALA A 142 14.54 0.26 4.43
N ARG A 143 15.04 -0.47 5.42
CA ARG A 143 14.37 -1.69 5.86
C ARG A 143 13.64 -1.46 7.18
N GLY A 144 12.88 -2.46 7.62
CA GLY A 144 12.14 -2.35 8.85
C GLY A 144 13.02 -2.03 10.04
N ALA A 145 14.33 -2.22 9.87
CA ALA A 145 15.29 -1.95 10.93
C ALA A 145 15.97 -0.61 10.73
N HIS A 146 15.42 0.21 9.84
CA HIS A 146 15.98 1.52 9.55
C HIS A 146 15.83 2.46 10.74
N GLY A 147 14.74 2.29 11.49
CA GLY A 147 14.49 3.12 12.65
C GLY A 147 13.02 3.37 12.88
N ASP A 148 12.22 2.30 12.82
CA ASP A 148 10.78 2.40 13.03
C ASP A 148 10.19 1.06 13.43
N SER A 149 9.12 1.11 14.22
CA SER A 149 8.46 -0.11 14.67
C SER A 149 7.88 -0.89 13.51
N TYR A 150 8.60 -1.92 13.06
CA TYR A 150 8.16 -2.74 11.94
C TYR A 150 9.33 -3.55 11.37
N PRO A 151 9.18 -4.87 11.37
CA PRO A 151 10.19 -5.79 10.86
C PRO A 151 10.33 -5.72 9.34
N PHE A 152 11.57 -5.74 8.86
CA PHE A 152 11.83 -5.67 7.43
C PHE A 152 11.05 -6.76 6.68
N ASP A 153 11.03 -7.96 7.25
CA ASP A 153 10.33 -9.08 6.63
C ASP A 153 11.11 -9.63 5.44
N GLY A 154 11.99 -8.80 4.89
CA GLY A 154 12.78 -9.22 3.75
C GLY A 154 12.01 -9.18 2.45
N PRO A 155 12.49 -9.93 1.44
CA PRO A 155 11.84 -9.98 0.12
C PRO A 155 10.51 -10.71 0.16
N GLY A 156 9.55 -10.23 -0.61
CA GLY A 156 8.23 -10.84 -0.66
C GLY A 156 7.20 -10.05 0.11
N ASN A 157 6.35 -10.74 0.87
CA ASN A 157 5.31 -10.10 1.66
C ASN A 157 5.79 -8.75 2.18
N THR A 158 4.89 -7.77 2.19
CA THR A 158 5.22 -6.44 2.66
C THR A 158 6.07 -5.68 1.66
N LEU A 159 5.40 -4.96 0.75
CA LEU A 159 6.11 -4.19 -0.27
C LEU A 159 6.79 -2.97 0.34
N ALA A 160 6.00 -2.10 0.96
CA ALA A 160 6.52 -0.90 1.59
C ALA A 160 5.53 -0.32 2.60
N HIS A 161 6.06 0.31 3.64
CA HIS A 161 5.22 0.91 4.67
C HIS A 161 5.15 2.42 4.51
N ALA A 162 3.93 2.94 4.40
CA ALA A 162 3.73 4.38 4.24
C ALA A 162 3.11 4.99 5.50
N PHE A 163 3.26 6.29 5.65
CA PHE A 163 2.70 7.00 6.81
C PHE A 163 1.58 7.94 6.39
N ALA A 164 0.65 8.19 7.31
CA ALA A 164 -0.47 9.08 7.03
C ALA A 164 -0.08 10.54 7.20
N PRO A 165 -0.90 11.45 6.65
CA PRO A 165 -0.66 12.89 6.73
C PRO A 165 -0.83 13.43 8.14
N GLY A 166 0.18 13.23 8.98
CA GLY A 166 0.11 13.71 10.35
C GLY A 166 1.47 14.08 10.90
N THR A 167 1.61 15.33 11.35
CA THR A 167 2.87 15.82 11.89
C THR A 167 3.95 15.88 10.82
N GLY A 168 4.88 16.81 10.96
CA GLY A 168 5.96 16.95 10.00
C GLY A 168 6.69 15.65 9.76
N LEU A 169 7.01 14.95 10.84
CA LEU A 169 7.72 13.67 10.74
C LEU A 169 6.88 12.64 10.02
N GLY A 170 5.57 12.62 10.31
CA GLY A 170 4.68 11.67 9.68
C GLY A 170 4.31 12.08 8.27
N GLY A 171 3.64 11.18 7.55
CA GLY A 171 3.23 11.48 6.19
C GLY A 171 4.36 11.31 5.19
N ASP A 172 5.36 10.51 5.56
CA ASP A 172 6.50 10.26 4.68
C ASP A 172 6.31 8.97 3.89
N ALA A 173 7.13 8.80 2.86
CA ALA A 173 7.06 7.61 2.02
C ALA A 173 8.30 6.74 2.19
N HIS A 174 8.09 5.46 2.40
CA HIS A 174 9.20 4.52 2.57
C HIS A 174 9.10 3.36 1.59
N PHE A 175 10.21 2.70 1.33
CA PHE A 175 10.25 1.57 0.41
C PHE A 175 11.16 0.47 0.92
N ASP A 176 10.72 -0.77 0.79
CA ASP A 176 11.49 -1.92 1.25
C ASP A 176 12.71 -2.14 0.35
N GLU A 177 13.87 -1.71 0.82
CA GLU A 177 15.10 -1.85 0.05
C GLU A 177 15.47 -3.33 -0.11
N ASP A 178 14.78 -4.18 0.63
CA ASP A 178 15.03 -5.62 0.58
C ASP A 178 14.37 -6.23 -0.65
N GLU A 179 13.44 -5.50 -1.25
CA GLU A 179 12.73 -5.97 -2.42
C GLU A 179 13.45 -5.55 -3.70
N ARG A 180 12.79 -5.72 -4.84
CA ARG A 180 13.36 -5.36 -6.13
C ARG A 180 12.57 -4.23 -6.78
N TRP A 181 13.23 -3.13 -7.06
CA TRP A 181 12.60 -1.98 -7.69
C TRP A 181 13.20 -1.70 -9.05
N THR A 182 12.36 -1.25 -9.99
CA THR A 182 12.82 -0.95 -11.34
C THR A 182 11.68 -0.39 -12.19
N ASP A 183 12.03 0.22 -13.31
CA ASP A 183 11.04 0.79 -14.22
C ASP A 183 11.21 0.25 -15.63
N GLY A 184 12.29 0.65 -16.29
CA GLY A 184 12.55 0.19 -17.64
C GLY A 184 12.88 -1.29 -17.70
N SER A 185 13.09 -1.90 -16.53
CA SER A 185 13.42 -3.32 -16.45
C SER A 185 12.16 -4.14 -16.21
N SER A 186 11.16 -3.51 -15.61
CA SER A 186 9.90 -4.19 -15.31
C SER A 186 10.14 -5.66 -14.97
N LEU A 187 10.83 -5.90 -13.85
CA LEU A 187 11.12 -7.26 -13.43
C LEU A 187 10.45 -7.57 -12.09
N GLY A 188 10.35 -6.55 -11.24
CA GLY A 188 9.72 -6.73 -9.94
C GLY A 188 8.64 -5.70 -9.66
N ILE A 189 8.73 -5.04 -8.52
CA ILE A 189 7.76 -4.03 -8.14
C ILE A 189 8.03 -2.71 -8.84
N ASN A 190 7.33 -2.47 -9.94
CA ASN A 190 7.49 -1.24 -10.71
C ASN A 190 7.31 -0.01 -9.82
N PHE A 191 8.34 0.82 -9.75
CA PHE A 191 8.30 2.02 -8.94
C PHE A 191 7.09 2.89 -9.30
N LEU A 192 6.71 2.86 -10.58
CA LEU A 192 5.57 3.63 -11.05
C LEU A 192 4.27 3.10 -10.46
N TYR A 193 4.09 1.79 -10.53
CA TYR A 193 2.89 1.16 -10.00
C TYR A 193 2.86 1.22 -8.48
N ALA A 194 4.03 1.05 -7.86
CA ALA A 194 4.15 1.08 -6.41
C ALA A 194 4.00 2.51 -5.88
N ALA A 195 4.51 3.47 -6.65
CA ALA A 195 4.43 4.87 -6.26
C ALA A 195 2.99 5.30 -6.02
N THR A 196 2.09 4.90 -6.93
CA THR A 196 0.69 5.24 -6.83
C THR A 196 0.09 4.71 -5.53
N HIS A 197 0.44 3.49 -5.18
CA HIS A 197 -0.07 2.87 -3.96
C HIS A 197 0.59 3.47 -2.73
N ALA A 198 1.88 3.77 -2.85
CA ALA A 198 2.63 4.36 -1.74
C ALA A 198 2.28 5.83 -1.58
N LEU A 199 2.28 6.57 -2.68
CA LEU A 199 1.97 8.00 -2.65
C LEU A 199 0.54 8.22 -2.18
N GLY A 200 -0.39 7.44 -2.70
CA GLY A 200 -1.78 7.56 -2.32
C GLY A 200 -1.99 7.37 -0.82
N HIS A 201 -1.13 6.58 -0.20
CA HIS A 201 -1.23 6.32 1.23
C HIS A 201 -0.98 7.60 2.04
N SER A 202 -0.11 8.46 1.52
CA SER A 202 0.21 9.71 2.18
C SER A 202 -0.94 10.70 2.07
N LEU A 203 -1.80 10.49 1.08
CA LEU A 203 -2.95 11.37 0.87
C LEU A 203 -4.15 10.91 1.68
N GLY A 204 -3.96 9.84 2.46
CA GLY A 204 -5.03 9.32 3.27
C GLY A 204 -5.93 8.37 2.50
N MET A 205 -5.73 8.31 1.18
CA MET A 205 -6.54 7.44 0.32
C MET A 205 -6.55 6.01 0.87
N GLY A 206 -7.72 5.38 0.82
CA GLY A 206 -7.85 4.02 1.31
C GLY A 206 -7.95 3.01 0.18
N HIS A 207 -7.63 1.75 0.49
CA HIS A 207 -7.69 0.68 -0.50
C HIS A 207 -9.06 0.61 -1.15
N SER A 208 -9.15 -0.07 -2.29
CA SER A 208 -10.40 -0.21 -3.00
C SER A 208 -10.75 -1.68 -3.22
N SER A 209 -12.05 -1.98 -3.22
CA SER A 209 -12.51 -3.35 -3.42
C SER A 209 -12.67 -3.67 -4.90
N ASP A 210 -12.46 -2.67 -5.74
CA ASP A 210 -12.58 -2.85 -7.19
C ASP A 210 -11.43 -3.69 -7.73
N PRO A 211 -11.77 -4.60 -8.65
CA PRO A 211 -10.78 -5.50 -9.28
C PRO A 211 -9.82 -4.75 -10.20
N ASN A 212 -10.13 -3.48 -10.47
CA ASN A 212 -9.30 -2.65 -11.33
C ASN A 212 -8.93 -1.34 -10.65
N ALA A 213 -8.83 -1.39 -9.33
CA ALA A 213 -8.48 -0.20 -8.55
C ALA A 213 -6.96 -0.05 -8.42
N VAL A 214 -6.49 1.18 -8.41
CA VAL A 214 -5.06 1.46 -8.29
C VAL A 214 -4.54 1.05 -6.91
N MET A 215 -5.41 1.11 -5.92
CA MET A 215 -5.04 0.75 -4.55
C MET A 215 -5.41 -0.69 -4.26
N TYR A 216 -5.82 -1.43 -5.28
CA TYR A 216 -6.20 -2.83 -5.14
C TYR A 216 -5.07 -3.63 -4.50
N PRO A 217 -5.33 -4.15 -3.29
CA PRO A 217 -4.35 -4.95 -2.54
C PRO A 217 -4.12 -6.31 -3.18
N THR A 218 -5.04 -6.73 -4.03
CA THR A 218 -4.94 -8.01 -4.71
C THR A 218 -4.06 -7.91 -5.96
N TYR A 219 -2.84 -7.44 -5.78
CA TYR A 219 -1.89 -7.30 -6.88
C TYR A 219 -1.16 -8.61 -7.14
N GLY A 220 -1.26 -9.10 -8.38
CA GLY A 220 -0.60 -10.34 -8.74
C GLY A 220 -0.17 -10.36 -10.19
N ASN A 221 -1.13 -10.21 -11.10
CA ASN A 221 -0.85 -10.22 -12.52
C ASN A 221 0.26 -9.23 -12.86
N GLY A 222 0.75 -9.29 -14.10
CA GLY A 222 1.81 -8.40 -14.53
C GLY A 222 1.50 -6.94 -14.22
N ASP A 223 2.54 -6.12 -14.13
CA ASP A 223 2.37 -4.70 -13.85
C ASP A 223 1.86 -3.96 -15.07
N PRO A 224 1.16 -2.84 -14.83
CA PRO A 224 0.59 -2.01 -15.90
C PRO A 224 1.68 -1.28 -16.70
N GLN A 225 1.53 -1.30 -18.02
CA GLN A 225 2.50 -0.63 -18.89
C GLN A 225 2.53 0.86 -18.63
N ASN A 226 1.36 1.44 -18.39
CA ASN A 226 1.26 2.87 -18.13
C ASN A 226 0.62 3.14 -16.77
N PHE A 227 -0.33 2.28 -16.39
CA PHE A 227 -1.02 2.41 -15.12
C PHE A 227 -1.88 3.68 -15.10
N LYS A 228 -3.11 3.54 -14.59
CA LYS A 228 -4.02 4.67 -14.51
C LYS A 228 -4.86 4.59 -13.24
N LEU A 229 -5.33 5.74 -12.78
CA LEU A 229 -6.15 5.81 -11.57
C LEU A 229 -7.53 5.20 -11.82
N SER A 230 -8.10 4.61 -10.77
CA SER A 230 -9.41 3.98 -10.87
C SER A 230 -10.53 5.01 -10.64
N GLN A 231 -11.70 4.72 -11.17
CA GLN A 231 -12.85 5.61 -11.02
C GLN A 231 -13.32 5.66 -9.58
N ASP A 232 -13.83 4.53 -9.09
CA ASP A 232 -14.31 4.45 -7.71
C ASP A 232 -13.22 4.85 -6.73
N ASP A 233 -11.96 4.68 -7.13
CA ASP A 233 -10.83 5.03 -6.28
C ASP A 233 -10.73 6.54 -6.12
N ILE A 234 -10.75 7.25 -7.23
CA ILE A 234 -10.66 8.71 -7.21
C ILE A 234 -11.93 9.34 -6.64
N LYS A 235 -13.08 8.81 -7.04
CA LYS A 235 -14.36 9.30 -6.58
C LYS A 235 -14.44 9.27 -5.06
N GLY A 236 -13.77 8.28 -4.46
CA GLY A 236 -13.78 8.14 -3.01
C GLY A 236 -13.10 9.32 -2.32
N ILE A 237 -11.90 9.64 -2.77
CA ILE A 237 -11.14 10.75 -2.19
C ILE A 237 -11.74 12.09 -2.60
N GLN A 238 -12.32 12.14 -3.79
CA GLN A 238 -12.93 13.36 -4.29
C GLN A 238 -14.15 13.76 -3.46
N LYS A 239 -14.74 12.77 -2.80
CA LYS A 239 -15.91 13.01 -1.96
C LYS A 239 -15.52 13.71 -0.66
N LEU A 240 -14.25 13.60 -0.31
CA LEU A 240 -13.74 14.22 0.92
C LEU A 240 -13.09 15.56 0.62
N TYR A 241 -12.50 15.67 -0.56
CA TYR A 241 -11.83 16.90 -0.98
C TYR A 241 -12.80 17.81 -1.74
N GLY A 242 -13.68 17.20 -2.51
CA GLY A 242 -14.65 17.97 -3.28
C GLY A 242 -16.04 17.37 -3.23
N LYS A 243 -16.57 17.01 -4.38
CA LYS A 243 -17.90 16.42 -4.47
C LYS A 243 -17.83 14.90 -4.50
N ARG A 244 -18.92 14.25 -4.10
CA ARG A 244 -18.97 12.79 -4.10
C ARG A 244 -19.53 12.26 -5.41
N SER A 245 -19.79 10.95 -5.45
CA SER A 245 -20.33 10.32 -6.65
C SER A 245 -21.38 9.28 -6.29
N ASN A 246 -21.94 8.63 -7.31
CA ASN A 246 -22.96 7.61 -7.11
C ASN A 246 -22.53 6.28 -7.72
N SER A 247 -22.02 5.38 -6.89
CA SER A 247 -21.58 4.07 -7.36
C SER A 247 -21.05 3.23 -6.20
N ARG A 248 -20.95 1.92 -6.41
CA ARG A 248 -20.46 1.01 -5.39
C ARG A 248 -20.00 -0.30 -6.01
N LYS A 249 -19.42 -1.17 -5.18
CA LYS A 249 -18.93 -2.46 -5.64
C LYS A 249 -19.44 -3.59 -4.76
N LYS A 250 -19.17 -3.47 -3.46
CA LYS A 250 -19.60 -4.49 -2.51
C LYS A 250 -19.30 -4.04 -1.07
CA CA B . 6.29 14.30 6.53
CA CA C . 9.28 -7.16 1.20
ZN ZN D . 10.02 2.96 8.17
ZN ZN E . -1.78 -0.22 0.75
N LEU A 1 4.78 -15.68 -11.53
CA LEU A 1 3.38 -16.11 -11.53
C LEU A 1 3.05 -16.88 -10.25
N PRO A 2 1.75 -16.98 -9.94
CA PRO A 2 1.27 -17.70 -8.76
C PRO A 2 1.46 -19.21 -8.87
N LEU A 3 1.08 -19.93 -7.82
CA LEU A 3 1.21 -21.38 -7.81
C LEU A 3 -0.07 -22.04 -8.32
N PRO A 4 0.04 -23.31 -8.75
CA PRO A 4 -1.09 -24.07 -9.26
C PRO A 4 -2.07 -24.45 -8.17
N GLN A 5 -1.56 -24.98 -7.07
CA GLN A 5 -2.40 -25.38 -5.95
C GLN A 5 -1.55 -25.94 -4.80
N GLU A 6 -0.40 -25.32 -4.58
CA GLU A 6 0.50 -25.75 -3.52
C GLU A 6 -0.19 -25.70 -2.15
N ALA A 7 -1.18 -24.82 -2.04
CA ALA A 7 -1.93 -24.67 -0.80
C ALA A 7 -2.60 -25.98 -0.39
N GLY A 8 -3.03 -26.75 -1.40
CA GLY A 8 -3.69 -28.01 -1.14
C GLY A 8 -2.81 -28.96 -0.33
N GLY A 9 -1.52 -28.97 -0.62
CA GLY A 9 -0.60 -29.84 0.08
C GLY A 9 0.32 -29.08 1.01
N MET A 10 -0.09 -27.88 1.40
CA MET A 10 0.70 -27.04 2.29
C MET A 10 0.91 -27.73 3.64
N SER A 11 1.91 -27.27 4.38
CA SER A 11 2.22 -27.85 5.68
C SER A 11 1.67 -26.96 6.80
N GLU A 12 1.69 -27.49 8.03
CA GLU A 12 1.20 -26.75 9.19
C GLU A 12 1.91 -25.41 9.30
N LEU A 13 3.17 -25.37 8.90
CA LEU A 13 3.96 -24.15 8.97
C LEU A 13 3.45 -23.11 7.96
N GLN A 14 3.13 -23.57 6.75
CA GLN A 14 2.64 -22.69 5.72
C GLN A 14 1.22 -22.21 6.05
N TRP A 15 0.41 -23.10 6.59
CA TRP A 15 -0.97 -22.77 6.95
C TRP A 15 -0.99 -21.82 8.15
N GLU A 16 -0.13 -22.10 9.13
CA GLU A 16 -0.07 -21.29 10.34
C GLU A 16 0.58 -19.94 10.04
N GLN A 17 1.55 -19.94 9.14
CA GLN A 17 2.24 -18.71 8.76
C GLN A 17 1.34 -17.80 7.95
N ALA A 18 0.51 -18.40 7.10
CA ALA A 18 -0.40 -17.63 6.26
C ALA A 18 -1.45 -16.92 7.11
N GLN A 19 -2.00 -17.62 8.08
CA GLN A 19 -3.02 -17.05 8.96
C GLN A 19 -2.40 -16.07 9.94
N ASP A 20 -1.15 -16.33 10.33
CA ASP A 20 -0.45 -15.47 11.27
C ASP A 20 0.08 -14.22 10.57
N TYR A 21 0.40 -14.35 9.29
CA TYR A 21 0.91 -13.23 8.52
C TYR A 21 -0.10 -12.09 8.47
N LEU A 22 -1.38 -12.44 8.42
CA LEU A 22 -2.45 -11.44 8.38
C LEU A 22 -2.61 -10.77 9.73
N LYS A 23 -2.13 -11.42 10.79
CA LYS A 23 -2.21 -10.88 12.14
C LYS A 23 -1.21 -9.75 12.32
N ARG A 24 -0.12 -9.79 11.58
CA ARG A 24 0.91 -8.76 11.67
C ARG A 24 0.59 -7.59 10.75
N PHE A 25 -0.14 -7.86 9.68
CA PHE A 25 -0.51 -6.82 8.72
C PHE A 25 -1.35 -5.74 9.40
N TYR A 26 -1.94 -6.08 10.54
CA TYR A 26 -2.77 -5.14 11.27
C TYR A 26 -2.22 -4.92 12.69
N LEU A 27 -0.93 -4.63 12.78
CA LEU A 27 -0.28 -4.41 14.06
C LEU A 27 -0.20 -5.70 14.86
N TYR A 28 0.14 -5.58 16.15
CA TYR A 28 0.25 -6.73 17.02
C TYR A 28 -1.06 -6.98 17.75
N ASP A 29 -1.92 -7.79 17.14
CA ASP A 29 -3.22 -8.10 17.74
C ASP A 29 -3.30 -9.58 18.10
N SER A 30 -3.43 -9.87 19.40
CA SER A 30 -3.50 -11.24 19.87
C SER A 30 -4.94 -11.76 19.80
N GLU A 31 -5.87 -10.87 19.47
CA GLU A 31 -7.28 -11.24 19.36
C GLU A 31 -7.49 -12.26 18.25
N THR A 32 -6.49 -12.40 17.39
CA THR A 32 -6.58 -13.34 16.28
C THR A 32 -6.26 -14.77 16.73
N LYS A 33 -5.98 -14.92 18.02
CA LYS A 33 -5.66 -16.22 18.59
C LYS A 33 -6.80 -17.21 18.36
N ASN A 34 -6.54 -18.48 18.66
CA ASN A 34 -7.54 -19.52 18.48
C ASN A 34 -7.88 -19.70 17.00
N ALA A 35 -8.39 -20.89 16.65
CA ALA A 35 -8.76 -21.18 15.28
C ALA A 35 -10.06 -20.49 14.90
N ASN A 36 -10.87 -20.17 15.90
CA ASN A 36 -12.14 -19.49 15.67
C ASN A 36 -11.93 -18.09 15.12
N SER A 37 -10.71 -17.57 15.29
CA SER A 37 -10.37 -16.23 14.82
C SER A 37 -9.93 -16.28 13.36
N LEU A 38 -9.27 -17.37 12.98
CA LEU A 38 -8.80 -17.53 11.61
C LEU A 38 -9.95 -17.44 10.61
N GLU A 39 -11.06 -18.10 10.92
CA GLU A 39 -12.23 -18.10 10.06
C GLU A 39 -12.78 -16.69 9.91
N ALA A 40 -13.00 -16.01 11.04
CA ALA A 40 -13.53 -14.66 11.04
C ALA A 40 -12.58 -13.71 10.33
N LYS A 41 -11.31 -13.74 10.72
CA LYS A 41 -10.29 -12.89 10.12
C LYS A 41 -10.18 -13.13 8.62
N LEU A 42 -10.30 -14.41 8.23
CA LEU A 42 -10.21 -14.78 6.82
C LEU A 42 -11.32 -14.13 6.01
N LYS A 43 -12.51 -14.06 6.60
CA LYS A 43 -13.67 -13.46 5.93
C LYS A 43 -13.46 -11.96 5.74
N GLU A 44 -13.01 -11.29 6.80
CA GLU A 44 -12.77 -9.85 6.74
C GLU A 44 -11.55 -9.54 5.88
N MET A 45 -10.58 -10.44 5.90
CA MET A 45 -9.36 -10.25 5.12
C MET A 45 -9.65 -10.33 3.62
N GLN A 46 -10.41 -11.35 3.22
CA GLN A 46 -10.76 -11.53 1.83
C GLN A 46 -11.52 -10.33 1.29
N LYS A 47 -12.45 -9.82 2.08
CA LYS A 47 -13.24 -8.67 1.69
C LYS A 47 -12.35 -7.45 1.42
N PHE A 48 -11.20 -7.42 2.07
CA PHE A 48 -10.25 -6.32 1.90
C PHE A 48 -9.60 -6.38 0.52
N PHE A 49 -9.31 -7.59 0.06
CA PHE A 49 -8.69 -7.78 -1.24
C PHE A 49 -9.75 -7.77 -2.36
N GLY A 50 -10.96 -7.40 -2.01
CA GLY A 50 -12.03 -7.36 -2.99
C GLY A 50 -12.57 -8.73 -3.32
N LEU A 51 -12.17 -9.73 -2.54
CA LEU A 51 -12.61 -11.10 -2.77
C LEU A 51 -14.05 -11.30 -2.29
N PRO A 52 -14.92 -11.72 -3.22
CA PRO A 52 -16.34 -11.96 -2.92
C PRO A 52 -16.55 -13.17 -2.03
N ILE A 53 -15.85 -14.27 -2.35
CA ILE A 53 -15.96 -15.49 -1.57
C ILE A 53 -15.58 -15.27 -0.12
N THR A 54 -16.43 -15.70 0.79
CA THR A 54 -16.19 -15.55 2.22
C THR A 54 -16.02 -16.90 2.91
N GLY A 55 -14.93 -17.04 3.66
CA GLY A 55 -14.67 -18.29 4.35
C GLY A 55 -13.84 -19.25 3.53
N MET A 56 -12.98 -18.70 2.67
CA MET A 56 -12.13 -19.51 1.82
C MET A 56 -10.67 -19.03 1.89
N LEU A 57 -9.75 -19.98 2.05
CA LEU A 57 -8.33 -19.66 2.13
C LEU A 57 -7.48 -20.84 1.68
N ASN A 58 -7.07 -20.82 0.41
CA ASN A 58 -6.25 -21.88 -0.14
C ASN A 58 -6.11 -21.72 -1.66
N SER A 59 -7.10 -21.08 -2.27
CA SER A 59 -7.09 -20.87 -3.72
C SER A 59 -6.39 -19.56 -4.07
N ARG A 60 -7.18 -18.51 -4.32
CA ARG A 60 -6.65 -17.21 -4.66
C ARG A 60 -6.29 -16.41 -3.41
N VAL A 61 -6.98 -16.71 -2.31
CA VAL A 61 -6.74 -16.02 -1.05
C VAL A 61 -5.29 -16.19 -0.60
N ILE A 62 -4.78 -17.41 -0.71
CA ILE A 62 -3.40 -17.71 -0.32
C ILE A 62 -2.42 -17.17 -1.35
N GLU A 63 -2.84 -17.12 -2.60
CA GLU A 63 -1.99 -16.63 -3.68
C GLU A 63 -1.57 -15.18 -3.42
N ILE A 64 -2.47 -14.41 -2.82
CA ILE A 64 -2.19 -13.01 -2.51
C ILE A 64 -1.28 -12.89 -1.30
N MET A 65 -1.35 -13.86 -0.40
CA MET A 65 -0.54 -13.86 0.81
C MET A 65 0.94 -13.92 0.45
N GLN A 66 1.27 -14.71 -0.57
CA GLN A 66 2.66 -14.86 -1.00
C GLN A 66 3.07 -13.70 -1.91
N LYS A 67 2.07 -13.06 -2.53
CA LYS A 67 2.32 -11.94 -3.42
C LYS A 67 2.43 -10.64 -2.65
N PRO A 68 3.54 -9.92 -2.85
CA PRO A 68 3.80 -8.63 -2.18
C PRO A 68 2.86 -7.53 -2.66
N ARG A 69 2.39 -6.70 -1.74
CA ARG A 69 1.49 -5.61 -2.06
C ARG A 69 1.92 -4.32 -1.37
N CYS A 70 1.60 -4.22 -0.08
CA CYS A 70 1.96 -3.04 0.70
C CYS A 70 2.30 -3.43 2.14
N GLY A 71 3.21 -2.66 2.75
CA GLY A 71 3.60 -2.93 4.12
C GLY A 71 3.02 -1.94 5.11
N VAL A 72 1.86 -1.38 4.77
CA VAL A 72 1.21 -0.40 5.64
C VAL A 72 0.00 -1.02 6.33
N PRO A 73 -0.11 -0.77 7.64
CA PRO A 73 -1.23 -1.29 8.45
C PRO A 73 -2.55 -0.61 8.10
N ASP A 74 -3.59 -1.43 7.92
CA ASP A 74 -4.91 -0.91 7.59
C ASP A 74 -5.75 -0.71 8.85
N VAL A 75 -5.07 -0.56 9.98
CA VAL A 75 -5.76 -0.37 11.26
C VAL A 75 -5.07 0.72 12.09
N ALA A 76 -5.84 1.67 12.57
CA ALA A 76 -5.30 2.77 13.38
C ALA A 76 -6.12 2.95 14.65
N GLU A 77 -5.61 3.78 15.57
CA GLU A 77 -6.29 4.04 16.83
C GLU A 77 -5.46 4.99 17.69
N TYR A 78 -5.77 6.28 17.61
CA TYR A 78 -5.06 7.29 18.37
C TYR A 78 -5.88 8.57 18.47
N SER A 79 -5.50 9.44 19.40
CA SER A 79 -6.20 10.70 19.59
C SER A 79 -5.32 11.88 19.20
N LEU A 80 -5.88 13.08 19.24
CA LEU A 80 -5.14 14.29 18.88
C LEU A 80 -4.69 14.24 17.41
N PHE A 81 -5.32 13.36 16.64
CA PHE A 81 -4.99 13.21 15.24
C PHE A 81 -5.16 14.54 14.49
N PRO A 82 -4.46 14.69 13.36
CA PRO A 82 -4.52 15.90 12.54
C PRO A 82 -5.87 16.06 11.85
N ASN A 83 -6.06 17.22 11.22
CA ASN A 83 -7.32 17.50 10.52
C ASN A 83 -7.62 16.41 9.49
N SER A 84 -8.52 15.50 9.86
CA SER A 84 -8.90 14.40 8.98
C SER A 84 -7.70 13.50 8.69
N PRO A 85 -7.99 12.25 8.29
CA PRO A 85 -6.95 11.26 7.98
C PRO A 85 -6.19 11.60 6.71
N LYS A 86 -6.69 12.58 5.96
CA LYS A 86 -6.04 13.01 4.73
C LYS A 86 -5.35 14.36 4.91
N TRP A 87 -4.58 14.77 3.91
CA TRP A 87 -3.87 16.03 3.96
C TRP A 87 -4.83 17.19 4.19
N THR A 88 -4.50 18.05 5.16
CA THR A 88 -5.34 19.20 5.47
C THR A 88 -4.62 20.51 5.17
N SER A 89 -3.30 20.43 5.00
CA SER A 89 -2.50 21.61 4.71
C SER A 89 -2.95 22.27 3.42
N LYS A 90 -2.38 23.44 3.13
CA LYS A 90 -2.74 24.18 1.93
C LYS A 90 -1.93 23.70 0.73
N VAL A 91 -0.80 23.06 1.01
CA VAL A 91 0.06 22.55 -0.05
C VAL A 91 0.91 21.38 0.45
N VAL A 92 1.13 20.39 -0.41
CA VAL A 92 1.92 19.22 -0.06
C VAL A 92 3.14 19.09 -0.95
N THR A 93 4.31 18.91 -0.34
CA THR A 93 5.55 18.77 -1.09
C THR A 93 6.16 17.38 -0.89
N TYR A 94 7.09 17.02 -1.77
CA TYR A 94 7.74 15.72 -1.69
C TYR A 94 9.20 15.81 -2.15
N ARG A 95 10.06 15.01 -1.53
CA ARG A 95 11.47 15.00 -1.87
C ARG A 95 12.09 13.64 -1.60
N ILE A 96 12.95 13.19 -2.50
CA ILE A 96 13.61 11.90 -2.37
C ILE A 96 14.71 11.95 -1.31
N VAL A 97 14.69 10.98 -0.40
CA VAL A 97 15.69 10.91 0.67
C VAL A 97 16.92 10.13 0.21
N SER A 98 16.69 9.04 -0.50
CA SER A 98 17.78 8.20 -0.98
C SER A 98 17.39 7.48 -2.28
N TYR A 99 18.36 6.87 -2.92
CA TYR A 99 18.12 6.15 -4.17
C TYR A 99 18.70 4.75 -4.13
N THR A 100 18.15 3.84 -4.91
CA THR A 100 18.61 2.46 -4.96
C THR A 100 19.46 2.21 -6.20
N ARG A 101 20.52 1.41 -6.04
CA ARG A 101 21.41 1.09 -7.15
C ARG A 101 20.62 0.57 -8.34
N ASP A 102 19.40 0.13 -8.10
CA ASP A 102 18.54 -0.39 -9.16
C ASP A 102 18.19 0.71 -10.16
N LEU A 103 17.98 1.92 -9.66
CA LEU A 103 17.64 3.05 -10.52
C LEU A 103 18.32 4.32 -10.02
N PRO A 104 18.56 5.26 -10.95
CA PRO A 104 19.20 6.54 -10.63
C PRO A 104 18.30 7.45 -9.82
N HIS A 105 18.90 8.31 -8.99
CA HIS A 105 18.15 9.23 -8.17
C HIS A 105 17.16 10.04 -9.00
N ILE A 106 17.46 10.20 -10.29
CA ILE A 106 16.60 10.95 -11.19
C ILE A 106 15.39 10.12 -11.61
N THR A 107 15.62 8.82 -11.84
CA THR A 107 14.54 7.92 -12.24
C THR A 107 13.55 7.70 -11.10
N VAL A 108 14.08 7.64 -9.88
CA VAL A 108 13.24 7.44 -8.70
C VAL A 108 12.42 8.67 -8.38
N ASP A 109 13.05 9.83 -8.48
CA ASP A 109 12.37 11.10 -8.20
C ASP A 109 11.30 11.38 -9.26
N ARG A 110 11.60 11.03 -10.50
CA ARG A 110 10.66 11.24 -11.59
C ARG A 110 9.46 10.30 -11.49
N LEU A 111 9.71 9.10 -10.97
CA LEU A 111 8.65 8.10 -10.81
C LEU A 111 7.62 8.57 -9.78
N VAL A 112 8.11 9.03 -8.63
CA VAL A 112 7.24 9.49 -7.57
C VAL A 112 6.30 10.58 -8.07
N SER A 113 6.83 11.50 -8.85
CA SER A 113 6.04 12.60 -9.40
C SER A 113 5.06 12.09 -10.46
N LYS A 114 5.49 11.07 -11.20
CA LYS A 114 4.65 10.48 -12.24
C LYS A 114 3.37 9.89 -11.66
N ALA A 115 3.48 9.38 -10.44
CA ALA A 115 2.32 8.78 -9.77
C ALA A 115 1.66 9.79 -8.81
N LEU A 116 2.49 10.56 -8.11
CA LEU A 116 1.99 11.55 -7.18
C LEU A 116 1.21 12.65 -7.91
N ASN A 117 1.63 12.95 -9.13
CA ASN A 117 0.97 13.98 -9.92
C ASN A 117 -0.44 13.55 -10.30
N MET A 118 -0.62 12.25 -10.53
CA MET A 118 -1.92 11.71 -10.90
C MET A 118 -2.88 11.75 -9.71
N TRP A 119 -2.34 11.59 -8.51
CA TRP A 119 -3.15 11.61 -7.30
C TRP A 119 -3.66 13.02 -7.01
N GLY A 120 -2.78 14.00 -7.18
CA GLY A 120 -3.16 15.38 -6.93
C GLY A 120 -4.07 15.93 -8.01
N LYS A 121 -3.77 15.60 -9.26
CA LYS A 121 -4.58 16.06 -10.38
C LYS A 121 -6.01 15.57 -10.27
N GLU A 122 -6.23 14.59 -9.40
CA GLU A 122 -7.56 14.02 -9.20
C GLU A 122 -8.21 14.60 -7.94
N ILE A 123 -7.63 15.67 -7.42
CA ILE A 123 -8.15 16.31 -6.22
C ILE A 123 -7.90 17.81 -6.24
N PRO A 124 -8.85 18.58 -5.70
CA PRO A 124 -8.75 20.04 -5.65
C PRO A 124 -7.68 20.51 -4.67
N LEU A 125 -6.70 19.65 -4.42
CA LEU A 125 -5.62 19.98 -3.50
C LEU A 125 -4.60 20.91 -4.16
N HIS A 126 -3.39 20.94 -3.61
CA HIS A 126 -2.33 21.79 -4.16
C HIS A 126 -0.96 21.19 -3.88
N PHE A 127 -0.21 20.92 -4.94
CA PHE A 127 1.13 20.34 -4.81
C PHE A 127 2.20 21.35 -5.19
N ARG A 128 3.36 21.24 -4.55
CA ARG A 128 4.46 22.15 -4.83
C ARG A 128 5.75 21.37 -5.07
N LYS A 129 6.55 21.85 -6.03
CA LYS A 129 7.81 21.20 -6.36
C LYS A 129 8.91 21.60 -5.38
N VAL A 130 9.80 20.66 -5.09
CA VAL A 130 10.90 20.91 -4.16
C VAL A 130 12.22 21.13 -4.92
N VAL A 131 12.88 22.25 -4.64
CA VAL A 131 14.15 22.57 -5.29
C VAL A 131 15.11 23.23 -4.31
N TRP A 132 14.56 23.83 -3.25
CA TRP A 132 15.38 24.48 -2.24
C TRP A 132 14.83 24.23 -0.85
N GLY A 133 15.55 23.43 -0.07
CA GLY A 133 15.13 23.11 1.28
C GLY A 133 14.60 21.70 1.41
N THR A 134 13.86 21.44 2.48
CA THR A 134 13.31 20.11 2.72
C THR A 134 11.84 20.06 2.36
N ALA A 135 11.34 18.85 2.07
CA ALA A 135 9.94 18.67 1.70
C ALA A 135 9.19 17.92 2.80
N ASP A 136 7.87 17.95 2.72
CA ASP A 136 7.02 17.26 3.69
C ASP A 136 7.14 15.76 3.55
N ILE A 137 6.88 15.25 2.36
CA ILE A 137 6.95 13.82 2.08
C ILE A 137 8.39 13.40 1.80
N MET A 138 8.83 12.33 2.47
CA MET A 138 10.17 11.81 2.29
C MET A 138 10.16 10.50 1.52
N ILE A 139 10.80 10.48 0.36
CA ILE A 139 10.85 9.29 -0.47
C ILE A 139 12.24 8.65 -0.42
N GLY A 140 12.44 7.74 0.53
CA GLY A 140 13.71 7.08 0.67
C GLY A 140 13.58 5.57 0.75
N PHE A 141 14.70 4.87 0.66
CA PHE A 141 14.70 3.41 0.72
C PHE A 141 15.24 2.93 2.06
N ALA A 142 14.72 1.80 2.53
CA ALA A 142 15.13 1.22 3.80
C ALA A 142 14.18 0.13 4.26
N ARG A 143 14.61 -0.65 5.24
CA ARG A 143 13.79 -1.74 5.76
C ARG A 143 13.29 -1.41 7.18
N GLY A 144 12.45 -2.28 7.71
CA GLY A 144 11.91 -2.07 9.04
C GLY A 144 12.99 -1.86 10.07
N ALA A 145 14.21 -2.26 9.74
CA ALA A 145 15.34 -2.12 10.65
C ALA A 145 16.03 -0.77 10.47
N HIS A 146 15.37 0.14 9.76
CA HIS A 146 15.92 1.46 9.51
C HIS A 146 15.69 2.38 10.71
N GLY A 147 15.06 1.84 11.75
CA GLY A 147 14.79 2.61 12.95
C GLY A 147 13.33 3.02 13.05
N ASP A 148 12.44 2.07 12.84
CA ASP A 148 11.01 2.32 12.92
C ASP A 148 10.23 1.04 13.13
N SER A 149 8.92 1.16 13.34
CA SER A 149 8.06 0.01 13.57
C SER A 149 8.04 -0.90 12.34
N TYR A 150 7.34 -2.02 12.46
CA TYR A 150 7.23 -2.98 11.36
C TYR A 150 8.59 -3.58 11.03
N PRO A 151 8.69 -4.92 11.12
CA PRO A 151 9.93 -5.65 10.83
C PRO A 151 10.29 -5.62 9.35
N PHE A 152 11.57 -5.70 9.05
CA PHE A 152 12.05 -5.69 7.67
C PHE A 152 11.35 -6.76 6.85
N ASP A 153 10.99 -7.86 7.51
CA ASP A 153 10.31 -8.97 6.85
C ASP A 153 11.06 -9.39 5.59
N GLY A 154 12.31 -8.93 5.47
CA GLY A 154 13.11 -9.26 4.31
C GLY A 154 12.31 -9.29 3.03
N PRO A 155 12.78 -10.07 2.04
CA PRO A 155 12.11 -10.19 0.74
C PRO A 155 10.80 -10.96 0.85
N GLY A 156 9.80 -10.54 0.06
CA GLY A 156 8.51 -11.20 0.08
C GLY A 156 7.46 -10.39 0.81
N ASN A 157 6.73 -11.05 1.70
CA ASN A 157 5.67 -10.38 2.47
C ASN A 157 6.07 -8.95 2.79
N THR A 158 5.08 -8.05 2.75
CA THR A 158 5.32 -6.63 3.03
C THR A 158 6.15 -5.98 1.92
N LEU A 159 5.50 -5.11 1.16
CA LEU A 159 6.17 -4.41 0.07
C LEU A 159 6.83 -3.13 0.56
N ALA A 160 6.05 -2.27 1.21
CA ALA A 160 6.56 -1.02 1.73
C ALA A 160 5.59 -0.41 2.75
N HIS A 161 6.14 0.31 3.73
CA HIS A 161 5.32 0.94 4.75
C HIS A 161 5.28 2.45 4.57
N ALA A 162 4.06 2.99 4.45
CA ALA A 162 3.88 4.42 4.26
C ALA A 162 3.24 5.06 5.49
N PHE A 163 3.40 6.38 5.61
CA PHE A 163 2.83 7.10 6.75
C PHE A 163 1.69 8.01 6.30
N ALA A 164 0.75 8.24 7.20
CA ALA A 164 -0.41 9.08 6.91
C ALA A 164 -0.04 10.56 7.00
N PRO A 165 -0.89 11.42 6.39
CA PRO A 165 -0.67 12.87 6.39
C PRO A 165 -0.87 13.49 7.77
N GLY A 166 0.13 13.33 8.64
CA GLY A 166 0.04 13.88 9.98
C GLY A 166 1.32 14.58 10.40
N THR A 167 1.20 15.86 10.73
CA THR A 167 2.35 16.65 11.15
C THR A 167 3.38 16.76 10.04
N GLY A 168 4.54 17.34 10.35
CA GLY A 168 5.59 17.50 9.36
C GLY A 168 6.38 16.23 9.15
N LEU A 169 6.83 15.62 10.25
CA LEU A 169 7.60 14.38 10.17
C LEU A 169 6.77 13.25 9.59
N GLY A 170 5.48 13.22 9.94
CA GLY A 170 4.59 12.19 9.44
C GLY A 170 4.13 12.46 8.01
N GLY A 171 3.73 11.41 7.32
CA GLY A 171 3.27 11.55 5.95
C GLY A 171 4.36 11.30 4.94
N ASP A 172 5.39 10.56 5.35
CA ASP A 172 6.51 10.25 4.48
C ASP A 172 6.31 8.90 3.79
N ALA A 173 7.14 8.63 2.79
CA ALA A 173 7.05 7.37 2.05
C ALA A 173 8.31 6.54 2.22
N HIS A 174 8.13 5.27 2.54
CA HIS A 174 9.26 4.36 2.75
C HIS A 174 9.11 3.12 1.87
N PHE A 175 10.18 2.76 1.17
CA PHE A 175 10.18 1.59 0.30
C PHE A 175 11.12 0.51 0.84
N ASP A 176 10.69 -0.74 0.75
CA ASP A 176 11.49 -1.86 1.21
C ASP A 176 12.68 -2.10 0.28
N GLU A 177 13.86 -1.62 0.70
CA GLU A 177 15.07 -1.78 -0.10
C GLU A 177 15.35 -3.26 -0.37
N ASP A 178 14.71 -4.12 0.41
CA ASP A 178 14.89 -5.57 0.25
C ASP A 178 14.09 -6.09 -0.93
N GLU A 179 13.14 -5.28 -1.40
CA GLU A 179 12.30 -5.68 -2.53
C GLU A 179 12.99 -5.37 -3.85
N ARG A 180 12.28 -5.58 -4.95
CA ARG A 180 12.82 -5.33 -6.28
C ARG A 180 12.11 -4.17 -6.96
N TRP A 181 12.85 -3.10 -7.23
CA TRP A 181 12.28 -1.92 -7.87
C TRP A 181 12.92 -1.68 -9.24
N THR A 182 12.10 -1.34 -10.21
CA THR A 182 12.59 -1.08 -11.57
C THR A 182 11.45 -0.63 -12.49
N ASP A 183 11.82 -0.06 -13.62
CA ASP A 183 10.83 0.42 -14.59
C ASP A 183 11.06 -0.21 -15.96
N GLY A 184 12.16 0.16 -16.60
CA GLY A 184 12.48 -0.37 -17.91
C GLY A 184 12.80 -1.86 -17.87
N SER A 185 12.97 -2.39 -16.66
CA SER A 185 13.28 -3.80 -16.49
C SER A 185 12.01 -4.62 -16.20
N SER A 186 10.99 -3.94 -15.67
CA SER A 186 9.74 -4.59 -15.35
C SER A 186 9.97 -6.02 -14.89
N LEU A 187 10.67 -6.18 -13.77
CA LEU A 187 10.96 -7.50 -13.23
C LEU A 187 10.32 -7.67 -11.86
N GLY A 188 10.24 -6.58 -11.10
CA GLY A 188 9.65 -6.64 -9.77
C GLY A 188 8.51 -5.64 -9.61
N ILE A 189 8.50 -4.96 -8.47
CA ILE A 189 7.46 -3.97 -8.19
C ILE A 189 7.74 -2.66 -8.91
N ASN A 190 7.07 -2.44 -10.03
CA ASN A 190 7.25 -1.23 -10.82
C ASN A 190 7.12 0.01 -9.93
N PHE A 191 8.15 0.85 -9.95
CA PHE A 191 8.15 2.06 -9.14
C PHE A 191 6.91 2.91 -9.44
N LEU A 192 6.48 2.90 -10.69
CA LEU A 192 5.32 3.66 -11.11
C LEU A 192 4.04 3.10 -10.48
N TYR A 193 3.89 1.78 -10.53
CA TYR A 193 2.72 1.12 -9.97
C TYR A 193 2.74 1.19 -8.44
N ALA A 194 3.92 1.00 -7.86
CA ALA A 194 4.08 1.05 -6.42
C ALA A 194 3.92 2.46 -5.89
N ALA A 195 4.37 3.44 -6.68
CA ALA A 195 4.27 4.84 -6.28
C ALA A 195 2.83 5.23 -6.00
N THR A 196 1.92 4.78 -6.86
CA THR A 196 0.50 5.08 -6.70
C THR A 196 -0.01 4.61 -5.35
N HIS A 197 0.40 3.41 -4.95
CA HIS A 197 -0.03 2.83 -3.68
C HIS A 197 0.68 3.52 -2.52
N ALA A 198 1.97 3.80 -2.70
CA ALA A 198 2.75 4.46 -1.66
C ALA A 198 2.33 5.92 -1.49
N LEU A 199 2.24 6.64 -2.60
CA LEU A 199 1.84 8.04 -2.58
C LEU A 199 0.42 8.19 -2.07
N GLY A 200 -0.49 7.37 -2.59
CA GLY A 200 -1.89 7.44 -2.17
C GLY A 200 -2.04 7.29 -0.67
N HIS A 201 -1.14 6.53 -0.05
CA HIS A 201 -1.19 6.32 1.40
C HIS A 201 -0.91 7.61 2.15
N SER A 202 -0.02 8.43 1.60
CA SER A 202 0.33 9.70 2.22
C SER A 202 -0.85 10.67 2.19
N LEU A 203 -1.79 10.42 1.28
CA LEU A 203 -2.97 11.27 1.14
C LEU A 203 -4.10 10.77 2.02
N GLY A 204 -3.84 9.69 2.75
CA GLY A 204 -4.86 9.12 3.62
C GLY A 204 -5.80 8.19 2.89
N MET A 205 -5.68 8.13 1.56
CA MET A 205 -6.52 7.27 0.75
C MET A 205 -6.54 5.84 1.30
N GLY A 206 -7.71 5.23 1.29
CA GLY A 206 -7.83 3.86 1.79
C GLY A 206 -7.88 2.84 0.68
N HIS A 207 -7.57 1.59 1.01
CA HIS A 207 -7.58 0.51 0.03
C HIS A 207 -8.94 0.39 -0.63
N SER A 208 -8.96 -0.15 -1.85
CA SER A 208 -10.20 -0.32 -2.59
C SER A 208 -10.47 -1.79 -2.89
N SER A 209 -11.73 -2.18 -2.88
CA SER A 209 -12.11 -3.56 -3.15
C SER A 209 -12.31 -3.79 -4.64
N ASP A 210 -12.20 -2.72 -5.42
CA ASP A 210 -12.38 -2.80 -6.87
C ASP A 210 -11.19 -3.51 -7.51
N PRO A 211 -11.48 -4.39 -8.48
CA PRO A 211 -10.46 -5.16 -9.19
C PRO A 211 -9.61 -4.28 -10.11
N ASN A 212 -10.05 -3.03 -10.29
CA ASN A 212 -9.33 -2.10 -11.15
C ASN A 212 -8.92 -0.85 -10.36
N ALA A 213 -8.79 -1.00 -9.06
CA ALA A 213 -8.40 0.10 -8.19
C ALA A 213 -6.88 0.22 -8.10
N VAL A 214 -6.39 1.45 -8.00
CA VAL A 214 -4.95 1.70 -7.91
C VAL A 214 -4.40 1.23 -6.56
N MET A 215 -5.26 1.24 -5.54
CA MET A 215 -4.86 0.82 -4.21
C MET A 215 -5.15 -0.67 -4.01
N TYR A 216 -5.61 -1.33 -5.05
CA TYR A 216 -5.92 -2.75 -4.99
C TYR A 216 -4.71 -3.56 -4.52
N PRO A 217 -4.80 -4.09 -3.30
CA PRO A 217 -3.72 -4.90 -2.70
C PRO A 217 -3.55 -6.24 -3.40
N THR A 218 -4.58 -6.66 -4.14
CA THR A 218 -4.54 -7.93 -4.85
C THR A 218 -3.84 -7.78 -6.20
N TYR A 219 -2.59 -7.34 -6.17
CA TYR A 219 -1.82 -7.15 -7.38
C TYR A 219 -1.84 -8.42 -8.25
N GLY A 220 -2.19 -8.24 -9.51
CA GLY A 220 -2.25 -9.38 -10.42
C GLY A 220 -3.33 -9.23 -11.47
N ASN A 221 -3.32 -8.09 -12.17
CA ASN A 221 -4.32 -7.82 -13.20
C ASN A 221 -3.64 -7.55 -14.55
N GLY A 222 -4.44 -7.24 -15.55
CA GLY A 222 -3.91 -6.96 -16.88
C GLY A 222 -2.82 -5.91 -16.84
N ASP A 223 -1.97 -5.91 -17.86
CA ASP A 223 -0.87 -4.95 -17.95
C ASP A 223 -1.19 -3.84 -18.93
N PRO A 224 -1.59 -2.67 -18.41
CA PRO A 224 -1.95 -1.52 -19.23
C PRO A 224 -0.72 -0.90 -19.91
N GLN A 225 -0.97 0.01 -20.85
CA GLN A 225 0.10 0.67 -21.58
C GLN A 225 0.78 1.72 -20.71
N ASN A 226 -0.03 2.52 -20.02
CA ASN A 226 0.49 3.57 -19.15
C ASN A 226 -0.10 3.46 -17.75
N PHE A 227 -1.39 3.13 -17.68
CA PHE A 227 -2.07 2.99 -16.39
C PHE A 227 -2.15 4.33 -15.67
N LYS A 228 -3.31 4.60 -15.07
CA LYS A 228 -3.52 5.84 -14.35
C LYS A 228 -4.39 5.62 -13.12
N LEU A 229 -4.85 6.71 -12.51
CA LEU A 229 -5.70 6.62 -11.33
C LEU A 229 -6.96 5.83 -11.62
N SER A 230 -7.48 5.14 -10.60
CA SER A 230 -8.68 4.34 -10.75
C SER A 230 -9.93 5.19 -10.50
N GLN A 231 -11.06 4.74 -11.04
CA GLN A 231 -12.32 5.46 -10.89
C GLN A 231 -12.74 5.51 -9.42
N ASP A 232 -12.98 4.35 -8.84
CA ASP A 232 -13.39 4.26 -7.44
C ASP A 232 -12.37 4.94 -6.54
N ASP A 233 -11.12 4.98 -6.98
CA ASP A 233 -10.04 5.60 -6.21
C ASP A 233 -10.23 7.11 -6.16
N ILE A 234 -10.46 7.71 -7.33
CA ILE A 234 -10.65 9.16 -7.42
C ILE A 234 -11.95 9.59 -6.76
N LYS A 235 -13.01 8.82 -6.99
CA LYS A 235 -14.32 9.13 -6.41
C LYS A 235 -14.29 8.96 -4.90
N GLY A 236 -13.49 8.02 -4.42
CA GLY A 236 -13.39 7.77 -2.99
C GLY A 236 -12.83 8.97 -2.25
N ILE A 237 -11.75 9.54 -2.77
CA ILE A 237 -11.12 10.70 -2.14
C ILE A 237 -11.95 11.95 -2.33
N GLN A 238 -12.68 12.01 -3.45
CA GLN A 238 -13.52 13.15 -3.76
C GLN A 238 -14.67 13.26 -2.76
N LYS A 239 -15.03 12.13 -2.15
CA LYS A 239 -16.11 12.10 -1.18
C LYS A 239 -15.67 12.72 0.15
N LEU A 240 -14.38 12.63 0.44
CA LEU A 240 -13.83 13.19 1.66
C LEU A 240 -13.22 14.57 1.43
N TYR A 241 -12.72 14.79 0.23
CA TYR A 241 -12.12 16.06 -0.14
C TYR A 241 -13.14 16.99 -0.76
N GLY A 242 -14.07 16.42 -1.53
CA GLY A 242 -15.09 17.21 -2.18
C GLY A 242 -16.49 16.69 -1.89
N LYS A 243 -17.21 16.32 -2.94
CA LYS A 243 -18.57 15.81 -2.80
C LYS A 243 -18.58 14.28 -2.83
N ARG A 244 -19.48 13.68 -2.04
CA ARG A 244 -19.59 12.24 -1.99
C ARG A 244 -20.61 11.73 -3.00
N SER A 245 -20.63 10.41 -3.19
CA SER A 245 -21.56 9.80 -4.14
C SER A 245 -22.11 8.49 -3.58
N ASN A 246 -21.25 7.69 -2.97
CA ASN A 246 -21.65 6.41 -2.41
C ASN A 246 -20.57 5.86 -1.48
N SER A 247 -20.93 5.60 -0.23
CA SER A 247 -20.00 5.08 0.75
C SER A 247 -19.32 3.81 0.24
N ARG A 248 -18.34 3.33 0.98
CA ARG A 248 -17.62 2.12 0.60
C ARG A 248 -16.81 1.58 1.77
N LYS A 249 -16.39 0.32 1.67
CA LYS A 249 -15.62 -0.32 2.73
C LYS A 249 -14.14 0.02 2.58
N LYS A 250 -13.38 -0.21 3.66
CA LYS A 250 -11.94 0.07 3.65
C LYS A 250 -11.14 -1.23 3.56
CA CA B . 6.12 14.18 6.31
CA CA C . 9.56 -7.48 1.51
ZN ZN D . 9.90 3.37 8.32
ZN ZN E . -1.78 -0.20 1.06
N LEU A 1 -3.58 -14.82 -12.63
CA LEU A 1 -2.27 -15.33 -12.99
C LEU A 1 -2.17 -16.83 -12.72
N PRO A 2 -2.35 -17.21 -11.44
CA PRO A 2 -2.28 -18.62 -11.02
C PRO A 2 -3.46 -19.43 -11.53
N LEU A 3 -3.26 -20.11 -12.65
CA LEU A 3 -4.32 -20.93 -13.25
C LEU A 3 -4.61 -22.14 -12.38
N PRO A 4 -3.60 -22.99 -12.17
CA PRO A 4 -3.73 -24.20 -11.35
C PRO A 4 -3.90 -23.89 -9.87
N GLN A 5 -3.96 -24.93 -9.05
CA GLN A 5 -4.11 -24.76 -7.61
C GLN A 5 -2.87 -25.22 -6.86
N GLU A 6 -2.37 -24.39 -5.96
CA GLU A 6 -1.18 -24.71 -5.18
C GLU A 6 -1.56 -25.31 -3.83
N ALA A 7 -2.75 -24.97 -3.36
CA ALA A 7 -3.24 -25.47 -2.08
C ALA A 7 -3.24 -26.99 -2.06
N GLY A 8 -3.51 -27.61 -3.20
CA GLY A 8 -3.53 -29.05 -3.28
C GLY A 8 -2.23 -29.68 -2.82
N GLY A 9 -1.12 -29.04 -3.13
CA GLY A 9 0.18 -29.56 -2.73
C GLY A 9 0.82 -28.72 -1.65
N MET A 10 0.02 -27.95 -0.93
CA MET A 10 0.53 -27.10 0.14
C MET A 10 0.69 -27.90 1.43
N SER A 11 1.48 -27.37 2.36
CA SER A 11 1.72 -28.02 3.63
C SER A 11 1.18 -27.20 4.79
N GLU A 12 1.13 -27.80 5.98
CA GLU A 12 0.62 -27.12 7.16
C GLU A 12 1.36 -25.81 7.37
N LEU A 13 2.63 -25.77 7.00
CA LEU A 13 3.45 -24.57 7.16
C LEU A 13 2.90 -23.42 6.31
N GLN A 14 2.50 -23.73 5.08
CA GLN A 14 1.97 -22.73 4.18
C GLN A 14 0.67 -22.14 4.73
N TRP A 15 -0.19 -23.01 5.27
CA TRP A 15 -1.46 -22.59 5.83
C TRP A 15 -1.25 -21.85 7.15
N GLU A 16 -0.29 -22.32 7.94
CA GLU A 16 0.00 -21.71 9.24
C GLU A 16 0.66 -20.35 9.05
N GLN A 17 1.49 -20.23 8.02
CA GLN A 17 2.19 -18.99 7.73
C GLN A 17 1.22 -17.91 7.27
N ALA A 18 0.22 -18.32 6.50
CA ALA A 18 -0.78 -17.38 5.99
C ALA A 18 -1.48 -16.65 7.14
N GLN A 19 -1.71 -17.36 8.23
CA GLN A 19 -2.36 -16.77 9.40
C GLN A 19 -1.46 -15.75 10.08
N ASP A 20 -0.19 -16.10 10.21
CA ASP A 20 0.79 -15.21 10.85
C ASP A 20 0.99 -13.95 10.02
N TYR A 21 0.86 -14.08 8.70
CA TYR A 21 1.02 -12.95 7.81
C TYR A 21 -0.13 -11.96 7.94
N LEU A 22 -1.33 -12.49 8.16
CA LEU A 22 -2.52 -11.65 8.31
C LEU A 22 -2.50 -10.92 9.65
N LYS A 23 -1.81 -11.50 10.62
CA LYS A 23 -1.71 -10.91 11.95
C LYS A 23 -0.90 -9.61 11.91
N ARG A 24 0.07 -9.56 11.01
CA ARG A 24 0.93 -8.39 10.87
C ARG A 24 0.28 -7.36 9.94
N PHE A 25 -0.55 -7.85 9.03
CA PHE A 25 -1.23 -6.97 8.07
C PHE A 25 -2.36 -6.20 8.75
N TYR A 26 -2.51 -6.40 10.06
CA TYR A 26 -3.55 -5.73 10.82
C TYR A 26 -2.94 -4.83 11.90
N LEU A 27 -2.46 -5.46 12.98
CA LEU A 27 -1.85 -4.73 14.07
C LEU A 27 -0.91 -5.62 14.87
N TYR A 28 -0.44 -6.69 14.24
CA TYR A 28 0.48 -7.62 14.89
C TYR A 28 -0.06 -8.05 16.25
N ASP A 29 -0.85 -9.12 16.26
CA ASP A 29 -1.42 -9.63 17.50
C ASP A 29 -1.08 -11.10 17.70
N SER A 30 -0.32 -11.39 18.74
CA SER A 30 0.09 -12.76 19.03
C SER A 30 -0.99 -13.49 19.81
N GLU A 31 -2.03 -12.76 20.21
CA GLU A 31 -3.12 -13.34 20.97
C GLU A 31 -4.24 -13.82 20.04
N THR A 32 -4.27 -13.25 18.83
CA THR A 32 -5.28 -13.62 17.85
C THR A 32 -4.96 -14.95 17.20
N LYS A 33 -3.70 -15.37 17.30
CA LYS A 33 -3.26 -16.63 16.72
C LYS A 33 -4.10 -17.79 17.23
N ASN A 34 -5.06 -18.22 16.41
CA ASN A 34 -5.94 -19.33 16.77
C ASN A 34 -6.91 -19.63 15.65
N ALA A 35 -7.40 -20.87 15.62
CA ALA A 35 -8.35 -21.30 14.59
C ALA A 35 -9.71 -20.65 14.81
N ASN A 36 -10.07 -20.46 16.08
CA ASN A 36 -11.35 -19.85 16.42
C ASN A 36 -11.39 -18.39 16.00
N SER A 37 -10.29 -17.69 16.19
CA SER A 37 -10.19 -16.28 15.83
C SER A 37 -9.80 -16.12 14.37
N LEU A 38 -9.22 -17.17 13.80
CA LEU A 38 -8.79 -17.15 12.40
C LEU A 38 -9.97 -16.84 11.47
N GLU A 39 -11.09 -17.51 11.72
CA GLU A 39 -12.28 -17.31 10.91
C GLU A 39 -12.71 -15.85 10.93
N ALA A 40 -12.73 -15.25 12.11
CA ALA A 40 -13.12 -13.86 12.26
C ALA A 40 -12.12 -12.93 11.58
N LYS A 41 -10.85 -13.29 11.64
CA LYS A 41 -9.80 -12.49 11.03
C LYS A 41 -9.87 -12.57 9.51
N LEU A 42 -9.95 -13.80 8.99
CA LEU A 42 -10.03 -14.02 7.55
C LEU A 42 -11.25 -13.32 6.96
N LYS A 43 -12.34 -13.31 7.72
CA LYS A 43 -13.57 -12.66 7.27
C LYS A 43 -13.34 -11.19 6.95
N GLU A 44 -12.65 -10.50 7.84
CA GLU A 44 -12.36 -9.09 7.67
C GLU A 44 -11.34 -8.88 6.54
N MET A 45 -10.40 -9.80 6.44
CA MET A 45 -9.36 -9.72 5.40
C MET A 45 -9.96 -9.98 4.03
N GLN A 46 -10.92 -10.89 3.96
CA GLN A 46 -11.57 -11.23 2.70
C GLN A 46 -12.39 -10.05 2.17
N LYS A 47 -13.12 -9.40 3.06
CA LYS A 47 -13.94 -8.25 2.68
C LYS A 47 -13.08 -7.03 2.40
N PHE A 48 -11.85 -7.04 2.93
CA PHE A 48 -10.93 -5.94 2.73
C PHE A 48 -10.42 -5.90 1.29
N PHE A 49 -10.19 -7.08 0.72
CA PHE A 49 -9.71 -7.19 -0.65
C PHE A 49 -10.85 -7.05 -1.65
N GLY A 50 -12.06 -7.45 -1.22
CA GLY A 50 -13.22 -7.38 -2.09
C GLY A 50 -13.66 -8.73 -2.59
N LEU A 51 -12.83 -9.74 -2.37
CA LEU A 51 -13.14 -11.10 -2.80
C LEU A 51 -14.38 -11.62 -2.10
N PRO A 52 -15.25 -12.31 -2.86
CA PRO A 52 -16.49 -12.89 -2.34
C PRO A 52 -16.23 -14.07 -1.40
N ILE A 53 -15.48 -15.05 -1.87
CA ILE A 53 -15.16 -16.23 -1.07
C ILE A 53 -14.63 -15.82 0.30
N THR A 54 -15.44 -16.04 1.33
CA THR A 54 -15.05 -15.69 2.69
C THR A 54 -14.84 -16.95 3.53
N GLY A 55 -14.23 -16.79 4.70
CA GLY A 55 -13.99 -17.91 5.58
C GLY A 55 -13.16 -19.00 4.91
N MET A 56 -12.46 -18.63 3.84
CA MET A 56 -11.63 -19.59 3.11
C MET A 56 -10.17 -19.16 3.12
N LEU A 57 -9.28 -20.10 2.84
CA LEU A 57 -7.85 -19.81 2.82
C LEU A 57 -7.08 -20.94 2.12
N ASN A 58 -7.00 -20.84 0.79
CA ASN A 58 -6.30 -21.84 0.00
C ASN A 58 -6.44 -21.55 -1.49
N SER A 59 -7.56 -20.94 -1.87
CA SER A 59 -7.83 -20.60 -3.26
C SER A 59 -7.28 -19.23 -3.61
N ARG A 60 -8.17 -18.24 -3.66
CA ARG A 60 -7.78 -16.88 -3.98
C ARG A 60 -7.29 -16.14 -2.73
N VAL A 61 -7.80 -16.55 -1.57
CA VAL A 61 -7.41 -15.92 -0.31
C VAL A 61 -5.94 -16.17 -0.01
N ILE A 62 -5.50 -17.40 -0.25
CA ILE A 62 -4.10 -17.77 0.00
C ILE A 62 -3.18 -17.19 -1.06
N GLU A 63 -3.71 -17.05 -2.28
CA GLU A 63 -2.94 -16.51 -3.39
C GLU A 63 -2.44 -15.10 -3.08
N ILE A 64 -3.31 -14.31 -2.45
CA ILE A 64 -2.96 -12.94 -2.08
C ILE A 64 -1.89 -12.90 -1.00
N MET A 65 -1.87 -13.94 -0.16
CA MET A 65 -0.89 -14.03 0.92
C MET A 65 0.53 -14.05 0.36
N GLN A 66 0.72 -14.76 -0.74
CA GLN A 66 2.04 -14.86 -1.38
C GLN A 66 2.28 -13.68 -2.30
N LYS A 67 1.20 -13.06 -2.77
CA LYS A 67 1.29 -11.93 -3.67
C LYS A 67 1.46 -10.62 -2.88
N PRO A 68 2.64 -10.00 -2.99
CA PRO A 68 2.94 -8.75 -2.30
C PRO A 68 2.17 -7.57 -2.86
N ARG A 69 1.90 -6.58 -2.02
CA ARG A 69 1.16 -5.39 -2.43
C ARG A 69 1.67 -4.15 -1.71
N CYS A 70 1.42 -4.09 -0.41
CA CYS A 70 1.84 -2.95 0.40
C CYS A 70 2.23 -3.40 1.80
N GLY A 71 3.14 -2.66 2.43
CA GLY A 71 3.58 -3.00 3.77
C GLY A 71 2.71 -2.38 4.84
N VAL A 72 1.64 -1.71 4.42
CA VAL A 72 0.72 -1.06 5.36
C VAL A 72 -0.43 -1.99 5.71
N PRO A 73 -0.77 -2.05 7.01
CA PRO A 73 -1.85 -2.89 7.52
C PRO A 73 -3.23 -2.38 7.09
N ASP A 74 -4.18 -3.29 6.97
CA ASP A 74 -5.54 -2.93 6.58
C ASP A 74 -6.14 -1.92 7.56
N VAL A 75 -5.73 -2.01 8.82
CA VAL A 75 -6.23 -1.11 9.85
C VAL A 75 -5.13 -0.17 10.33
N ALA A 76 -5.45 1.12 10.34
CA ALA A 76 -4.51 2.14 10.77
C ALA A 76 -5.13 3.09 11.78
N GLU A 77 -4.30 3.93 12.40
CA GLU A 77 -4.79 4.88 13.39
C GLU A 77 -3.68 5.85 13.80
N TYR A 78 -4.06 7.03 14.26
CA TYR A 78 -3.11 8.04 14.68
C TYR A 78 -3.80 9.21 15.38
N SER A 79 -3.02 10.03 16.07
CA SER A 79 -3.56 11.17 16.80
C SER A 79 -4.45 12.01 15.89
N LEU A 80 -5.31 12.83 16.50
CA LEU A 80 -6.22 13.68 15.75
C LEU A 80 -5.63 15.08 15.60
N PHE A 81 -4.31 15.16 15.49
CA PHE A 81 -3.63 16.44 15.34
C PHE A 81 -3.91 17.05 13.96
N PRO A 82 -3.53 16.31 12.91
CA PRO A 82 -3.74 16.77 11.52
C PRO A 82 -5.21 16.75 11.12
N ASN A 83 -5.74 17.92 10.81
CA ASN A 83 -7.14 18.05 10.41
C ASN A 83 -7.48 17.07 9.30
N SER A 84 -8.47 16.21 9.54
CA SER A 84 -8.89 15.23 8.56
C SER A 84 -7.77 14.23 8.28
N PRO A 85 -8.14 13.03 7.82
CA PRO A 85 -7.18 11.96 7.50
C PRO A 85 -6.35 12.28 6.27
N LYS A 86 -7.02 12.67 5.19
CA LYS A 86 -6.34 13.02 3.95
C LYS A 86 -5.72 14.41 4.03
N TRP A 87 -4.77 14.67 3.15
CA TRP A 87 -4.10 15.97 3.11
C TRP A 87 -5.11 17.11 3.11
N THR A 88 -5.08 17.92 4.16
CA THR A 88 -6.00 19.04 4.28
C THR A 88 -5.26 20.37 4.26
N SER A 89 -3.93 20.29 4.12
CA SER A 89 -3.10 21.49 4.08
C SER A 89 -3.39 22.32 2.84
N LYS A 90 -2.64 23.40 2.67
CA LYS A 90 -2.82 24.28 1.52
C LYS A 90 -1.89 23.86 0.37
N VAL A 91 -0.82 23.16 0.70
CA VAL A 91 0.14 22.70 -0.30
C VAL A 91 0.88 21.47 0.18
N VAL A 92 1.15 20.55 -0.75
CA VAL A 92 1.87 19.31 -0.42
C VAL A 92 3.19 19.23 -1.17
N THR A 93 4.26 18.94 -0.43
CA THR A 93 5.58 18.83 -1.02
C THR A 93 6.18 17.45 -0.76
N TYR A 94 7.21 17.10 -1.54
CA TYR A 94 7.87 15.81 -1.40
C TYR A 94 9.33 15.90 -1.82
N ARG A 95 10.19 15.13 -1.16
CA ARG A 95 11.62 15.12 -1.47
C ARG A 95 12.22 13.74 -1.22
N ILE A 96 13.04 13.28 -2.15
CA ILE A 96 13.68 11.97 -2.03
C ILE A 96 14.81 12.02 -1.01
N VAL A 97 14.87 11.00 -0.15
CA VAL A 97 15.90 10.91 0.87
C VAL A 97 17.12 10.16 0.36
N SER A 98 16.88 9.09 -0.38
CA SER A 98 17.96 8.27 -0.94
C SER A 98 17.60 7.76 -2.33
N TYR A 99 18.60 7.28 -3.05
CA TYR A 99 18.40 6.76 -4.40
C TYR A 99 18.63 5.25 -4.43
N THR A 100 17.97 4.57 -5.37
CA THR A 100 18.09 3.13 -5.52
C THR A 100 19.35 2.77 -6.32
N ARG A 101 20.03 1.70 -5.89
CA ARG A 101 21.24 1.25 -6.57
C ARG A 101 20.90 0.60 -7.91
N ASP A 102 19.61 0.40 -8.15
CA ASP A 102 19.15 -0.22 -9.39
C ASP A 102 18.75 0.84 -10.41
N LEU A 103 18.36 2.01 -9.91
CA LEU A 103 17.94 3.10 -10.78
C LEU A 103 18.59 4.41 -10.35
N PRO A 104 18.75 5.34 -11.31
CA PRO A 104 19.35 6.65 -11.04
C PRO A 104 18.46 7.54 -10.19
N HIS A 105 19.07 8.44 -9.42
CA HIS A 105 18.32 9.35 -8.57
C HIS A 105 17.27 10.11 -9.37
N ILE A 106 17.52 10.26 -10.67
CA ILE A 106 16.59 10.97 -11.54
C ILE A 106 15.37 10.10 -11.88
N THR A 107 15.62 8.81 -12.09
CA THR A 107 14.56 7.88 -12.42
C THR A 107 13.64 7.65 -11.23
N VAL A 108 14.22 7.57 -10.04
CA VAL A 108 13.46 7.36 -8.81
C VAL A 108 12.68 8.61 -8.43
N ASP A 109 13.34 9.76 -8.50
CA ASP A 109 12.71 11.03 -8.17
C ASP A 109 11.60 11.37 -9.17
N ARG A 110 11.87 11.13 -10.45
CA ARG A 110 10.90 11.42 -11.50
C ARG A 110 9.72 10.44 -11.43
N LEU A 111 10.02 9.20 -11.04
CA LEU A 111 8.99 8.18 -10.93
C LEU A 111 7.92 8.57 -9.91
N VAL A 112 8.36 9.01 -8.74
CA VAL A 112 7.44 9.43 -7.68
C VAL A 112 6.50 10.51 -8.18
N SER A 113 7.03 11.45 -8.95
CA SER A 113 6.23 12.55 -9.48
C SER A 113 5.26 12.04 -10.55
N LYS A 114 5.69 11.04 -11.30
CA LYS A 114 4.87 10.45 -12.35
C LYS A 114 3.58 9.85 -11.77
N ALA A 115 3.69 9.32 -10.56
CA ALA A 115 2.55 8.70 -9.88
C ALA A 115 1.87 9.69 -8.95
N LEU A 116 2.68 10.47 -8.23
CA LEU A 116 2.17 11.46 -7.30
C LEU A 116 1.38 12.55 -8.03
N ASN A 117 1.82 12.86 -9.24
CA ASN A 117 1.17 13.89 -10.05
C ASN A 117 -0.25 13.47 -10.43
N MET A 118 -0.41 12.18 -10.75
CA MET A 118 -1.71 11.65 -11.14
C MET A 118 -2.72 11.83 -10.00
N TRP A 119 -2.25 11.72 -8.77
CA TRP A 119 -3.11 11.87 -7.61
C TRP A 119 -3.62 13.29 -7.48
N GLY A 120 -2.71 14.25 -7.51
CA GLY A 120 -3.09 15.65 -7.42
C GLY A 120 -4.01 16.08 -8.54
N LYS A 121 -3.79 15.55 -9.72
CA LYS A 121 -4.61 15.88 -10.88
C LYS A 121 -6.05 15.41 -10.69
N GLU A 122 -6.26 14.56 -9.69
CA GLU A 122 -7.58 14.04 -9.38
C GLU A 122 -8.22 14.80 -8.22
N ILE A 123 -7.41 15.57 -7.52
CA ILE A 123 -7.89 16.36 -6.38
C ILE A 123 -7.59 17.83 -6.57
N PRO A 124 -8.53 18.69 -6.14
CA PRO A 124 -8.39 20.15 -6.24
C PRO A 124 -7.31 20.69 -5.31
N LEU A 125 -6.56 19.79 -4.69
CA LEU A 125 -5.49 20.18 -3.77
C LEU A 125 -4.44 21.01 -4.48
N HIS A 126 -3.27 21.13 -3.86
CA HIS A 126 -2.17 21.90 -4.44
C HIS A 126 -0.82 21.25 -4.11
N PHE A 127 -0.06 20.93 -5.15
CA PHE A 127 1.24 20.31 -4.97
C PHE A 127 2.37 21.29 -5.29
N ARG A 128 3.44 21.24 -4.50
CA ARG A 128 4.58 22.13 -4.70
C ARG A 128 5.88 21.33 -4.83
N LYS A 129 6.75 21.78 -5.72
CA LYS A 129 8.03 21.11 -5.94
C LYS A 129 9.04 21.51 -4.87
N VAL A 130 9.98 20.62 -4.60
CA VAL A 130 11.02 20.88 -3.61
C VAL A 130 12.35 21.24 -4.27
N VAL A 131 12.91 22.38 -3.86
CA VAL A 131 14.17 22.84 -4.41
C VAL A 131 15.01 23.56 -3.35
N TRP A 132 14.38 23.84 -2.22
CA TRP A 132 15.07 24.52 -1.13
C TRP A 132 14.38 24.24 0.21
N GLY A 133 15.04 23.45 1.05
CA GLY A 133 14.48 23.11 2.35
C GLY A 133 14.02 21.67 2.42
N THR A 134 13.18 21.37 3.41
CA THR A 134 12.67 20.02 3.60
C THR A 134 11.24 19.90 3.07
N ALA A 135 10.85 18.67 2.73
CA ALA A 135 9.50 18.42 2.21
C ALA A 135 8.68 17.61 3.21
N ASP A 136 7.37 17.58 3.00
CA ASP A 136 6.47 16.84 3.88
C ASP A 136 6.61 15.34 3.65
N ILE A 137 6.43 14.91 2.42
CA ILE A 137 6.53 13.51 2.07
C ILE A 137 7.95 13.15 1.62
N MET A 138 8.67 12.43 2.48
CA MET A 138 10.03 12.02 2.17
C MET A 138 10.06 10.65 1.50
N ILE A 139 10.74 10.57 0.36
CA ILE A 139 10.83 9.31 -0.38
C ILE A 139 12.22 8.70 -0.23
N GLY A 140 12.35 7.79 0.73
CA GLY A 140 13.64 7.13 0.95
C GLY A 140 13.49 5.63 1.13
N PHE A 141 14.59 4.91 0.94
CA PHE A 141 14.59 3.46 1.08
C PHE A 141 15.26 3.04 2.38
N ALA A 142 14.81 1.92 2.93
CA ALA A 142 15.37 1.40 4.18
C ALA A 142 14.52 0.27 4.74
N ARG A 143 15.06 -0.46 5.70
CA ARG A 143 14.35 -1.57 6.32
C ARG A 143 13.83 -1.19 7.70
N GLY A 144 13.06 -2.08 8.31
CA GLY A 144 12.51 -1.82 9.62
C GLY A 144 13.58 -1.49 10.65
N ALA A 145 14.82 -1.83 10.32
CA ALA A 145 15.94 -1.57 11.21
C ALA A 145 16.52 -0.18 10.98
N HIS A 146 15.79 0.65 10.24
CA HIS A 146 16.24 2.00 9.94
C HIS A 146 15.93 2.94 11.10
N GLY A 147 14.98 2.55 11.94
CA GLY A 147 14.62 3.38 13.07
C GLY A 147 13.13 3.42 13.30
N ASP A 148 12.46 2.29 13.10
CA ASP A 148 11.01 2.21 13.29
C ASP A 148 10.61 0.80 13.72
N SER A 149 9.49 0.71 14.46
CA SER A 149 9.00 -0.57 14.94
C SER A 149 8.38 -1.38 13.80
N TYR A 150 7.89 -2.57 14.12
CA TYR A 150 7.28 -3.44 13.12
C TYR A 150 8.32 -3.96 12.14
N PRO A 151 8.45 -5.29 12.07
CA PRO A 151 9.39 -5.95 11.17
C PRO A 151 9.01 -5.81 9.70
N PHE A 152 10.01 -5.69 8.84
CA PHE A 152 9.77 -5.54 7.41
C PHE A 152 9.75 -6.91 6.73
N ASP A 153 10.55 -7.83 7.23
CA ASP A 153 10.63 -9.18 6.67
C ASP A 153 11.39 -9.17 5.35
N GLY A 154 11.83 -7.99 4.94
CA GLY A 154 12.57 -7.86 3.69
C GLY A 154 11.88 -8.57 2.54
N PRO A 155 12.46 -9.69 2.09
CA PRO A 155 11.91 -10.49 0.99
C PRO A 155 10.61 -11.18 1.36
N GLY A 156 9.65 -11.19 0.43
CA GLY A 156 8.38 -11.82 0.68
C GLY A 156 7.28 -10.82 0.97
N ASN A 157 6.24 -11.26 1.69
CA ASN A 157 5.13 -10.39 2.03
C ASN A 157 5.62 -9.01 2.45
N THR A 158 4.76 -8.00 2.26
CA THR A 158 5.11 -6.64 2.61
C THR A 158 5.97 -5.99 1.54
N LEU A 159 5.44 -4.97 0.88
CA LEU A 159 6.16 -4.26 -0.17
C LEU A 159 6.77 -2.97 0.35
N ALA A 160 5.94 -2.15 1.00
CA ALA A 160 6.39 -0.89 1.56
C ALA A 160 5.39 -0.34 2.57
N HIS A 161 5.90 0.37 3.57
CA HIS A 161 5.05 0.95 4.61
C HIS A 161 4.97 2.46 4.46
N ALA A 162 3.74 2.97 4.37
CA ALA A 162 3.53 4.41 4.23
C ALA A 162 2.90 5.00 5.48
N PHE A 163 3.09 6.30 5.68
CA PHE A 163 2.54 6.98 6.85
C PHE A 163 1.54 8.05 6.42
N ALA A 164 0.57 8.32 7.30
CA ALA A 164 -0.45 9.32 7.02
C ALA A 164 0.07 10.73 7.29
N PRO A 165 -0.65 11.74 6.77
CA PRO A 165 -0.27 13.14 6.94
C PRO A 165 -0.45 13.62 8.38
N GLY A 166 0.49 13.26 9.24
CA GLY A 166 0.43 13.66 10.64
C GLY A 166 1.78 14.06 11.20
N THR A 167 1.84 15.22 11.81
CA THR A 167 3.08 15.72 12.40
C THR A 167 4.13 15.97 11.32
N GLY A 168 5.36 16.22 11.75
CA GLY A 168 6.44 16.47 10.81
C GLY A 168 7.09 15.19 10.32
N LEU A 169 7.46 14.32 11.26
CA LEU A 169 8.10 13.06 10.92
C LEU A 169 7.12 12.13 10.20
N GLY A 170 5.83 12.30 10.48
CA GLY A 170 4.82 11.47 9.87
C GLY A 170 4.41 11.99 8.50
N GLY A 171 3.82 11.12 7.69
CA GLY A 171 3.38 11.51 6.36
C GLY A 171 4.47 11.34 5.32
N ASP A 172 5.44 10.46 5.60
CA ASP A 172 6.54 10.22 4.70
C ASP A 172 6.32 8.93 3.91
N ALA A 173 7.08 8.75 2.83
CA ALA A 173 6.96 7.55 2.01
C ALA A 173 8.21 6.69 2.11
N HIS A 174 8.01 5.41 2.36
CA HIS A 174 9.14 4.47 2.48
C HIS A 174 8.96 3.29 1.53
N PHE A 175 10.07 2.63 1.21
CA PHE A 175 10.04 1.48 0.31
C PHE A 175 10.97 0.37 0.81
N ASP A 176 10.50 -0.87 0.70
CA ASP A 176 11.28 -2.03 1.14
C ASP A 176 12.51 -2.21 0.26
N GLU A 177 13.65 -1.71 0.72
CA GLU A 177 14.89 -1.83 -0.03
C GLU A 177 15.23 -3.28 -0.31
N ASP A 178 14.59 -4.19 0.43
CA ASP A 178 14.82 -5.61 0.27
C ASP A 178 14.07 -6.16 -0.95
N GLU A 179 13.11 -5.37 -1.44
CA GLU A 179 12.32 -5.78 -2.60
C GLU A 179 13.05 -5.44 -3.90
N ARG A 180 12.38 -5.65 -5.03
CA ARG A 180 12.97 -5.37 -6.32
C ARG A 180 12.30 -4.16 -6.98
N TRP A 181 13.04 -3.06 -7.08
CA TRP A 181 12.52 -1.84 -7.69
C TRP A 181 13.20 -1.56 -9.03
N THR A 182 12.40 -1.22 -10.02
CA THR A 182 12.92 -0.93 -11.36
C THR A 182 11.80 -0.49 -12.30
N ASP A 183 12.19 0.12 -13.42
CA ASP A 183 11.22 0.58 -14.41
C ASP A 183 11.53 0.01 -15.79
N GLY A 184 12.62 0.47 -16.39
CA GLY A 184 13.00 -0.01 -17.70
C GLY A 184 13.34 -1.49 -17.70
N SER A 185 13.50 -2.06 -16.51
CA SER A 185 13.82 -3.47 -16.38
C SER A 185 12.56 -4.31 -16.21
N SER A 186 11.50 -3.68 -15.72
CA SER A 186 10.23 -4.37 -15.50
C SER A 186 10.46 -5.80 -15.05
N LEU A 187 11.15 -5.96 -13.93
CA LEU A 187 11.44 -7.28 -13.38
C LEU A 187 10.80 -7.45 -12.01
N GLY A 188 10.72 -6.36 -11.26
CA GLY A 188 10.12 -6.42 -9.94
C GLY A 188 8.90 -5.51 -9.81
N ILE A 189 8.81 -4.83 -8.68
CA ILE A 189 7.68 -3.92 -8.43
C ILE A 189 7.90 -2.59 -9.14
N ASN A 190 7.20 -2.39 -10.25
CA ASN A 190 7.32 -1.16 -11.02
C ASN A 190 7.17 0.06 -10.12
N PHE A 191 8.21 0.89 -10.08
CA PHE A 191 8.20 2.09 -9.25
C PHE A 191 6.99 2.95 -9.56
N LEU A 192 6.56 2.94 -10.82
CA LEU A 192 5.41 3.72 -11.25
C LEU A 192 4.12 3.19 -10.63
N TYR A 193 3.95 1.87 -10.69
CA TYR A 193 2.76 1.22 -10.13
C TYR A 193 2.78 1.29 -8.60
N ALA A 194 3.95 1.04 -8.02
CA ALA A 194 4.10 1.07 -6.57
C ALA A 194 3.97 2.48 -6.04
N ALA A 195 4.46 3.45 -6.81
CA ALA A 195 4.40 4.85 -6.41
C ALA A 195 2.96 5.29 -6.14
N THR A 196 2.04 4.86 -7.01
CA THR A 196 0.63 5.21 -6.87
C THR A 196 0.09 4.74 -5.52
N HIS A 197 0.48 3.54 -5.11
CA HIS A 197 0.03 2.97 -3.84
C HIS A 197 0.73 3.67 -2.67
N ALA A 198 2.04 3.85 -2.79
CA ALA A 198 2.81 4.49 -1.73
C ALA A 198 2.44 5.97 -1.60
N LEU A 199 2.41 6.66 -2.74
CA LEU A 199 2.07 8.08 -2.75
C LEU A 199 0.62 8.30 -2.35
N GLY A 200 -0.25 7.39 -2.78
CA GLY A 200 -1.66 7.50 -2.45
C GLY A 200 -1.92 7.35 -0.96
N HIS A 201 -1.06 6.60 -0.29
CA HIS A 201 -1.20 6.38 1.15
C HIS A 201 -0.98 7.67 1.93
N SER A 202 -0.03 8.48 1.46
CA SER A 202 0.28 9.75 2.11
C SER A 202 -0.91 10.71 2.04
N LEU A 203 -1.80 10.46 1.08
CA LEU A 203 -2.98 11.29 0.91
C LEU A 203 -4.14 10.79 1.76
N GLY A 204 -3.90 9.73 2.52
CA GLY A 204 -4.93 9.17 3.37
C GLY A 204 -5.85 8.22 2.63
N MET A 205 -5.67 8.14 1.31
CA MET A 205 -6.49 7.26 0.49
C MET A 205 -6.53 5.84 1.07
N GLY A 206 -7.71 5.23 1.04
CA GLY A 206 -7.86 3.89 1.56
C GLY A 206 -7.93 2.84 0.47
N HIS A 207 -7.62 1.59 0.83
CA HIS A 207 -7.66 0.50 -0.13
C HIS A 207 -9.03 0.36 -0.77
N SER A 208 -9.06 -0.13 -2.00
CA SER A 208 -10.32 -0.31 -2.72
C SER A 208 -10.58 -1.78 -3.02
N SER A 209 -11.85 -2.16 -3.02
CA SER A 209 -12.23 -3.54 -3.28
C SER A 209 -12.41 -3.78 -4.78
N ASP A 210 -12.29 -2.71 -5.56
CA ASP A 210 -12.44 -2.81 -7.01
C ASP A 210 -11.24 -3.52 -7.63
N PRO A 211 -11.51 -4.43 -8.58
CA PRO A 211 -10.47 -5.20 -9.26
C PRO A 211 -9.64 -4.33 -10.20
N ASN A 212 -10.06 -3.09 -10.39
CA ASN A 212 -9.35 -2.16 -11.26
C ASN A 212 -8.96 -0.90 -10.50
N ALA A 213 -8.86 -1.02 -9.18
CA ALA A 213 -8.48 0.11 -8.34
C ALA A 213 -6.96 0.22 -8.21
N VAL A 214 -6.47 1.45 -8.13
CA VAL A 214 -5.05 1.69 -8.00
C VAL A 214 -4.53 1.24 -6.64
N MET A 215 -5.40 1.29 -5.64
CA MET A 215 -5.03 0.89 -4.28
C MET A 215 -5.39 -0.58 -4.04
N TYR A 216 -5.74 -1.27 -5.11
CA TYR A 216 -6.11 -2.69 -5.00
C TYR A 216 -4.99 -3.50 -4.34
N PRO A 217 -5.28 -4.04 -3.16
CA PRO A 217 -4.31 -4.84 -2.40
C PRO A 217 -4.03 -6.19 -3.07
N THR A 218 -4.94 -6.62 -3.93
CA THR A 218 -4.80 -7.89 -4.63
C THR A 218 -3.98 -7.72 -5.91
N TYR A 219 -2.83 -7.07 -5.78
CA TYR A 219 -1.96 -6.85 -6.92
C TYR A 219 -1.47 -8.17 -7.51
N GLY A 220 -1.72 -8.36 -8.80
CA GLY A 220 -1.31 -9.58 -9.46
C GLY A 220 -1.16 -9.42 -10.96
N ASN A 221 -1.90 -10.21 -11.72
CA ASN A 221 -1.85 -10.15 -13.17
C ASN A 221 -2.19 -8.74 -13.68
N GLY A 222 -2.11 -8.56 -14.98
CA GLY A 222 -2.41 -7.25 -15.56
C GLY A 222 -1.33 -6.24 -15.27
N ASP A 223 -0.44 -6.02 -16.23
CA ASP A 223 0.65 -5.06 -16.07
C ASP A 223 0.56 -3.97 -17.13
N PRO A 224 0.06 -2.79 -16.73
CA PRO A 224 -0.09 -1.64 -17.63
C PRO A 224 1.26 -1.04 -18.01
N GLN A 225 1.36 -0.59 -19.26
CA GLN A 225 2.60 0.01 -19.75
C GLN A 225 2.69 1.48 -19.33
N ASN A 226 1.54 2.08 -19.04
CA ASN A 226 1.50 3.48 -18.63
C ASN A 226 0.76 3.63 -17.31
N PHE A 227 -0.27 2.82 -17.12
CA PHE A 227 -1.06 2.86 -15.89
C PHE A 227 -1.82 4.18 -15.78
N LYS A 228 -3.04 4.11 -15.24
CA LYS A 228 -3.87 5.30 -15.08
C LYS A 228 -4.66 5.23 -13.77
N LEU A 229 -5.18 6.38 -13.35
CA LEU A 229 -5.95 6.45 -12.12
C LEU A 229 -7.21 5.59 -12.22
N SER A 230 -7.65 5.05 -11.08
CA SER A 230 -8.83 4.20 -11.03
C SER A 230 -10.09 5.05 -10.86
N GLN A 231 -11.19 4.57 -11.42
CA GLN A 231 -12.47 5.28 -11.33
C GLN A 231 -12.90 5.43 -9.89
N ASP A 232 -13.26 4.31 -9.26
CA ASP A 232 -13.69 4.32 -7.87
C ASP A 232 -12.64 4.98 -6.97
N ASP A 233 -11.39 4.93 -7.42
CA ASP A 233 -10.29 5.51 -6.65
C ASP A 233 -10.40 7.04 -6.63
N ILE A 234 -10.61 7.63 -7.81
CA ILE A 234 -10.73 9.08 -7.91
C ILE A 234 -12.01 9.58 -7.25
N LYS A 235 -13.11 8.86 -7.49
CA LYS A 235 -14.39 9.23 -6.91
C LYS A 235 -14.36 9.12 -5.38
N GLY A 236 -13.57 8.18 -4.88
CA GLY A 236 -13.48 8.00 -3.44
C GLY A 236 -12.88 9.21 -2.74
N ILE A 237 -11.77 9.70 -3.25
CA ILE A 237 -11.11 10.86 -2.67
C ILE A 237 -11.86 12.14 -2.98
N GLN A 238 -12.54 12.15 -4.13
CA GLN A 238 -13.32 13.32 -4.55
C GLN A 238 -14.52 13.53 -3.62
N LYS A 239 -14.96 12.45 -2.98
CA LYS A 239 -16.10 12.52 -2.08
C LYS A 239 -15.71 13.20 -0.77
N LEU A 240 -14.43 13.12 -0.42
CA LEU A 240 -13.94 13.73 0.81
C LEU A 240 -13.31 15.09 0.52
N TYR A 241 -12.77 15.25 -0.68
CA TYR A 241 -12.15 16.50 -1.08
C TYR A 241 -13.15 17.43 -1.76
N GLY A 242 -14.07 16.83 -2.52
CA GLY A 242 -15.08 17.61 -3.22
C GLY A 242 -16.46 17.00 -3.12
N LYS A 243 -17.04 16.66 -4.26
CA LYS A 243 -18.37 16.07 -4.30
C LYS A 243 -18.28 14.55 -4.24
N ARG A 244 -19.32 13.91 -3.71
CA ARG A 244 -19.37 12.46 -3.60
C ARG A 244 -20.13 11.85 -4.77
N SER A 245 -20.41 10.55 -4.67
CA SER A 245 -21.13 9.84 -5.73
C SER A 245 -21.46 8.42 -5.29
N ASN A 246 -21.94 8.27 -4.06
CA ASN A 246 -22.29 6.96 -3.52
C ASN A 246 -21.06 6.06 -3.43
N SER A 247 -20.29 6.23 -2.36
CA SER A 247 -19.09 5.44 -2.16
C SER A 247 -18.48 5.71 -0.79
N ARG A 248 -17.99 4.65 -0.14
CA ARG A 248 -17.39 4.77 1.18
C ARG A 248 -16.89 3.42 1.68
N LYS A 249 -16.24 3.44 2.85
CA LYS A 249 -15.71 2.21 3.43
C LYS A 249 -15.12 2.48 4.82
N LYS A 250 -14.51 1.46 5.40
CA LYS A 250 -13.92 1.58 6.72
C LYS A 250 -12.54 2.25 6.64
CA CA B . 6.43 14.23 6.98
CA CA C . 9.25 -7.70 1.53
ZN ZN D . 10.23 3.10 8.05
ZN ZN E . -1.84 -0.12 0.83
N LEU A 1 -0.63 -16.30 -12.41
CA LEU A 1 -1.86 -17.03 -12.67
C LEU A 1 -1.65 -18.54 -12.53
N PRO A 2 -1.51 -19.00 -11.28
CA PRO A 2 -1.29 -20.42 -10.99
C PRO A 2 -2.54 -21.26 -11.26
N LEU A 3 -2.45 -22.12 -12.26
CA LEU A 3 -3.57 -22.99 -12.63
C LEU A 3 -3.83 -24.03 -11.55
N PRO A 4 -2.82 -24.88 -11.28
CA PRO A 4 -2.90 -25.93 -10.27
C PRO A 4 -2.93 -25.37 -8.85
N GLN A 5 -3.22 -26.24 -7.89
CA GLN A 5 -3.27 -25.83 -6.49
C GLN A 5 -2.19 -26.53 -5.67
N GLU A 6 -1.46 -25.75 -4.87
CA GLU A 6 -0.40 -26.30 -4.04
C GLU A 6 -0.90 -26.58 -2.63
N ALA A 7 -2.06 -26.02 -2.30
CA ALA A 7 -2.64 -26.21 -0.98
C ALA A 7 -2.84 -27.69 -0.68
N GLY A 8 -3.14 -28.47 -1.71
CA GLY A 8 -3.34 -29.89 -1.53
C GLY A 8 -2.16 -30.58 -0.89
N GLY A 9 -0.95 -30.21 -1.31
CA GLY A 9 0.25 -30.80 -0.76
C GLY A 9 1.03 -29.83 0.11
N MET A 10 0.34 -28.80 0.59
CA MET A 10 0.97 -27.79 1.44
C MET A 10 1.14 -28.30 2.87
N SER A 11 2.13 -27.77 3.57
CA SER A 11 2.40 -28.17 4.95
C SER A 11 1.76 -27.20 5.94
N GLU A 12 1.73 -27.59 7.21
CA GLU A 12 1.15 -26.75 8.25
C GLU A 12 1.78 -25.36 8.24
N LEU A 13 3.05 -25.29 7.87
CA LEU A 13 3.77 -24.02 7.82
C LEU A 13 3.12 -23.07 6.81
N GLN A 14 2.72 -23.63 5.66
CA GLN A 14 2.09 -22.83 4.62
C GLN A 14 0.80 -22.19 5.12
N TRP A 15 -0.02 -22.99 5.81
CA TRP A 15 -1.29 -22.51 6.34
C TRP A 15 -1.07 -21.60 7.53
N GLU A 16 -0.04 -21.89 8.31
CA GLU A 16 0.28 -21.10 9.49
C GLU A 16 0.75 -19.70 9.09
N GLN A 17 1.47 -19.61 7.98
CA GLN A 17 1.97 -18.34 7.48
C GLN A 17 0.82 -17.43 7.07
N ALA A 18 -0.21 -18.02 6.49
CA ALA A 18 -1.37 -17.25 6.04
C ALA A 18 -1.99 -16.47 7.20
N GLN A 19 -2.02 -17.08 8.38
CA GLN A 19 -2.59 -16.44 9.56
C GLN A 19 -1.66 -15.34 10.07
N ASP A 20 -0.37 -15.64 10.11
CA ASP A 20 0.63 -14.66 10.58
C ASP A 20 0.71 -13.48 9.63
N TYR A 21 0.48 -13.73 8.34
CA TYR A 21 0.54 -12.68 7.34
C TYR A 21 -0.65 -11.73 7.46
N LEU A 22 -1.83 -12.30 7.67
CA LEU A 22 -3.04 -11.51 7.81
C LEU A 22 -3.09 -10.80 9.16
N LYS A 23 -2.54 -11.46 10.17
CA LYS A 23 -2.50 -10.89 11.52
C LYS A 23 -1.49 -9.76 11.61
N ARG A 24 -0.38 -9.90 10.90
CA ARG A 24 0.66 -8.90 10.89
C ARG A 24 0.22 -7.65 10.13
N PHE A 25 -0.67 -7.84 9.17
CA PHE A 25 -1.18 -6.73 8.36
C PHE A 25 -1.87 -5.70 9.24
N TYR A 26 -2.37 -6.14 10.39
CA TYR A 26 -3.06 -5.25 11.32
C TYR A 26 -2.36 -5.24 12.67
N LEU A 27 -1.05 -5.02 12.65
CA LEU A 27 -0.26 -4.98 13.88
C LEU A 27 -0.16 -6.36 14.51
N TYR A 28 0.21 -6.39 15.79
CA TYR A 28 0.33 -7.65 16.51
C TYR A 28 -1.03 -8.16 16.98
N ASP A 29 -1.68 -8.94 16.13
CA ASP A 29 -2.99 -9.50 16.47
C ASP A 29 -2.86 -10.92 17.00
N SER A 30 -2.72 -11.05 18.31
CA SER A 30 -2.58 -12.35 18.94
C SER A 30 -3.95 -12.96 19.22
N GLU A 31 -4.96 -12.11 19.35
CA GLU A 31 -6.32 -12.57 19.62
C GLU A 31 -6.86 -13.38 18.44
N THR A 32 -6.19 -13.27 17.30
CA THR A 32 -6.60 -14.00 16.11
C THR A 32 -6.16 -15.46 16.17
N LYS A 33 -5.45 -15.81 17.24
CA LYS A 33 -4.98 -17.18 17.42
C LYS A 33 -6.13 -18.18 17.26
N ASN A 34 -5.78 -19.46 17.18
CA ASN A 34 -6.78 -20.52 17.04
C ASN A 34 -7.48 -20.41 15.68
N ALA A 35 -7.87 -21.55 15.13
CA ALA A 35 -8.55 -21.60 13.84
C ALA A 35 -9.99 -21.14 13.98
N ASN A 36 -10.56 -21.32 15.17
CA ASN A 36 -11.94 -20.92 15.43
C ASN A 36 -12.18 -19.48 15.01
N SER A 37 -11.26 -18.60 15.37
CA SER A 37 -11.36 -17.18 15.04
C SER A 37 -10.81 -16.91 13.65
N LEU A 38 -9.94 -17.79 13.18
CA LEU A 38 -9.32 -17.65 11.86
C LEU A 38 -10.39 -17.61 10.77
N GLU A 39 -11.40 -18.45 10.92
CA GLU A 39 -12.49 -18.52 9.95
C GLU A 39 -13.26 -17.20 9.90
N ALA A 40 -13.69 -16.73 11.07
CA ALA A 40 -14.43 -15.48 11.18
C ALA A 40 -13.58 -14.30 10.71
N LYS A 41 -12.31 -14.32 11.06
CA LYS A 41 -11.39 -13.25 10.69
C LYS A 41 -11.13 -13.26 9.18
N LEU A 42 -10.95 -14.46 8.63
CA LEU A 42 -10.69 -14.60 7.20
C LEU A 42 -11.78 -13.92 6.38
N LYS A 43 -13.02 -14.04 6.84
CA LYS A 43 -14.15 -13.43 6.15
C LYS A 43 -13.96 -11.92 6.02
N GLU A 44 -13.56 -11.29 7.11
CA GLU A 44 -13.34 -9.84 7.12
C GLU A 44 -12.27 -9.45 6.11
N MET A 45 -11.29 -10.33 5.92
CA MET A 45 -10.21 -10.07 4.98
C MET A 45 -10.72 -10.08 3.54
N GLN A 46 -11.71 -10.93 3.28
CA GLN A 46 -12.29 -11.03 1.94
C GLN A 46 -12.87 -9.70 1.49
N LYS A 47 -13.52 -9.00 2.43
CA LYS A 47 -14.13 -7.71 2.14
C LYS A 47 -13.07 -6.64 1.92
N PHE A 48 -11.93 -6.79 2.60
CA PHE A 48 -10.83 -5.85 2.50
C PHE A 48 -10.17 -5.94 1.12
N PHE A 49 -9.94 -7.18 0.67
CA PHE A 49 -9.31 -7.40 -0.62
C PHE A 49 -10.32 -7.29 -1.76
N GLY A 50 -11.55 -7.73 -1.49
CA GLY A 50 -12.59 -7.67 -2.49
C GLY A 50 -12.87 -9.03 -3.12
N LEU A 51 -12.05 -10.01 -2.78
CA LEU A 51 -12.21 -11.36 -3.31
C LEU A 51 -13.57 -11.94 -2.94
N PRO A 52 -14.22 -12.60 -3.92
CA PRO A 52 -15.53 -13.20 -3.72
C PRO A 52 -15.47 -14.42 -2.79
N ILE A 53 -14.59 -15.35 -3.11
CA ILE A 53 -14.44 -16.56 -2.30
C ILE A 53 -14.26 -16.23 -0.83
N THR A 54 -15.30 -16.51 -0.04
CA THR A 54 -15.26 -16.24 1.39
C THR A 54 -14.92 -17.50 2.18
N GLY A 55 -14.33 -17.31 3.35
CA GLY A 55 -13.96 -18.45 4.19
C GLY A 55 -13.02 -19.40 3.49
N MET A 56 -12.38 -18.93 2.42
CA MET A 56 -11.44 -19.76 1.66
C MET A 56 -9.99 -19.39 2.00
N LEU A 57 -9.08 -20.29 1.69
CA LEU A 57 -7.66 -20.07 1.96
C LEU A 57 -6.80 -21.12 1.27
N ASN A 58 -6.54 -20.90 -0.02
CA ASN A 58 -5.72 -21.84 -0.80
C ASN A 58 -5.69 -21.42 -2.27
N SER A 59 -6.75 -20.76 -2.71
CA SER A 59 -6.84 -20.32 -4.10
C SER A 59 -6.21 -18.94 -4.27
N ARG A 60 -7.04 -17.92 -4.31
CA ARG A 60 -6.57 -16.55 -4.47
C ARG A 60 -6.17 -15.95 -3.13
N VAL A 61 -6.81 -16.40 -2.06
CA VAL A 61 -6.53 -15.91 -0.72
C VAL A 61 -5.08 -16.20 -0.33
N ILE A 62 -4.62 -17.41 -0.61
CA ILE A 62 -3.26 -17.81 -0.29
C ILE A 62 -2.26 -17.19 -1.28
N GLU A 63 -2.70 -17.00 -2.51
CA GLU A 63 -1.85 -16.42 -3.54
C GLU A 63 -1.39 -15.02 -3.14
N ILE A 64 -2.31 -14.22 -2.62
CA ILE A 64 -2.00 -12.87 -2.19
C ILE A 64 -1.05 -12.87 -1.00
N MET A 65 -1.15 -13.91 -0.18
CA MET A 65 -0.30 -14.03 1.00
C MET A 65 1.17 -14.13 0.60
N GLN A 66 1.44 -14.84 -0.48
CA GLN A 66 2.81 -15.01 -0.96
C GLN A 66 3.23 -13.83 -1.84
N LYS A 67 2.24 -13.17 -2.45
CA LYS A 67 2.50 -12.03 -3.31
C LYS A 67 2.60 -10.74 -2.50
N PRO A 68 3.60 -9.92 -2.83
CA PRO A 68 3.82 -8.64 -2.13
C PRO A 68 2.73 -7.62 -2.45
N ARG A 69 2.57 -6.65 -1.56
CA ARG A 69 1.56 -5.61 -1.74
C ARG A 69 2.01 -4.30 -1.08
N CYS A 70 1.76 -4.19 0.22
CA CYS A 70 2.13 -2.98 0.96
C CYS A 70 2.55 -3.34 2.39
N GLY A 71 3.38 -2.50 2.98
CA GLY A 71 3.84 -2.74 4.34
C GLY A 71 3.22 -1.78 5.33
N VAL A 72 2.06 -1.24 5.00
CA VAL A 72 1.37 -0.31 5.88
C VAL A 72 0.15 -0.96 6.52
N PRO A 73 0.01 -0.74 7.85
CA PRO A 73 -1.11 -1.30 8.61
C PRO A 73 -2.44 -0.65 8.26
N ASP A 74 -3.50 -1.45 8.25
CA ASP A 74 -4.83 -0.95 7.93
C ASP A 74 -5.67 -0.76 9.20
N VAL A 75 -4.98 -0.57 10.32
CA VAL A 75 -5.66 -0.37 11.60
C VAL A 75 -4.93 0.66 12.45
N ALA A 76 -5.68 1.64 12.96
CA ALA A 76 -5.10 2.69 13.80
C ALA A 76 -5.91 2.87 15.08
N GLU A 77 -5.36 3.65 16.00
CA GLU A 77 -6.03 3.91 17.27
C GLU A 77 -5.17 4.78 18.18
N TYR A 78 -5.78 5.31 19.24
CA TYR A 78 -5.06 6.18 20.18
C TYR A 78 -4.51 7.41 19.48
N SER A 79 -4.02 8.36 20.26
CA SER A 79 -3.47 9.60 19.71
C SER A 79 -4.55 10.40 19.01
N LEU A 80 -4.34 11.72 18.92
CA LEU A 80 -5.29 12.60 18.26
C LEU A 80 -4.79 13.02 16.88
N PHE A 81 -5.25 12.32 15.85
CA PHE A 81 -4.84 12.62 14.49
C PHE A 81 -5.01 14.11 14.18
N PRO A 82 -4.26 14.59 13.19
CA PRO A 82 -4.31 16.00 12.78
C PRO A 82 -5.62 16.36 12.09
N ASN A 83 -5.72 17.60 11.60
CA ASN A 83 -6.92 18.06 10.93
C ASN A 83 -7.35 17.08 9.83
N SER A 84 -8.38 16.30 10.12
CA SER A 84 -8.88 15.32 9.17
C SER A 84 -7.83 14.27 8.85
N PRO A 85 -8.26 13.12 8.32
CA PRO A 85 -7.37 12.02 7.97
C PRO A 85 -6.50 12.34 6.75
N LYS A 86 -7.14 12.82 5.68
CA LYS A 86 -6.43 13.16 4.47
C LYS A 86 -5.77 14.53 4.60
N TRP A 87 -4.86 14.84 3.67
CA TRP A 87 -4.14 16.11 3.69
C TRP A 87 -5.13 17.27 3.84
N THR A 88 -4.77 18.25 4.67
CA THR A 88 -5.61 19.41 4.89
C THR A 88 -4.94 20.68 4.40
N SER A 89 -3.61 20.68 4.39
CA SER A 89 -2.84 21.84 3.94
C SER A 89 -3.29 22.29 2.55
N LYS A 90 -2.78 23.43 2.11
CA LYS A 90 -3.13 23.98 0.81
C LYS A 90 -2.20 23.43 -0.27
N VAL A 91 -0.96 23.14 0.12
CA VAL A 91 0.03 22.61 -0.82
C VAL A 91 1.00 21.67 -0.11
N VAL A 92 1.36 20.58 -0.78
CA VAL A 92 2.29 19.61 -0.21
C VAL A 92 3.49 19.41 -1.14
N THR A 93 4.67 19.26 -0.54
CA THR A 93 5.89 19.05 -1.30
C THR A 93 6.50 17.68 -1.01
N TYR A 94 7.27 17.18 -1.97
CA TYR A 94 7.91 15.87 -1.82
C TYR A 94 9.35 15.91 -2.31
N ARG A 95 10.21 15.12 -1.66
CA ARG A 95 11.62 15.07 -2.02
C ARG A 95 12.21 13.70 -1.71
N ILE A 96 13.03 13.19 -2.61
CA ILE A 96 13.67 11.89 -2.43
C ILE A 96 14.80 11.96 -1.40
N VAL A 97 14.82 11.00 -0.48
CA VAL A 97 15.85 10.96 0.55
C VAL A 97 17.05 10.13 0.10
N SER A 98 16.76 9.01 -0.55
CA SER A 98 17.82 8.12 -1.04
C SER A 98 17.38 7.41 -2.32
N TYR A 99 18.33 6.74 -2.96
CA TYR A 99 18.05 6.02 -4.20
C TYR A 99 18.64 4.61 -4.16
N THR A 100 18.05 3.71 -4.93
CA THR A 100 18.52 2.33 -4.98
C THR A 100 19.34 2.07 -6.24
N ARG A 101 20.39 1.26 -6.10
CA ARG A 101 21.26 0.94 -7.22
C ARG A 101 20.45 0.42 -8.40
N ASP A 102 19.23 -0.02 -8.12
CA ASP A 102 18.36 -0.54 -9.17
C ASP A 102 17.99 0.55 -10.16
N LEU A 103 17.79 1.77 -9.67
CA LEU A 103 17.44 2.90 -10.52
C LEU A 103 18.13 4.17 -10.05
N PRO A 104 18.37 5.09 -10.99
CA PRO A 104 19.03 6.37 -10.69
C PRO A 104 18.13 7.30 -9.87
N HIS A 105 18.76 8.16 -9.07
CA HIS A 105 18.03 9.10 -8.24
C HIS A 105 17.02 9.90 -9.06
N ILE A 106 17.33 10.07 -10.34
CA ILE A 106 16.45 10.82 -11.25
C ILE A 106 15.24 9.99 -11.63
N THR A 107 15.44 8.69 -11.84
CA THR A 107 14.36 7.79 -12.22
C THR A 107 13.39 7.58 -11.06
N VAL A 108 13.94 7.53 -9.85
CA VAL A 108 13.12 7.34 -8.65
C VAL A 108 12.29 8.58 -8.34
N ASP A 109 12.94 9.75 -8.44
CA ASP A 109 12.27 11.01 -8.17
C ASP A 109 11.19 11.28 -9.21
N ARG A 110 11.47 10.93 -10.46
CA ARG A 110 10.52 11.14 -11.55
C ARG A 110 9.32 10.21 -11.41
N LEU A 111 9.56 9.01 -10.89
CA LEU A 111 8.51 8.02 -10.71
C LEU A 111 7.49 8.50 -9.67
N VAL A 112 8.00 8.94 -8.52
CA VAL A 112 7.14 9.43 -7.44
C VAL A 112 6.21 10.54 -7.94
N SER A 113 6.77 11.45 -8.73
CA SER A 113 5.99 12.57 -9.26
C SER A 113 5.01 12.08 -10.31
N LYS A 114 5.42 11.07 -11.07
CA LYS A 114 4.56 10.52 -12.12
C LYS A 114 3.29 9.93 -11.54
N ALA A 115 3.39 9.38 -10.33
CA ALA A 115 2.25 8.79 -9.66
C ALA A 115 1.59 9.78 -8.71
N LEU A 116 2.42 10.54 -8.00
CA LEU A 116 1.92 11.54 -7.05
C LEU A 116 1.16 12.65 -7.78
N ASN A 117 1.59 12.96 -8.99
CA ASN A 117 0.95 14.00 -9.80
C ASN A 117 -0.47 13.61 -10.17
N MET A 118 -0.68 12.31 -10.41
CA MET A 118 -1.99 11.80 -10.77
C MET A 118 -2.96 11.91 -9.59
N TRP A 119 -2.44 11.72 -8.39
CA TRP A 119 -3.26 11.81 -7.18
C TRP A 119 -3.77 13.22 -6.96
N GLY A 120 -2.87 14.19 -7.12
CA GLY A 120 -3.25 15.59 -6.93
C GLY A 120 -4.10 16.11 -8.06
N LYS A 121 -3.75 15.74 -9.29
CA LYS A 121 -4.49 16.19 -10.47
C LYS A 121 -5.93 15.72 -10.41
N GLU A 122 -6.19 14.71 -9.58
CA GLU A 122 -7.54 14.17 -9.43
C GLU A 122 -8.24 14.79 -8.23
N ILE A 123 -7.67 15.87 -7.70
CA ILE A 123 -8.25 16.56 -6.55
C ILE A 123 -7.97 18.05 -6.60
N PRO A 124 -8.83 18.84 -5.92
CA PRO A 124 -8.69 20.30 -5.88
C PRO A 124 -7.48 20.74 -5.07
N LEU A 125 -6.74 19.78 -4.54
CA LEU A 125 -5.55 20.06 -3.74
C LEU A 125 -4.51 20.82 -4.57
N HIS A 126 -3.26 20.75 -4.13
CA HIS A 126 -2.17 21.42 -4.84
C HIS A 126 -0.82 20.86 -4.42
N PHE A 127 0.06 20.66 -5.39
CA PHE A 127 1.40 20.12 -5.11
C PHE A 127 2.48 21.07 -5.60
N ARG A 128 3.56 21.17 -4.83
CA ARG A 128 4.66 22.05 -5.18
C ARG A 128 5.93 21.25 -5.47
N LYS A 129 6.69 21.68 -6.47
CA LYS A 129 7.92 21.00 -6.85
C LYS A 129 9.07 21.41 -5.95
N VAL A 130 9.92 20.46 -5.61
CA VAL A 130 11.07 20.72 -4.75
C VAL A 130 12.36 20.82 -5.55
N VAL A 131 13.21 21.77 -5.19
CA VAL A 131 14.49 21.96 -5.88
C VAL A 131 15.51 22.63 -4.98
N TRP A 132 15.01 23.45 -4.05
CA TRP A 132 15.89 24.16 -3.12
C TRP A 132 15.38 24.03 -1.69
N GLY A 133 16.09 23.26 -0.87
CA GLY A 133 15.69 23.08 0.51
C GLY A 133 15.12 21.70 0.77
N THR A 134 14.37 21.56 1.87
CA THR A 134 13.78 20.28 2.23
C THR A 134 12.30 20.24 1.87
N ALA A 135 11.77 19.03 1.68
CA ALA A 135 10.37 18.86 1.34
C ALA A 135 9.60 18.20 2.47
N ASP A 136 8.28 18.26 2.40
CA ASP A 136 7.43 17.66 3.43
C ASP A 136 7.51 16.13 3.36
N ILE A 137 7.22 15.58 2.20
CA ILE A 137 7.26 14.13 2.01
C ILE A 137 8.67 13.65 1.72
N MET A 138 9.09 12.60 2.42
CA MET A 138 10.42 12.03 2.25
C MET A 138 10.35 10.68 1.55
N ILE A 139 10.95 10.61 0.36
CA ILE A 139 10.95 9.37 -0.41
C ILE A 139 12.32 8.71 -0.39
N GLY A 140 12.55 7.87 0.62
CA GLY A 140 13.83 7.19 0.74
C GLY A 140 13.66 5.70 0.94
N PHE A 141 14.77 4.96 0.85
CA PHE A 141 14.74 3.51 1.02
C PHE A 141 15.49 3.10 2.29
N ALA A 142 15.01 2.05 2.93
CA ALA A 142 15.63 1.56 4.16
C ALA A 142 14.80 0.44 4.78
N ARG A 143 15.39 -0.27 5.73
CA ARG A 143 14.71 -1.37 6.41
C ARG A 143 14.28 -0.95 7.82
N GLY A 144 13.52 -1.82 8.48
CA GLY A 144 13.06 -1.53 9.83
C GLY A 144 14.21 -1.18 10.76
N ALA A 145 15.41 -1.60 10.41
CA ALA A 145 16.58 -1.33 11.24
C ALA A 145 16.90 0.16 11.25
N HIS A 146 16.26 0.91 10.36
CA HIS A 146 16.48 2.35 10.27
C HIS A 146 15.92 3.06 11.50
N GLY A 147 15.14 2.33 12.30
CA GLY A 147 14.56 2.91 13.49
C GLY A 147 13.04 2.91 13.45
N ASP A 148 12.46 1.86 12.88
CA ASP A 148 11.01 1.75 12.76
C ASP A 148 10.51 0.49 13.46
N SER A 149 9.38 0.62 14.15
CA SER A 149 8.79 -0.51 14.87
C SER A 149 8.34 -1.59 13.89
N TYR A 150 8.15 -2.80 14.41
CA TYR A 150 7.72 -3.93 13.59
C TYR A 150 8.79 -4.29 12.56
N PRO A 151 9.08 -5.59 12.44
CA PRO A 151 10.09 -6.10 11.50
C PRO A 151 9.62 -5.96 10.06
N PHE A 152 10.52 -5.49 9.19
CA PHE A 152 10.21 -5.32 7.78
C PHE A 152 10.16 -6.66 7.07
N ASP A 153 10.99 -7.60 7.51
CA ASP A 153 11.05 -8.93 6.93
C ASP A 153 11.76 -8.90 5.58
N GLY A 154 12.15 -7.70 5.15
CA GLY A 154 12.83 -7.55 3.87
C GLY A 154 12.10 -8.25 2.74
N PRO A 155 12.69 -9.36 2.26
CA PRO A 155 12.11 -10.15 1.17
C PRO A 155 10.84 -10.88 1.59
N GLY A 156 9.85 -10.89 0.71
CA GLY A 156 8.59 -11.56 1.01
C GLY A 156 7.49 -10.59 1.38
N ASN A 157 6.54 -11.06 2.17
CA ASN A 157 5.42 -10.22 2.60
C ASN A 157 5.89 -8.82 2.98
N THR A 158 4.99 -7.85 2.88
CA THR A 158 5.32 -6.48 3.20
C THR A 158 6.15 -5.83 2.10
N LEU A 159 5.54 -4.91 1.37
CA LEU A 159 6.23 -4.22 0.28
C LEU A 159 6.90 -2.95 0.78
N ALA A 160 6.12 -2.09 1.44
CA ALA A 160 6.64 -0.84 1.97
C ALA A 160 5.66 -0.22 2.96
N HIS A 161 6.20 0.48 3.96
CA HIS A 161 5.38 1.12 4.98
C HIS A 161 5.32 2.64 4.76
N ALA A 162 4.12 3.18 4.69
CA ALA A 162 3.93 4.61 4.49
C ALA A 162 3.36 5.27 5.74
N PHE A 163 3.53 6.59 5.83
CA PHE A 163 3.03 7.34 6.98
C PHE A 163 1.86 8.25 6.58
N ALA A 164 1.03 8.60 7.55
CA ALA A 164 -0.11 9.48 7.30
C ALA A 164 0.27 10.94 7.41
N PRO A 165 -0.59 11.82 6.89
CA PRO A 165 -0.36 13.27 6.92
C PRO A 165 -0.47 13.85 8.33
N GLY A 166 0.60 13.72 9.11
CA GLY A 166 0.59 14.24 10.46
C GLY A 166 1.95 14.75 10.89
N THR A 167 1.98 15.98 11.41
CA THR A 167 3.23 16.58 11.86
C THR A 167 4.20 16.79 10.69
N GLY A 168 5.42 17.19 11.01
CA GLY A 168 6.42 17.40 9.98
C GLY A 168 7.18 16.14 9.64
N LEU A 169 7.54 15.37 10.66
CA LEU A 169 8.28 14.13 10.45
C LEU A 169 7.39 13.06 9.82
N GLY A 170 6.10 13.10 10.15
CA GLY A 170 5.17 12.13 9.60
C GLY A 170 4.73 12.47 8.19
N GLY A 171 4.01 11.56 7.55
CA GLY A 171 3.54 11.79 6.20
C GLY A 171 4.63 11.57 5.17
N ASP A 172 5.64 10.78 5.54
CA ASP A 172 6.75 10.49 4.63
C ASP A 172 6.53 9.16 3.92
N ALA A 173 7.34 8.91 2.89
CA ALA A 173 7.23 7.67 2.12
C ALA A 173 8.47 6.79 2.32
N HIS A 174 8.25 5.52 2.64
CA HIS A 174 9.34 4.59 2.86
C HIS A 174 9.17 3.34 1.99
N PHE A 175 10.25 2.94 1.33
CA PHE A 175 10.21 1.76 0.46
C PHE A 175 11.16 0.68 0.97
N ASP A 176 10.71 -0.57 0.91
CA ASP A 176 11.52 -1.70 1.38
C ASP A 176 12.71 -1.93 0.45
N GLU A 177 13.86 -1.38 0.84
CA GLU A 177 15.08 -1.53 0.04
C GLU A 177 15.41 -3.00 -0.19
N ASP A 178 14.80 -3.87 0.60
CA ASP A 178 15.02 -5.31 0.48
C ASP A 178 14.21 -5.88 -0.67
N GLU A 179 13.18 -5.16 -1.09
CA GLU A 179 12.33 -5.60 -2.18
C GLU A 179 12.99 -5.35 -3.53
N ARG A 180 12.26 -5.62 -4.61
CA ARG A 180 12.78 -5.43 -5.95
C ARG A 180 11.97 -4.36 -6.69
N TRP A 181 12.64 -3.26 -7.04
CA TRP A 181 11.98 -2.17 -7.76
C TRP A 181 12.59 -1.97 -9.14
N THR A 182 11.78 -1.55 -10.10
CA THR A 182 12.24 -1.32 -11.46
C THR A 182 11.11 -0.85 -12.36
N ASP A 183 11.45 -0.29 -13.51
CA ASP A 183 10.47 0.19 -14.46
C ASP A 183 10.72 -0.38 -15.86
N GLY A 184 11.82 0.05 -16.47
CA GLY A 184 12.16 -0.44 -17.80
C GLY A 184 12.36 -1.93 -17.84
N SER A 185 12.51 -2.55 -16.67
CA SER A 185 12.71 -3.99 -16.58
C SER A 185 11.39 -4.70 -16.28
N SER A 186 10.46 -3.98 -15.67
CA SER A 186 9.15 -4.54 -15.32
C SER A 186 9.30 -5.98 -14.85
N LEU A 187 10.13 -6.19 -13.82
CA LEU A 187 10.35 -7.52 -13.29
C LEU A 187 9.87 -7.60 -11.83
N GLY A 188 10.00 -6.49 -11.11
CA GLY A 188 9.58 -6.46 -9.73
C GLY A 188 8.40 -5.52 -9.49
N ILE A 189 8.41 -4.84 -8.36
CA ILE A 189 7.35 -3.90 -8.03
C ILE A 189 7.51 -2.58 -8.77
N ASN A 190 6.80 -2.44 -9.88
CA ASN A 190 6.87 -1.22 -10.68
C ASN A 190 6.80 0.03 -9.80
N PHE A 191 7.86 0.81 -9.81
CA PHE A 191 7.92 2.03 -9.01
C PHE A 191 6.72 2.93 -9.30
N LEU A 192 6.30 2.96 -10.56
CA LEU A 192 5.16 3.77 -10.96
C LEU A 192 3.87 3.25 -10.36
N TYR A 193 3.66 1.94 -10.46
CA TYR A 193 2.47 1.31 -9.91
C TYR A 193 2.47 1.35 -8.38
N ALA A 194 3.63 1.09 -7.80
CA ALA A 194 3.77 1.09 -6.35
C ALA A 194 3.64 2.51 -5.79
N ALA A 195 4.13 3.49 -6.54
CA ALA A 195 4.07 4.88 -6.12
C ALA A 195 2.63 5.31 -5.87
N THR A 196 1.73 4.93 -6.76
CA THR A 196 0.32 5.27 -6.63
C THR A 196 -0.25 4.76 -5.32
N HIS A 197 0.09 3.52 -4.97
CA HIS A 197 -0.39 2.91 -3.74
C HIS A 197 0.32 3.52 -2.53
N ALA A 198 1.63 3.72 -2.64
CA ALA A 198 2.42 4.29 -1.56
C ALA A 198 2.08 5.77 -1.35
N LEU A 199 2.03 6.51 -2.45
CA LEU A 199 1.72 7.94 -2.38
C LEU A 199 0.30 8.17 -1.89
N GLY A 200 -0.62 7.31 -2.32
CA GLY A 200 -2.00 7.42 -1.91
C GLY A 200 -2.18 7.29 -0.40
N HIS A 201 -1.26 6.58 0.23
CA HIS A 201 -1.31 6.39 1.68
C HIS A 201 -1.06 7.71 2.41
N SER A 202 -0.17 8.52 1.85
CA SER A 202 0.17 9.81 2.45
C SER A 202 -1.01 10.78 2.39
N LEU A 203 -1.94 10.50 1.48
CA LEU A 203 -3.12 11.34 1.32
C LEU A 203 -4.24 10.88 2.25
N GLY A 204 -3.98 9.84 3.03
CA GLY A 204 -4.97 9.33 3.94
C GLY A 204 -5.94 8.37 3.28
N MET A 205 -5.68 8.05 2.01
CA MET A 205 -6.54 7.14 1.26
C MET A 205 -6.54 5.76 1.89
N GLY A 206 -7.41 4.87 1.37
CA GLY A 206 -7.49 3.53 1.91
C GLY A 206 -7.60 2.49 0.81
N HIS A 207 -7.46 1.22 1.18
CA HIS A 207 -7.54 0.12 0.23
C HIS A 207 -8.95 0.00 -0.34
N SER A 208 -9.04 -0.50 -1.57
CA SER A 208 -10.33 -0.66 -2.23
C SER A 208 -10.59 -2.13 -2.55
N SER A 209 -11.86 -2.52 -2.49
CA SER A 209 -12.25 -3.91 -2.77
C SER A 209 -12.51 -4.10 -4.26
N ASP A 210 -12.45 -3.01 -5.02
CA ASP A 210 -12.69 -3.05 -6.45
C ASP A 210 -11.54 -3.74 -7.17
N PRO A 211 -11.86 -4.52 -8.21
CA PRO A 211 -10.87 -5.25 -9.01
C PRO A 211 -10.00 -4.31 -9.84
N ASN A 212 -10.57 -3.18 -10.25
CA ASN A 212 -9.85 -2.21 -11.06
C ASN A 212 -9.46 -0.99 -10.22
N ALA A 213 -9.33 -1.20 -8.92
CA ALA A 213 -8.96 -0.12 -8.01
C ALA A 213 -7.44 0.00 -7.90
N VAL A 214 -6.96 1.23 -7.73
CA VAL A 214 -5.53 1.49 -7.61
C VAL A 214 -5.01 1.03 -6.25
N MET A 215 -5.89 1.02 -5.25
CA MET A 215 -5.50 0.61 -3.91
C MET A 215 -5.66 -0.90 -3.74
N TYR A 216 -5.89 -1.59 -4.86
CA TYR A 216 -6.05 -3.04 -4.82
C TYR A 216 -4.86 -3.72 -4.17
N PRO A 217 -5.12 -4.45 -3.08
CA PRO A 217 -4.07 -5.16 -2.33
C PRO A 217 -3.51 -6.34 -3.11
N THR A 218 -4.26 -6.79 -4.12
CA THR A 218 -3.83 -7.91 -4.95
C THR A 218 -2.89 -7.46 -6.05
N TYR A 219 -2.64 -6.15 -6.12
CA TYR A 219 -1.76 -5.58 -7.14
C TYR A 219 -2.33 -5.80 -8.53
N GLY A 220 -2.01 -4.89 -9.45
CA GLY A 220 -2.50 -4.99 -10.80
C GLY A 220 -2.22 -6.35 -11.42
N ASN A 221 -3.25 -7.19 -11.50
CA ASN A 221 -3.11 -8.52 -12.08
C ASN A 221 -2.44 -8.46 -13.44
N GLY A 222 -3.06 -7.74 -14.37
CA GLY A 222 -2.51 -7.62 -15.70
C GLY A 222 -1.22 -6.82 -15.73
N ASP A 223 -0.71 -6.57 -16.93
CA ASP A 223 0.53 -5.81 -17.09
C ASP A 223 0.24 -4.39 -17.53
N PRO A 224 0.30 -3.45 -16.58
CA PRO A 224 0.04 -2.03 -16.84
C PRO A 224 1.15 -1.39 -17.66
N GLN A 225 0.80 -0.97 -18.89
CA GLN A 225 1.77 -0.35 -19.78
C GLN A 225 1.94 1.13 -19.44
N ASN A 226 0.84 1.79 -19.10
CA ASN A 226 0.87 3.20 -18.74
C ASN A 226 0.33 3.42 -17.34
N PHE A 227 -0.62 2.59 -16.93
CA PHE A 227 -1.21 2.70 -15.60
C PHE A 227 -2.00 4.01 -15.46
N LYS A 228 -3.19 3.92 -14.89
CA LYS A 228 -4.04 5.09 -14.69
C LYS A 228 -4.80 4.99 -13.38
N LEU A 229 -5.28 6.13 -12.90
CA LEU A 229 -6.04 6.18 -11.65
C LEU A 229 -7.34 5.39 -11.77
N SER A 230 -7.79 4.82 -10.66
CA SER A 230 -9.03 4.05 -10.64
C SER A 230 -10.24 4.95 -10.41
N GLN A 231 -11.38 4.52 -10.93
CA GLN A 231 -12.61 5.29 -10.78
C GLN A 231 -13.03 5.39 -9.32
N ASP A 232 -13.39 4.25 -8.73
CA ASP A 232 -13.80 4.20 -7.34
C ASP A 232 -12.72 4.79 -6.43
N ASP A 233 -11.47 4.75 -6.89
CA ASP A 233 -10.36 5.28 -6.12
C ASP A 233 -10.42 6.79 -6.05
N ILE A 234 -10.62 7.43 -7.20
CA ILE A 234 -10.69 8.88 -7.26
C ILE A 234 -11.96 9.40 -6.59
N LYS A 235 -13.07 8.71 -6.82
CA LYS A 235 -14.35 9.08 -6.24
C LYS A 235 -14.26 9.15 -4.73
N GLY A 236 -13.41 8.29 -4.15
CA GLY A 236 -13.25 8.28 -2.71
C GLY A 236 -12.65 9.56 -2.17
N ILE A 237 -11.55 10.00 -2.78
CA ILE A 237 -10.88 11.21 -2.35
C ILE A 237 -11.68 12.45 -2.76
N GLN A 238 -12.40 12.34 -3.87
CA GLN A 238 -13.21 13.45 -4.37
C GLN A 238 -14.41 13.70 -3.45
N LYS A 239 -14.81 12.67 -2.72
CA LYS A 239 -15.94 12.78 -1.80
C LYS A 239 -15.55 13.59 -0.56
N LEU A 240 -14.27 13.57 -0.23
CA LEU A 240 -13.77 14.30 0.94
C LEU A 240 -13.19 15.64 0.54
N TYR A 241 -12.55 15.67 -0.63
CA TYR A 241 -11.94 16.90 -1.14
C TYR A 241 -12.92 17.66 -2.03
N GLY A 242 -14.07 17.06 -2.29
CA GLY A 242 -15.07 17.68 -3.12
C GLY A 242 -16.47 17.17 -2.85
N LYS A 243 -17.08 16.54 -3.85
CA LYS A 243 -18.43 16.01 -3.70
C LYS A 243 -18.41 14.48 -3.74
N ARG A 244 -19.36 13.87 -3.03
CA ARG A 244 -19.45 12.42 -2.98
C ARG A 244 -20.33 11.88 -4.11
N SER A 245 -20.65 10.60 -4.05
CA SER A 245 -21.49 9.97 -5.07
C SER A 245 -22.17 8.72 -4.52
N ASN A 246 -21.41 7.93 -3.76
CA ASN A 246 -21.95 6.71 -3.18
C ASN A 246 -21.14 6.29 -1.95
N SER A 247 -21.44 5.13 -1.41
CA SER A 247 -20.75 4.61 -0.23
C SER A 247 -19.58 3.72 -0.64
N ARG A 248 -18.65 3.52 0.28
CA ARG A 248 -17.47 2.69 0.02
C ARG A 248 -16.78 2.30 1.33
N LYS A 249 -16.29 1.07 1.38
CA LYS A 249 -15.60 0.57 2.57
C LYS A 249 -14.11 0.92 2.52
N LYS A 250 -13.51 1.12 3.68
CA LYS A 250 -12.10 1.44 3.77
C LYS A 250 -11.32 0.31 4.43
CA CA B . 6.77 14.73 6.45
CA CA C . 9.46 -7.40 1.86
ZN ZN D . 10.36 3.50 8.43
ZN ZN E . -1.72 -0.16 1.18
N LEU A 1 -9.21 -15.41 -9.65
CA LEU A 1 -8.78 -16.42 -10.61
C LEU A 1 -7.80 -17.40 -9.96
N PRO A 2 -8.32 -18.25 -9.06
CA PRO A 2 -7.52 -19.25 -8.36
C PRO A 2 -7.02 -20.36 -9.28
N LEU A 3 -5.98 -20.07 -10.05
CA LEU A 3 -5.43 -21.05 -10.98
C LEU A 3 -4.74 -22.19 -10.23
N PRO A 4 -3.72 -21.85 -9.44
CA PRO A 4 -2.96 -22.82 -8.64
C PRO A 4 -3.79 -23.40 -7.50
N GLN A 5 -3.16 -24.24 -6.69
CA GLN A 5 -3.84 -24.86 -5.56
C GLN A 5 -2.88 -25.76 -4.78
N GLU A 6 -1.65 -25.30 -4.62
CA GLU A 6 -0.64 -26.07 -3.89
C GLU A 6 -0.85 -25.96 -2.39
N ALA A 7 -1.78 -25.11 -1.99
CA ALA A 7 -2.09 -24.91 -0.58
C ALA A 7 -2.47 -26.22 0.09
N GLY A 8 -3.13 -27.09 -0.67
CA GLY A 8 -3.55 -28.39 -0.13
C GLY A 8 -2.37 -29.25 0.27
N GLY A 9 -1.20 -28.97 -0.32
CA GLY A 9 -0.02 -29.74 -0.01
C GLY A 9 0.98 -28.97 0.82
N MET A 10 0.50 -27.92 1.49
CA MET A 10 1.37 -27.09 2.33
C MET A 10 1.60 -27.73 3.70
N SER A 11 2.61 -27.25 4.40
CA SER A 11 2.94 -27.77 5.73
C SER A 11 2.33 -26.91 6.82
N GLU A 12 2.36 -27.41 8.05
CA GLU A 12 1.81 -26.68 9.19
C GLU A 12 2.41 -25.30 9.29
N LEU A 13 3.67 -25.17 8.90
CA LEU A 13 4.37 -23.89 8.95
C LEU A 13 3.79 -22.92 7.93
N GLN A 14 3.52 -23.42 6.71
CA GLN A 14 2.97 -22.60 5.66
C GLN A 14 1.52 -22.21 5.97
N TRP A 15 0.78 -23.13 6.56
CA TRP A 15 -0.61 -22.89 6.90
C TRP A 15 -0.72 -21.95 8.09
N GLU A 16 0.15 -22.14 9.07
CA GLU A 16 0.16 -21.30 10.27
C GLU A 16 0.61 -19.89 9.95
N GLN A 17 1.55 -19.78 9.00
CA GLN A 17 2.06 -18.47 8.60
C GLN A 17 0.97 -17.62 7.98
N ALA A 18 0.07 -18.26 7.24
CA ALA A 18 -1.04 -17.56 6.60
C ALA A 18 -1.87 -16.79 7.62
N GLN A 19 -2.14 -17.43 8.75
CA GLN A 19 -2.93 -16.81 9.81
C GLN A 19 -2.15 -15.69 10.49
N ASP A 20 -0.88 -15.96 10.76
CA ASP A 20 -0.02 -14.96 11.40
C ASP A 20 0.20 -13.75 10.50
N TYR A 21 0.20 -13.99 9.20
CA TYR A 21 0.39 -12.92 8.22
C TYR A 21 -0.73 -11.88 8.32
N LEU A 22 -1.94 -12.35 8.60
CA LEU A 22 -3.09 -11.47 8.73
C LEU A 22 -3.00 -10.63 10.00
N LYS A 23 -2.20 -11.09 10.96
CA LYS A 23 -2.02 -10.38 12.22
C LYS A 23 -1.13 -9.16 12.03
N ARG A 24 -0.20 -9.24 11.08
CA ARG A 24 0.72 -8.14 10.80
C ARG A 24 0.10 -7.17 9.80
N PHE A 25 -0.79 -7.68 8.95
CA PHE A 25 -1.45 -6.85 7.95
C PHE A 25 -2.25 -5.74 8.60
N TYR A 26 -2.45 -5.85 9.91
CA TYR A 26 -3.21 -4.85 10.65
C TYR A 26 -2.35 -4.22 11.75
N LEU A 27 -1.98 -5.03 12.74
CA LEU A 27 -1.15 -4.55 13.84
C LEU A 27 -0.42 -5.71 14.51
N TYR A 28 -1.14 -6.46 15.34
CA TYR A 28 -0.55 -7.60 16.04
C TYR A 28 -1.61 -8.33 16.87
N ASP A 29 -2.27 -9.31 16.26
CA ASP A 29 -3.29 -10.09 16.93
C ASP A 29 -2.74 -11.43 17.41
N SER A 30 -2.23 -11.44 18.63
CA SER A 30 -1.66 -12.66 19.21
C SER A 30 -2.75 -13.52 19.84
N GLU A 31 -3.74 -12.86 20.43
CA GLU A 31 -4.85 -13.57 21.08
C GLU A 31 -5.87 -14.02 20.06
N THR A 32 -5.88 -13.38 18.89
CA THR A 32 -6.80 -13.71 17.83
C THR A 32 -6.38 -14.98 17.11
N LYS A 33 -5.12 -15.36 17.27
CA LYS A 33 -4.58 -16.56 16.63
C LYS A 33 -5.39 -17.79 17.02
N ASN A 34 -6.28 -18.20 16.13
CA ASN A 34 -7.13 -19.37 16.38
C ASN A 34 -7.81 -19.83 15.08
N ALA A 35 -8.26 -21.08 15.07
CA ALA A 35 -8.93 -21.65 13.92
C ALA A 35 -10.34 -21.09 13.77
N ASN A 36 -11.00 -20.85 14.90
CA ASN A 36 -12.36 -20.33 14.89
C ASN A 36 -12.35 -18.82 14.61
N SER A 37 -11.47 -18.10 15.30
CA SER A 37 -11.36 -16.65 15.14
C SER A 37 -10.86 -16.30 13.74
N LEU A 38 -10.10 -17.22 13.14
CA LEU A 38 -9.56 -17.00 11.80
C LEU A 38 -10.68 -16.76 10.80
N GLU A 39 -11.78 -17.48 10.97
CA GLU A 39 -12.93 -17.34 10.08
C GLU A 39 -13.54 -15.94 10.18
N ALA A 40 -13.76 -15.50 11.41
CA ALA A 40 -14.35 -14.18 11.64
C ALA A 40 -13.51 -13.09 10.99
N LYS A 41 -12.20 -13.14 11.22
CA LYS A 41 -11.30 -12.15 10.64
C LYS A 41 -11.21 -12.29 9.13
N LEU A 42 -11.22 -13.54 8.65
CA LEU A 42 -11.15 -13.81 7.23
C LEU A 42 -12.26 -13.07 6.48
N LYS A 43 -13.42 -12.98 7.10
CA LYS A 43 -14.56 -12.29 6.49
C LYS A 43 -14.22 -10.85 6.17
N GLU A 44 -13.58 -10.17 7.12
CA GLU A 44 -13.20 -8.77 6.93
C GLU A 44 -12.06 -8.65 5.91
N MET A 45 -11.18 -9.64 5.90
CA MET A 45 -10.05 -9.64 4.98
C MET A 45 -10.54 -9.85 3.54
N GLN A 46 -11.42 -10.83 3.34
CA GLN A 46 -11.95 -11.12 2.02
C GLN A 46 -12.65 -9.91 1.43
N LYS A 47 -13.45 -9.23 2.26
CA LYS A 47 -14.18 -8.05 1.82
C LYS A 47 -13.23 -6.89 1.55
N PHE A 48 -12.12 -6.87 2.27
CA PHE A 48 -11.12 -5.82 2.10
C PHE A 48 -10.41 -5.95 0.76
N PHE A 49 -10.19 -7.19 0.33
CA PHE A 49 -9.52 -7.46 -0.93
C PHE A 49 -10.48 -7.29 -2.10
N GLY A 50 -11.75 -7.55 -1.86
CA GLY A 50 -12.76 -7.43 -2.91
C GLY A 50 -13.21 -8.77 -3.44
N LEU A 51 -12.51 -9.83 -3.05
CA LEU A 51 -12.84 -11.18 -3.50
C LEU A 51 -14.18 -11.62 -2.91
N PRO A 52 -14.98 -12.30 -3.74
CA PRO A 52 -16.30 -12.80 -3.33
C PRO A 52 -16.19 -13.95 -2.34
N ILE A 53 -15.42 -14.97 -2.69
CA ILE A 53 -15.24 -16.13 -1.83
C ILE A 53 -14.88 -15.70 -0.41
N THR A 54 -15.83 -15.88 0.51
CA THR A 54 -15.61 -15.52 1.90
C THR A 54 -15.45 -16.75 2.78
N GLY A 55 -14.92 -16.56 3.98
CA GLY A 55 -14.73 -17.67 4.89
C GLY A 55 -13.78 -18.71 4.34
N MET A 56 -13.02 -18.33 3.31
CA MET A 56 -12.08 -19.25 2.68
C MET A 56 -10.64 -18.78 2.90
N LEU A 57 -9.69 -19.70 2.74
CA LEU A 57 -8.28 -19.39 2.92
C LEU A 57 -7.40 -20.56 2.51
N ASN A 58 -7.09 -20.64 1.21
CA ASN A 58 -6.26 -21.71 0.69
C ASN A 58 -6.22 -21.68 -0.83
N SER A 59 -7.28 -21.14 -1.44
CA SER A 59 -7.37 -21.04 -2.89
C SER A 59 -6.75 -19.75 -3.39
N ARG A 60 -7.60 -18.75 -3.63
CA ARG A 60 -7.13 -17.45 -4.11
C ARG A 60 -6.69 -16.56 -2.94
N VAL A 61 -7.35 -16.73 -1.80
CA VAL A 61 -7.02 -15.94 -0.61
C VAL A 61 -5.58 -16.17 -0.18
N ILE A 62 -5.16 -17.43 -0.16
CA ILE A 62 -3.80 -17.78 0.23
C ILE A 62 -2.80 -17.34 -0.83
N GLU A 63 -3.22 -17.33 -2.08
CA GLU A 63 -2.37 -16.91 -3.18
C GLU A 63 -1.87 -15.48 -2.99
N ILE A 64 -2.73 -14.65 -2.40
CA ILE A 64 -2.39 -13.26 -2.16
C ILE A 64 -1.49 -13.11 -0.93
N MET A 65 -1.65 -14.03 0.01
CA MET A 65 -0.85 -14.01 1.23
C MET A 65 0.63 -14.21 0.92
N GLN A 66 0.91 -15.08 -0.05
CA GLN A 66 2.28 -15.36 -0.45
C GLN A 66 2.80 -14.31 -1.42
N LYS A 67 1.87 -13.63 -2.10
CA LYS A 67 2.23 -12.60 -3.06
C LYS A 67 2.43 -11.26 -2.36
N PRO A 68 3.44 -10.50 -2.81
CA PRO A 68 3.75 -9.18 -2.24
C PRO A 68 2.69 -8.14 -2.57
N ARG A 69 2.62 -7.08 -1.77
CA ARG A 69 1.65 -6.02 -1.98
C ARG A 69 2.14 -4.72 -1.36
N CYS A 70 1.93 -4.57 -0.06
CA CYS A 70 2.35 -3.36 0.65
C CYS A 70 2.80 -3.69 2.07
N GLY A 71 3.63 -2.82 2.64
CA GLY A 71 4.13 -3.04 3.98
C GLY A 71 3.40 -2.20 5.02
N VAL A 72 2.23 -1.69 4.64
CA VAL A 72 1.44 -0.87 5.54
C VAL A 72 0.19 -1.62 6.01
N PRO A 73 -0.19 -1.39 7.28
CA PRO A 73 -1.37 -2.02 7.87
C PRO A 73 -2.67 -1.49 7.28
N ASP A 74 -3.76 -2.22 7.51
CA ASP A 74 -5.08 -1.83 7.00
C ASP A 74 -6.00 -1.45 8.14
N VAL A 75 -5.44 -0.87 9.20
CA VAL A 75 -6.22 -0.48 10.36
C VAL A 75 -5.78 0.90 10.87
N ALA A 76 -6.76 1.79 11.06
CA ALA A 76 -6.47 3.13 11.55
C ALA A 76 -7.39 3.50 12.71
N GLU A 77 -7.09 4.62 13.35
CA GLU A 77 -7.89 5.08 14.49
C GLU A 77 -8.10 6.59 14.42
N TYR A 78 -8.94 7.11 15.32
CA TYR A 78 -9.23 8.54 15.36
C TYR A 78 -7.94 9.36 15.30
N SER A 79 -8.07 10.62 14.88
CA SER A 79 -6.93 11.50 14.78
C SER A 79 -6.12 11.51 16.07
N LEU A 80 -4.84 11.16 15.97
CA LEU A 80 -3.96 11.11 17.13
C LEU A 80 -3.25 12.45 17.33
N PHE A 81 -3.12 13.21 16.24
CA PHE A 81 -2.46 14.51 16.30
C PHE A 81 -2.98 15.43 15.18
N PRO A 82 -2.80 14.98 13.94
CA PRO A 82 -3.24 15.74 12.76
C PRO A 82 -4.76 15.80 12.63
N ASN A 83 -5.25 16.54 11.65
CA ASN A 83 -6.67 16.68 11.43
C ASN A 83 -7.09 15.96 10.15
N SER A 84 -8.24 15.27 10.21
CA SER A 84 -8.74 14.54 9.06
C SER A 84 -7.81 13.39 8.68
N PRO A 85 -8.38 12.32 8.13
CA PRO A 85 -7.62 11.15 7.71
C PRO A 85 -6.74 11.42 6.50
N LYS A 86 -6.89 12.61 5.93
CA LYS A 86 -6.11 13.00 4.76
C LYS A 86 -5.25 14.23 5.06
N TRP A 87 -4.69 14.82 4.01
CA TRP A 87 -3.86 16.01 4.16
C TRP A 87 -4.71 17.25 4.41
N THR A 88 -4.25 18.10 5.31
CA THR A 88 -4.97 19.34 5.64
C THR A 88 -4.19 20.57 5.21
N SER A 89 -2.87 20.42 5.09
CA SER A 89 -2.00 21.52 4.69
C SER A 89 -2.47 22.13 3.38
N LYS A 90 -2.22 23.43 3.21
CA LYS A 90 -2.61 24.12 1.99
C LYS A 90 -1.86 23.58 0.78
N VAL A 91 -0.65 23.10 1.02
CA VAL A 91 0.18 22.55 -0.05
C VAL A 91 1.08 21.43 0.47
N VAL A 92 1.19 20.35 -0.31
CA VAL A 92 2.02 19.23 0.07
C VAL A 92 3.20 19.06 -0.89
N THR A 93 4.40 18.92 -0.34
CA THR A 93 5.59 18.75 -1.14
C THR A 93 6.24 17.39 -0.90
N TYR A 94 7.19 17.03 -1.75
CA TYR A 94 7.89 15.74 -1.63
C TYR A 94 9.34 15.87 -2.07
N ARG A 95 10.21 15.10 -1.43
CA ARG A 95 11.63 15.12 -1.76
C ARG A 95 12.26 13.75 -1.51
N ILE A 96 13.12 13.33 -2.43
CA ILE A 96 13.80 12.04 -2.32
C ILE A 96 14.92 12.10 -1.30
N VAL A 97 15.01 11.08 -0.44
CA VAL A 97 16.04 11.02 0.57
C VAL A 97 17.28 10.28 0.06
N SER A 98 17.05 9.20 -0.67
CA SER A 98 18.13 8.40 -1.23
C SER A 98 17.78 7.90 -2.63
N TYR A 99 18.78 7.34 -3.31
CA TYR A 99 18.58 6.83 -4.66
C TYR A 99 18.78 5.31 -4.69
N THR A 100 18.09 4.65 -5.61
CA THR A 100 18.19 3.20 -5.76
C THR A 100 19.41 2.82 -6.59
N ARG A 101 20.07 1.74 -6.20
CA ARG A 101 21.25 1.26 -6.91
C ARG A 101 20.86 0.62 -8.24
N ASP A 102 19.55 0.43 -8.44
CA ASP A 102 19.04 -0.17 -9.66
C ASP A 102 18.63 0.90 -10.67
N LEU A 103 18.26 2.07 -10.16
CA LEU A 103 17.83 3.17 -11.00
C LEU A 103 18.47 4.49 -10.56
N PRO A 104 18.62 5.43 -11.50
CA PRO A 104 19.21 6.74 -11.22
C PRO A 104 18.31 7.62 -10.36
N HIS A 105 18.92 8.50 -9.58
CA HIS A 105 18.18 9.39 -8.71
C HIS A 105 17.12 10.16 -9.50
N ILE A 106 17.36 10.33 -10.79
CA ILE A 106 16.43 11.04 -11.65
C ILE A 106 15.22 10.17 -12.00
N THR A 107 15.47 8.88 -12.21
CA THR A 107 14.40 7.94 -12.55
C THR A 107 13.48 7.71 -11.36
N VAL A 108 14.06 7.61 -10.17
CA VAL A 108 13.28 7.40 -8.95
C VAL A 108 12.54 8.66 -8.54
N ASP A 109 13.24 9.79 -8.57
CA ASP A 109 12.64 11.07 -8.20
C ASP A 109 11.48 11.41 -9.14
N ARG A 110 11.70 11.22 -10.44
CA ARG A 110 10.68 11.52 -11.44
C ARG A 110 9.53 10.52 -11.35
N LEU A 111 9.87 9.28 -11.00
CA LEU A 111 8.87 8.23 -10.89
C LEU A 111 7.81 8.59 -9.84
N VAL A 112 8.27 8.99 -8.66
CA VAL A 112 7.37 9.37 -7.58
C VAL A 112 6.40 10.46 -8.02
N SER A 113 6.91 11.44 -8.76
CA SER A 113 6.09 12.53 -9.25
C SER A 113 5.12 12.05 -10.32
N LYS A 114 5.55 11.07 -11.11
CA LYS A 114 4.73 10.52 -12.18
C LYS A 114 3.46 9.90 -11.61
N ALA A 115 3.56 9.33 -10.41
CA ALA A 115 2.41 8.71 -9.76
C ALA A 115 1.76 9.67 -8.77
N LEU A 116 2.57 10.42 -8.05
CA LEU A 116 2.06 11.38 -7.07
C LEU A 116 1.25 12.48 -7.75
N ASN A 117 1.66 12.84 -8.97
CA ASN A 117 0.98 13.87 -9.73
C ASN A 117 -0.44 13.44 -10.10
N MET A 118 -0.60 12.14 -10.38
CA MET A 118 -1.89 11.59 -10.75
C MET A 118 -2.86 11.66 -9.57
N TRP A 119 -2.33 11.54 -8.36
CA TRP A 119 -3.15 11.59 -7.16
C TRP A 119 -3.61 13.02 -6.87
N GLY A 120 -2.68 13.96 -6.97
CA GLY A 120 -3.01 15.36 -6.72
C GLY A 120 -3.98 15.92 -7.74
N LYS A 121 -3.73 15.62 -9.02
CA LYS A 121 -4.58 16.11 -10.10
C LYS A 121 -6.00 15.56 -9.96
N GLU A 122 -6.14 14.50 -9.16
CA GLU A 122 -7.44 13.89 -8.94
C GLU A 122 -8.14 14.50 -7.73
N ILE A 123 -7.50 15.50 -7.13
CA ILE A 123 -8.06 16.17 -5.97
C ILE A 123 -7.83 17.68 -6.03
N PRO A 124 -8.74 18.44 -5.43
CA PRO A 124 -8.66 19.91 -5.41
C PRO A 124 -7.52 20.41 -4.53
N LEU A 125 -6.70 19.49 -4.04
CA LEU A 125 -5.57 19.84 -3.19
C LEU A 125 -4.59 20.74 -3.94
N HIS A 126 -3.37 20.81 -3.43
CA HIS A 126 -2.33 21.63 -4.05
C HIS A 126 -0.94 21.05 -3.78
N PHE A 127 -0.22 20.75 -4.86
CA PHE A 127 1.13 20.19 -4.75
C PHE A 127 2.18 21.21 -5.16
N ARG A 128 3.35 21.13 -4.54
CA ARG A 128 4.45 22.04 -4.84
C ARG A 128 5.75 21.28 -5.03
N LYS A 129 6.55 21.73 -5.99
CA LYS A 129 7.84 21.10 -6.28
C LYS A 129 8.91 21.56 -5.29
N VAL A 130 9.85 20.67 -4.98
CA VAL A 130 10.92 20.98 -4.05
C VAL A 130 12.23 21.24 -4.79
N VAL A 131 12.83 22.40 -4.51
CA VAL A 131 14.08 22.78 -5.16
C VAL A 131 15.00 23.50 -4.19
N TRP A 132 14.47 23.85 -3.02
CA TRP A 132 15.23 24.55 -2.00
C TRP A 132 14.64 24.31 -0.62
N GLY A 133 15.35 23.54 0.20
CA GLY A 133 14.88 23.25 1.55
C GLY A 133 14.38 21.82 1.69
N THR A 134 13.56 21.59 2.72
CA THR A 134 13.02 20.26 2.96
C THR A 134 11.57 20.17 2.50
N ALA A 135 11.12 18.95 2.21
CA ALA A 135 9.76 18.71 1.75
C ALA A 135 8.95 17.96 2.80
N ASP A 136 7.63 17.97 2.64
CA ASP A 136 6.74 17.29 3.57
C ASP A 136 6.92 15.77 3.48
N ILE A 137 6.77 15.23 2.29
CA ILE A 137 6.92 13.79 2.07
C ILE A 137 8.34 13.45 1.67
N MET A 138 8.90 12.42 2.31
CA MET A 138 10.26 11.98 2.01
C MET A 138 10.25 10.61 1.34
N ILE A 139 10.88 10.54 0.17
CA ILE A 139 10.94 9.30 -0.58
C ILE A 139 12.35 8.70 -0.53
N GLY A 140 12.58 7.84 0.46
CA GLY A 140 13.88 7.21 0.61
C GLY A 140 13.78 5.71 0.83
N PHE A 141 14.90 5.02 0.64
CA PHE A 141 14.92 3.57 0.83
C PHE A 141 15.63 3.19 2.12
N ALA A 142 15.15 2.13 2.77
CA ALA A 142 15.73 1.68 4.03
C ALA A 142 14.92 0.53 4.62
N ARG A 143 15.49 -0.14 5.61
CA ARG A 143 14.81 -1.26 6.26
C ARG A 143 14.29 -0.86 7.63
N GLY A 144 13.54 -1.76 8.26
CA GLY A 144 12.98 -1.47 9.58
C GLY A 144 14.04 -1.09 10.58
N ALA A 145 15.30 -1.40 10.27
CA ALA A 145 16.41 -1.08 11.16
C ALA A 145 16.88 0.35 10.96
N HIS A 146 16.18 1.09 10.10
CA HIS A 146 16.52 2.48 9.82
C HIS A 146 16.23 3.37 11.03
N GLY A 147 15.20 2.98 11.80
CA GLY A 147 14.84 3.75 12.98
C GLY A 147 13.34 3.75 13.21
N ASP A 148 12.71 2.59 13.02
CA ASP A 148 11.27 2.46 13.22
C ASP A 148 10.91 1.08 13.75
N SER A 149 9.72 0.96 14.30
CA SER A 149 9.25 -0.32 14.84
C SER A 149 8.71 -1.22 13.75
N TYR A 150 8.26 -2.40 14.13
CA TYR A 150 7.72 -3.37 13.17
C TYR A 150 8.80 -3.82 12.19
N PRO A 151 9.00 -5.14 12.12
CA PRO A 151 10.01 -5.75 11.24
C PRO A 151 9.62 -5.64 9.76
N PHE A 152 10.62 -5.48 8.91
CA PHE A 152 10.37 -5.36 7.47
C PHE A 152 10.41 -6.72 6.80
N ASP A 153 11.25 -7.62 7.31
CA ASP A 153 11.38 -8.96 6.76
C ASP A 153 12.14 -8.94 5.45
N GLY A 154 12.52 -7.74 5.01
CA GLY A 154 13.25 -7.60 3.76
C GLY A 154 12.56 -8.30 2.61
N PRO A 155 13.19 -9.38 2.10
CA PRO A 155 12.65 -10.16 0.99
C PRO A 155 11.40 -10.95 1.38
N GLY A 156 10.43 -10.98 0.48
CA GLY A 156 9.20 -11.70 0.75
C GLY A 156 8.05 -10.78 1.11
N ASN A 157 7.10 -11.29 1.89
CA ASN A 157 5.94 -10.50 2.31
C ASN A 157 6.36 -9.08 2.68
N THR A 158 5.44 -8.15 2.52
CA THR A 158 5.71 -6.75 2.84
C THR A 158 6.52 -6.07 1.74
N LEU A 159 5.89 -5.16 1.02
CA LEU A 159 6.55 -4.44 -0.06
C LEU A 159 7.17 -3.14 0.44
N ALA A 160 6.36 -2.33 1.11
CA ALA A 160 6.83 -1.06 1.65
C ALA A 160 5.83 -0.47 2.63
N HIS A 161 6.32 0.24 3.63
CA HIS A 161 5.47 0.85 4.64
C HIS A 161 5.38 2.37 4.44
N ALA A 162 4.16 2.88 4.33
CA ALA A 162 3.95 4.31 4.13
C ALA A 162 3.31 4.94 5.38
N PHE A 163 3.53 6.24 5.55
CA PHE A 163 2.99 6.96 6.68
C PHE A 163 1.79 7.81 6.26
N ALA A 164 0.86 8.01 7.20
CA ALA A 164 -0.32 8.81 6.93
C ALA A 164 -0.01 10.30 6.97
N PRO A 165 -0.91 11.11 6.39
CA PRO A 165 -0.75 12.57 6.34
C PRO A 165 -0.90 13.21 7.71
N GLY A 166 0.15 13.11 8.53
CA GLY A 166 0.11 13.69 9.86
C GLY A 166 1.36 14.48 10.18
N THR A 167 1.17 15.75 10.56
CA THR A 167 2.29 16.62 10.89
C THR A 167 3.34 16.61 9.78
N GLY A 168 4.48 17.22 10.06
CA GLY A 168 5.55 17.27 9.08
C GLY A 168 6.29 15.95 8.97
N LEU A 169 6.84 15.48 10.08
CA LEU A 169 7.58 14.22 10.11
C LEU A 169 6.74 13.09 9.54
N GLY A 170 5.44 13.09 9.88
CA GLY A 170 4.55 12.05 9.39
C GLY A 170 4.08 12.32 7.97
N GLY A 171 3.73 11.25 7.26
CA GLY A 171 3.26 11.40 5.89
C GLY A 171 4.37 11.22 4.87
N ASP A 172 5.43 10.52 5.27
CA ASP A 172 6.55 10.28 4.39
C ASP A 172 6.39 8.96 3.64
N ALA A 173 7.29 8.70 2.69
CA ALA A 173 7.24 7.48 1.90
C ALA A 173 8.49 6.64 2.12
N HIS A 174 8.30 5.36 2.39
CA HIS A 174 9.41 4.44 2.63
C HIS A 174 9.27 3.20 1.76
N PHE A 175 10.37 2.81 1.10
CA PHE A 175 10.37 1.64 0.23
C PHE A 175 11.33 0.59 0.76
N ASP A 176 10.91 -0.68 0.68
CA ASP A 176 11.73 -1.79 1.14
C ASP A 176 12.96 -1.98 0.24
N GLU A 177 14.08 -1.42 0.67
CA GLU A 177 15.32 -1.52 -0.09
C GLU A 177 15.69 -2.97 -0.33
N ASP A 178 15.09 -3.87 0.45
CA ASP A 178 15.35 -5.29 0.31
C ASP A 178 14.57 -5.89 -0.85
N GLU A 179 13.51 -5.19 -1.25
CA GLU A 179 12.67 -5.65 -2.35
C GLU A 179 13.33 -5.37 -3.70
N ARG A 180 12.59 -5.60 -4.78
CA ARG A 180 13.11 -5.37 -6.13
C ARG A 180 12.35 -4.26 -6.82
N TRP A 181 13.04 -3.15 -7.11
CA TRP A 181 12.42 -2.01 -7.78
C TRP A 181 13.06 -1.76 -9.14
N THR A 182 12.24 -1.37 -10.10
CA THR A 182 12.73 -1.09 -11.46
C THR A 182 11.60 -0.62 -12.35
N ASP A 183 11.97 -0.02 -13.49
CA ASP A 183 10.99 0.48 -14.44
C ASP A 183 11.22 -0.11 -15.83
N GLY A 184 12.32 0.29 -16.46
CA GLY A 184 12.65 -0.21 -17.78
C GLY A 184 12.91 -1.69 -17.80
N SER A 185 13.07 -2.28 -16.62
CA SER A 185 13.34 -3.71 -16.48
C SER A 185 12.03 -4.49 -16.29
N SER A 186 11.02 -3.81 -15.77
CA SER A 186 9.73 -4.43 -15.53
C SER A 186 9.90 -5.85 -15.02
N LEU A 187 10.85 -6.04 -14.11
CA LEU A 187 11.12 -7.37 -13.55
C LEU A 187 10.61 -7.46 -12.11
N GLY A 188 10.68 -6.34 -11.40
CA GLY A 188 10.22 -6.32 -10.02
C GLY A 188 8.99 -5.46 -9.83
N ILE A 189 8.90 -4.79 -8.68
CA ILE A 189 7.77 -3.94 -8.38
C ILE A 189 7.91 -2.58 -9.07
N ASN A 190 7.25 -2.44 -10.21
CA ASN A 190 7.30 -1.20 -10.97
C ASN A 190 7.14 0.01 -10.06
N PHE A 191 8.19 0.82 -9.97
CA PHE A 191 8.17 2.02 -9.14
C PHE A 191 6.96 2.90 -9.46
N LEU A 192 6.58 2.90 -10.73
CA LEU A 192 5.45 3.70 -11.18
C LEU A 192 4.14 3.18 -10.60
N TYR A 193 3.94 1.87 -10.70
CA TYR A 193 2.74 1.23 -10.18
C TYR A 193 2.72 1.24 -8.66
N ALA A 194 3.89 1.00 -8.06
CA ALA A 194 4.02 0.99 -6.62
C ALA A 194 3.87 2.38 -6.04
N ALA A 195 4.36 3.38 -6.77
CA ALA A 195 4.27 4.77 -6.33
C ALA A 195 2.82 5.17 -6.05
N THR A 196 1.93 4.79 -6.95
CA THR A 196 0.51 5.11 -6.79
C THR A 196 -0.05 4.54 -5.50
N HIS A 197 0.31 3.29 -5.20
CA HIS A 197 -0.16 2.64 -3.99
C HIS A 197 0.54 3.21 -2.76
N ALA A 198 1.82 3.51 -2.90
CA ALA A 198 2.61 4.07 -1.80
C ALA A 198 2.25 5.53 -1.56
N LEU A 199 2.19 6.31 -2.63
CA LEU A 199 1.86 7.73 -2.53
C LEU A 199 0.45 7.92 -2.00
N GLY A 200 -0.50 7.16 -2.54
CA GLY A 200 -1.87 7.26 -2.10
C GLY A 200 -2.03 7.07 -0.60
N HIS A 201 -1.12 6.29 -0.01
CA HIS A 201 -1.16 6.03 1.42
C HIS A 201 -0.87 7.30 2.21
N SER A 202 0.02 8.13 1.67
CA SER A 202 0.40 9.37 2.33
C SER A 202 -0.77 10.36 2.33
N LEU A 203 -1.71 10.15 1.41
CA LEU A 203 -2.88 11.02 1.31
C LEU A 203 -4.02 10.52 2.18
N GLY A 204 -3.83 9.34 2.77
CA GLY A 204 -4.85 8.76 3.63
C GLY A 204 -5.84 7.91 2.86
N MET A 205 -5.53 7.64 1.60
CA MET A 205 -6.41 6.83 0.75
C MET A 205 -6.34 5.36 1.16
N GLY A 206 -7.50 4.72 1.25
CA GLY A 206 -7.54 3.32 1.63
C GLY A 206 -7.74 2.40 0.43
N HIS A 207 -7.38 1.14 0.58
CA HIS A 207 -7.52 0.16 -0.49
C HIS A 207 -8.96 0.12 -1.00
N SER A 208 -9.15 -0.46 -2.18
CA SER A 208 -10.47 -0.56 -2.78
C SER A 208 -10.80 -2.01 -3.10
N SER A 209 -12.10 -2.32 -3.14
CA SER A 209 -12.56 -3.67 -3.44
C SER A 209 -12.72 -3.87 -4.95
N ASP A 210 -12.53 -2.80 -5.70
CA ASP A 210 -12.67 -2.85 -7.15
C ASP A 210 -11.50 -3.61 -7.77
N PRO A 211 -11.82 -4.46 -8.76
CA PRO A 211 -10.82 -5.27 -9.46
C PRO A 211 -9.90 -4.42 -10.34
N ASN A 212 -10.24 -3.14 -10.47
CA ASN A 212 -9.45 -2.23 -11.30
C ASN A 212 -9.03 -1.00 -10.49
N ALA A 213 -8.86 -1.19 -9.18
CA ALA A 213 -8.45 -0.10 -8.30
C ALA A 213 -6.94 0.01 -8.24
N VAL A 214 -6.44 1.25 -8.12
CA VAL A 214 -5.01 1.49 -8.06
C VAL A 214 -4.44 1.07 -6.70
N MET A 215 -5.29 1.06 -5.69
CA MET A 215 -4.88 0.69 -4.34
C MET A 215 -5.18 -0.79 -4.08
N TYR A 216 -5.55 -1.51 -5.13
CA TYR A 216 -5.86 -2.93 -5.02
C TYR A 216 -4.69 -3.70 -4.41
N PRO A 217 -4.97 -4.45 -3.34
CA PRO A 217 -3.95 -5.25 -2.65
C PRO A 217 -3.47 -6.43 -3.48
N THR A 218 -4.25 -6.80 -4.49
CA THR A 218 -3.92 -7.91 -5.36
C THR A 218 -3.31 -7.42 -6.67
N TYR A 219 -2.12 -6.83 -6.58
CA TYR A 219 -1.43 -6.31 -7.76
C TYR A 219 -1.57 -7.28 -8.94
N GLY A 220 -2.12 -6.78 -10.04
CA GLY A 220 -2.29 -7.60 -11.22
C GLY A 220 -1.00 -7.79 -11.99
N ASN A 221 -1.04 -8.66 -12.99
CA ASN A 221 0.14 -8.94 -13.81
C ASN A 221 0.01 -8.28 -15.19
N GLY A 222 -1.23 -8.00 -15.59
CA GLY A 222 -1.46 -7.37 -16.88
C GLY A 222 -0.63 -6.11 -17.07
N ASP A 223 -0.38 -5.77 -18.33
CA ASP A 223 0.42 -4.58 -18.65
C ASP A 223 -0.39 -3.59 -19.48
N PRO A 224 -0.90 -2.54 -18.81
CA PRO A 224 -1.70 -1.51 -19.46
C PRO A 224 -0.87 -0.64 -20.41
N GLN A 225 -1.55 0.17 -21.21
CA GLN A 225 -0.87 1.05 -22.16
C GLN A 225 -0.26 2.25 -21.44
N ASN A 226 -1.03 2.86 -20.55
CA ASN A 226 -0.56 4.02 -19.80
C ASN A 226 -0.83 3.85 -18.31
N PHE A 227 -2.01 3.31 -17.99
CA PHE A 227 -2.39 3.09 -16.59
C PHE A 227 -2.50 4.42 -15.84
N LYS A 228 -3.64 4.63 -15.21
CA LYS A 228 -3.88 5.85 -14.45
C LYS A 228 -4.69 5.57 -13.20
N LEU A 229 -5.13 6.63 -12.53
CA LEU A 229 -5.92 6.49 -11.31
C LEU A 229 -7.21 5.71 -11.58
N SER A 230 -7.67 4.98 -10.56
CA SER A 230 -8.88 4.19 -10.69
C SER A 230 -10.12 5.03 -10.37
N GLN A 231 -11.26 4.60 -10.90
CA GLN A 231 -12.52 5.32 -10.67
C GLN A 231 -12.87 5.33 -9.19
N ASP A 232 -13.10 4.16 -8.62
CA ASP A 232 -13.45 4.03 -7.21
C ASP A 232 -12.39 4.70 -6.34
N ASP A 233 -11.16 4.73 -6.83
CA ASP A 233 -10.05 5.34 -6.10
C ASP A 233 -10.22 6.86 -6.01
N ILE A 234 -10.51 7.48 -7.15
CA ILE A 234 -10.68 8.92 -7.20
C ILE A 234 -11.95 9.35 -6.47
N LYS A 235 -13.03 8.60 -6.70
CA LYS A 235 -14.31 8.90 -6.05
C LYS A 235 -14.20 8.76 -4.54
N GLY A 236 -13.35 7.85 -4.09
CA GLY A 236 -13.17 7.63 -2.67
C GLY A 236 -12.62 8.86 -1.97
N ILE A 237 -11.54 9.42 -2.52
CA ILE A 237 -10.91 10.60 -1.94
C ILE A 237 -11.75 11.85 -2.17
N GLN A 238 -12.45 11.87 -3.30
CA GLN A 238 -13.30 13.01 -3.65
C GLN A 238 -14.49 13.11 -2.70
N LYS A 239 -14.92 11.98 -2.17
CA LYS A 239 -16.04 11.94 -1.24
C LYS A 239 -15.63 12.46 0.13
N LEU A 240 -14.34 12.40 0.42
CA LEU A 240 -13.82 12.87 1.70
C LEU A 240 -13.25 14.27 1.56
N TYR A 241 -12.75 14.59 0.38
CA TYR A 241 -12.16 15.91 0.12
C TYR A 241 -13.23 16.87 -0.43
N GLY A 242 -14.14 16.34 -1.23
CA GLY A 242 -15.19 17.15 -1.81
C GLY A 242 -16.53 16.45 -1.82
N LYS A 243 -17.08 16.27 -3.02
CA LYS A 243 -18.37 15.60 -3.17
C LYS A 243 -18.19 14.10 -3.35
N ARG A 244 -19.21 13.34 -2.96
CA ARG A 244 -19.16 11.88 -3.07
C ARG A 244 -19.72 11.43 -4.42
N SER A 245 -19.88 10.11 -4.57
CA SER A 245 -20.39 9.54 -5.80
C SER A 245 -21.11 8.22 -5.54
N ASN A 246 -20.35 7.22 -5.12
CA ASN A 246 -20.91 5.91 -4.83
C ASN A 246 -19.83 4.95 -4.32
N SER A 247 -19.64 4.93 -3.01
CA SER A 247 -18.64 4.05 -2.40
C SER A 247 -18.68 4.17 -0.88
N ARG A 248 -18.12 3.17 -0.21
CA ARG A 248 -18.08 3.15 1.25
C ARG A 248 -16.65 3.16 1.77
N LYS A 249 -16.24 4.30 2.33
CA LYS A 249 -14.89 4.44 2.86
C LYS A 249 -14.57 3.32 3.85
N LYS A 250 -13.30 2.92 3.89
CA LYS A 250 -12.87 1.87 4.79
C LYS A 250 -11.50 2.19 5.40
CA CA B . 5.95 13.98 6.20
CA CA C . 9.88 -7.55 1.65
ZN ZN D . 10.40 3.29 8.19
ZN ZN E . -1.53 -0.53 0.76
N LEU A 1 -5.90 -16.71 -16.15
CA LEU A 1 -5.57 -16.97 -14.76
C LEU A 1 -6.16 -18.30 -14.29
N PRO A 2 -5.56 -19.41 -14.75
CA PRO A 2 -6.00 -20.75 -14.40
C PRO A 2 -5.71 -21.10 -12.95
N LEU A 3 -6.77 -21.27 -12.16
CA LEU A 3 -6.62 -21.61 -10.75
C LEU A 3 -7.69 -22.60 -10.30
N PRO A 4 -7.56 -23.85 -10.77
CA PRO A 4 -8.51 -24.92 -10.43
C PRO A 4 -8.41 -25.35 -8.98
N GLN A 5 -7.19 -25.59 -8.51
CA GLN A 5 -6.96 -26.00 -7.14
C GLN A 5 -5.46 -26.12 -6.85
N GLU A 6 -4.90 -25.08 -6.26
CA GLU A 6 -3.48 -25.06 -5.92
C GLU A 6 -3.24 -25.50 -4.48
N ALA A 7 -4.24 -25.25 -3.63
CA ALA A 7 -4.15 -25.61 -2.23
C ALA A 7 -3.87 -27.10 -2.06
N GLY A 8 -4.42 -27.90 -2.97
CA GLY A 8 -4.23 -29.34 -2.90
C GLY A 8 -2.76 -29.73 -2.90
N GLY A 9 -1.92 -28.84 -3.43
CA GLY A 9 -0.49 -29.11 -3.47
C GLY A 9 0.29 -28.27 -2.49
N MET A 10 -0.40 -27.75 -1.47
CA MET A 10 0.24 -26.92 -0.46
C MET A 10 0.47 -27.70 0.82
N SER A 11 1.33 -27.17 1.69
CA SER A 11 1.65 -27.83 2.95
C SER A 11 1.13 -27.02 4.14
N GLU A 12 1.15 -27.62 5.31
CA GLU A 12 0.69 -26.95 6.53
C GLU A 12 1.41 -25.61 6.72
N LEU A 13 2.66 -25.56 6.28
CA LEU A 13 3.46 -24.34 6.40
C LEU A 13 2.84 -23.20 5.60
N GLN A 14 2.38 -23.51 4.40
CA GLN A 14 1.77 -22.51 3.53
C GLN A 14 0.50 -21.94 4.18
N TRP A 15 -0.31 -22.82 4.75
CA TRP A 15 -1.55 -22.41 5.40
C TRP A 15 -1.26 -21.70 6.72
N GLU A 16 -0.20 -22.13 7.40
CA GLU A 16 0.18 -21.53 8.67
C GLU A 16 0.77 -20.14 8.47
N GLN A 17 1.53 -19.98 7.39
CA GLN A 17 2.17 -18.70 7.08
C GLN A 17 1.11 -17.63 6.81
N ALA A 18 0.02 -18.02 6.18
CA ALA A 18 -1.06 -17.09 5.86
C ALA A 18 -1.69 -16.54 7.14
N GLN A 19 -1.81 -17.39 8.15
CA GLN A 19 -2.40 -16.99 9.42
C GLN A 19 -1.51 -15.99 10.14
N ASP A 20 -0.21 -16.25 10.13
CA ASP A 20 0.75 -15.36 10.79
C ASP A 20 0.95 -14.09 9.98
N TYR A 21 0.84 -14.20 8.66
CA TYR A 21 1.02 -13.06 7.78
C TYR A 21 -0.16 -12.09 7.90
N LEU A 22 -1.35 -12.64 8.09
CA LEU A 22 -2.55 -11.82 8.23
C LEU A 22 -2.57 -11.10 9.58
N LYS A 23 -1.80 -11.62 10.53
CA LYS A 23 -1.72 -11.01 11.85
C LYS A 23 -0.89 -9.74 11.82
N ARG A 24 0.12 -9.71 10.96
CA ARG A 24 0.99 -8.55 10.83
C ARG A 24 0.36 -7.49 9.94
N PHE A 25 -0.51 -7.93 9.04
CA PHE A 25 -1.19 -7.02 8.12
C PHE A 25 -2.12 -6.07 8.88
N TYR A 26 -2.28 -6.33 10.17
CA TYR A 26 -3.15 -5.51 11.01
C TYR A 26 -2.34 -4.76 12.06
N LEU A 27 -1.93 -5.47 13.09
CA LEU A 27 -1.14 -4.87 14.17
C LEU A 27 -0.39 -5.94 14.95
N TYR A 28 -0.04 -7.04 14.29
CA TYR A 28 0.68 -8.13 14.92
C TYR A 28 -0.01 -8.55 16.21
N ASP A 29 -0.95 -9.48 16.10
CA ASP A 29 -1.68 -9.97 17.27
C ASP A 29 -1.60 -11.49 17.36
N SER A 30 -1.14 -11.99 18.50
CA SER A 30 -1.01 -13.42 18.72
C SER A 30 -2.32 -14.02 19.20
N GLU A 31 -3.30 -13.17 19.46
CA GLU A 31 -4.61 -13.62 19.92
C GLU A 31 -5.41 -14.23 18.78
N THR A 32 -4.91 -14.07 17.56
CA THR A 32 -5.58 -14.61 16.38
C THR A 32 -5.34 -16.11 16.26
N LYS A 33 -4.56 -16.66 17.18
CA LYS A 33 -4.26 -18.09 17.18
C LYS A 33 -5.53 -18.91 17.10
N ASN A 34 -5.38 -20.21 16.89
CA ASN A 34 -6.53 -21.12 16.79
C ASN A 34 -7.34 -20.83 15.53
N ALA A 35 -7.94 -21.88 14.98
CA ALA A 35 -8.75 -21.74 13.77
C ALA A 35 -10.10 -21.10 14.08
N ASN A 36 -10.55 -21.26 15.32
CA ASN A 36 -11.82 -20.69 15.75
C ASN A 36 -11.90 -19.21 15.42
N SER A 37 -10.83 -18.49 15.73
CA SER A 37 -10.77 -17.05 15.48
C SER A 37 -10.31 -16.77 14.05
N LEU A 38 -9.66 -17.76 13.44
CA LEU A 38 -9.16 -17.62 12.08
C LEU A 38 -10.30 -17.37 11.11
N GLU A 39 -11.38 -18.13 11.25
CA GLU A 39 -12.54 -17.99 10.39
C GLU A 39 -13.14 -16.60 10.51
N ALA A 40 -13.36 -16.16 11.75
CA ALA A 40 -13.94 -14.85 12.00
C ALA A 40 -12.99 -13.74 11.54
N LYS A 41 -11.74 -13.81 11.98
CA LYS A 41 -10.74 -12.81 11.61
C LYS A 41 -10.55 -12.77 10.09
N LEU A 42 -10.36 -13.94 9.49
CA LEU A 42 -10.17 -14.02 8.04
C LEU A 42 -11.33 -13.36 7.30
N LYS A 43 -12.54 -13.52 7.84
CA LYS A 43 -13.73 -12.95 7.23
C LYS A 43 -13.61 -11.43 7.12
N GLU A 44 -13.15 -10.80 8.20
CA GLU A 44 -12.98 -9.35 8.23
C GLU A 44 -11.98 -8.90 7.15
N MET A 45 -10.99 -9.75 6.89
CA MET A 45 -9.98 -9.44 5.89
C MET A 45 -10.58 -9.43 4.49
N GLN A 46 -11.55 -10.30 4.26
CA GLN A 46 -12.21 -10.40 2.96
C GLN A 46 -12.83 -9.06 2.57
N LYS A 47 -13.43 -8.39 3.54
CA LYS A 47 -14.06 -7.09 3.30
C LYS A 47 -13.03 -6.04 2.92
N PHE A 48 -11.81 -6.21 3.42
CA PHE A 48 -10.73 -5.27 3.13
C PHE A 48 -10.28 -5.39 1.68
N PHE A 49 -10.20 -6.61 1.18
CA PHE A 49 -9.79 -6.86 -0.20
C PHE A 49 -10.96 -6.68 -1.16
N GLY A 50 -12.16 -7.06 -0.71
CA GLY A 50 -13.34 -6.93 -1.54
C GLY A 50 -13.76 -8.24 -2.15
N LEU A 51 -12.91 -9.26 -2.01
CA LEU A 51 -13.20 -10.58 -2.57
C LEU A 51 -14.49 -11.15 -1.97
N PRO A 52 -15.30 -11.80 -2.83
CA PRO A 52 -16.57 -12.40 -2.40
C PRO A 52 -16.37 -13.62 -1.51
N ILE A 53 -15.55 -14.56 -1.97
CA ILE A 53 -15.27 -15.77 -1.21
C ILE A 53 -14.81 -15.45 0.20
N THR A 54 -15.69 -15.70 1.17
CA THR A 54 -15.37 -15.43 2.57
C THR A 54 -15.07 -16.72 3.33
N GLY A 55 -14.32 -16.60 4.41
CA GLY A 55 -13.98 -17.77 5.21
C GLY A 55 -13.23 -18.82 4.41
N MET A 56 -12.67 -18.40 3.28
CA MET A 56 -11.92 -19.32 2.42
C MET A 56 -10.45 -18.93 2.39
N LEU A 57 -9.60 -19.88 1.97
CA LEU A 57 -8.17 -19.64 1.89
C LEU A 57 -7.48 -20.73 1.05
N ASN A 58 -7.30 -20.44 -0.23
CA ASN A 58 -6.66 -21.39 -1.14
C ASN A 58 -6.63 -20.83 -2.55
N SER A 59 -7.64 -20.03 -2.90
CA SER A 59 -7.72 -19.44 -4.23
C SER A 59 -6.99 -18.10 -4.28
N ARG A 60 -7.77 -17.02 -4.23
CA ARG A 60 -7.21 -15.68 -4.27
C ARG A 60 -6.78 -15.22 -2.88
N VAL A 61 -7.45 -15.76 -1.86
CA VAL A 61 -7.16 -15.40 -0.48
C VAL A 61 -5.76 -15.87 -0.09
N ILE A 62 -5.39 -17.06 -0.53
CA ILE A 62 -4.08 -17.62 -0.22
C ILE A 62 -3.00 -16.99 -1.08
N GLU A 63 -3.38 -16.60 -2.30
CA GLU A 63 -2.43 -15.99 -3.22
C GLU A 63 -1.95 -14.63 -2.69
N ILE A 64 -2.90 -13.84 -2.20
CA ILE A 64 -2.57 -12.52 -1.66
C ILE A 64 -1.60 -12.63 -0.49
N MET A 65 -1.66 -13.75 0.23
CA MET A 65 -0.78 -13.98 1.37
C MET A 65 0.68 -13.97 0.94
N GLN A 66 0.94 -14.56 -0.23
CA GLN A 66 2.31 -14.62 -0.75
C GLN A 66 2.59 -13.46 -1.69
N LYS A 67 1.53 -12.91 -2.30
CA LYS A 67 1.65 -11.80 -3.22
C LYS A 67 1.85 -10.49 -2.46
N PRO A 68 3.00 -9.84 -2.69
CA PRO A 68 3.33 -8.57 -2.03
C PRO A 68 2.47 -7.42 -2.54
N ARG A 69 1.83 -6.72 -1.61
CA ARG A 69 0.97 -5.59 -1.96
C ARG A 69 1.45 -4.31 -1.28
N CYS A 70 1.21 -4.20 0.02
CA CYS A 70 1.62 -3.03 0.78
C CYS A 70 2.13 -3.43 2.16
N GLY A 71 3.08 -2.66 2.68
CA GLY A 71 3.64 -2.95 3.99
C GLY A 71 2.95 -2.18 5.10
N VAL A 72 1.80 -1.60 4.78
CA VAL A 72 1.03 -0.83 5.77
C VAL A 72 -0.13 -1.66 6.31
N PRO A 73 -0.35 -1.57 7.63
CA PRO A 73 -1.43 -2.29 8.30
C PRO A 73 -2.80 -1.74 7.95
N ASP A 74 -3.83 -2.55 8.15
CA ASP A 74 -5.20 -2.14 7.86
C ASP A 74 -5.88 -1.59 9.10
N VAL A 75 -5.13 -1.48 10.20
CA VAL A 75 -5.66 -0.97 11.45
C VAL A 75 -4.64 -0.08 12.15
N ALA A 76 -5.09 1.11 12.56
CA ALA A 76 -4.23 2.05 13.25
C ALA A 76 -4.88 2.58 14.51
N GLU A 77 -4.11 3.30 15.32
CA GLU A 77 -4.62 3.87 16.57
C GLU A 77 -3.77 5.05 17.02
N TYR A 78 -4.39 6.22 17.13
CA TYR A 78 -3.68 7.42 17.56
C TYR A 78 -4.67 8.55 17.83
N SER A 79 -5.06 8.70 19.09
CA SER A 79 -6.00 9.75 19.48
C SER A 79 -5.48 11.12 19.07
N LEU A 80 -6.29 12.15 19.33
CA LEU A 80 -5.91 13.51 18.99
C LEU A 80 -5.47 13.61 17.53
N PHE A 81 -6.08 12.80 16.67
CA PHE A 81 -5.75 12.80 15.25
C PHE A 81 -5.80 14.21 14.68
N PRO A 82 -5.02 14.44 13.61
CA PRO A 82 -4.97 15.74 12.95
C PRO A 82 -6.25 16.08 12.21
N ASN A 83 -6.25 17.19 11.49
CA ASN A 83 -7.41 17.63 10.73
C ASN A 83 -7.74 16.63 9.62
N SER A 84 -8.68 15.74 9.89
CA SER A 84 -9.09 14.74 8.92
C SER A 84 -7.93 13.79 8.60
N PRO A 85 -8.27 12.59 8.11
CA PRO A 85 -7.28 11.58 7.75
C PRO A 85 -6.47 11.96 6.52
N LYS A 86 -7.17 12.36 5.46
CA LYS A 86 -6.52 12.75 4.22
C LYS A 86 -5.87 14.13 4.36
N TRP A 87 -4.99 14.47 3.41
CA TRP A 87 -4.30 15.75 3.43
C TRP A 87 -5.30 16.90 3.55
N THR A 88 -5.02 17.83 4.47
CA THR A 88 -5.88 18.97 4.68
C THR A 88 -5.17 20.28 4.31
N SER A 89 -3.86 20.20 4.17
CA SER A 89 -3.06 21.37 3.82
C SER A 89 -3.46 21.91 2.44
N LYS A 90 -3.04 23.13 2.15
CA LYS A 90 -3.34 23.76 0.87
C LYS A 90 -2.41 23.26 -0.22
N VAL A 91 -1.20 22.91 0.16
CA VAL A 91 -0.20 22.40 -0.79
C VAL A 91 0.73 21.39 -0.13
N VAL A 92 1.03 20.32 -0.85
CA VAL A 92 1.91 19.28 -0.33
C VAL A 92 3.14 19.11 -1.21
N THR A 93 4.29 18.94 -0.57
CA THR A 93 5.55 18.78 -1.30
C THR A 93 6.14 17.40 -1.06
N TYR A 94 7.15 17.05 -1.86
CA TYR A 94 7.81 15.75 -1.73
C TYR A 94 9.29 15.86 -2.08
N ARG A 95 10.11 15.05 -1.42
CA ARG A 95 11.55 15.04 -1.66
C ARG A 95 12.13 13.64 -1.47
N ILE A 96 13.00 13.25 -2.40
CA ILE A 96 13.63 11.94 -2.34
C ILE A 96 14.73 11.90 -1.27
N VAL A 97 14.74 10.83 -0.49
CA VAL A 97 15.73 10.66 0.57
C VAL A 97 16.98 9.98 0.04
N SER A 98 16.79 8.98 -0.80
CA SER A 98 17.91 8.24 -1.38
C SER A 98 17.52 7.63 -2.73
N TYR A 99 18.53 7.31 -3.53
CA TYR A 99 18.29 6.73 -4.86
C TYR A 99 18.65 5.25 -4.86
N THR A 100 17.93 4.48 -5.66
CA THR A 100 18.16 3.04 -5.77
C THR A 100 19.32 2.74 -6.71
N ARG A 101 20.15 1.77 -6.34
CA ARG A 101 21.29 1.38 -7.16
C ARG A 101 20.84 0.88 -8.52
N ASP A 102 19.56 0.55 -8.64
CA ASP A 102 19.01 0.06 -9.89
C ASP A 102 18.47 1.20 -10.74
N LEU A 103 18.11 2.30 -10.09
CA LEU A 103 17.58 3.47 -10.78
C LEU A 103 18.27 4.75 -10.30
N PRO A 104 18.56 5.65 -11.26
CA PRO A 104 19.23 6.92 -10.96
C PRO A 104 18.33 7.87 -10.18
N HIS A 105 18.94 8.73 -9.38
CA HIS A 105 18.19 9.71 -8.58
C HIS A 105 17.18 10.45 -9.45
N ILE A 106 17.51 10.61 -10.72
CA ILE A 106 16.62 11.31 -11.65
C ILE A 106 15.41 10.46 -12.00
N THR A 107 15.64 9.18 -12.24
CA THR A 107 14.56 8.26 -12.58
C THR A 107 13.65 8.02 -11.38
N VAL A 108 14.25 7.92 -10.20
CA VAL A 108 13.50 7.68 -8.98
C VAL A 108 12.72 8.93 -8.56
N ASP A 109 13.38 10.08 -8.62
CA ASP A 109 12.75 11.34 -8.26
C ASP A 109 11.58 11.66 -9.19
N ARG A 110 11.78 11.44 -10.48
CA ARG A 110 10.74 11.70 -11.47
C ARG A 110 9.61 10.69 -11.35
N LEU A 111 9.95 9.47 -10.97
CA LEU A 111 8.96 8.41 -10.81
C LEU A 111 7.92 8.79 -9.77
N VAL A 112 8.39 9.26 -8.62
CA VAL A 112 7.50 9.67 -7.53
C VAL A 112 6.49 10.70 -8.01
N SER A 113 6.95 11.65 -8.82
CA SER A 113 6.08 12.69 -9.34
C SER A 113 5.11 12.13 -10.37
N LYS A 114 5.56 11.13 -11.12
CA LYS A 114 4.72 10.50 -12.14
C LYS A 114 3.49 9.86 -11.51
N ALA A 115 3.64 9.36 -10.29
CA ALA A 115 2.54 8.72 -9.58
C ALA A 115 1.86 9.71 -8.63
N LEU A 116 2.66 10.52 -7.96
CA LEU A 116 2.14 11.51 -7.02
C LEU A 116 1.32 12.57 -7.74
N ASN A 117 1.71 12.89 -8.97
CA ASN A 117 1.00 13.89 -9.77
C ASN A 117 -0.37 13.36 -10.20
N MET A 118 -0.43 12.08 -10.53
CA MET A 118 -1.67 11.46 -10.96
C MET A 118 -2.73 11.55 -9.86
N TRP A 119 -2.29 11.47 -8.61
CA TRP A 119 -3.19 11.55 -7.48
C TRP A 119 -3.76 12.95 -7.31
N GLY A 120 -2.87 13.95 -7.32
CA GLY A 120 -3.30 15.32 -7.18
C GLY A 120 -4.12 15.80 -8.36
N LYS A 121 -3.76 15.34 -9.55
CA LYS A 121 -4.46 15.73 -10.77
C LYS A 121 -5.92 15.28 -10.72
N GLU A 122 -6.21 14.35 -9.81
CA GLU A 122 -7.57 13.84 -9.66
C GLU A 122 -8.27 14.49 -8.47
N ILE A 123 -7.68 15.57 -7.96
CA ILE A 123 -8.25 16.29 -6.83
C ILE A 123 -7.94 17.77 -6.90
N PRO A 124 -8.82 18.59 -6.31
CA PRO A 124 -8.66 20.06 -6.29
C PRO A 124 -7.50 20.49 -5.41
N LEU A 125 -6.76 19.53 -4.87
CA LEU A 125 -5.62 19.82 -4.01
C LEU A 125 -4.57 20.63 -4.75
N HIS A 126 -3.33 20.58 -4.25
CA HIS A 126 -2.23 21.32 -4.87
C HIS A 126 -0.89 20.76 -4.42
N PHE A 127 0.06 20.69 -5.35
CA PHE A 127 1.39 20.16 -5.04
C PHE A 127 2.47 21.17 -5.43
N ARG A 128 3.56 21.17 -4.68
CA ARG A 128 4.66 22.09 -4.94
C ARG A 128 5.97 21.33 -5.14
N LYS A 129 6.79 21.78 -6.08
CA LYS A 129 8.07 21.15 -6.38
C LYS A 129 9.14 21.59 -5.37
N VAL A 130 9.96 20.65 -4.95
CA VAL A 130 11.03 20.94 -4.00
C VAL A 130 12.38 21.03 -4.69
N VAL A 131 13.13 22.09 -4.38
CA VAL A 131 14.44 22.30 -4.98
C VAL A 131 15.41 22.93 -3.98
N TRP A 132 14.85 23.61 -2.99
CA TRP A 132 15.66 24.26 -1.96
C TRP A 132 15.05 24.06 -0.58
N GLY A 133 15.70 23.25 0.25
CA GLY A 133 15.21 22.99 1.59
C GLY A 133 14.64 21.60 1.73
N THR A 134 13.81 21.40 2.76
CA THR A 134 13.20 20.11 3.01
C THR A 134 11.75 20.08 2.53
N ALA A 135 11.26 18.87 2.24
CA ALA A 135 9.89 18.71 1.77
C ALA A 135 9.04 17.98 2.81
N ASP A 136 7.72 18.04 2.64
CA ASP A 136 6.80 17.39 3.56
C ASP A 136 6.93 15.87 3.47
N ILE A 137 6.61 15.32 2.30
CA ILE A 137 6.70 13.88 2.09
C ILE A 137 8.10 13.46 1.64
N MET A 138 8.57 12.35 2.16
CA MET A 138 9.90 11.84 1.82
C MET A 138 9.79 10.52 1.07
N ILE A 139 10.49 10.44 -0.07
CA ILE A 139 10.48 9.22 -0.88
C ILE A 139 11.83 8.52 -0.84
N GLY A 140 12.01 7.64 0.14
CA GLY A 140 13.27 6.92 0.27
C GLY A 140 13.06 5.44 0.53
N PHE A 141 14.07 4.64 0.20
CA PHE A 141 13.98 3.19 0.40
C PHE A 141 14.84 2.76 1.59
N ALA A 142 14.42 1.67 2.23
CA ALA A 142 15.14 1.15 3.38
C ALA A 142 14.34 0.05 4.08
N ARG A 143 14.99 -0.65 5.00
CA ARG A 143 14.34 -1.74 5.74
C ARG A 143 13.96 -1.28 7.14
N GLY A 144 13.23 -2.14 7.85
CA GLY A 144 12.81 -1.80 9.20
C GLY A 144 13.97 -1.42 10.09
N ALA A 145 15.19 -1.77 9.66
CA ALA A 145 16.38 -1.46 10.43
C ALA A 145 16.90 -0.06 10.10
N HIS A 146 16.07 0.74 9.43
CA HIS A 146 16.43 2.09 9.06
C HIS A 146 16.11 3.06 10.19
N GLY A 147 15.62 2.53 11.30
CA GLY A 147 15.29 3.38 12.44
C GLY A 147 13.79 3.55 12.61
N ASP A 148 13.04 2.49 12.36
CA ASP A 148 11.59 2.53 12.49
C ASP A 148 11.06 1.26 13.12
N SER A 149 9.75 1.20 13.36
CA SER A 149 9.12 0.04 13.97
C SER A 149 8.76 -1.00 12.90
N TYR A 150 8.44 -2.21 13.36
CA TYR A 150 8.08 -3.29 12.45
C TYR A 150 9.28 -3.70 11.60
N PRO A 151 9.58 -5.02 11.61
CA PRO A 151 10.70 -5.57 10.84
C PRO A 151 10.46 -5.53 9.34
N PHE A 152 11.54 -5.46 8.57
CA PHE A 152 11.44 -5.41 7.11
C PHE A 152 10.58 -6.56 6.59
N ASP A 153 10.53 -7.65 7.36
CA ASP A 153 9.74 -8.82 6.97
C ASP A 153 10.46 -9.62 5.89
N GLY A 154 11.38 -8.96 5.18
CA GLY A 154 12.12 -9.62 4.12
C GLY A 154 11.33 -9.69 2.83
N PRO A 155 11.75 -10.59 1.93
CA PRO A 155 11.09 -10.77 0.62
C PRO A 155 9.71 -11.39 0.76
N GLY A 156 8.78 -10.93 -0.07
CA GLY A 156 7.42 -11.45 -0.03
C GLY A 156 6.46 -10.49 0.65
N ASN A 157 5.64 -11.03 1.55
CA ASN A 157 4.67 -10.22 2.27
C ASN A 157 5.23 -8.84 2.60
N THR A 158 4.37 -7.84 2.64
CA THR A 158 4.79 -6.48 2.95
C THR A 158 5.70 -5.92 1.85
N LEU A 159 5.23 -4.89 1.16
CA LEU A 159 6.01 -4.27 0.10
C LEU A 159 6.60 -2.95 0.55
N ALA A 160 5.76 -2.07 1.08
CA ALA A 160 6.20 -0.78 1.57
C ALA A 160 5.27 -0.24 2.66
N HIS A 161 5.83 0.52 3.59
CA HIS A 161 5.05 1.09 4.68
C HIS A 161 4.95 2.60 4.55
N ALA A 162 3.73 3.09 4.38
CA ALA A 162 3.48 4.52 4.24
C ALA A 162 2.79 5.08 5.47
N PHE A 163 3.08 6.35 5.78
CA PHE A 163 2.49 7.00 6.93
C PHE A 163 1.39 7.98 6.50
N ALA A 164 0.63 8.47 7.48
CA ALA A 164 -0.45 9.42 7.20
C ALA A 164 -0.05 10.83 7.58
N PRO A 165 -0.78 11.82 7.04
CA PRO A 165 -0.53 13.24 7.31
C PRO A 165 -0.89 13.63 8.74
N GLY A 166 0.06 13.47 9.66
CA GLY A 166 -0.18 13.80 11.05
C GLY A 166 1.05 14.34 11.74
N THR A 167 0.88 15.39 12.52
CA THR A 167 2.00 16.00 13.25
C THR A 167 2.91 16.76 12.29
N GLY A 168 3.63 16.02 11.45
CA GLY A 168 4.53 16.64 10.51
C GLY A 168 5.57 15.67 9.98
N LEU A 169 6.37 15.11 10.89
CA LEU A 169 7.41 14.15 10.50
C LEU A 169 6.82 13.01 9.69
N GLY A 170 5.60 12.61 10.01
CA GLY A 170 4.96 11.53 9.29
C GLY A 170 4.48 11.95 7.92
N GLY A 171 3.60 11.15 7.33
CA GLY A 171 3.09 11.47 6.01
C GLY A 171 4.11 11.23 4.91
N ASP A 172 5.20 10.56 5.27
CA ASP A 172 6.26 10.27 4.31
C ASP A 172 6.04 8.92 3.63
N ALA A 173 6.84 8.63 2.61
CA ALA A 173 6.73 7.37 1.89
C ALA A 173 8.00 6.55 2.03
N HIS A 174 7.84 5.27 2.36
CA HIS A 174 8.97 4.37 2.52
C HIS A 174 8.82 3.15 1.62
N PHE A 175 9.94 2.48 1.35
CA PHE A 175 9.93 1.29 0.50
C PHE A 175 10.78 0.18 1.12
N ASP A 176 10.33 -1.05 0.96
CA ASP A 176 11.04 -2.20 1.51
C ASP A 176 12.34 -2.46 0.74
N GLU A 177 13.46 -2.07 1.34
CA GLU A 177 14.77 -2.25 0.70
C GLU A 177 15.02 -3.72 0.41
N ASP A 178 14.25 -4.60 1.03
CA ASP A 178 14.39 -6.03 0.83
C ASP A 178 13.75 -6.46 -0.49
N GLU A 179 12.92 -5.57 -1.06
CA GLU A 179 12.25 -5.86 -2.32
C GLU A 179 13.09 -5.41 -3.50
N ARG A 180 12.60 -5.69 -4.71
CA ARG A 180 13.31 -5.30 -5.93
C ARG A 180 12.68 -4.08 -6.57
N TRP A 181 13.49 -3.03 -6.75
CA TRP A 181 13.00 -1.79 -7.35
C TRP A 181 13.73 -1.51 -8.66
N THR A 182 12.96 -1.17 -9.70
CA THR A 182 13.53 -0.88 -11.00
C THR A 182 12.44 -0.46 -11.99
N ASP A 183 12.85 0.13 -13.11
CA ASP A 183 11.92 0.57 -14.12
C ASP A 183 12.27 -0.03 -15.48
N GLY A 184 13.39 0.39 -16.05
CA GLY A 184 13.82 -0.12 -17.34
C GLY A 184 14.17 -1.60 -17.28
N SER A 185 14.27 -2.14 -16.07
CA SER A 185 14.62 -3.55 -15.89
C SER A 185 13.37 -4.38 -15.67
N SER A 186 12.31 -3.74 -15.20
CA SER A 186 11.04 -4.43 -14.94
C SER A 186 11.30 -5.87 -14.46
N LEU A 187 11.90 -5.99 -13.29
CA LEU A 187 12.20 -7.29 -12.71
C LEU A 187 11.45 -7.51 -11.41
N GLY A 188 11.27 -6.42 -10.65
CA GLY A 188 10.56 -6.51 -9.39
C GLY A 188 9.38 -5.55 -9.32
N ILE A 189 9.24 -4.88 -8.18
CA ILE A 189 8.14 -3.93 -7.99
C ILE A 189 8.43 -2.60 -8.67
N ASN A 190 7.76 -2.36 -9.79
CA ASN A 190 7.95 -1.13 -10.55
C ASN A 190 7.82 0.09 -9.65
N PHE A 191 8.85 0.93 -9.62
CA PHE A 191 8.85 2.12 -8.79
C PHE A 191 7.61 2.97 -9.06
N LEU A 192 7.18 3.00 -10.32
CA LEU A 192 6.01 3.77 -10.72
C LEU A 192 4.75 3.18 -10.10
N TYR A 193 4.58 1.87 -10.20
CA TYR A 193 3.42 1.19 -9.66
C TYR A 193 3.40 1.28 -8.14
N ALA A 194 4.57 1.19 -7.53
CA ALA A 194 4.70 1.25 -6.08
C ALA A 194 4.46 2.68 -5.58
N ALA A 195 4.90 3.66 -6.36
CA ALA A 195 4.74 5.06 -6.00
C ALA A 195 3.27 5.43 -5.86
N THR A 196 2.46 4.98 -6.82
CA THR A 196 1.03 5.25 -6.80
C THR A 196 0.38 4.75 -5.53
N HIS A 197 0.74 3.53 -5.14
CA HIS A 197 0.19 2.92 -3.92
C HIS A 197 0.78 3.57 -2.67
N ALA A 198 2.08 3.82 -2.69
CA ALA A 198 2.77 4.44 -1.57
C ALA A 198 2.34 5.90 -1.40
N LEU A 199 2.34 6.63 -2.52
CA LEU A 199 1.95 8.04 -2.49
C LEU A 199 0.50 8.21 -2.07
N GLY A 200 -0.37 7.36 -2.62
CA GLY A 200 -1.78 7.42 -2.28
C GLY A 200 -2.03 7.30 -0.79
N HIS A 201 -1.13 6.60 -0.09
CA HIS A 201 -1.26 6.41 1.35
C HIS A 201 -1.04 7.72 2.09
N SER A 202 -0.07 8.50 1.62
CA SER A 202 0.25 9.78 2.25
C SER A 202 -0.95 10.72 2.19
N LEU A 203 -1.86 10.45 1.25
CA LEU A 203 -3.06 11.28 1.10
C LEU A 203 -4.19 10.75 1.96
N GLY A 204 -3.91 9.71 2.73
CA GLY A 204 -4.94 9.13 3.59
C GLY A 204 -5.82 8.14 2.87
N MET A 205 -5.61 8.01 1.56
CA MET A 205 -6.39 7.09 0.74
C MET A 205 -6.17 5.64 1.18
N GLY A 206 -7.25 4.90 1.33
CA GLY A 206 -7.15 3.51 1.73
C GLY A 206 -7.30 2.54 0.57
N HIS A 207 -7.30 1.25 0.88
CA HIS A 207 -7.44 0.23 -0.15
C HIS A 207 -8.88 0.16 -0.66
N SER A 208 -9.03 -0.11 -1.95
CA SER A 208 -10.35 -0.20 -2.57
C SER A 208 -10.74 -1.65 -2.81
N SER A 209 -12.04 -1.92 -2.83
CA SER A 209 -12.54 -3.27 -3.05
C SER A 209 -12.70 -3.55 -4.54
N ASP A 210 -12.46 -2.53 -5.37
CA ASP A 210 -12.57 -2.67 -6.81
C ASP A 210 -11.43 -3.51 -7.37
N PRO A 211 -11.76 -4.42 -8.31
CA PRO A 211 -10.78 -5.30 -8.95
C PRO A 211 -9.83 -4.54 -9.86
N ASN A 212 -10.10 -3.26 -10.06
CA ASN A 212 -9.27 -2.42 -10.91
C ASN A 212 -8.84 -1.15 -10.18
N ALA A 213 -8.70 -1.24 -8.86
CA ALA A 213 -8.30 -0.11 -8.05
C ALA A 213 -6.78 0.00 -7.96
N VAL A 214 -6.27 1.22 -7.91
CA VAL A 214 -4.83 1.46 -7.82
C VAL A 214 -4.28 1.00 -6.48
N MET A 215 -5.13 1.03 -5.46
CA MET A 215 -4.74 0.61 -4.12
C MET A 215 -5.15 -0.82 -3.84
N TYR A 216 -5.60 -1.51 -4.88
CA TYR A 216 -6.05 -2.89 -4.75
C TYR A 216 -4.95 -3.76 -4.14
N PRO A 217 -5.24 -4.33 -2.96
CA PRO A 217 -4.28 -5.19 -2.24
C PRO A 217 -4.06 -6.52 -2.95
N THR A 218 -4.99 -6.89 -3.83
CA THR A 218 -4.89 -8.13 -4.57
C THR A 218 -4.01 -7.97 -5.82
N TYR A 219 -2.83 -7.41 -5.63
CA TYR A 219 -1.90 -7.19 -6.73
C TYR A 219 -1.58 -8.50 -7.44
N GLY A 220 -1.81 -8.54 -8.75
CA GLY A 220 -1.55 -9.74 -9.51
C GLY A 220 -2.73 -10.16 -10.36
N ASN A 221 -3.06 -9.35 -11.36
CA ASN A 221 -4.18 -9.65 -12.24
C ASN A 221 -3.77 -9.54 -13.71
N GLY A 222 -3.61 -8.30 -14.18
CA GLY A 222 -3.22 -8.08 -15.55
C GLY A 222 -2.15 -7.01 -15.69
N ASP A 223 -1.61 -6.85 -16.89
CA ASP A 223 -0.57 -5.87 -17.15
C ASP A 223 -1.03 -4.88 -18.22
N PRO A 224 -1.45 -3.68 -17.78
CA PRO A 224 -1.92 -2.62 -18.68
C PRO A 224 -0.78 -2.03 -19.50
N GLN A 225 -1.14 -1.24 -20.51
CA GLN A 225 -0.15 -0.61 -21.38
C GLN A 225 0.52 0.56 -20.67
N ASN A 226 -0.28 1.39 -20.01
CA ASN A 226 0.24 2.55 -19.29
C ASN A 226 -0.25 2.56 -17.84
N PHE A 227 -1.51 2.20 -17.65
CA PHE A 227 -2.10 2.16 -16.32
C PHE A 227 -2.21 3.56 -15.74
N LYS A 228 -3.36 3.87 -15.15
CA LYS A 228 -3.59 5.17 -14.55
C LYS A 228 -4.44 5.06 -13.29
N LEU A 229 -4.93 6.19 -12.80
CA LEU A 229 -5.76 6.22 -11.61
C LEU A 229 -7.02 5.38 -11.80
N SER A 230 -7.51 4.79 -10.71
CA SER A 230 -8.71 3.97 -10.76
C SER A 230 -9.97 4.81 -10.61
N GLN A 231 -11.08 4.31 -11.14
CA GLN A 231 -12.35 5.03 -11.05
C GLN A 231 -12.79 5.20 -9.60
N ASP A 232 -13.08 4.08 -8.95
CA ASP A 232 -13.52 4.11 -7.55
C ASP A 232 -12.49 4.83 -6.68
N ASP A 233 -11.24 4.83 -7.12
CA ASP A 233 -10.17 5.48 -6.37
C ASP A 233 -10.33 7.00 -6.41
N ILE A 234 -10.55 7.53 -7.62
CA ILE A 234 -10.72 8.97 -7.80
C ILE A 234 -12.02 9.45 -7.16
N LYS A 235 -13.09 8.69 -7.36
CA LYS A 235 -14.39 9.03 -6.80
C LYS A 235 -14.35 9.03 -5.28
N GLY A 236 -13.53 8.15 -4.71
CA GLY A 236 -13.41 8.07 -3.27
C GLY A 236 -12.82 9.32 -2.66
N ILE A 237 -11.71 9.78 -3.23
CA ILE A 237 -11.04 10.98 -2.74
C ILE A 237 -11.82 12.23 -3.09
N GLN A 238 -12.54 12.19 -4.21
CA GLN A 238 -13.33 13.32 -4.66
C GLN A 238 -14.54 13.52 -3.75
N LYS A 239 -14.96 12.45 -3.08
CA LYS A 239 -16.11 12.53 -2.19
C LYS A 239 -15.75 13.24 -0.89
N LEU A 240 -14.46 13.18 -0.52
CA LEU A 240 -13.99 13.83 0.69
C LEU A 240 -13.36 15.18 0.38
N TYR A 241 -12.74 15.28 -0.79
CA TYR A 241 -12.10 16.53 -1.21
C TYR A 241 -13.07 17.40 -2.01
N GLY A 242 -13.93 16.74 -2.80
CA GLY A 242 -14.89 17.47 -3.60
C GLY A 242 -16.32 17.23 -3.15
N LYS A 243 -17.15 16.71 -4.04
CA LYS A 243 -18.54 16.44 -3.73
C LYS A 243 -18.76 14.96 -3.43
N ARG A 244 -19.44 14.68 -2.33
CA ARG A 244 -19.70 13.30 -1.92
C ARG A 244 -20.43 12.54 -3.03
N SER A 245 -20.13 11.24 -3.14
CA SER A 245 -20.73 10.40 -4.16
C SER A 245 -20.61 8.93 -3.80
N ASN A 246 -20.53 8.64 -2.50
CA ASN A 246 -20.41 7.27 -2.02
C ASN A 246 -19.08 6.67 -2.46
N SER A 247 -18.59 5.71 -1.67
CA SER A 247 -17.32 5.05 -1.98
C SER A 247 -16.99 3.99 -0.93
N ARG A 248 -15.77 3.47 -0.99
CA ARG A 248 -15.33 2.45 -0.04
C ARG A 248 -14.07 2.90 0.70
N LYS A 249 -13.73 2.20 1.77
CA LYS A 249 -12.56 2.51 2.56
C LYS A 249 -12.01 1.27 3.25
N LYS A 250 -10.76 1.35 3.70
CA LYS A 250 -10.13 0.22 4.39
C LYS A 250 -10.07 -1.00 3.48
CA CA B . 6.42 14.67 6.62
CA CA C . 8.88 -7.77 1.30
ZN ZN D . 10.11 3.23 8.02
ZN ZN E . -1.75 0.00 0.57
N LEU A 1 -1.73 -17.00 -11.97
CA LEU A 1 -0.65 -17.84 -12.47
C LEU A 1 -0.76 -19.26 -11.95
N PRO A 2 -0.84 -19.39 -10.62
CA PRO A 2 -0.95 -20.69 -9.95
C PRO A 2 -2.32 -21.35 -10.20
N LEU A 3 -2.55 -22.46 -9.51
CA LEU A 3 -3.82 -23.19 -9.65
C LEU A 3 -4.52 -23.32 -8.31
N PRO A 4 -5.83 -23.60 -8.36
CA PRO A 4 -6.65 -23.76 -7.15
C PRO A 4 -6.32 -25.03 -6.39
N GLN A 5 -5.54 -25.91 -7.02
CA GLN A 5 -5.15 -27.16 -6.40
C GLN A 5 -3.77 -27.04 -5.74
N GLU A 6 -3.51 -25.87 -5.17
CA GLU A 6 -2.23 -25.62 -4.51
C GLU A 6 -2.34 -25.86 -3.01
N ALA A 7 -3.54 -25.68 -2.47
CA ALA A 7 -3.78 -25.89 -1.05
C ALA A 7 -3.71 -27.38 -0.68
N GLY A 8 -4.15 -28.22 -1.61
CA GLY A 8 -4.12 -29.66 -1.37
C GLY A 8 -2.73 -30.16 -1.01
N GLY A 9 -1.71 -29.43 -1.45
CA GLY A 9 -0.35 -29.83 -1.17
C GLY A 9 0.32 -28.92 -0.15
N MET A 10 -0.49 -28.22 0.64
CA MET A 10 0.04 -27.31 1.65
C MET A 10 0.14 -28.01 3.01
N SER A 11 0.91 -27.41 3.92
CA SER A 11 1.08 -27.98 5.25
C SER A 11 0.51 -27.05 6.31
N GLU A 12 0.42 -27.56 7.53
CA GLU A 12 -0.13 -26.77 8.64
C GLU A 12 0.62 -25.46 8.79
N LEU A 13 1.91 -25.47 8.46
CA LEU A 13 2.74 -24.28 8.56
C LEU A 13 2.23 -23.19 7.62
N GLN A 14 1.86 -23.57 6.41
CA GLN A 14 1.35 -22.62 5.43
C GLN A 14 0.04 -21.99 5.90
N TRP A 15 -0.83 -22.81 6.49
CA TRP A 15 -2.11 -22.34 6.98
C TRP A 15 -1.93 -21.52 8.26
N GLU A 16 -0.94 -21.88 9.07
CA GLU A 16 -0.66 -21.18 10.31
C GLU A 16 -0.02 -19.82 10.04
N GLN A 17 0.87 -19.79 9.06
CA GLN A 17 1.56 -18.55 8.69
C GLN A 17 0.63 -17.60 7.95
N ALA A 18 -0.25 -18.17 7.13
CA ALA A 18 -1.20 -17.38 6.36
C ALA A 18 -2.06 -16.50 7.28
N GLN A 19 -2.53 -17.10 8.37
CA GLN A 19 -3.36 -16.37 9.32
C GLN A 19 -2.53 -15.39 10.14
N ASP A 20 -1.31 -15.80 10.48
CA ASP A 20 -0.42 -14.96 11.26
C ASP A 20 0.03 -13.74 10.45
N TYR A 21 0.13 -13.92 9.14
CA TYR A 21 0.54 -12.83 8.25
C TYR A 21 -0.53 -11.75 8.16
N LEU A 22 -1.79 -12.17 8.19
CA LEU A 22 -2.91 -11.25 8.13
C LEU A 22 -3.00 -10.40 9.38
N LYS A 23 -2.40 -10.89 10.46
CA LYS A 23 -2.40 -10.18 11.73
C LYS A 23 -1.45 -9.00 11.70
N ARG A 24 -0.37 -9.14 10.93
CA ARG A 24 0.63 -8.07 10.82
C ARG A 24 0.24 -7.08 9.73
N PHE A 25 -0.52 -7.56 8.73
CA PHE A 25 -0.95 -6.72 7.63
C PHE A 25 -2.12 -5.85 8.05
N TYR A 26 -2.56 -6.00 9.29
CA TYR A 26 -3.68 -5.23 9.81
C TYR A 26 -3.25 -4.40 11.02
N LEU A 27 -3.09 -5.07 12.16
CA LEU A 27 -2.68 -4.39 13.39
C LEU A 27 -2.12 -5.38 14.39
N TYR A 28 -1.28 -4.89 15.30
CA TYR A 28 -0.66 -5.74 16.32
C TYR A 28 -1.61 -5.94 17.50
N ASP A 29 -2.44 -6.97 17.41
CA ASP A 29 -3.40 -7.27 18.47
C ASP A 29 -3.24 -8.71 18.96
N SER A 30 -3.16 -8.89 20.27
CA SER A 30 -3.00 -10.22 20.86
C SER A 30 -4.35 -10.90 21.03
N GLU A 31 -5.43 -10.12 20.90
CA GLU A 31 -6.77 -10.66 21.04
C GLU A 31 -7.13 -11.56 19.86
N THR A 32 -6.30 -11.52 18.83
CA THR A 32 -6.52 -12.32 17.63
C THR A 32 -6.03 -13.75 17.83
N LYS A 33 -5.52 -14.04 19.04
CA LYS A 33 -5.02 -15.36 19.36
C LYS A 33 -6.05 -16.44 19.02
N ASN A 34 -5.63 -17.70 19.08
CA ASN A 34 -6.52 -18.81 18.78
C ASN A 34 -6.91 -18.82 17.30
N ALA A 35 -6.64 -19.93 16.63
CA ALA A 35 -6.97 -20.06 15.22
C ALA A 35 -8.48 -19.93 14.99
N ASN A 36 -9.25 -20.22 16.02
CA ASN A 36 -10.70 -20.14 15.93
C ASN A 36 -11.16 -18.70 15.72
N SER A 37 -10.40 -17.75 16.28
CA SER A 37 -10.72 -16.34 16.15
C SER A 37 -10.15 -15.77 14.86
N LEU A 38 -9.16 -16.46 14.31
CA LEU A 38 -8.52 -16.02 13.07
C LEU A 38 -9.52 -15.99 11.92
N GLU A 39 -10.44 -16.95 11.92
CA GLU A 39 -11.44 -17.05 10.88
C GLU A 39 -12.25 -15.75 10.78
N ALA A 40 -12.75 -15.30 11.92
CA ALA A 40 -13.53 -14.06 11.97
C ALA A 40 -12.79 -12.90 11.31
N LYS A 41 -11.48 -12.88 11.47
CA LYS A 41 -10.64 -11.83 10.89
C LYS A 41 -10.56 -11.99 9.38
N LEU A 42 -10.42 -13.23 8.92
CA LEU A 42 -10.33 -13.51 7.49
C LEU A 42 -11.52 -12.93 6.74
N LYS A 43 -12.69 -13.00 7.36
CA LYS A 43 -13.91 -12.47 6.76
C LYS A 43 -13.78 -10.99 6.46
N GLU A 44 -13.25 -10.24 7.42
CA GLU A 44 -13.06 -8.80 7.26
C GLU A 44 -12.12 -8.50 6.09
N MET A 45 -11.15 -9.39 5.88
CA MET A 45 -10.19 -9.23 4.79
C MET A 45 -10.88 -9.35 3.43
N GLN A 46 -11.89 -10.20 3.35
CA GLN A 46 -12.63 -10.41 2.11
C GLN A 46 -13.24 -9.11 1.62
N LYS A 47 -13.76 -8.32 2.55
CA LYS A 47 -14.37 -7.03 2.21
C LYS A 47 -13.31 -6.01 1.82
N PHE A 48 -12.14 -6.10 2.45
CA PHE A 48 -11.05 -5.18 2.17
C PHE A 48 -10.45 -5.45 0.79
N PHE A 49 -10.38 -6.73 0.43
CA PHE A 49 -9.83 -7.12 -0.87
C PHE A 49 -10.87 -6.98 -1.97
N GLY A 50 -12.13 -7.25 -1.63
CA GLY A 50 -13.20 -7.16 -2.60
C GLY A 50 -13.70 -8.52 -3.06
N LEU A 51 -12.96 -9.56 -2.71
CA LEU A 51 -13.32 -10.93 -3.09
C LEU A 51 -14.63 -11.34 -2.43
N PRO A 52 -15.51 -11.98 -3.22
CA PRO A 52 -16.81 -12.46 -2.72
C PRO A 52 -16.68 -13.62 -1.77
N ILE A 53 -15.96 -14.66 -2.20
CA ILE A 53 -15.75 -15.85 -1.37
C ILE A 53 -15.20 -15.47 0.00
N THR A 54 -16.05 -15.60 1.02
CA THR A 54 -15.64 -15.28 2.39
C THR A 54 -15.48 -16.54 3.22
N GLY A 55 -14.89 -16.40 4.40
CA GLY A 55 -14.68 -17.52 5.27
C GLY A 55 -13.83 -18.61 4.64
N MET A 56 -13.11 -18.25 3.58
CA MET A 56 -12.25 -19.19 2.88
C MET A 56 -10.84 -18.63 2.72
N LEU A 57 -9.84 -19.45 3.00
CA LEU A 57 -8.46 -19.03 2.89
C LEU A 57 -7.57 -20.20 2.45
N ASN A 58 -7.36 -20.30 1.14
CA ASN A 58 -6.54 -21.36 0.58
C ASN A 58 -6.58 -21.34 -0.95
N SER A 59 -7.69 -20.87 -1.50
CA SER A 59 -7.85 -20.79 -2.95
C SER A 59 -7.24 -19.51 -3.50
N ARG A 60 -8.07 -18.51 -3.71
CA ARG A 60 -7.61 -17.23 -4.23
C ARG A 60 -7.10 -16.33 -3.10
N VAL A 61 -7.72 -16.45 -1.94
CA VAL A 61 -7.32 -15.65 -0.79
C VAL A 61 -5.86 -15.89 -0.42
N ILE A 62 -5.48 -17.16 -0.32
CA ILE A 62 -4.11 -17.52 0.01
C ILE A 62 -3.13 -17.06 -1.07
N GLU A 63 -3.61 -17.02 -2.31
CA GLU A 63 -2.78 -16.60 -3.43
C GLU A 63 -2.27 -15.18 -3.22
N ILE A 64 -3.14 -14.32 -2.70
CA ILE A 64 -2.78 -12.93 -2.46
C ILE A 64 -1.95 -12.79 -1.18
N MET A 65 -2.18 -13.69 -0.23
CA MET A 65 -1.46 -13.67 1.03
C MET A 65 0.01 -14.04 0.82
N GLN A 66 0.25 -14.95 -0.12
CA GLN A 66 1.61 -15.39 -0.42
C GLN A 66 2.30 -14.43 -1.39
N LYS A 67 1.49 -13.70 -2.16
CA LYS A 67 2.02 -12.75 -3.12
C LYS A 67 2.29 -11.40 -2.46
N PRO A 68 3.31 -10.68 -2.96
CA PRO A 68 3.68 -9.36 -2.44
C PRO A 68 2.64 -8.30 -2.75
N ARG A 69 2.59 -7.26 -1.92
CA ARG A 69 1.65 -6.17 -2.11
C ARG A 69 2.18 -4.87 -1.50
N CYS A 70 1.97 -4.70 -0.20
CA CYS A 70 2.43 -3.52 0.51
C CYS A 70 2.85 -3.85 1.92
N GLY A 71 3.72 -3.00 2.49
CA GLY A 71 4.19 -3.24 3.85
C GLY A 71 3.47 -2.37 4.86
N VAL A 72 2.29 -1.89 4.49
CA VAL A 72 1.50 -1.05 5.39
C VAL A 72 0.23 -1.77 5.84
N PRO A 73 -0.14 -1.57 7.12
CA PRO A 73 -1.32 -2.19 7.71
C PRO A 73 -2.61 -1.62 7.14
N ASP A 74 -3.59 -2.51 6.89
CA ASP A 74 -4.87 -2.09 6.35
C ASP A 74 -5.58 -1.13 7.30
N VAL A 75 -5.13 -1.11 8.56
CA VAL A 75 -5.72 -0.24 9.56
C VAL A 75 -4.65 0.37 10.46
N ALA A 76 -4.70 1.69 10.61
CA ALA A 76 -3.74 2.41 11.44
C ALA A 76 -4.44 3.37 12.39
N GLU A 77 -3.81 3.62 13.53
CA GLU A 77 -4.37 4.54 14.53
C GLU A 77 -3.56 4.51 15.82
N TYR A 78 -2.53 5.35 15.88
CA TYR A 78 -1.67 5.42 17.05
C TYR A 78 -0.65 6.54 16.90
N SER A 79 0.06 6.84 17.99
CA SER A 79 1.07 7.88 17.99
C SER A 79 0.43 9.26 17.75
N LEU A 80 0.23 10.00 18.83
CA LEU A 80 -0.37 11.33 18.74
C LEU A 80 -1.87 11.24 18.47
N PHE A 81 -2.24 10.31 17.58
CA PHE A 81 -3.65 10.13 17.25
C PHE A 81 -4.25 11.39 16.63
N PRO A 82 -3.76 11.75 15.43
CA PRO A 82 -4.22 12.94 14.72
C PRO A 82 -5.66 12.77 14.20
N ASN A 83 -6.12 13.77 13.45
CA ASN A 83 -7.47 13.74 12.90
C ASN A 83 -7.43 13.75 11.37
N SER A 84 -8.42 13.10 10.76
CA SER A 84 -8.50 13.03 9.30
C SER A 84 -7.32 12.24 8.74
N PRO A 85 -7.63 11.09 8.11
CA PRO A 85 -6.61 10.22 7.52
C PRO A 85 -5.98 10.84 6.27
N LYS A 86 -6.80 11.52 5.48
CA LYS A 86 -6.32 12.17 4.26
C LYS A 86 -5.69 13.52 4.57
N TRP A 87 -4.92 14.04 3.62
CA TRP A 87 -4.26 15.33 3.79
C TRP A 87 -5.29 16.45 3.94
N THR A 88 -5.05 17.34 4.91
CA THR A 88 -5.96 18.44 5.16
C THR A 88 -5.28 19.78 4.88
N SER A 89 -4.02 19.72 4.45
CA SER A 89 -3.26 20.92 4.14
C SER A 89 -3.67 21.51 2.80
N LYS A 90 -3.30 22.77 2.57
CA LYS A 90 -3.64 23.45 1.32
C LYS A 90 -2.62 23.09 0.22
N VAL A 91 -1.58 22.37 0.61
CA VAL A 91 -0.55 21.96 -0.34
C VAL A 91 0.41 20.96 0.28
N VAL A 92 0.78 19.94 -0.49
CA VAL A 92 1.70 18.91 -0.01
C VAL A 92 2.92 18.80 -0.92
N THR A 93 4.09 18.70 -0.30
CA THR A 93 5.34 18.59 -1.05
C THR A 93 6.01 17.24 -0.80
N TYR A 94 7.01 16.94 -1.61
CA TYR A 94 7.73 15.67 -1.49
C TYR A 94 9.22 15.86 -1.82
N ARG A 95 10.07 15.08 -1.15
CA ARG A 95 11.51 15.16 -1.36
C ARG A 95 12.16 13.79 -1.15
N ILE A 96 13.05 13.42 -2.07
CA ILE A 96 13.74 12.15 -1.99
C ILE A 96 14.86 12.20 -0.96
N VAL A 97 14.95 11.15 -0.14
CA VAL A 97 15.99 11.08 0.89
C VAL A 97 17.20 10.31 0.39
N SER A 98 16.96 9.23 -0.35
CA SER A 98 18.04 8.41 -0.89
C SER A 98 17.61 7.73 -2.18
N TYR A 99 18.57 7.13 -2.87
CA TYR A 99 18.30 6.44 -4.13
C TYR A 99 18.90 5.04 -4.12
N THR A 100 18.32 4.15 -4.93
CA THR A 100 18.80 2.78 -5.02
C THR A 100 19.66 2.58 -6.26
N ARG A 101 20.72 1.78 -6.12
CA ARG A 101 21.62 1.51 -7.23
C ARG A 101 20.85 1.04 -8.46
N ASP A 102 19.62 0.60 -8.24
CA ASP A 102 18.78 0.12 -9.33
C ASP A 102 18.44 1.25 -10.30
N LEU A 103 18.25 2.45 -9.75
CA LEU A 103 17.92 3.62 -10.56
C LEU A 103 18.57 4.88 -10.00
N PRO A 104 18.84 5.85 -10.88
CA PRO A 104 19.46 7.12 -10.49
C PRO A 104 18.52 7.99 -9.65
N HIS A 105 19.11 8.81 -8.79
CA HIS A 105 18.32 9.70 -7.93
C HIS A 105 17.31 10.50 -8.76
N ILE A 106 17.65 10.74 -10.03
CA ILE A 106 16.78 11.50 -10.91
C ILE A 106 15.59 10.64 -11.38
N THR A 107 15.87 9.36 -11.62
CA THR A 107 14.83 8.44 -12.08
C THR A 107 13.82 8.16 -10.96
N VAL A 108 14.32 8.05 -9.73
CA VAL A 108 13.47 7.79 -8.57
C VAL A 108 12.63 9.00 -8.23
N ASP A 109 13.25 10.18 -8.24
CA ASP A 109 12.56 11.41 -7.92
C ASP A 109 11.47 11.71 -8.95
N ARG A 110 11.77 11.42 -10.22
CA ARG A 110 10.84 11.65 -11.30
C ARG A 110 9.66 10.67 -11.23
N LEU A 111 9.95 9.46 -10.77
CA LEU A 111 8.93 8.42 -10.66
C LEU A 111 7.89 8.80 -9.60
N VAL A 112 8.36 9.20 -8.43
CA VAL A 112 7.48 9.59 -7.34
C VAL A 112 6.51 10.68 -7.78
N SER A 113 7.03 11.66 -8.52
CA SER A 113 6.21 12.76 -9.00
C SER A 113 5.25 12.28 -10.09
N LYS A 114 5.69 11.32 -10.89
CA LYS A 114 4.88 10.78 -11.97
C LYS A 114 3.62 10.13 -11.43
N ALA A 115 3.73 9.54 -10.24
CA ALA A 115 2.60 8.88 -9.60
C ALA A 115 1.92 9.80 -8.60
N LEU A 116 2.72 10.55 -7.85
CA LEU A 116 2.19 11.47 -6.85
C LEU A 116 1.38 12.59 -7.51
N ASN A 117 1.78 12.97 -8.72
CA ASN A 117 1.08 14.02 -9.46
C ASN A 117 -0.28 13.53 -9.93
N MET A 118 -0.34 12.28 -10.38
CA MET A 118 -1.59 11.70 -10.85
C MET A 118 -2.65 11.71 -9.75
N TRP A 119 -2.21 11.53 -8.51
CA TRP A 119 -3.12 11.51 -7.38
C TRP A 119 -3.76 12.89 -7.17
N GLY A 120 -2.92 13.92 -7.09
CA GLY A 120 -3.43 15.27 -6.91
C GLY A 120 -4.29 15.73 -8.06
N LYS A 121 -3.94 15.30 -9.27
CA LYS A 121 -4.69 15.67 -10.45
C LYS A 121 -6.13 15.14 -10.40
N GLU A 122 -6.37 14.22 -9.47
CA GLU A 122 -7.69 13.62 -9.31
C GLU A 122 -8.39 14.20 -8.08
N ILE A 123 -7.85 15.28 -7.54
CA ILE A 123 -8.42 15.93 -6.37
C ILE A 123 -8.18 17.44 -6.40
N PRO A 124 -9.08 18.19 -5.74
CA PRO A 124 -9.00 19.64 -5.68
C PRO A 124 -7.82 20.12 -4.82
N LEU A 125 -7.04 19.18 -4.31
CA LEU A 125 -5.89 19.49 -3.49
C LEU A 125 -4.87 20.33 -4.26
N HIS A 126 -3.62 20.30 -3.81
CA HIS A 126 -2.55 21.05 -4.47
C HIS A 126 -1.18 20.50 -4.08
N PHE A 127 -0.26 20.52 -5.02
CA PHE A 127 1.09 20.02 -4.77
C PHE A 127 2.14 21.07 -5.12
N ARG A 128 3.26 21.05 -4.41
CA ARG A 128 4.34 22.00 -4.64
C ARG A 128 5.67 21.29 -4.83
N LYS A 129 6.47 21.80 -5.76
CA LYS A 129 7.78 21.20 -6.03
C LYS A 129 8.82 21.66 -5.02
N VAL A 130 9.70 20.75 -4.63
CA VAL A 130 10.74 21.06 -3.66
C VAL A 130 12.09 21.24 -4.34
N VAL A 131 12.79 22.31 -3.97
CA VAL A 131 14.10 22.60 -4.55
C VAL A 131 15.02 23.26 -3.53
N TRP A 132 14.42 23.92 -2.54
CA TRP A 132 15.18 24.60 -1.51
C TRP A 132 14.58 24.34 -0.13
N GLY A 133 15.28 23.55 0.68
CA GLY A 133 14.78 23.24 2.02
C GLY A 133 14.29 21.81 2.13
N THR A 134 13.46 21.56 3.14
CA THR A 134 12.91 20.24 3.37
C THR A 134 11.47 20.14 2.87
N ALA A 135 11.03 18.93 2.56
CA ALA A 135 9.67 18.71 2.07
C ALA A 135 8.85 17.92 3.09
N ASP A 136 7.53 17.92 2.91
CA ASP A 136 6.64 17.20 3.80
C ASP A 136 6.86 15.70 3.71
N ILE A 137 6.60 15.15 2.52
CA ILE A 137 6.78 13.71 2.31
C ILE A 137 8.20 13.38 1.91
N MET A 138 8.79 12.40 2.58
CA MET A 138 10.16 11.98 2.30
C MET A 138 10.18 10.64 1.57
N ILE A 139 10.84 10.61 0.42
CA ILE A 139 10.93 9.39 -0.37
C ILE A 139 12.35 8.81 -0.32
N GLY A 140 12.59 7.92 0.62
CA GLY A 140 13.90 7.31 0.76
C GLY A 140 13.83 5.80 0.84
N PHE A 141 14.99 5.15 0.76
CA PHE A 141 15.06 3.69 0.83
C PHE A 141 15.67 3.25 2.15
N ALA A 142 15.25 2.07 2.62
CA ALA A 142 15.76 1.53 3.88
C ALA A 142 15.05 0.23 4.25
N ARG A 143 15.60 -0.50 5.21
CA ARG A 143 15.01 -1.75 5.66
C ARG A 143 14.31 -1.59 6.99
N GLY A 144 13.62 -2.64 7.42
CA GLY A 144 12.90 -2.58 8.68
C GLY A 144 13.81 -2.27 9.85
N ALA A 145 15.12 -2.41 9.65
CA ALA A 145 16.10 -2.15 10.68
C ALA A 145 16.71 -0.76 10.52
N HIS A 146 16.10 0.06 9.67
CA HIS A 146 16.57 1.42 9.43
C HIS A 146 16.30 2.31 10.63
N GLY A 147 15.55 1.81 11.59
CA GLY A 147 15.22 2.57 12.77
C GLY A 147 13.74 2.83 12.92
N ASP A 148 12.95 1.77 12.82
CA ASP A 148 11.49 1.89 12.94
C ASP A 148 10.85 0.50 12.96
N SER A 149 9.54 0.47 13.23
CA SER A 149 8.80 -0.78 13.29
C SER A 149 8.78 -1.46 11.92
N TYR A 150 8.13 -2.61 11.86
CA TYR A 150 8.03 -3.37 10.61
C TYR A 150 9.41 -3.85 10.16
N PRO A 151 9.67 -5.14 10.36
CA PRO A 151 10.95 -5.76 9.99
C PRO A 151 11.11 -5.86 8.47
N PHE A 152 12.36 -5.84 8.01
CA PHE A 152 12.66 -5.93 6.58
C PHE A 152 11.98 -7.14 5.97
N ASP A 153 11.71 -8.14 6.79
CA ASP A 153 11.05 -9.36 6.32
C ASP A 153 11.69 -9.85 5.03
N GLY A 154 12.95 -9.49 4.82
CA GLY A 154 13.65 -9.89 3.61
C GLY A 154 12.81 -9.72 2.37
N PRO A 155 13.25 -10.36 1.26
CA PRO A 155 12.55 -10.29 -0.02
C PRO A 155 11.21 -11.04 0.01
N GLY A 156 10.22 -10.51 -0.69
CA GLY A 156 8.91 -11.14 -0.73
C GLY A 156 7.89 -10.41 0.10
N ASN A 157 7.16 -11.16 0.92
CA ASN A 157 6.14 -10.58 1.78
C ASN A 157 6.54 -9.17 2.23
N THR A 158 5.58 -8.25 2.18
CA THR A 158 5.84 -6.87 2.58
C THR A 158 6.68 -6.14 1.55
N LEU A 159 6.01 -5.31 0.74
CA LEU A 159 6.69 -4.55 -0.30
C LEU A 159 7.32 -3.28 0.27
N ALA A 160 6.49 -2.45 0.90
CA ALA A 160 6.97 -1.21 1.50
C ALA A 160 5.96 -0.66 2.50
N HIS A 161 6.46 0.03 3.52
CA HIS A 161 5.61 0.61 4.55
C HIS A 161 5.49 2.12 4.37
N ALA A 162 4.26 2.61 4.30
CA ALA A 162 4.02 4.04 4.12
C ALA A 162 3.41 4.65 5.38
N PHE A 163 3.64 5.93 5.59
CA PHE A 163 3.12 6.63 6.75
C PHE A 163 1.99 7.59 6.36
N ALA A 164 1.08 7.84 7.30
CA ALA A 164 -0.04 8.73 7.04
C ALA A 164 0.25 10.14 7.57
N PRO A 165 -0.54 11.12 7.11
CA PRO A 165 -0.39 12.52 7.52
C PRO A 165 -0.78 12.74 8.98
N GLY A 166 0.18 12.51 9.88
CA GLY A 166 -0.09 12.70 11.30
C GLY A 166 1.02 13.45 12.00
N THR A 167 0.64 14.51 12.72
CA THR A 167 1.62 15.32 13.44
C THR A 167 2.46 16.16 12.48
N GLY A 168 3.32 15.50 11.71
CA GLY A 168 4.15 16.21 10.76
C GLY A 168 5.27 15.34 10.22
N LEU A 169 6.12 14.85 11.11
CA LEU A 169 7.25 14.01 10.72
C LEU A 169 6.77 12.82 9.89
N GLY A 170 5.61 12.28 10.26
CA GLY A 170 5.06 11.15 9.53
C GLY A 170 4.50 11.54 8.18
N GLY A 171 3.73 10.64 7.58
CA GLY A 171 3.13 10.92 6.28
C GLY A 171 4.15 10.88 5.16
N ASP A 172 5.29 10.27 5.42
CA ASP A 172 6.36 10.18 4.42
C ASP A 172 6.23 8.89 3.62
N ALA A 173 7.23 8.61 2.78
CA ALA A 173 7.22 7.41 1.95
C ALA A 173 8.48 6.58 2.18
N HIS A 174 8.29 5.29 2.39
CA HIS A 174 9.42 4.38 2.62
C HIS A 174 9.33 3.17 1.70
N PHE A 175 10.48 2.77 1.14
CA PHE A 175 10.54 1.63 0.24
C PHE A 175 11.49 0.57 0.77
N ASP A 176 11.12 -0.69 0.63
CA ASP A 176 11.94 -1.80 1.09
C ASP A 176 13.14 -2.00 0.18
N GLU A 177 14.31 -1.50 0.62
CA GLU A 177 15.53 -1.63 -0.16
C GLU A 177 15.85 -3.09 -0.45
N ASP A 178 15.21 -3.99 0.29
CA ASP A 178 15.42 -5.42 0.11
C ASP A 178 14.64 -5.94 -1.09
N GLU A 179 13.67 -5.15 -1.54
CA GLU A 179 12.85 -5.53 -2.68
C GLU A 179 13.55 -5.19 -3.99
N ARG A 180 12.86 -5.42 -5.11
CA ARG A 180 13.41 -5.14 -6.43
C ARG A 180 12.68 -3.98 -7.09
N TRP A 181 13.40 -2.89 -7.34
CA TRP A 181 12.80 -1.71 -7.97
C TRP A 181 13.45 -1.44 -9.32
N THR A 182 12.64 -1.06 -10.30
CA THR A 182 13.14 -0.77 -11.63
C THR A 182 12.02 -0.31 -12.56
N ASP A 183 12.39 0.31 -13.67
CA ASP A 183 11.41 0.80 -14.64
C ASP A 183 11.68 0.23 -16.03
N GLY A 184 12.78 0.66 -16.63
CA GLY A 184 13.13 0.18 -17.96
C GLY A 184 13.44 -1.30 -17.98
N SER A 185 13.59 -1.88 -16.80
CA SER A 185 13.90 -3.31 -16.68
C SER A 185 12.63 -4.13 -16.49
N SER A 186 11.59 -3.48 -15.97
CA SER A 186 10.32 -4.14 -15.72
C SER A 186 10.52 -5.59 -15.30
N LEU A 187 11.26 -5.77 -14.21
CA LEU A 187 11.54 -7.11 -13.70
C LEU A 187 10.94 -7.30 -12.30
N GLY A 188 10.92 -6.21 -11.52
CA GLY A 188 10.36 -6.28 -10.19
C GLY A 188 9.19 -5.34 -10.00
N ILE A 189 9.13 -4.69 -8.84
CA ILE A 189 8.05 -3.76 -8.54
C ILE A 189 8.28 -2.41 -9.21
N ASN A 190 7.61 -2.20 -10.34
CA ASN A 190 7.74 -0.94 -11.08
C ASN A 190 7.57 0.25 -10.15
N PHE A 191 8.60 1.10 -10.11
CA PHE A 191 8.57 2.29 -9.26
C PHE A 191 7.33 3.13 -9.54
N LEU A 192 6.93 3.17 -10.81
CA LEU A 192 5.76 3.94 -11.21
C LEU A 192 4.49 3.33 -10.64
N TYR A 193 4.35 2.02 -10.80
CA TYR A 193 3.17 1.31 -10.30
C TYR A 193 3.16 1.28 -8.77
N ALA A 194 4.34 1.10 -8.18
CA ALA A 194 4.47 1.06 -6.73
C ALA A 194 4.28 2.44 -6.12
N ALA A 195 4.74 3.46 -6.83
CA ALA A 195 4.62 4.84 -6.35
C ALA A 195 3.16 5.20 -6.08
N THR A 196 2.28 4.83 -7.02
CA THR A 196 0.86 5.12 -6.89
C THR A 196 0.29 4.49 -5.62
N HIS A 197 0.68 3.25 -5.35
CA HIS A 197 0.21 2.54 -4.16
C HIS A 197 0.86 3.09 -2.90
N ALA A 198 2.14 3.43 -3.00
CA ALA A 198 2.88 3.98 -1.86
C ALA A 198 2.50 5.43 -1.60
N LEU A 199 2.49 6.23 -2.66
CA LEU A 199 2.14 7.64 -2.55
C LEU A 199 0.69 7.81 -2.10
N GLY A 200 -0.20 6.97 -2.64
CA GLY A 200 -1.59 7.04 -2.27
C GLY A 200 -1.82 6.85 -0.79
N HIS A 201 -0.94 6.11 -0.15
CA HIS A 201 -1.04 5.85 1.28
C HIS A 201 -0.78 7.12 2.09
N SER A 202 0.10 7.97 1.56
CA SER A 202 0.44 9.22 2.23
C SER A 202 -0.73 10.20 2.18
N LEU A 203 -1.62 10.00 1.23
CA LEU A 203 -2.79 10.87 1.07
C LEU A 203 -3.98 10.32 1.85
N GLY A 204 -3.76 9.24 2.59
CA GLY A 204 -4.82 8.65 3.37
C GLY A 204 -5.68 7.71 2.56
N MET A 205 -5.48 7.71 1.24
CA MET A 205 -6.24 6.85 0.34
C MET A 205 -6.14 5.39 0.78
N GLY A 206 -7.27 4.70 0.79
CA GLY A 206 -7.29 3.31 1.19
C GLY A 206 -7.56 2.38 0.02
N HIS A 207 -7.19 1.11 0.17
CA HIS A 207 -7.38 0.11 -0.88
C HIS A 207 -8.84 0.11 -1.34
N SER A 208 -9.06 -0.35 -2.57
CA SER A 208 -10.40 -0.42 -3.13
C SER A 208 -10.81 -1.85 -3.43
N SER A 209 -12.11 -2.12 -3.41
CA SER A 209 -12.62 -3.46 -3.68
C SER A 209 -12.85 -3.66 -5.17
N ASP A 210 -12.65 -2.60 -5.95
CA ASP A 210 -12.83 -2.67 -7.39
C ASP A 210 -11.71 -3.46 -8.04
N PRO A 211 -12.07 -4.27 -9.05
CA PRO A 211 -11.11 -5.11 -9.78
C PRO A 211 -10.18 -4.29 -10.65
N ASN A 212 -10.43 -2.99 -10.73
CA ASN A 212 -9.59 -2.09 -11.53
C ASN A 212 -9.11 -0.91 -10.69
N ALA A 213 -8.89 -1.15 -9.40
CA ALA A 213 -8.43 -0.12 -8.49
C ALA A 213 -6.90 -0.03 -8.50
N VAL A 214 -6.38 1.18 -8.33
CA VAL A 214 -4.94 1.40 -8.32
C VAL A 214 -4.33 0.90 -7.02
N MET A 215 -5.13 0.89 -5.96
CA MET A 215 -4.66 0.44 -4.66
C MET A 215 -5.06 -1.01 -4.40
N TYR A 216 -5.48 -1.70 -5.46
CA TYR A 216 -5.89 -3.08 -5.37
C TYR A 216 -4.79 -3.95 -4.74
N PRO A 217 -5.12 -4.60 -3.63
CA PRO A 217 -4.17 -5.47 -2.92
C PRO A 217 -3.84 -6.74 -3.69
N THR A 218 -4.70 -7.08 -4.66
CA THR A 218 -4.49 -8.27 -5.48
C THR A 218 -3.56 -7.98 -6.64
N TYR A 219 -2.39 -7.44 -6.34
CA TYR A 219 -1.41 -7.11 -7.37
C TYR A 219 -0.80 -8.39 -7.95
N GLY A 220 -0.92 -8.54 -9.27
CA GLY A 220 -0.38 -9.71 -9.93
C GLY A 220 0.80 -9.36 -10.83
N ASN A 221 1.47 -10.40 -11.34
CA ASN A 221 2.62 -10.22 -12.21
C ASN A 221 2.24 -9.40 -13.45
N GLY A 222 1.23 -9.88 -14.18
CA GLY A 222 0.79 -9.19 -15.38
C GLY A 222 0.49 -7.72 -15.12
N ASP A 223 1.40 -6.85 -15.52
CA ASP A 223 1.24 -5.41 -15.33
C ASP A 223 0.64 -4.76 -16.59
N PRO A 224 -0.05 -3.64 -16.39
CA PRO A 224 -0.69 -2.90 -17.49
C PRO A 224 0.35 -2.23 -18.39
N GLN A 225 -0.12 -1.73 -19.54
CA GLN A 225 0.76 -1.06 -20.49
C GLN A 225 1.23 0.29 -19.95
N ASN A 226 0.30 1.05 -19.39
CA ASN A 226 0.62 2.36 -18.84
C ASN A 226 0.06 2.50 -17.42
N PHE A 227 -1.16 2.01 -17.22
CA PHE A 227 -1.81 2.08 -15.92
C PHE A 227 -2.11 3.53 -15.54
N LYS A 228 -3.30 3.77 -15.02
CA LYS A 228 -3.71 5.11 -14.60
C LYS A 228 -4.57 5.05 -13.35
N LEU A 229 -5.03 6.22 -12.90
CA LEU A 229 -5.86 6.30 -11.72
C LEU A 229 -7.15 5.49 -11.89
N SER A 230 -7.65 4.95 -10.78
CA SER A 230 -8.86 4.14 -10.81
C SER A 230 -10.09 5.01 -10.57
N GLN A 231 -11.23 4.59 -11.13
CA GLN A 231 -12.48 5.33 -10.98
C GLN A 231 -12.95 5.30 -9.53
N ASP A 232 -13.21 4.09 -9.03
CA ASP A 232 -13.68 3.92 -7.65
C ASP A 232 -12.69 4.51 -6.67
N ASP A 233 -11.42 4.56 -7.07
CA ASP A 233 -10.37 5.10 -6.22
C ASP A 233 -10.52 6.62 -6.06
N ILE A 234 -10.70 7.31 -7.17
CA ILE A 234 -10.86 8.76 -7.15
C ILE A 234 -12.18 9.16 -6.51
N LYS A 235 -13.25 8.47 -6.89
CA LYS A 235 -14.57 8.75 -6.35
C LYS A 235 -14.57 8.63 -4.83
N GLY A 236 -13.76 7.73 -4.30
CA GLY A 236 -13.68 7.53 -2.87
C GLY A 236 -13.15 8.75 -2.15
N ILE A 237 -12.03 9.29 -2.63
CA ILE A 237 -11.42 10.47 -2.03
C ILE A 237 -12.22 11.73 -2.34
N GLN A 238 -12.85 11.74 -3.51
CA GLN A 238 -13.65 12.89 -3.93
C GLN A 238 -14.83 13.09 -2.99
N LYS A 239 -15.24 12.03 -2.31
CA LYS A 239 -16.36 12.09 -1.38
C LYS A 239 -15.95 12.79 -0.09
N LEU A 240 -14.64 12.81 0.18
CA LEU A 240 -14.12 13.44 1.38
C LEU A 240 -13.63 14.86 1.08
N TYR A 241 -13.09 15.04 -0.12
CA TYR A 241 -12.57 16.34 -0.54
C TYR A 241 -13.65 17.15 -1.26
N GLY A 242 -14.50 16.46 -2.01
CA GLY A 242 -15.56 17.12 -2.74
C GLY A 242 -16.91 16.49 -2.51
N LYS A 243 -17.54 16.00 -3.58
CA LYS A 243 -18.85 15.37 -3.48
C LYS A 243 -18.85 14.01 -4.19
N ARG A 244 -19.13 12.96 -3.43
CA ARG A 244 -19.17 11.61 -3.98
C ARG A 244 -19.65 10.61 -2.94
N SER A 245 -19.56 9.32 -3.28
CA SER A 245 -19.98 8.27 -2.38
C SER A 245 -18.95 7.14 -2.33
N ASN A 246 -19.30 6.07 -1.62
CA ASN A 246 -18.39 4.93 -1.50
C ASN A 246 -17.08 5.33 -0.83
N SER A 247 -17.00 5.14 0.48
CA SER A 247 -15.80 5.49 1.22
C SER A 247 -15.21 4.27 1.92
N ARG A 248 -14.11 3.75 1.37
CA ARG A 248 -13.45 2.57 1.94
C ARG A 248 -12.09 2.94 2.51
N LYS A 249 -12.09 3.88 3.47
CA LYS A 249 -10.86 4.32 4.10
C LYS A 249 -10.72 3.71 5.50
N LYS A 250 -9.53 3.20 5.80
CA LYS A 250 -9.26 2.59 7.10
C LYS A 250 -7.90 3.00 7.62
CA CA B . 6.14 14.41 6.77
CA CA C . 10.05 -7.56 1.21
ZN ZN D . 10.47 2.93 8.09
ZN ZN E . -1.38 -0.70 0.43
N LEU A 1 -4.16 -14.40 -13.28
CA LEU A 1 -3.29 -15.38 -12.65
C LEU A 1 -3.87 -16.79 -12.76
N PRO A 2 -3.01 -17.80 -12.62
CA PRO A 2 -3.41 -19.21 -12.69
C PRO A 2 -4.25 -19.63 -11.50
N LEU A 3 -4.50 -20.94 -11.39
CA LEU A 3 -5.30 -21.47 -10.30
C LEU A 3 -4.87 -22.89 -9.96
N PRO A 4 -3.61 -23.04 -9.52
CA PRO A 4 -3.05 -24.35 -9.16
C PRO A 4 -3.67 -24.91 -7.88
N GLN A 5 -3.14 -26.03 -7.40
CA GLN A 5 -3.63 -26.66 -6.19
C GLN A 5 -2.48 -27.05 -5.27
N GLU A 6 -1.89 -26.07 -4.61
CA GLU A 6 -0.78 -26.31 -3.70
C GLU A 6 -1.27 -26.45 -2.26
N ALA A 7 -2.42 -25.85 -1.98
CA ALA A 7 -3.01 -25.91 -0.65
C ALA A 7 -3.20 -27.36 -0.19
N GLY A 8 -3.52 -28.22 -1.14
CA GLY A 8 -3.72 -29.62 -0.82
C GLY A 8 -2.53 -30.24 -0.11
N GLY A 9 -1.35 -29.70 -0.37
CA GLY A 9 -0.14 -30.22 0.26
C GLY A 9 0.41 -29.28 1.31
N MET A 10 -0.42 -28.37 1.79
CA MET A 10 -0.01 -27.40 2.81
C MET A 10 0.05 -28.05 4.18
N SER A 11 0.87 -27.49 5.07
CA SER A 11 1.01 -28.02 6.42
C SER A 11 0.53 -27.01 7.45
N GLU A 12 0.38 -27.45 8.70
CA GLU A 12 -0.07 -26.60 9.77
C GLU A 12 0.79 -25.34 9.87
N LEU A 13 2.07 -25.49 9.56
CA LEU A 13 3.01 -24.37 9.62
C LEU A 13 2.70 -23.34 8.53
N GLN A 14 2.41 -23.83 7.33
CA GLN A 14 2.09 -22.96 6.20
C GLN A 14 0.79 -22.21 6.45
N TRP A 15 -0.20 -22.91 7.01
CA TRP A 15 -1.49 -22.30 7.29
C TRP A 15 -1.40 -21.35 8.48
N GLU A 16 -0.71 -21.80 9.53
CA GLU A 16 -0.55 -20.99 10.74
C GLU A 16 0.20 -19.70 10.42
N GLN A 17 1.16 -19.79 9.50
CA GLN A 17 1.95 -18.63 9.11
C GLN A 17 1.14 -17.68 8.25
N ALA A 18 0.29 -18.23 7.39
CA ALA A 18 -0.55 -17.44 6.51
C ALA A 18 -1.59 -16.65 7.30
N GLN A 19 -2.23 -17.33 8.26
CA GLN A 19 -3.24 -16.70 9.08
C GLN A 19 -2.62 -15.72 10.08
N ASP A 20 -1.42 -16.03 10.52
CA ASP A 20 -0.71 -15.18 11.47
C ASP A 20 -0.10 -13.97 10.77
N TYR A 21 0.26 -14.14 9.50
CA TYR A 21 0.85 -13.06 8.73
C TYR A 21 -0.11 -11.87 8.63
N LEU A 22 -1.40 -12.18 8.54
CA LEU A 22 -2.42 -11.14 8.43
C LEU A 22 -2.58 -10.40 9.75
N LYS A 23 -2.16 -11.04 10.84
CA LYS A 23 -2.25 -10.44 12.16
C LYS A 23 -1.18 -9.37 12.35
N ARG A 24 -0.06 -9.53 11.66
CA ARG A 24 1.03 -8.58 11.75
C ARG A 24 0.84 -7.43 10.77
N PHE A 25 0.13 -7.70 9.68
CA PHE A 25 -0.13 -6.68 8.67
C PHE A 25 -0.89 -5.50 9.25
N TYR A 26 -1.61 -5.75 10.34
CA TYR A 26 -2.38 -4.71 11.00
C TYR A 26 -1.57 -4.05 12.11
N LEU A 27 -1.41 -4.77 13.21
CA LEU A 27 -0.65 -4.25 14.35
C LEU A 27 -0.08 -5.40 15.18
N TYR A 28 -0.01 -6.58 14.59
CA TYR A 28 0.51 -7.76 15.27
C TYR A 28 -0.11 -7.90 16.66
N ASP A 29 -1.23 -8.61 16.73
CA ASP A 29 -1.92 -8.82 18.00
C ASP A 29 -2.11 -10.31 18.26
N SER A 30 -1.71 -10.75 19.45
CA SER A 30 -1.84 -12.16 19.82
C SER A 30 -3.30 -12.50 20.14
N GLU A 31 -4.15 -11.48 20.15
CA GLU A 31 -5.56 -11.68 20.45
C GLU A 31 -6.24 -12.51 19.36
N THR A 32 -5.53 -12.69 18.24
CA THR A 32 -6.06 -13.47 17.12
C THR A 32 -5.78 -14.96 17.31
N LYS A 33 -5.28 -15.32 18.49
CA LYS A 33 -4.97 -16.71 18.80
C LYS A 33 -6.16 -17.61 18.49
N ASN A 34 -5.92 -18.92 18.52
CA ASN A 34 -6.98 -19.89 18.25
C ASN A 34 -7.45 -19.79 16.79
N ALA A 35 -7.98 -20.88 16.26
CA ALA A 35 -8.46 -20.91 14.90
C ALA A 35 -9.80 -20.18 14.77
N ASN A 36 -10.49 -20.03 15.90
CA ASN A 36 -11.78 -19.34 15.92
C ASN A 36 -11.66 -17.93 15.35
N SER A 37 -10.46 -17.37 15.43
CA SER A 37 -10.21 -16.02 14.91
C SER A 37 -9.89 -16.06 13.42
N LEU A 38 -9.43 -17.21 12.95
CA LEU A 38 -9.09 -17.38 11.54
C LEU A 38 -10.31 -17.18 10.66
N GLU A 39 -11.43 -17.77 11.05
CA GLU A 39 -12.67 -17.65 10.29
C GLU A 39 -13.16 -16.22 10.27
N ALA A 40 -13.26 -15.62 11.44
CA ALA A 40 -13.72 -14.23 11.57
C ALA A 40 -12.77 -13.28 10.85
N LYS A 41 -11.48 -13.39 11.15
CA LYS A 41 -10.47 -12.53 10.53
C LYS A 41 -10.47 -12.71 9.01
N LEU A 42 -10.43 -13.96 8.57
CA LEU A 42 -10.43 -14.26 7.14
C LEU A 42 -11.62 -13.62 6.44
N LYS A 43 -12.77 -13.62 7.11
CA LYS A 43 -13.98 -13.03 6.56
C LYS A 43 -13.81 -11.54 6.34
N GLU A 44 -13.26 -10.85 7.33
CA GLU A 44 -13.04 -9.42 7.24
C GLU A 44 -11.92 -9.10 6.25
N MET A 45 -10.90 -9.94 6.22
CA MET A 45 -9.77 -9.76 5.33
C MET A 45 -10.19 -9.99 3.88
N GLN A 46 -10.92 -11.06 3.64
CA GLN A 46 -11.39 -11.39 2.29
C GLN A 46 -12.21 -10.24 1.71
N LYS A 47 -13.09 -9.68 2.52
CA LYS A 47 -13.93 -8.57 2.09
C LYS A 47 -13.11 -7.30 1.86
N PHE A 48 -11.98 -7.21 2.57
CA PHE A 48 -11.10 -6.05 2.44
C PHE A 48 -10.40 -6.05 1.08
N PHE A 49 -10.06 -7.24 0.59
CA PHE A 49 -9.38 -7.36 -0.68
C PHE A 49 -10.38 -7.28 -1.84
N GLY A 50 -11.61 -7.72 -1.58
CA GLY A 50 -12.64 -7.68 -2.61
C GLY A 50 -12.93 -9.05 -3.19
N LEU A 51 -12.09 -10.03 -2.86
CA LEU A 51 -12.25 -11.39 -3.35
C LEU A 51 -13.56 -12.00 -2.85
N PRO A 52 -14.24 -12.74 -3.73
CA PRO A 52 -15.51 -13.39 -3.39
C PRO A 52 -15.34 -14.54 -2.40
N ILE A 53 -14.42 -15.46 -2.73
CA ILE A 53 -14.15 -16.60 -1.87
C ILE A 53 -13.95 -16.16 -0.42
N THR A 54 -14.93 -16.48 0.43
CA THR A 54 -14.86 -16.12 1.84
C THR A 54 -14.70 -17.36 2.71
N GLY A 55 -14.21 -17.16 3.93
CA GLY A 55 -14.01 -18.28 4.84
C GLY A 55 -13.10 -19.34 4.28
N MET A 56 -12.35 -18.98 3.24
CA MET A 56 -11.42 -19.91 2.61
C MET A 56 -10.01 -19.32 2.53
N LEU A 57 -9.02 -20.18 2.35
CA LEU A 57 -7.63 -19.74 2.25
C LEU A 57 -6.80 -20.73 1.45
N ASN A 58 -6.61 -20.44 0.16
CA ASN A 58 -5.84 -21.30 -0.72
C ASN A 58 -5.84 -20.77 -2.15
N SER A 59 -6.95 -20.13 -2.53
CA SER A 59 -7.07 -19.57 -3.87
C SER A 59 -6.33 -18.24 -3.98
N ARG A 60 -7.08 -17.15 -3.92
CA ARG A 60 -6.50 -15.82 -4.00
C ARG A 60 -5.99 -15.35 -2.65
N VAL A 61 -6.64 -15.83 -1.58
CA VAL A 61 -6.25 -15.46 -0.23
C VAL A 61 -4.80 -15.84 0.05
N ILE A 62 -4.41 -17.04 -0.36
CA ILE A 62 -3.05 -17.53 -0.16
C ILE A 62 -2.09 -16.86 -1.13
N GLU A 63 -2.58 -16.54 -2.32
CA GLU A 63 -1.76 -15.90 -3.34
C GLU A 63 -1.29 -14.52 -2.88
N ILE A 64 -2.20 -13.75 -2.30
CA ILE A 64 -1.88 -12.41 -1.82
C ILE A 64 -0.88 -12.47 -0.68
N MET A 65 -0.92 -13.56 0.09
CA MET A 65 -0.01 -13.74 1.22
C MET A 65 1.43 -13.86 0.74
N GLN A 66 1.62 -14.53 -0.40
CA GLN A 66 2.95 -14.71 -0.97
C GLN A 66 3.30 -13.56 -1.92
N LYS A 67 2.28 -12.92 -2.47
CA LYS A 67 2.48 -11.81 -3.40
C LYS A 67 2.66 -10.50 -2.63
N PRO A 68 3.72 -9.75 -3.00
CA PRO A 68 4.03 -8.46 -2.37
C PRO A 68 3.01 -7.38 -2.72
N ARG A 69 2.43 -6.75 -1.70
CA ARG A 69 1.45 -5.71 -1.91
C ARG A 69 1.89 -4.40 -1.24
N CYS A 70 1.61 -4.28 0.05
CA CYS A 70 1.98 -3.07 0.79
C CYS A 70 2.34 -3.43 2.24
N GLY A 71 3.27 -2.67 2.81
CA GLY A 71 3.69 -2.91 4.18
C GLY A 71 3.01 -1.99 5.17
N VAL A 72 1.87 -1.42 4.76
CA VAL A 72 1.13 -0.52 5.62
C VAL A 72 -0.18 -1.15 6.09
N PRO A 73 -0.43 -1.08 7.41
CA PRO A 73 -1.64 -1.64 8.01
C PRO A 73 -2.89 -0.86 7.64
N ASP A 74 -4.05 -1.51 7.77
CA ASP A 74 -5.32 -0.88 7.44
C ASP A 74 -6.17 -0.69 8.69
N VAL A 75 -5.51 -0.53 9.83
CA VAL A 75 -6.20 -0.34 11.10
C VAL A 75 -5.69 0.90 11.83
N ALA A 76 -6.61 1.76 12.24
CA ALA A 76 -6.25 2.99 12.95
C ALA A 76 -7.09 3.16 14.22
N GLU A 77 -6.72 4.13 15.04
CA GLU A 77 -7.43 4.39 16.28
C GLU A 77 -7.42 5.87 16.62
N TYR A 78 -8.60 6.49 16.58
CA TYR A 78 -8.72 7.91 16.88
C TYR A 78 -8.05 8.26 18.21
N SER A 79 -7.15 9.24 18.16
CA SER A 79 -6.43 9.66 19.36
C SER A 79 -5.47 10.80 19.04
N LEU A 80 -5.88 12.02 19.35
CA LEU A 80 -5.04 13.19 19.09
C LEU A 80 -4.62 13.25 17.63
N PHE A 81 -5.39 12.60 16.77
CA PHE A 81 -5.09 12.57 15.34
C PHE A 81 -4.87 13.99 14.81
N PRO A 82 -4.21 14.08 13.65
CA PRO A 82 -3.93 15.37 13.00
C PRO A 82 -5.18 16.04 12.46
N ASN A 83 -5.00 17.17 11.77
CA ASN A 83 -6.11 17.90 11.20
C ASN A 83 -6.60 17.24 9.91
N SER A 84 -7.86 16.80 9.92
CA SER A 84 -8.44 16.15 8.76
C SER A 84 -7.73 14.84 8.46
N PRO A 85 -8.48 13.87 7.92
CA PRO A 85 -7.95 12.55 7.58
C PRO A 85 -7.00 12.59 6.39
N LYS A 86 -7.45 13.23 5.31
CA LYS A 86 -6.63 13.36 4.10
C LYS A 86 -5.91 14.69 4.06
N TRP A 87 -4.91 14.81 3.19
CA TRP A 87 -4.15 16.04 3.06
C TRP A 87 -5.07 17.24 2.99
N THR A 88 -5.06 18.06 4.04
CA THR A 88 -5.90 19.26 4.09
C THR A 88 -5.05 20.52 4.12
N SER A 89 -3.74 20.35 4.06
CA SER A 89 -2.81 21.49 4.08
C SER A 89 -2.98 22.33 2.83
N LYS A 90 -2.30 23.48 2.79
CA LYS A 90 -2.37 24.39 1.66
C LYS A 90 -1.46 23.92 0.53
N VAL A 91 -0.36 23.25 0.90
CA VAL A 91 0.59 22.75 -0.08
C VAL A 91 1.44 21.63 0.50
N VAL A 92 1.78 20.65 -0.32
CA VAL A 92 2.61 19.53 0.12
C VAL A 92 3.81 19.33 -0.80
N THR A 93 4.99 19.19 -0.21
CA THR A 93 6.21 18.99 -0.98
C THR A 93 6.82 17.62 -0.71
N TYR A 94 7.51 17.08 -1.70
CA TYR A 94 8.14 15.76 -1.57
C TYR A 94 9.59 15.81 -2.02
N ARG A 95 10.43 15.02 -1.37
CA ARG A 95 11.85 14.96 -1.70
C ARG A 95 12.42 13.58 -1.43
N ILE A 96 13.25 13.09 -2.35
CA ILE A 96 13.85 11.78 -2.22
C ILE A 96 14.99 11.80 -1.20
N VAL A 97 15.02 10.79 -0.33
CA VAL A 97 16.05 10.70 0.70
C VAL A 97 17.25 9.91 0.19
N SER A 98 16.98 8.84 -0.54
CA SER A 98 18.05 8.00 -1.08
C SER A 98 17.59 7.27 -2.34
N TYR A 99 18.52 6.65 -3.04
CA TYR A 99 18.21 5.92 -4.26
C TYR A 99 18.87 4.55 -4.26
N THR A 100 18.29 3.61 -5.02
CA THR A 100 18.83 2.26 -5.10
C THR A 100 19.65 2.08 -6.38
N ARG A 101 20.74 1.33 -6.26
CA ARG A 101 21.62 1.09 -7.40
C ARG A 101 20.83 0.56 -8.59
N ASP A 102 19.63 0.05 -8.32
CA ASP A 102 18.77 -0.49 -9.37
C ASP A 102 18.21 0.64 -10.24
N LEU A 103 17.94 1.77 -9.61
CA LEU A 103 17.40 2.93 -10.31
C LEU A 103 18.10 4.21 -9.89
N PRO A 104 18.35 5.11 -10.86
CA PRO A 104 19.00 6.39 -10.60
C PRO A 104 18.13 7.34 -9.81
N HIS A 105 18.77 8.22 -9.04
CA HIS A 105 18.04 9.20 -8.22
C HIS A 105 17.06 10.00 -9.08
N ILE A 106 17.36 10.10 -10.37
CA ILE A 106 16.50 10.83 -11.30
C ILE A 106 15.27 10.02 -11.66
N THR A 107 15.46 8.72 -11.89
CA THR A 107 14.37 7.84 -12.25
C THR A 107 13.41 7.63 -11.08
N VAL A 108 13.98 7.51 -9.88
CA VAL A 108 13.18 7.33 -8.68
C VAL A 108 12.41 8.59 -8.31
N ASP A 109 13.10 9.73 -8.36
CA ASP A 109 12.50 11.00 -8.03
C ASP A 109 11.38 11.35 -9.02
N ARG A 110 11.62 11.04 -10.29
CA ARG A 110 10.63 11.32 -11.33
C ARG A 110 9.43 10.38 -11.21
N LEU A 111 9.68 9.17 -10.76
CA LEU A 111 8.62 8.18 -10.59
C LEU A 111 7.63 8.62 -9.51
N VAL A 112 8.17 9.02 -8.36
CA VAL A 112 7.34 9.46 -7.25
C VAL A 112 6.40 10.60 -7.68
N SER A 113 6.93 11.53 -8.46
CA SER A 113 6.15 12.66 -8.94
C SER A 113 5.12 12.21 -9.96
N LYS A 114 5.48 11.22 -10.76
CA LYS A 114 4.59 10.69 -11.79
C LYS A 114 3.34 10.08 -11.16
N ALA A 115 3.49 9.51 -9.97
CA ALA A 115 2.38 8.89 -9.27
C ALA A 115 1.74 9.88 -8.30
N LEU A 116 2.57 10.63 -7.59
CA LEU A 116 2.09 11.61 -6.62
C LEU A 116 1.34 12.73 -7.32
N ASN A 117 1.79 13.08 -8.52
CA ASN A 117 1.16 14.14 -9.29
C ASN A 117 -0.23 13.73 -9.75
N MET A 118 -0.39 12.45 -10.07
CA MET A 118 -1.67 11.93 -10.52
C MET A 118 -2.71 12.01 -9.42
N TRP A 119 -2.28 11.83 -8.18
CA TRP A 119 -3.17 11.88 -7.03
C TRP A 119 -3.72 13.29 -6.84
N GLY A 120 -2.84 14.28 -6.91
CA GLY A 120 -3.25 15.66 -6.75
C GLY A 120 -4.14 16.14 -7.88
N LYS A 121 -3.84 15.69 -9.09
CA LYS A 121 -4.62 16.08 -10.27
C LYS A 121 -6.07 15.64 -10.13
N GLU A 122 -6.32 14.71 -9.21
CA GLU A 122 -7.67 14.20 -8.98
C GLU A 122 -8.30 14.87 -7.76
N ILE A 123 -7.67 15.94 -7.29
CA ILE A 123 -8.16 16.67 -6.12
C ILE A 123 -7.83 18.15 -6.21
N PRO A 124 -8.75 18.99 -5.73
CA PRO A 124 -8.57 20.45 -5.74
C PRO A 124 -7.49 20.91 -4.76
N LEU A 125 -6.55 20.02 -4.47
CA LEU A 125 -5.47 20.34 -3.55
C LEU A 125 -4.38 21.17 -4.24
N HIS A 126 -3.20 21.20 -3.65
CA HIS A 126 -2.08 21.96 -4.21
C HIS A 126 -0.74 21.30 -3.85
N PHE A 127 0.01 20.93 -4.87
CA PHE A 127 1.32 20.30 -4.66
C PHE A 127 2.45 21.23 -5.07
N ARG A 128 3.57 21.12 -4.38
CA ARG A 128 4.73 21.96 -4.68
C ARG A 128 6.00 21.11 -4.78
N LYS A 129 6.87 21.48 -5.72
CA LYS A 129 8.12 20.76 -5.93
C LYS A 129 9.17 21.19 -4.90
N VAL A 130 10.18 20.34 -4.71
CA VAL A 130 11.25 20.63 -3.78
C VAL A 130 12.52 21.09 -4.50
N VAL A 131 13.03 22.25 -4.09
CA VAL A 131 14.24 22.79 -4.70
C VAL A 131 15.06 23.56 -3.68
N TRP A 132 14.48 23.80 -2.51
CA TRP A 132 15.16 24.53 -1.44
C TRP A 132 14.56 24.19 -0.09
N GLY A 133 15.32 23.44 0.73
CA GLY A 133 14.84 23.07 2.04
C GLY A 133 14.36 21.63 2.10
N THR A 134 13.64 21.30 3.16
CA THR A 134 13.11 19.95 3.33
C THR A 134 11.63 19.86 2.96
N ALA A 135 11.19 18.67 2.59
CA ALA A 135 9.80 18.47 2.22
C ALA A 135 9.08 17.58 3.24
N ASP A 136 7.75 17.57 3.16
CA ASP A 136 6.95 16.78 4.09
C ASP A 136 6.99 15.30 3.70
N ILE A 137 6.92 15.02 2.40
CA ILE A 137 6.95 13.66 1.90
C ILE A 137 8.37 13.24 1.53
N MET A 138 8.96 12.37 2.35
CA MET A 138 10.32 11.89 2.11
C MET A 138 10.29 10.52 1.45
N ILE A 139 10.90 10.41 0.27
CA ILE A 139 10.96 9.16 -0.46
C ILE A 139 12.35 8.55 -0.41
N GLY A 140 12.55 7.62 0.52
CA GLY A 140 13.85 6.97 0.65
C GLY A 140 13.75 5.47 0.68
N PHE A 141 14.88 4.79 0.56
CA PHE A 141 14.91 3.33 0.57
C PHE A 141 15.46 2.81 1.90
N ALA A 142 14.90 1.71 2.37
CA ALA A 142 15.33 1.09 3.62
C ALA A 142 14.36 0.02 4.07
N ARG A 143 14.79 -0.79 5.04
CA ARG A 143 13.95 -1.86 5.57
C ARG A 143 13.44 -1.53 6.97
N GLY A 144 12.58 -2.39 7.50
CA GLY A 144 12.03 -2.16 8.83
C GLY A 144 13.10 -1.97 9.87
N ALA A 145 14.33 -2.38 9.55
CA ALA A 145 15.44 -2.26 10.47
C ALA A 145 16.15 -0.91 10.29
N HIS A 146 15.50 0.01 9.58
CA HIS A 146 16.06 1.33 9.34
C HIS A 146 15.86 2.23 10.55
N GLY A 147 15.24 1.69 11.59
CA GLY A 147 14.99 2.45 12.80
C GLY A 147 13.54 2.87 12.93
N ASP A 148 12.63 1.92 12.81
CA ASP A 148 11.20 2.19 12.91
C ASP A 148 10.41 0.90 13.09
N SER A 149 9.09 1.03 13.29
CA SER A 149 8.23 -0.12 13.47
C SER A 149 8.21 -0.99 12.22
N TYR A 150 7.49 -2.10 12.29
CA TYR A 150 7.38 -3.02 11.17
C TYR A 150 8.74 -3.63 10.83
N PRO A 151 8.83 -4.97 10.93
CA PRO A 151 10.05 -5.70 10.64
C PRO A 151 10.41 -5.70 9.15
N PHE A 152 11.69 -5.78 8.85
CA PHE A 152 12.17 -5.78 7.48
C PHE A 152 11.46 -6.86 6.65
N ASP A 153 11.13 -7.96 7.31
CA ASP A 153 10.45 -9.07 6.64
C ASP A 153 11.16 -9.45 5.35
N GLY A 154 12.40 -8.99 5.21
CA GLY A 154 13.17 -9.28 4.01
C GLY A 154 12.32 -9.31 2.76
N PRO A 155 12.76 -10.08 1.76
CA PRO A 155 12.04 -10.20 0.48
C PRO A 155 10.72 -10.97 0.63
N GLY A 156 9.71 -10.54 -0.13
CA GLY A 156 8.42 -11.20 -0.06
C GLY A 156 7.40 -10.39 0.70
N ASN A 157 6.68 -11.04 1.61
CA ASN A 157 5.65 -10.37 2.41
C ASN A 157 6.07 -8.93 2.72
N THR A 158 5.09 -8.03 2.73
CA THR A 158 5.35 -6.63 3.01
C THR A 158 6.16 -5.98 1.90
N LEU A 159 5.52 -5.11 1.13
CA LEU A 159 6.18 -4.42 0.03
C LEU A 159 6.84 -3.12 0.52
N ALA A 160 6.05 -2.27 1.14
CA ALA A 160 6.55 -0.99 1.65
C ALA A 160 5.62 -0.43 2.71
N HIS A 161 6.21 0.29 3.67
CA HIS A 161 5.43 0.90 4.75
C HIS A 161 5.35 2.41 4.58
N ALA A 162 4.12 2.94 4.58
CA ALA A 162 3.92 4.37 4.43
C ALA A 162 3.39 4.99 5.72
N PHE A 163 3.43 6.31 5.79
CA PHE A 163 2.96 7.03 6.99
C PHE A 163 1.75 7.88 6.66
N ALA A 164 0.86 8.03 7.63
CA ALA A 164 -0.35 8.83 7.45
C ALA A 164 -0.05 10.32 7.61
N PRO A 165 -0.99 11.16 7.15
CA PRO A 165 -0.85 12.61 7.23
C PRO A 165 -0.94 13.13 8.65
N GLY A 166 0.09 12.87 9.45
CA GLY A 166 0.11 13.31 10.83
C GLY A 166 1.37 14.09 11.17
N THR A 167 1.26 15.41 11.19
CA THR A 167 2.40 16.26 11.51
C THR A 167 3.47 16.17 10.42
N GLY A 168 4.48 17.03 10.53
CA GLY A 168 5.55 17.03 9.55
C GLY A 168 6.19 15.67 9.38
N LEU A 169 6.32 14.94 10.50
CA LEU A 169 6.92 13.62 10.46
C LEU A 169 5.99 12.61 9.79
N GLY A 170 4.71 12.95 9.71
CA GLY A 170 3.74 12.08 9.07
C GLY A 170 3.53 12.40 7.61
N GLY A 171 3.31 11.37 6.80
CA GLY A 171 3.10 11.57 5.38
C GLY A 171 4.32 11.22 4.56
N ASP A 172 5.29 10.56 5.18
CA ASP A 172 6.51 10.17 4.51
C ASP A 172 6.32 8.88 3.71
N ALA A 173 7.28 8.56 2.85
CA ALA A 173 7.20 7.36 2.03
C ALA A 173 8.46 6.50 2.21
N HIS A 174 8.25 5.21 2.45
CA HIS A 174 9.36 4.29 2.64
C HIS A 174 9.18 3.04 1.78
N PHE A 175 10.24 2.66 1.06
CA PHE A 175 10.20 1.49 0.20
C PHE A 175 11.16 0.41 0.68
N ASP A 176 10.72 -0.83 0.62
CA ASP A 176 11.55 -1.96 1.07
C ASP A 176 12.69 -2.20 0.09
N GLU A 177 13.88 -1.71 0.43
CA GLU A 177 15.06 -1.88 -0.41
C GLU A 177 15.33 -3.36 -0.68
N ASP A 178 14.73 -4.21 0.13
CA ASP A 178 14.90 -5.65 -0.02
C ASP A 178 14.08 -6.19 -1.19
N GLU A 179 13.13 -5.38 -1.64
CA GLU A 179 12.27 -5.77 -2.76
C GLU A 179 12.94 -5.46 -4.09
N ARG A 180 12.20 -5.67 -5.17
CA ARG A 180 12.71 -5.41 -6.51
C ARG A 180 11.91 -4.31 -7.21
N TRP A 181 12.59 -3.20 -7.50
CA TRP A 181 11.94 -2.06 -8.14
C TRP A 181 12.57 -1.80 -9.51
N THR A 182 11.74 -1.35 -10.46
CA THR A 182 12.22 -1.06 -11.80
C THR A 182 11.08 -0.54 -12.68
N ASP A 183 11.44 0.07 -13.81
CA ASP A 183 10.46 0.62 -14.73
C ASP A 183 10.63 0.01 -16.12
N GLY A 184 11.74 0.36 -16.78
CA GLY A 184 12.01 -0.15 -18.11
C GLY A 184 12.25 -1.65 -18.12
N SER A 185 12.41 -2.22 -16.94
CA SER A 185 12.65 -3.67 -16.81
C SER A 185 11.36 -4.42 -16.51
N SER A 186 10.39 -3.70 -15.93
CA SER A 186 9.11 -4.30 -15.58
C SER A 186 9.27 -5.76 -15.20
N LEU A 187 10.04 -6.00 -14.14
CA LEU A 187 10.28 -7.35 -13.65
C LEU A 187 9.73 -7.54 -12.25
N GLY A 188 9.79 -6.48 -11.45
CA GLY A 188 9.28 -6.54 -10.09
C GLY A 188 8.18 -5.53 -9.83
N ILE A 189 8.25 -4.88 -8.67
CA ILE A 189 7.24 -3.89 -8.30
C ILE A 189 7.52 -2.55 -8.98
N ASN A 190 6.80 -2.28 -10.07
CA ASN A 190 6.97 -1.04 -10.81
C ASN A 190 6.90 0.17 -9.88
N PHE A 191 7.96 0.96 -9.88
CA PHE A 191 8.03 2.15 -9.03
C PHE A 191 6.82 3.04 -9.27
N LEU A 192 6.36 3.10 -10.52
CA LEU A 192 5.21 3.92 -10.88
C LEU A 192 3.94 3.39 -10.24
N TYR A 193 3.73 2.08 -10.36
CA TYR A 193 2.55 1.44 -9.80
C TYR A 193 2.60 1.42 -8.28
N ALA A 194 3.80 1.23 -7.75
CA ALA A 194 3.99 1.19 -6.30
C ALA A 194 3.87 2.59 -5.70
N ALA A 195 4.34 3.60 -6.43
CA ALA A 195 4.29 4.97 -5.98
C ALA A 195 2.85 5.42 -5.77
N THR A 196 1.97 5.09 -6.72
CA THR A 196 0.57 5.46 -6.64
C THR A 196 -0.08 4.90 -5.38
N HIS A 197 0.20 3.63 -5.10
CA HIS A 197 -0.36 2.97 -3.92
C HIS A 197 0.31 3.47 -2.65
N ALA A 198 1.63 3.67 -2.72
CA ALA A 198 2.38 4.16 -1.57
C ALA A 198 2.07 5.63 -1.28
N LEU A 199 2.07 6.44 -2.32
CA LEU A 199 1.78 7.86 -2.19
C LEU A 199 0.34 8.09 -1.73
N GLY A 200 -0.57 7.29 -2.26
CA GLY A 200 -1.96 7.41 -1.89
C GLY A 200 -2.20 7.15 -0.41
N HIS A 201 -1.33 6.35 0.19
CA HIS A 201 -1.45 6.02 1.60
C HIS A 201 -1.26 7.26 2.47
N SER A 202 -0.29 8.09 2.10
CA SER A 202 0.01 9.30 2.85
C SER A 202 -1.17 10.27 2.79
N LEU A 203 -2.00 10.11 1.76
CA LEU A 203 -3.17 10.98 1.58
C LEU A 203 -4.34 10.49 2.43
N GLY A 204 -4.14 9.38 3.13
CA GLY A 204 -5.18 8.83 3.96
C GLY A 204 -6.16 7.97 3.19
N MET A 205 -5.88 7.76 1.91
CA MET A 205 -6.73 6.95 1.06
C MET A 205 -6.74 5.49 1.52
N GLY A 206 -7.89 4.84 1.39
CA GLY A 206 -8.01 3.45 1.80
C GLY A 206 -8.07 2.50 0.62
N HIS A 207 -7.74 1.24 0.86
CA HIS A 207 -7.76 0.23 -0.19
C HIS A 207 -9.14 0.12 -0.83
N SER A 208 -9.22 -0.54 -1.98
CA SER A 208 -10.48 -0.71 -2.69
C SER A 208 -10.73 -2.17 -3.02
N SER A 209 -12.00 -2.55 -3.07
CA SER A 209 -12.37 -3.93 -3.38
C SER A 209 -12.52 -4.13 -4.87
N ASP A 210 -12.37 -3.04 -5.63
CA ASP A 210 -12.49 -3.11 -7.09
C ASP A 210 -11.28 -3.82 -7.70
N PRO A 211 -11.56 -4.71 -8.66
CA PRO A 211 -10.50 -5.47 -9.35
C PRO A 211 -9.66 -4.59 -10.26
N ASN A 212 -10.07 -3.34 -10.42
CA ASN A 212 -9.35 -2.40 -11.27
C ASN A 212 -9.03 -1.12 -10.52
N ALA A 213 -8.98 -1.21 -9.19
CA ALA A 213 -8.70 -0.05 -8.35
C ALA A 213 -7.20 0.13 -8.16
N VAL A 214 -6.76 1.38 -8.08
CA VAL A 214 -5.34 1.68 -7.90
C VAL A 214 -4.87 1.25 -6.52
N MET A 215 -5.80 1.19 -5.57
CA MET A 215 -5.47 0.78 -4.20
C MET A 215 -5.71 -0.70 -4.00
N TYR A 216 -5.98 -1.41 -5.09
CA TYR A 216 -6.22 -2.85 -5.03
C TYR A 216 -5.07 -3.57 -4.34
N PRO A 217 -5.38 -4.20 -3.20
CA PRO A 217 -4.39 -4.94 -2.40
C PRO A 217 -3.94 -6.22 -3.11
N THR A 218 -4.72 -6.68 -4.07
CA THR A 218 -4.40 -7.89 -4.82
C THR A 218 -3.43 -7.59 -5.95
N TYR A 219 -3.00 -6.34 -6.06
CA TYR A 219 -2.07 -5.93 -7.10
C TYR A 219 -2.71 -6.08 -8.48
N GLY A 220 -2.75 -4.97 -9.22
CA GLY A 220 -3.33 -5.00 -10.55
C GLY A 220 -2.71 -6.05 -11.44
N ASN A 221 -3.51 -7.02 -11.86
CA ASN A 221 -3.03 -8.10 -12.72
C ASN A 221 -2.56 -7.56 -14.06
N GLY A 222 -1.76 -8.35 -14.77
CA GLY A 222 -1.24 -7.93 -16.06
C GLY A 222 -0.16 -6.88 -15.94
N ASP A 223 0.54 -6.63 -17.04
CA ASP A 223 1.61 -5.64 -17.05
C ASP A 223 1.19 -4.39 -17.81
N PRO A 224 0.82 -3.34 -17.07
CA PRO A 224 0.39 -2.06 -17.66
C PRO A 224 1.53 -1.32 -18.32
N GLN A 225 1.31 -0.86 -19.55
CA GLN A 225 2.33 -0.12 -20.29
C GLN A 225 2.55 1.26 -19.68
N ASN A 226 1.46 1.89 -19.27
CA ASN A 226 1.54 3.23 -18.67
C ASN A 226 0.84 3.25 -17.31
N PHE A 227 -0.29 2.58 -17.23
CA PHE A 227 -1.06 2.52 -15.99
C PHE A 227 -1.58 3.91 -15.62
N LYS A 228 -2.83 3.95 -15.14
CA LYS A 228 -3.45 5.21 -14.74
C LYS A 228 -4.35 5.03 -13.52
N LEU A 229 -4.79 6.13 -12.94
CA LEU A 229 -5.66 6.07 -11.78
C LEU A 229 -6.95 5.34 -12.09
N SER A 230 -7.53 4.70 -11.07
CA SER A 230 -8.77 3.96 -11.24
C SER A 230 -9.98 4.87 -11.11
N GLN A 231 -11.11 4.43 -11.64
CA GLN A 231 -12.34 5.21 -11.60
C GLN A 231 -12.81 5.39 -10.16
N ASP A 232 -13.22 4.28 -9.53
CA ASP A 232 -13.70 4.32 -8.16
C ASP A 232 -12.66 4.94 -7.23
N ASP A 233 -11.39 4.85 -7.63
CA ASP A 233 -10.30 5.40 -6.85
C ASP A 233 -10.35 6.93 -6.84
N ILE A 234 -10.50 7.51 -8.03
CA ILE A 234 -10.57 8.97 -8.15
C ILE A 234 -11.85 9.52 -7.53
N LYS A 235 -12.96 8.83 -7.80
CA LYS A 235 -14.26 9.25 -7.26
C LYS A 235 -14.28 9.15 -5.75
N GLY A 236 -13.55 8.17 -5.21
CA GLY A 236 -13.49 7.98 -3.77
C GLY A 236 -12.90 9.19 -3.06
N ILE A 237 -11.75 9.65 -3.53
CA ILE A 237 -11.07 10.79 -2.93
C ILE A 237 -11.81 12.08 -3.25
N GLN A 238 -12.43 12.14 -4.41
CA GLN A 238 -13.18 13.33 -4.84
C GLN A 238 -14.41 13.53 -3.96
N LYS A 239 -15.00 12.43 -3.51
CA LYS A 239 -16.19 12.48 -2.68
C LYS A 239 -15.84 12.93 -1.26
N LEU A 240 -14.57 12.75 -0.88
CA LEU A 240 -14.10 13.14 0.44
C LEU A 240 -13.43 14.51 0.40
N TYR A 241 -12.86 14.85 -0.75
CA TYR A 241 -12.19 16.13 -0.90
C TYR A 241 -13.14 17.19 -1.45
N GLY A 242 -14.05 16.76 -2.33
CA GLY A 242 -15.01 17.68 -2.90
C GLY A 242 -16.44 17.32 -2.56
N LYS A 243 -17.26 17.09 -3.59
CA LYS A 243 -18.65 16.73 -3.38
C LYS A 243 -18.81 15.23 -3.22
N ARG A 244 -19.35 14.81 -2.07
CA ARG A 244 -19.56 13.40 -1.79
C ARG A 244 -20.31 12.72 -2.93
N SER A 245 -20.35 11.39 -2.90
CA SER A 245 -21.04 10.62 -3.93
C SER A 245 -21.85 9.48 -3.31
N ASN A 246 -21.27 8.82 -2.33
CA ASN A 246 -21.94 7.71 -1.66
C ASN A 246 -22.19 6.56 -2.62
N SER A 247 -21.17 5.75 -2.84
CA SER A 247 -21.28 4.61 -3.75
C SER A 247 -20.01 3.77 -3.73
N ARG A 248 -19.36 3.71 -2.56
CA ARG A 248 -18.14 2.94 -2.40
C ARG A 248 -18.37 1.71 -1.53
N LYS A 249 -17.32 0.92 -1.34
CA LYS A 249 -17.42 -0.29 -0.52
C LYS A 249 -16.03 -0.75 -0.08
N LYS A 250 -15.23 0.17 0.43
CA LYS A 250 -13.88 -0.13 0.90
C LYS A 250 -13.02 -0.64 -0.25
CA CA B . 5.88 13.89 6.59
CA CA C . 9.54 -7.50 1.36
ZN ZN D . 10.04 3.28 8.20
ZN ZN E . -1.85 -0.48 0.76
N LEU A 1 -11.04 -16.87 -12.26
CA LEU A 1 -9.87 -17.19 -11.44
C LEU A 1 -10.16 -18.37 -10.52
N PRO A 2 -10.30 -19.56 -11.11
CA PRO A 2 -10.58 -20.79 -10.36
C PRO A 2 -9.39 -21.24 -9.52
N LEU A 3 -8.21 -21.27 -10.14
CA LEU A 3 -6.99 -21.68 -9.44
C LEU A 3 -7.08 -23.13 -9.00
N PRO A 4 -5.91 -23.78 -8.85
CA PRO A 4 -5.83 -25.18 -8.43
C PRO A 4 -6.25 -25.38 -6.98
N GLN A 5 -6.02 -26.58 -6.47
CA GLN A 5 -6.37 -26.90 -5.08
C GLN A 5 -5.32 -27.81 -4.46
N GLU A 6 -4.16 -27.24 -4.13
CA GLU A 6 -3.08 -28.00 -3.52
C GLU A 6 -3.12 -27.87 -1.99
N ALA A 7 -3.74 -26.80 -1.51
CA ALA A 7 -3.84 -26.57 -0.07
C ALA A 7 -4.51 -27.74 0.62
N GLY A 8 -5.45 -28.37 -0.06
CA GLY A 8 -6.16 -29.50 0.51
C GLY A 8 -5.22 -30.60 0.96
N GLY A 9 -4.06 -30.68 0.32
CA GLY A 9 -3.09 -31.70 0.68
C GLY A 9 -1.88 -31.13 1.39
N MET A 10 -2.03 -29.93 1.94
CA MET A 10 -0.94 -29.27 2.65
C MET A 10 -0.96 -29.63 4.13
N SER A 11 0.16 -29.37 4.81
CA SER A 11 0.27 -29.67 6.23
C SER A 11 -0.17 -28.48 7.08
N GLU A 12 -0.33 -28.71 8.38
CA GLU A 12 -0.75 -27.66 9.29
C GLU A 12 0.25 -26.51 9.29
N LEU A 13 1.52 -26.84 9.07
CA LEU A 13 2.57 -25.83 9.05
C LEU A 13 2.33 -24.82 7.94
N GLN A 14 1.93 -25.30 6.77
CA GLN A 14 1.66 -24.44 5.63
C GLN A 14 0.52 -23.47 5.94
N TRP A 15 -0.54 -23.98 6.57
CA TRP A 15 -1.69 -23.17 6.92
C TRP A 15 -1.36 -22.23 8.08
N GLU A 16 -0.47 -22.69 8.97
CA GLU A 16 -0.07 -21.89 10.13
C GLU A 16 0.55 -20.58 9.69
N GLN A 17 1.27 -20.61 8.58
CA GLN A 17 1.93 -19.41 8.05
C GLN A 17 0.90 -18.35 7.66
N ALA A 18 -0.23 -18.81 7.13
CA ALA A 18 -1.29 -17.90 6.71
C ALA A 18 -1.75 -17.03 7.88
N GLN A 19 -1.76 -17.61 9.08
CA GLN A 19 -2.19 -16.88 10.27
C GLN A 19 -1.13 -15.85 10.68
N ASP A 20 0.13 -16.26 10.64
CA ASP A 20 1.23 -15.37 11.00
C ASP A 20 1.35 -14.22 10.01
N TYR A 21 1.03 -14.49 8.76
CA TYR A 21 1.11 -13.48 7.72
C TYR A 21 0.03 -12.42 7.90
N LEU A 22 -1.17 -12.86 8.24
CA LEU A 22 -2.30 -11.95 8.45
C LEU A 22 -2.11 -11.15 9.74
N LYS A 23 -1.49 -11.77 10.73
CA LYS A 23 -1.25 -11.13 12.02
C LYS A 23 -0.46 -9.83 11.83
N ARG A 24 0.49 -9.86 10.90
CA ARG A 24 1.31 -8.68 10.62
C ARG A 24 0.60 -7.74 9.65
N PHE A 25 -0.26 -8.31 8.81
CA PHE A 25 -0.99 -7.51 7.83
C PHE A 25 -1.83 -6.44 8.51
N TYR A 26 -2.42 -6.79 9.65
CA TYR A 26 -3.26 -5.85 10.40
C TYR A 26 -2.70 -5.65 11.80
N LEU A 27 -1.40 -5.48 11.90
CA LEU A 27 -0.74 -5.28 13.19
C LEU A 27 -0.95 -6.47 14.11
N TYR A 28 -0.03 -6.66 15.05
CA TYR A 28 -0.12 -7.77 16.00
C TYR A 28 -1.18 -7.50 17.06
N ASP A 29 -2.41 -7.90 16.78
CA ASP A 29 -3.52 -7.71 17.71
C ASP A 29 -3.74 -8.96 18.54
N SER A 30 -3.40 -8.89 19.82
CA SER A 30 -3.57 -10.02 20.73
C SER A 30 -5.04 -10.40 20.86
N GLU A 31 -5.91 -9.48 20.48
CA GLU A 31 -7.35 -9.72 20.55
C GLU A 31 -7.78 -10.79 19.56
N THR A 32 -6.88 -11.12 18.64
CA THR A 32 -7.16 -12.14 17.63
C THR A 32 -6.83 -13.54 18.13
N LYS A 33 -6.51 -13.63 19.42
CA LYS A 33 -6.18 -14.91 20.04
C LYS A 33 -7.24 -15.96 19.74
N ASN A 34 -6.88 -17.23 19.86
CA ASN A 34 -7.81 -18.33 19.61
C ASN A 34 -8.25 -18.33 18.14
N ALA A 35 -8.73 -19.48 17.69
CA ALA A 35 -9.19 -19.63 16.31
C ALA A 35 -10.54 -18.94 16.11
N ASN A 36 -11.32 -18.87 17.18
CA ASN A 36 -12.64 -18.24 17.13
C ASN A 36 -12.56 -16.84 16.55
N SER A 37 -11.41 -16.20 16.74
CA SER A 37 -11.20 -14.84 16.24
C SER A 37 -10.74 -14.87 14.78
N LEU A 38 -10.03 -15.92 14.41
CA LEU A 38 -9.53 -16.06 13.05
C LEU A 38 -10.68 -16.05 12.04
N GLU A 39 -11.74 -16.78 12.36
CA GLU A 39 -12.91 -16.85 11.49
C GLU A 39 -13.47 -15.45 11.22
N ALA A 40 -13.71 -14.69 12.30
CA ALA A 40 -14.24 -13.35 12.18
C ALA A 40 -13.25 -12.42 11.49
N LYS A 41 -11.96 -12.62 11.75
CA LYS A 41 -10.92 -11.81 11.15
C LYS A 41 -10.84 -12.05 9.65
N LEU A 42 -10.81 -13.31 9.25
CA LEU A 42 -10.74 -13.66 7.83
C LEU A 42 -11.88 -13.01 7.05
N LYS A 43 -13.05 -12.95 7.67
CA LYS A 43 -14.21 -12.35 7.03
C LYS A 43 -13.95 -10.89 6.68
N GLU A 44 -13.38 -10.16 7.63
CA GLU A 44 -13.08 -8.74 7.42
C GLU A 44 -11.94 -8.58 6.41
N MET A 45 -11.00 -9.52 6.42
CA MET A 45 -9.86 -9.48 5.52
C MET A 45 -10.30 -9.72 4.08
N GLN A 46 -11.13 -10.74 3.88
CA GLN A 46 -11.63 -11.08 2.55
C GLN A 46 -12.36 -9.89 1.93
N LYS A 47 -13.14 -9.18 2.74
CA LYS A 47 -13.88 -8.02 2.27
C LYS A 47 -12.95 -6.86 1.95
N PHE A 48 -11.79 -6.85 2.60
CA PHE A 48 -10.80 -5.80 2.37
C PHE A 48 -10.18 -5.92 0.99
N PHE A 49 -9.98 -7.16 0.54
CA PHE A 49 -9.39 -7.41 -0.77
C PHE A 49 -10.43 -7.27 -1.88
N GLY A 50 -11.70 -7.51 -1.52
CA GLY A 50 -12.78 -7.40 -2.50
C GLY A 50 -13.24 -8.75 -2.99
N LEU A 51 -12.49 -9.79 -2.66
CA LEU A 51 -12.84 -11.15 -3.07
C LEU A 51 -14.14 -11.60 -2.42
N PRO A 52 -14.97 -12.31 -3.20
CA PRO A 52 -16.26 -12.82 -2.72
C PRO A 52 -16.10 -13.94 -1.71
N ILE A 53 -15.36 -14.97 -2.08
CA ILE A 53 -15.13 -16.10 -1.19
C ILE A 53 -14.66 -15.64 0.19
N THR A 54 -15.54 -15.77 1.18
CA THR A 54 -15.22 -15.36 2.54
C THR A 54 -15.36 -16.53 3.51
N GLY A 55 -14.71 -16.41 4.66
CA GLY A 55 -14.79 -17.47 5.66
C GLY A 55 -13.80 -18.60 5.38
N MET A 56 -13.21 -18.59 4.20
CA MET A 56 -12.26 -19.61 3.81
C MET A 56 -11.02 -19.00 3.15
N LEU A 57 -9.94 -19.76 3.10
CA LEU A 57 -8.70 -19.29 2.51
C LEU A 57 -7.79 -20.46 2.14
N ASN A 58 -7.31 -20.47 0.90
CA ASN A 58 -6.43 -21.53 0.43
C ASN A 58 -6.18 -21.41 -1.07
N SER A 59 -7.16 -20.85 -1.78
CA SER A 59 -7.05 -20.68 -3.22
C SER A 59 -6.60 -19.26 -3.57
N ARG A 60 -7.56 -18.34 -3.65
CA ARG A 60 -7.26 -16.95 -3.97
C ARG A 60 -6.86 -16.18 -2.72
N VAL A 61 -7.54 -16.47 -1.62
CA VAL A 61 -7.25 -15.79 -0.36
C VAL A 61 -5.80 -16.02 0.08
N ILE A 62 -5.34 -17.26 -0.06
CA ILE A 62 -3.97 -17.60 0.31
C ILE A 62 -2.98 -17.08 -0.72
N GLU A 63 -3.41 -17.02 -1.98
CA GLU A 63 -2.56 -16.53 -3.05
C GLU A 63 -2.10 -15.10 -2.78
N ILE A 64 -2.96 -14.32 -2.14
CA ILE A 64 -2.65 -12.94 -1.83
C ILE A 64 -1.57 -12.84 -0.76
N MET A 65 -1.52 -13.85 0.12
CA MET A 65 -0.53 -13.88 1.19
C MET A 65 0.87 -14.08 0.63
N GLN A 66 0.97 -14.86 -0.44
CA GLN A 66 2.25 -15.13 -1.08
C GLN A 66 2.59 -14.06 -2.11
N LYS A 67 1.57 -13.40 -2.62
CA LYS A 67 1.76 -12.35 -3.61
C LYS A 67 2.04 -11.01 -2.94
N PRO A 68 3.19 -10.40 -3.29
CA PRO A 68 3.61 -9.11 -2.74
C PRO A 68 2.73 -7.97 -3.23
N ARG A 69 2.55 -6.97 -2.36
CA ARG A 69 1.74 -5.81 -2.70
C ARG A 69 2.21 -4.57 -1.96
N CYS A 70 1.90 -4.48 -0.68
CA CYS A 70 2.30 -3.34 0.13
C CYS A 70 2.62 -3.78 1.56
N GLY A 71 3.47 -3.02 2.24
CA GLY A 71 3.84 -3.34 3.60
C GLY A 71 3.15 -2.45 4.62
N VAL A 72 2.02 -1.89 4.23
CA VAL A 72 1.26 -1.00 5.12
C VAL A 72 0.03 -1.71 5.67
N PRO A 73 -0.22 -1.53 6.97
CA PRO A 73 -1.37 -2.13 7.65
C PRO A 73 -2.69 -1.51 7.22
N ASP A 74 -3.78 -2.22 7.48
CA ASP A 74 -5.11 -1.74 7.11
C ASP A 74 -6.07 -1.79 8.31
N VAL A 75 -5.56 -1.37 9.46
CA VAL A 75 -6.36 -1.36 10.69
C VAL A 75 -6.31 0.00 11.37
N ALA A 76 -7.48 0.54 11.69
CA ALA A 76 -7.56 1.83 12.36
C ALA A 76 -8.49 1.77 13.57
N GLU A 77 -8.50 2.85 14.36
CA GLU A 77 -9.34 2.90 15.54
C GLU A 77 -9.49 4.35 16.03
N TYR A 78 -10.41 5.08 15.40
CA TYR A 78 -10.65 6.47 15.77
C TYR A 78 -9.39 7.31 15.60
N SER A 79 -9.54 8.62 15.69
CA SER A 79 -8.41 9.54 15.55
C SER A 79 -7.48 9.46 16.75
N LEU A 80 -6.41 10.24 16.72
CA LEU A 80 -5.44 10.24 17.81
C LEU A 80 -4.88 11.65 18.02
N PHE A 81 -4.04 12.10 17.07
CA PHE A 81 -3.43 13.42 17.15
C PHE A 81 -3.93 14.31 16.00
N PRO A 82 -3.54 13.95 14.78
CA PRO A 82 -3.93 14.70 13.58
C PRO A 82 -5.41 14.56 13.26
N ASN A 83 -5.93 15.51 12.49
CA ASN A 83 -7.34 15.49 12.12
C ASN A 83 -7.52 15.00 10.68
N SER A 84 -8.50 14.14 10.46
CA SER A 84 -8.78 13.59 9.14
C SER A 84 -7.61 12.71 8.67
N PRO A 85 -7.95 11.58 8.03
CA PRO A 85 -6.96 10.64 7.51
C PRO A 85 -6.18 11.20 6.33
N LYS A 86 -6.90 11.75 5.36
CA LYS A 86 -6.27 12.32 4.18
C LYS A 86 -5.70 13.70 4.48
N TRP A 87 -4.94 14.24 3.53
CA TRP A 87 -4.33 15.56 3.70
C TRP A 87 -5.39 16.65 3.77
N THR A 88 -5.23 17.56 4.73
CA THR A 88 -6.18 18.66 4.91
C THR A 88 -5.52 20.00 4.63
N SER A 89 -4.24 19.96 4.27
CA SER A 89 -3.49 21.18 3.99
C SER A 89 -3.90 21.76 2.63
N LYS A 90 -3.26 22.86 2.25
CA LYS A 90 -3.55 23.52 0.99
C LYS A 90 -2.47 23.22 -0.04
N VAL A 91 -1.39 22.59 0.41
CA VAL A 91 -0.27 22.25 -0.47
C VAL A 91 0.48 21.04 0.06
N VAL A 92 0.98 20.21 -0.85
CA VAL A 92 1.73 19.01 -0.48
C VAL A 92 3.10 19.01 -1.14
N THR A 93 4.13 18.76 -0.33
CA THR A 93 5.50 18.73 -0.82
C THR A 93 6.11 17.34 -0.65
N TYR A 94 7.12 17.05 -1.47
CA TYR A 94 7.79 15.76 -1.42
C TYR A 94 9.27 15.89 -1.76
N ARG A 95 10.10 15.06 -1.14
CA ARG A 95 11.53 15.09 -1.39
C ARG A 95 12.15 13.70 -1.17
N ILE A 96 13.01 13.29 -2.08
CA ILE A 96 13.68 12.00 -1.99
C ILE A 96 14.77 12.02 -0.93
N VAL A 97 14.76 11.01 -0.07
CA VAL A 97 15.76 10.91 0.99
C VAL A 97 17.00 10.15 0.51
N SER A 98 16.77 9.09 -0.27
CA SER A 98 17.87 8.28 -0.78
C SER A 98 17.48 7.63 -2.11
N TYR A 99 18.47 7.06 -2.78
CA TYR A 99 18.23 6.41 -4.07
C TYR A 99 18.84 5.00 -4.09
N THR A 100 18.27 4.13 -4.93
CA THR A 100 18.75 2.76 -5.04
C THR A 100 19.60 2.58 -6.29
N ARG A 101 20.65 1.79 -6.16
CA ARG A 101 21.54 1.53 -7.29
C ARG A 101 20.77 1.05 -8.51
N ASP A 102 19.53 0.60 -8.28
CA ASP A 102 18.68 0.11 -9.36
C ASP A 102 18.33 1.24 -10.32
N LEU A 103 18.13 2.44 -9.77
CA LEU A 103 17.79 3.59 -10.59
C LEU A 103 18.46 4.85 -10.05
N PRO A 104 18.73 5.82 -10.94
CA PRO A 104 19.36 7.09 -10.58
C PRO A 104 18.44 7.98 -9.75
N HIS A 105 19.03 8.81 -8.90
CA HIS A 105 18.27 9.71 -8.04
C HIS A 105 17.29 10.55 -8.87
N ILE A 106 17.64 10.76 -10.14
CA ILE A 106 16.80 11.54 -11.03
C ILE A 106 15.59 10.73 -11.49
N THR A 107 15.81 9.45 -11.76
CA THR A 107 14.74 8.56 -12.22
C THR A 107 13.74 8.30 -11.10
N VAL A 108 14.25 8.13 -9.89
CA VAL A 108 13.40 7.86 -8.73
C VAL A 108 12.64 9.12 -8.31
N ASP A 109 13.35 10.24 -8.24
CA ASP A 109 12.75 11.50 -7.84
C ASP A 109 11.62 11.88 -8.79
N ARG A 110 11.87 11.74 -10.09
CA ARG A 110 10.87 12.06 -11.11
C ARG A 110 9.73 11.05 -11.09
N LEU A 111 10.06 9.80 -10.79
CA LEU A 111 9.06 8.73 -10.74
C LEU A 111 8.00 9.03 -9.68
N VAL A 112 8.46 9.38 -8.49
CA VAL A 112 7.54 9.70 -7.39
C VAL A 112 6.56 10.79 -7.78
N SER A 113 7.06 11.80 -8.49
CA SER A 113 6.22 12.91 -8.93
C SER A 113 5.25 12.47 -10.02
N LYS A 114 5.69 11.53 -10.84
CA LYS A 114 4.87 11.01 -11.93
C LYS A 114 3.60 10.35 -11.38
N ALA A 115 3.72 9.74 -10.20
CA ALA A 115 2.58 9.07 -9.57
C ALA A 115 1.92 9.99 -8.55
N LEU A 116 2.73 10.72 -7.79
CA LEU A 116 2.22 11.63 -6.77
C LEU A 116 1.42 12.77 -7.42
N ASN A 117 1.83 13.18 -8.61
CA ASN A 117 1.16 14.25 -9.33
C ASN A 117 -0.21 13.80 -9.83
N MET A 118 -0.27 12.58 -10.35
CA MET A 118 -1.51 12.02 -10.87
C MET A 118 -2.58 11.99 -9.78
N TRP A 119 -2.16 11.76 -8.55
CA TRP A 119 -3.08 11.71 -7.42
C TRP A 119 -3.79 13.04 -7.24
N GLY A 120 -3.01 14.12 -7.20
CA GLY A 120 -3.59 15.45 -7.03
C GLY A 120 -4.31 15.93 -8.27
N LYS A 121 -3.87 15.45 -9.43
CA LYS A 121 -4.47 15.83 -10.70
C LYS A 121 -5.93 15.40 -10.76
N GLU A 122 -6.32 14.50 -9.86
CA GLU A 122 -7.69 14.00 -9.82
C GLU A 122 -8.44 14.57 -8.62
N ILE A 123 -7.86 15.60 -8.01
CA ILE A 123 -8.47 16.23 -6.84
C ILE A 123 -8.17 17.73 -6.81
N PRO A 124 -9.05 18.49 -6.13
CA PRO A 124 -8.89 19.95 -6.01
C PRO A 124 -7.71 20.33 -5.12
N LEU A 125 -6.97 19.33 -4.67
CA LEU A 125 -5.81 19.56 -3.80
C LEU A 125 -4.77 20.41 -4.52
N HIS A 126 -3.52 20.30 -4.09
CA HIS A 126 -2.43 21.05 -4.68
C HIS A 126 -1.07 20.51 -4.24
N PHE A 127 -0.07 20.63 -5.11
CA PHE A 127 1.27 20.14 -4.80
C PHE A 127 2.31 21.23 -5.08
N ARG A 128 3.38 21.22 -4.30
CA ARG A 128 4.45 22.20 -4.45
C ARG A 128 5.80 21.51 -4.63
N LYS A 129 6.66 22.08 -5.46
CA LYS A 129 7.98 21.52 -5.71
C LYS A 129 8.95 21.91 -4.61
N VAL A 130 9.81 20.97 -4.22
CA VAL A 130 10.79 21.21 -3.17
C VAL A 130 12.17 21.44 -3.77
N VAL A 131 12.83 22.52 -3.34
CA VAL A 131 14.16 22.84 -3.82
C VAL A 131 15.02 23.43 -2.71
N TRP A 132 14.38 23.96 -1.68
CA TRP A 132 15.09 24.55 -0.54
C TRP A 132 14.40 24.18 0.76
N GLY A 133 15.05 23.32 1.55
CA GLY A 133 14.50 22.91 2.82
C GLY A 133 14.01 21.47 2.80
N THR A 134 13.14 21.13 3.74
CA THR A 134 12.60 19.78 3.83
C THR A 134 11.19 19.71 3.28
N ALA A 135 10.78 18.53 2.84
CA ALA A 135 9.44 18.34 2.29
C ALA A 135 8.59 17.45 3.20
N ASP A 136 7.28 17.45 2.97
CA ASP A 136 6.36 16.65 3.77
C ASP A 136 6.52 15.17 3.46
N ILE A 137 6.34 14.81 2.19
CA ILE A 137 6.46 13.42 1.78
C ILE A 137 7.91 13.06 1.47
N MET A 138 8.52 12.27 2.34
CA MET A 138 9.90 11.86 2.16
C MET A 138 9.98 10.50 1.47
N ILE A 139 10.64 10.45 0.32
CA ILE A 139 10.78 9.22 -0.42
C ILE A 139 12.20 8.68 -0.34
N GLY A 140 12.41 7.73 0.57
CA GLY A 140 13.73 7.14 0.75
C GLY A 140 13.70 5.62 0.71
N PHE A 141 14.87 5.02 0.58
CA PHE A 141 14.97 3.56 0.53
C PHE A 141 15.53 3.01 1.84
N ALA A 142 14.99 1.88 2.27
CA ALA A 142 15.43 1.24 3.52
C ALA A 142 14.51 0.10 3.91
N ARG A 143 14.96 -0.73 4.84
CA ARG A 143 14.18 -1.86 5.30
C ARG A 143 13.60 -1.60 6.70
N GLY A 144 12.77 -2.52 7.17
CA GLY A 144 12.17 -2.37 8.48
C GLY A 144 13.20 -2.19 9.58
N ALA A 145 14.45 -2.53 9.27
CA ALA A 145 15.53 -2.41 10.24
C ALA A 145 16.23 -1.06 10.12
N HIS A 146 15.59 -0.14 9.39
CA HIS A 146 16.15 1.20 9.19
C HIS A 146 15.90 2.07 10.42
N GLY A 147 15.20 1.52 11.41
CA GLY A 147 14.89 2.27 12.61
C GLY A 147 13.43 2.66 12.70
N ASP A 148 12.55 1.70 12.48
CA ASP A 148 11.10 1.95 12.54
C ASP A 148 10.34 0.64 12.65
N SER A 149 9.02 0.75 12.83
CA SER A 149 8.16 -0.41 12.96
C SER A 149 8.18 -1.25 11.67
N TYR A 150 7.42 -2.34 11.68
CA TYR A 150 7.36 -3.22 10.52
C TYR A 150 8.70 -3.89 10.25
N PRO A 151 8.72 -5.22 10.30
CA PRO A 151 9.94 -6.00 10.07
C PRO A 151 10.39 -5.95 8.61
N PHE A 152 11.70 -5.89 8.41
CA PHE A 152 12.27 -5.83 7.06
C PHE A 152 11.76 -6.99 6.21
N ASP A 153 11.68 -8.17 6.83
CA ASP A 153 11.22 -9.36 6.12
C ASP A 153 11.94 -9.53 4.79
N GLY A 154 13.08 -8.86 4.65
CA GLY A 154 13.85 -8.94 3.42
C GLY A 154 12.96 -9.03 2.20
N PRO A 155 13.44 -9.75 1.16
CA PRO A 155 12.70 -9.92 -0.09
C PRO A 155 11.47 -10.80 0.09
N GLY A 156 10.42 -10.49 -0.66
CA GLY A 156 9.19 -11.26 -0.57
C GLY A 156 8.09 -10.52 0.16
N ASN A 157 7.35 -11.25 1.00
CA ASN A 157 6.26 -10.66 1.76
C ASN A 157 6.58 -9.22 2.14
N THR A 158 5.60 -8.34 1.99
CA THR A 158 5.77 -6.93 2.32
C THR A 158 6.57 -6.21 1.23
N LEU A 159 5.92 -5.25 0.57
CA LEU A 159 6.57 -4.48 -0.49
C LEU A 159 7.15 -3.18 0.06
N ALA A 160 6.32 -2.40 0.74
CA ALA A 160 6.76 -1.14 1.31
C ALA A 160 5.75 -0.63 2.35
N HIS A 161 6.25 0.08 3.35
CA HIS A 161 5.41 0.62 4.42
C HIS A 161 5.29 2.13 4.30
N ALA A 162 4.06 2.62 4.20
CA ALA A 162 3.81 4.05 4.09
C ALA A 162 3.16 4.59 5.35
N PHE A 163 3.38 5.88 5.62
CA PHE A 163 2.82 6.52 6.79
C PHE A 163 1.69 7.48 6.41
N ALA A 164 0.97 7.97 7.42
CA ALA A 164 -0.13 8.89 7.18
C ALA A 164 0.22 10.30 7.64
N PRO A 165 -0.56 11.29 7.19
CA PRO A 165 -0.33 12.70 7.54
C PRO A 165 -0.65 12.98 9.00
N GLY A 166 0.36 12.84 9.86
CA GLY A 166 0.17 13.10 11.27
C GLY A 166 1.38 13.73 11.92
N THR A 167 1.15 14.65 12.84
CA THR A 167 2.23 15.34 13.54
C THR A 167 3.06 16.17 12.57
N GLY A 168 3.98 15.53 11.87
CA GLY A 168 4.82 16.23 10.91
C GLY A 168 5.79 15.30 10.20
N LEU A 169 6.78 14.81 10.94
CA LEU A 169 7.78 13.92 10.37
C LEU A 169 7.11 12.73 9.69
N GLY A 170 5.87 12.44 10.07
CA GLY A 170 5.15 11.33 9.49
C GLY A 170 4.55 11.68 8.14
N GLY A 171 3.76 10.75 7.60
CA GLY A 171 3.14 10.98 6.30
C GLY A 171 4.13 10.90 5.17
N ASP A 172 5.25 10.22 5.39
CA ASP A 172 6.27 10.07 4.37
C ASP A 172 6.11 8.76 3.62
N ALA A 173 7.06 8.46 2.74
CA ALA A 173 7.02 7.23 1.95
C ALA A 173 8.30 6.41 2.15
N HIS A 174 8.14 5.12 2.42
CA HIS A 174 9.28 4.24 2.62
C HIS A 174 9.20 3.02 1.70
N PHE A 175 10.31 2.72 1.03
CA PHE A 175 10.36 1.59 0.11
C PHE A 175 11.32 0.51 0.63
N ASP A 176 10.93 -0.74 0.47
CA ASP A 176 11.75 -1.87 0.92
C ASP A 176 12.95 -2.05 -0.01
N GLU A 177 14.11 -1.59 0.44
CA GLU A 177 15.34 -1.69 -0.34
C GLU A 177 15.65 -3.17 -0.66
N ASP A 178 15.00 -4.07 0.08
CA ASP A 178 15.20 -5.49 -0.12
C ASP A 178 14.42 -5.99 -1.34
N GLU A 179 13.46 -5.19 -1.78
CA GLU A 179 12.64 -5.55 -2.93
C GLU A 179 13.34 -5.19 -4.24
N ARG A 180 12.65 -5.39 -5.35
CA ARG A 180 13.20 -5.10 -6.67
C ARG A 180 12.49 -3.92 -7.30
N TRP A 181 13.22 -2.84 -7.54
CA TRP A 181 12.65 -1.64 -8.15
C TRP A 181 13.31 -1.35 -9.50
N THR A 182 12.50 -0.94 -10.47
CA THR A 182 13.00 -0.62 -11.81
C THR A 182 11.89 -0.13 -12.71
N ASP A 183 12.27 0.50 -13.82
CA ASP A 183 11.29 1.02 -14.77
C ASP A 183 11.56 0.48 -16.17
N GLY A 184 12.65 0.93 -16.78
CA GLY A 184 12.99 0.48 -18.11
C GLY A 184 13.27 -1.01 -18.16
N SER A 185 13.44 -1.62 -17.00
CA SER A 185 13.71 -3.05 -16.91
C SER A 185 12.42 -3.85 -16.74
N SER A 186 11.40 -3.20 -16.20
CA SER A 186 10.11 -3.83 -15.98
C SER A 186 10.30 -5.30 -15.58
N LEU A 187 11.04 -5.52 -14.49
CA LEU A 187 11.30 -6.87 -14.01
C LEU A 187 10.70 -7.06 -12.62
N GLY A 188 10.71 -6.00 -11.82
CA GLY A 188 10.17 -6.07 -10.47
C GLY A 188 8.99 -5.15 -10.27
N ILE A 189 8.93 -4.51 -9.10
CA ILE A 189 7.84 -3.59 -8.79
C ILE A 189 8.07 -2.23 -9.44
N ASN A 190 7.42 -2.00 -10.58
CA ASN A 190 7.55 -0.75 -11.29
C ASN A 190 7.40 0.44 -10.34
N PHE A 191 8.44 1.27 -10.27
CA PHE A 191 8.43 2.44 -9.40
C PHE A 191 7.21 3.31 -9.68
N LEU A 192 6.82 3.37 -10.94
CA LEU A 192 5.66 4.18 -11.35
C LEU A 192 4.37 3.59 -10.78
N TYR A 193 4.20 2.28 -10.93
CA TYR A 193 3.01 1.60 -10.43
C TYR A 193 3.01 1.54 -8.91
N ALA A 194 4.18 1.29 -8.34
CA ALA A 194 4.32 1.21 -6.89
C ALA A 194 4.17 2.59 -6.25
N ALA A 195 4.66 3.61 -6.95
CA ALA A 195 4.58 4.97 -6.44
C ALA A 195 3.13 5.37 -6.14
N THR A 196 2.23 5.03 -7.05
CA THR A 196 0.82 5.35 -6.88
C THR A 196 0.27 4.73 -5.61
N HIS A 197 0.65 3.48 -5.35
CA HIS A 197 0.19 2.77 -4.16
C HIS A 197 0.88 3.30 -2.91
N ALA A 198 2.17 3.56 -3.02
CA ALA A 198 2.95 4.08 -1.89
C ALA A 198 2.61 5.53 -1.61
N LEU A 199 2.61 6.34 -2.66
CA LEU A 199 2.30 7.77 -2.54
C LEU A 199 0.84 7.97 -2.10
N GLY A 200 -0.07 7.21 -2.71
CA GLY A 200 -1.47 7.32 -2.38
C GLY A 200 -1.74 7.07 -0.90
N HIS A 201 -0.88 6.27 -0.28
CA HIS A 201 -1.02 5.95 1.14
C HIS A 201 -0.81 7.19 1.99
N SER A 202 0.06 8.08 1.54
CA SER A 202 0.36 9.31 2.27
C SER A 202 -0.83 10.26 2.24
N LEU A 203 -1.71 10.06 1.27
CA LEU A 203 -2.89 10.90 1.12
C LEU A 203 -4.07 10.34 1.91
N GLY A 204 -3.81 9.28 2.67
CA GLY A 204 -4.85 8.66 3.46
C GLY A 204 -5.69 7.67 2.67
N MET A 205 -5.46 7.63 1.36
CA MET A 205 -6.20 6.73 0.48
C MET A 205 -6.07 5.29 0.96
N GLY A 206 -7.20 4.57 0.98
CA GLY A 206 -7.20 3.19 1.42
C GLY A 206 -7.51 2.23 0.29
N HIS A 207 -7.12 0.97 0.46
CA HIS A 207 -7.37 -0.05 -0.54
C HIS A 207 -8.85 -0.13 -0.89
N SER A 208 -9.15 -0.52 -2.12
CA SER A 208 -10.53 -0.64 -2.57
C SER A 208 -10.87 -2.07 -2.94
N SER A 209 -12.17 -2.37 -3.02
CA SER A 209 -12.62 -3.71 -3.36
C SER A 209 -12.75 -3.88 -4.87
N ASP A 210 -12.51 -2.80 -5.60
CA ASP A 210 -12.60 -2.81 -7.06
C ASP A 210 -11.44 -3.60 -7.66
N PRO A 211 -11.76 -4.48 -8.63
CA PRO A 211 -10.75 -5.30 -9.31
C PRO A 211 -9.83 -4.49 -10.20
N ASN A 212 -10.13 -3.20 -10.34
CA ASN A 212 -9.33 -2.31 -11.16
C ASN A 212 -8.89 -1.08 -10.38
N ALA A 213 -8.67 -1.26 -9.09
CA ALA A 213 -8.24 -0.17 -8.21
C ALA A 213 -6.73 -0.02 -8.23
N VAL A 214 -6.25 1.23 -8.12
CA VAL A 214 -4.82 1.51 -8.12
C VAL A 214 -4.18 1.08 -6.81
N MET A 215 -4.98 1.05 -5.74
CA MET A 215 -4.49 0.67 -4.43
C MET A 215 -4.85 -0.78 -4.12
N TYR A 216 -5.36 -1.49 -5.13
CA TYR A 216 -5.74 -2.89 -4.95
C TYR A 216 -4.57 -3.71 -4.43
N PRO A 217 -4.82 -4.46 -3.35
CA PRO A 217 -3.80 -5.31 -2.73
C PRO A 217 -3.44 -6.52 -3.60
N THR A 218 -4.32 -6.84 -4.56
CA THR A 218 -4.09 -7.97 -5.46
C THR A 218 -3.22 -7.56 -6.64
N TYR A 219 -2.11 -6.88 -6.34
CA TYR A 219 -1.19 -6.44 -7.38
C TYR A 219 -0.06 -7.45 -7.57
N GLY A 220 0.08 -7.94 -8.80
CA GLY A 220 1.12 -8.90 -9.10
C GLY A 220 1.07 -9.39 -10.53
N ASN A 221 -0.15 -9.60 -11.04
CA ASN A 221 -0.32 -10.08 -12.41
C ASN A 221 0.25 -9.08 -13.41
N GLY A 222 -0.05 -9.29 -14.68
CA GLY A 222 0.47 -8.41 -15.72
C GLY A 222 0.19 -6.95 -15.41
N ASP A 223 1.24 -6.22 -15.01
CA ASP A 223 1.10 -4.82 -14.68
C ASP A 223 0.99 -3.97 -15.95
N PRO A 224 0.34 -2.80 -15.83
CA PRO A 224 0.14 -1.88 -16.96
C PRO A 224 1.44 -1.22 -17.40
N GLN A 225 1.52 -0.88 -18.68
CA GLN A 225 2.70 -0.25 -19.23
C GLN A 225 2.71 1.25 -18.94
N ASN A 226 1.51 1.82 -18.80
CA ASN A 226 1.38 3.25 -18.52
C ASN A 226 0.76 3.48 -17.14
N PHE A 227 -0.21 2.65 -16.79
CA PHE A 227 -0.88 2.76 -15.50
C PHE A 227 -1.70 4.05 -15.42
N LYS A 228 -2.92 3.94 -14.91
CA LYS A 228 -3.80 5.10 -14.76
C LYS A 228 -4.61 5.01 -13.49
N LEU A 229 -5.13 6.15 -13.04
CA LEU A 229 -5.93 6.21 -11.82
C LEU A 229 -7.18 5.33 -11.96
N SER A 230 -7.63 4.78 -10.83
CA SER A 230 -8.81 3.92 -10.82
C SER A 230 -10.09 4.76 -10.67
N GLN A 231 -11.19 4.24 -11.20
CA GLN A 231 -12.47 4.93 -11.13
C GLN A 231 -12.94 5.04 -9.67
N ASP A 232 -13.29 3.90 -9.08
CA ASP A 232 -13.76 3.88 -7.70
C ASP A 232 -12.75 4.52 -6.77
N ASP A 233 -11.48 4.53 -7.19
CA ASP A 233 -10.41 5.12 -6.39
C ASP A 233 -10.55 6.64 -6.34
N ILE A 234 -10.72 7.25 -7.51
CA ILE A 234 -10.86 8.69 -7.59
C ILE A 234 -12.17 9.16 -6.98
N LYS A 235 -13.25 8.43 -7.27
CA LYS A 235 -14.57 8.76 -6.75
C LYS A 235 -14.57 8.75 -5.22
N GLY A 236 -13.74 7.88 -4.64
CA GLY A 236 -13.66 7.78 -3.19
C GLY A 236 -13.03 9.01 -2.57
N ILE A 237 -11.90 9.45 -3.12
CA ILE A 237 -11.20 10.61 -2.62
C ILE A 237 -11.95 11.90 -2.96
N GLN A 238 -12.65 11.89 -4.08
CA GLN A 238 -13.41 13.05 -4.51
C GLN A 238 -14.58 13.33 -3.56
N LYS A 239 -15.02 12.29 -2.86
CA LYS A 239 -16.13 12.43 -1.91
C LYS A 239 -15.66 13.14 -0.65
N LEU A 240 -14.36 13.11 -0.38
CA LEU A 240 -13.80 13.76 0.80
C LEU A 240 -13.23 15.12 0.44
N TYR A 241 -12.61 15.21 -0.73
CA TYR A 241 -12.03 16.48 -1.18
C TYR A 241 -13.02 17.27 -2.03
N GLY A 242 -14.19 16.68 -2.25
CA GLY A 242 -15.22 17.35 -3.04
C GLY A 242 -16.62 16.94 -2.62
N LYS A 243 -17.35 16.33 -3.55
CA LYS A 243 -18.71 15.90 -3.29
C LYS A 243 -18.99 14.54 -3.93
N ARG A 244 -19.38 13.58 -3.10
CA ARG A 244 -19.67 12.23 -3.58
C ARG A 244 -20.12 11.32 -2.44
N SER A 245 -20.64 10.16 -2.79
CA SER A 245 -21.11 9.19 -1.79
C SER A 245 -21.47 7.86 -2.43
N ASN A 246 -20.92 6.78 -1.89
CA ASN A 246 -21.18 5.45 -2.42
C ASN A 246 -20.46 4.39 -1.59
N SER A 247 -19.14 4.55 -1.45
CA SER A 247 -18.33 3.61 -0.69
C SER A 247 -16.90 4.11 -0.56
N ARG A 248 -16.40 4.17 0.68
CA ARG A 248 -15.05 4.63 0.94
C ARG A 248 -14.21 3.52 1.58
N LYS A 249 -13.29 2.97 0.80
CA LYS A 249 -12.41 1.90 1.28
C LYS A 249 -13.24 0.72 1.78
N LYS A 250 -14.46 0.58 1.27
CA LYS A 250 -15.34 -0.50 1.66
C LYS A 250 -15.47 -0.57 3.18
CA CA B . 6.38 14.37 6.77
CA CA C . 9.98 -7.56 0.99
ZN ZN D . 10.19 2.79 8.06
ZN ZN E . -1.34 -0.60 0.34
N LEU A 1 -5.24 -20.56 -9.69
CA LEU A 1 -6.25 -21.55 -9.32
C LEU A 1 -6.00 -22.88 -10.03
N PRO A 2 -4.94 -23.58 -9.61
CA PRO A 2 -4.56 -24.88 -10.18
C PRO A 2 -5.56 -25.98 -9.84
N LEU A 3 -5.88 -26.09 -8.55
CA LEU A 3 -6.82 -27.11 -8.09
C LEU A 3 -7.66 -26.58 -6.93
N PRO A 4 -8.81 -27.22 -6.70
CA PRO A 4 -9.73 -26.83 -5.63
C PRO A 4 -9.17 -27.14 -4.24
N GLN A 5 -9.29 -26.18 -3.33
CA GLN A 5 -8.79 -26.36 -1.97
C GLN A 5 -7.34 -26.81 -1.98
N GLU A 6 -6.42 -25.84 -2.02
CA GLU A 6 -5.00 -26.15 -2.03
C GLU A 6 -4.42 -26.10 -0.62
N ALA A 7 -4.73 -25.03 0.11
CA ALA A 7 -4.25 -24.86 1.47
C ALA A 7 -4.86 -25.90 2.41
N GLY A 8 -6.11 -26.27 2.14
CA GLY A 8 -6.79 -27.25 2.96
C GLY A 8 -6.03 -28.57 3.04
N GLY A 9 -5.50 -29.00 1.90
CA GLY A 9 -4.77 -30.25 1.85
C GLY A 9 -3.26 -30.04 1.84
N MET A 10 -2.83 -28.88 2.32
CA MET A 10 -1.41 -28.55 2.36
C MET A 10 -0.86 -28.72 3.78
N SER A 11 0.46 -28.77 3.89
CA SER A 11 1.12 -28.94 5.18
C SER A 11 0.61 -27.90 6.18
N GLU A 12 0.64 -28.25 7.46
CA GLU A 12 0.18 -27.35 8.51
C GLU A 12 1.04 -26.10 8.57
N LEU A 13 2.32 -26.25 8.23
CA LEU A 13 3.26 -25.13 8.24
C LEU A 13 2.83 -24.06 7.23
N GLN A 14 2.32 -24.50 6.08
CA GLN A 14 1.87 -23.59 5.04
C GLN A 14 0.62 -22.84 5.47
N TRP A 15 -0.31 -23.56 6.09
CA TRP A 15 -1.56 -22.95 6.54
C TRP A 15 -1.32 -22.09 7.77
N GLU A 16 -0.33 -22.47 8.58
CA GLU A 16 -0.02 -21.72 9.79
C GLU A 16 0.70 -20.42 9.46
N GLN A 17 1.52 -20.46 8.42
CA GLN A 17 2.26 -19.27 7.99
C GLN A 17 1.31 -18.17 7.53
N ALA A 18 0.26 -18.55 6.81
CA ALA A 18 -0.72 -17.60 6.32
C ALA A 18 -1.42 -16.89 7.47
N GLN A 19 -1.76 -17.65 8.52
CA GLN A 19 -2.44 -17.09 9.68
C GLN A 19 -1.52 -16.12 10.42
N ASP A 20 -0.26 -16.50 10.58
CA ASP A 20 0.71 -15.66 11.27
C ASP A 20 1.08 -14.44 10.43
N TYR A 21 1.05 -14.61 9.12
CA TYR A 21 1.38 -13.53 8.19
C TYR A 21 0.29 -12.46 8.22
N LEU A 22 -0.95 -12.88 8.36
CA LEU A 22 -2.08 -11.95 8.40
C LEU A 22 -2.04 -11.09 9.65
N LYS A 23 -1.41 -11.61 10.69
CA LYS A 23 -1.29 -10.88 11.96
C LYS A 23 -0.36 -9.69 11.81
N ARG A 24 0.65 -9.83 10.96
CA ARG A 24 1.61 -8.76 10.73
C ARG A 24 1.12 -7.81 9.64
N PHE A 25 0.31 -8.33 8.73
CA PHE A 25 -0.24 -7.52 7.64
C PHE A 25 -1.06 -6.35 8.18
N TYR A 26 -1.57 -6.51 9.40
CA TYR A 26 -2.37 -5.47 10.04
C TYR A 26 -1.73 -5.01 11.34
N LEU A 27 -1.88 -5.82 12.39
CA LEU A 27 -1.33 -5.49 13.69
C LEU A 27 -0.96 -6.77 14.45
N TYR A 28 0.23 -6.78 15.04
CA TYR A 28 0.69 -7.93 15.81
C TYR A 28 0.18 -7.87 17.24
N ASP A 29 -0.99 -8.44 17.47
CA ASP A 29 -1.59 -8.45 18.80
C ASP A 29 -1.93 -9.88 19.23
N SER A 30 -1.61 -10.20 20.48
CA SER A 30 -1.88 -11.54 21.02
C SER A 30 -3.34 -11.68 21.41
N GLU A 31 -4.08 -10.58 21.35
CA GLU A 31 -5.50 -10.59 21.70
C GLU A 31 -6.28 -11.52 20.78
N THR A 32 -5.91 -11.53 19.50
CA THR A 32 -6.58 -12.38 18.52
C THR A 32 -5.87 -13.72 18.39
N LYS A 33 -4.92 -13.97 19.27
CA LYS A 33 -4.17 -15.22 19.25
C LYS A 33 -5.10 -16.42 19.39
N ASN A 34 -5.42 -17.06 18.27
CA ASN A 34 -6.30 -18.22 18.27
C ASN A 34 -6.45 -18.79 16.86
N ALA A 35 -6.61 -20.10 16.78
CA ALA A 35 -6.78 -20.77 15.49
C ALA A 35 -8.18 -20.54 14.93
N ASN A 36 -9.17 -20.55 15.81
CA ASN A 36 -10.56 -20.34 15.40
C ASN A 36 -10.80 -18.89 15.02
N SER A 37 -10.00 -17.99 15.59
CA SER A 37 -10.13 -16.56 15.31
C SER A 37 -9.77 -16.27 13.86
N LEU A 38 -9.02 -17.16 13.24
CA LEU A 38 -8.60 -16.99 11.86
C LEU A 38 -9.82 -16.90 10.93
N GLU A 39 -10.85 -17.68 11.24
CA GLU A 39 -12.07 -17.68 10.44
C GLU A 39 -12.76 -16.32 10.50
N ALA A 40 -12.98 -15.82 11.71
CA ALA A 40 -13.63 -14.53 11.89
C ALA A 40 -12.79 -13.40 11.29
N LYS A 41 -11.50 -13.40 11.58
CA LYS A 41 -10.59 -12.38 11.07
C LYS A 41 -10.57 -12.40 9.54
N LEU A 42 -10.61 -13.59 8.97
CA LEU A 42 -10.60 -13.75 7.52
C LEU A 42 -11.72 -12.94 6.87
N LYS A 43 -12.86 -12.89 7.54
CA LYS A 43 -14.02 -12.14 7.04
C LYS A 43 -13.66 -10.67 6.84
N GLU A 44 -13.00 -10.09 7.83
CA GLU A 44 -12.62 -8.68 7.76
C GLU A 44 -11.51 -8.48 6.73
N MET A 45 -10.61 -9.44 6.63
CA MET A 45 -9.50 -9.36 5.68
C MET A 45 -10.01 -9.49 4.25
N GLN A 46 -10.96 -10.38 4.04
CA GLN A 46 -11.54 -10.61 2.72
C GLN A 46 -12.29 -9.37 2.25
N LYS A 47 -13.07 -8.77 3.15
CA LYS A 47 -13.84 -7.58 2.82
C LYS A 47 -12.93 -6.42 2.43
N PHE A 48 -11.72 -6.43 2.99
CA PHE A 48 -10.75 -5.37 2.70
C PHE A 48 -10.24 -5.47 1.26
N PHE A 49 -10.08 -6.69 0.78
CA PHE A 49 -9.61 -6.93 -0.58
C PHE A 49 -10.74 -6.80 -1.58
N GLY A 50 -11.94 -7.22 -1.18
CA GLY A 50 -13.09 -7.14 -2.05
C GLY A 50 -13.46 -8.49 -2.66
N LEU A 51 -12.62 -9.48 -2.41
CA LEU A 51 -12.85 -10.82 -2.94
C LEU A 51 -14.18 -11.38 -2.44
N PRO A 52 -14.88 -12.13 -3.31
CA PRO A 52 -16.17 -12.73 -2.98
C PRO A 52 -16.03 -13.87 -1.97
N ILE A 53 -15.18 -14.83 -2.29
CA ILE A 53 -14.95 -15.97 -1.40
C ILE A 53 -14.64 -15.51 0.02
N THR A 54 -15.60 -15.72 0.92
CA THR A 54 -15.42 -15.33 2.31
C THR A 54 -15.28 -16.55 3.22
N GLY A 55 -14.74 -16.34 4.41
CA GLY A 55 -14.55 -17.43 5.34
C GLY A 55 -13.71 -18.55 4.77
N MET A 56 -12.97 -18.25 3.71
CA MET A 56 -12.12 -19.24 3.07
C MET A 56 -10.68 -18.76 3.00
N LEU A 57 -9.75 -19.70 2.80
CA LEU A 57 -8.33 -19.36 2.71
C LEU A 57 -7.56 -20.45 1.96
N ASN A 58 -7.35 -20.23 0.67
CA ASN A 58 -6.63 -21.19 -0.16
C ASN A 58 -6.63 -20.76 -1.62
N SER A 59 -7.67 -20.05 -2.01
CA SER A 59 -7.81 -19.57 -3.39
C SER A 59 -7.06 -18.26 -3.58
N ARG A 60 -7.80 -17.16 -3.56
CA ARG A 60 -7.21 -15.84 -3.73
C ARG A 60 -6.69 -15.30 -2.41
N VAL A 61 -7.33 -15.70 -1.32
CA VAL A 61 -6.91 -15.25 0.02
C VAL A 61 -5.48 -15.66 0.31
N ILE A 62 -5.13 -16.90 -0.04
CA ILE A 62 -3.78 -17.40 0.19
C ILE A 62 -2.80 -16.83 -0.82
N GLU A 63 -3.29 -16.54 -2.02
CA GLU A 63 -2.46 -15.98 -3.07
C GLU A 63 -1.99 -14.58 -2.71
N ILE A 64 -2.90 -13.77 -2.19
CA ILE A 64 -2.58 -12.41 -1.80
C ILE A 64 -1.62 -12.38 -0.62
N MET A 65 -1.70 -13.41 0.22
CA MET A 65 -0.82 -13.52 1.39
C MET A 65 0.61 -13.82 0.96
N GLN A 66 0.76 -14.58 -0.12
CA GLN A 66 2.07 -14.95 -0.62
C GLN A 66 2.60 -13.90 -1.59
N LYS A 67 1.68 -13.18 -2.22
CA LYS A 67 2.06 -12.14 -3.17
C LYS A 67 2.34 -10.82 -2.46
N PRO A 68 3.41 -10.14 -2.89
CA PRO A 68 3.82 -8.86 -2.31
C PRO A 68 2.84 -7.73 -2.63
N ARG A 69 2.16 -7.22 -1.62
CA ARG A 69 1.20 -6.15 -1.79
C ARG A 69 1.75 -4.83 -1.25
N CYS A 70 1.56 -4.62 0.05
CA CYS A 70 2.03 -3.39 0.69
C CYS A 70 2.48 -3.67 2.11
N GLY A 71 3.35 -2.81 2.64
CA GLY A 71 3.84 -2.98 3.99
C GLY A 71 3.08 -2.14 4.99
N VAL A 72 1.91 -1.65 4.60
CA VAL A 72 1.08 -0.83 5.46
C VAL A 72 -0.20 -1.56 5.87
N PRO A 73 -0.51 -1.53 7.17
CA PRO A 73 -1.70 -2.19 7.72
C PRO A 73 -2.99 -1.49 7.29
N ASP A 74 -4.12 -2.17 7.48
CA ASP A 74 -5.42 -1.63 7.11
C ASP A 74 -6.34 -1.53 8.32
N VAL A 75 -5.76 -1.16 9.46
CA VAL A 75 -6.52 -1.02 10.70
C VAL A 75 -6.09 0.21 11.48
N ALA A 76 -7.07 1.03 11.88
CA ALA A 76 -6.78 2.24 12.64
C ALA A 76 -7.68 2.34 13.87
N GLU A 77 -7.38 3.30 14.73
CA GLU A 77 -8.16 3.50 15.95
C GLU A 77 -8.22 4.98 16.33
N TYR A 78 -9.43 5.47 16.58
CA TYR A 78 -9.62 6.87 16.94
C TYR A 78 -8.70 7.26 18.09
N SER A 79 -8.60 8.57 18.33
CA SER A 79 -7.74 9.08 19.40
C SER A 79 -6.28 8.76 19.13
N LEU A 80 -5.39 9.52 19.75
CA LEU A 80 -3.96 9.33 19.58
C LEU A 80 -3.54 9.59 18.13
N PHE A 81 -4.42 10.25 17.38
CA PHE A 81 -4.14 10.56 15.98
C PHE A 81 -4.53 12.00 15.66
N PRO A 82 -3.97 12.53 14.56
CA PRO A 82 -4.24 13.90 14.13
C PRO A 82 -5.66 14.07 13.59
N ASN A 83 -5.96 15.26 13.08
CA ASN A 83 -7.28 15.55 12.53
C ASN A 83 -7.28 15.41 11.02
N SER A 84 -8.44 15.02 10.47
CA SER A 84 -8.57 14.85 9.03
C SER A 84 -7.69 13.71 8.53
N PRO A 85 -8.33 12.70 7.90
CA PRO A 85 -7.63 11.53 7.37
C PRO A 85 -6.77 11.88 6.16
N LYS A 86 -7.36 12.60 5.20
CA LYS A 86 -6.65 12.99 4.00
C LYS A 86 -5.96 14.33 4.19
N TRP A 87 -5.04 14.66 3.28
CA TRP A 87 -4.31 15.91 3.34
C TRP A 87 -5.26 17.10 3.39
N THR A 88 -5.12 17.92 4.42
CA THR A 88 -5.97 19.10 4.58
C THR A 88 -5.15 20.38 4.48
N SER A 89 -3.85 20.24 4.26
CA SER A 89 -2.96 21.39 4.15
C SER A 89 -3.24 22.17 2.87
N LYS A 90 -2.75 23.40 2.82
CA LYS A 90 -2.95 24.26 1.65
C LYS A 90 -1.97 23.88 0.53
N VAL A 91 -1.05 22.98 0.85
CA VAL A 91 -0.06 22.53 -0.14
C VAL A 91 0.76 21.38 0.40
N VAL A 92 1.03 20.39 -0.45
CA VAL A 92 1.82 19.23 -0.06
C VAL A 92 3.05 19.07 -0.95
N THR A 93 4.21 18.92 -0.32
CA THR A 93 5.46 18.75 -1.06
C THR A 93 6.08 17.39 -0.79
N TYR A 94 7.09 17.04 -1.58
CA TYR A 94 7.77 15.76 -1.41
C TYR A 94 9.25 15.89 -1.74
N ARG A 95 10.08 15.12 -1.05
CA ARG A 95 11.52 15.14 -1.26
C ARG A 95 12.13 13.77 -1.03
N ILE A 96 12.97 13.33 -1.97
CA ILE A 96 13.62 12.03 -1.87
C ILE A 96 14.75 12.06 -0.82
N VAL A 97 14.79 11.04 0.01
CA VAL A 97 15.82 10.94 1.05
C VAL A 97 17.01 10.12 0.57
N SER A 98 16.72 9.04 -0.13
CA SER A 98 17.77 8.16 -0.65
C SER A 98 17.44 7.69 -2.07
N TYR A 99 18.45 7.18 -2.76
CA TYR A 99 18.27 6.69 -4.12
C TYR A 99 18.46 5.18 -4.20
N THR A 100 17.80 4.56 -5.17
CA THR A 100 17.89 3.11 -5.36
C THR A 100 19.15 2.74 -6.13
N ARG A 101 19.78 1.63 -5.74
CA ARG A 101 20.98 1.17 -6.40
C ARG A 101 20.66 0.54 -7.75
N ASP A 102 19.36 0.39 -8.02
CA ASP A 102 18.91 -0.20 -9.28
C ASP A 102 18.57 0.89 -10.30
N LEU A 103 18.20 2.06 -9.80
CA LEU A 103 17.84 3.19 -10.65
C LEU A 103 18.52 4.47 -10.19
N PRO A 104 18.74 5.40 -11.12
CA PRO A 104 19.36 6.70 -10.83
C PRO A 104 18.47 7.60 -9.99
N HIS A 105 19.09 8.47 -9.19
CA HIS A 105 18.34 9.38 -8.34
C HIS A 105 17.32 10.17 -9.15
N ILE A 106 17.59 10.33 -10.45
CA ILE A 106 16.70 11.06 -11.33
C ILE A 106 15.49 10.21 -11.71
N THR A 107 15.73 8.93 -11.94
CA THR A 107 14.65 8.01 -12.31
C THR A 107 13.71 7.77 -11.14
N VAL A 108 14.27 7.67 -9.93
CA VAL A 108 13.47 7.45 -8.73
C VAL A 108 12.69 8.70 -8.35
N ASP A 109 13.37 9.85 -8.38
CA ASP A 109 12.74 11.12 -8.05
C ASP A 109 11.63 11.46 -9.04
N ARG A 110 11.91 11.23 -10.33
CA ARG A 110 10.93 11.53 -11.37
C ARG A 110 9.77 10.55 -11.32
N LEU A 111 10.06 9.31 -10.94
CA LEU A 111 9.04 8.28 -10.85
C LEU A 111 7.96 8.66 -9.83
N VAL A 112 8.40 9.08 -8.65
CA VAL A 112 7.48 9.47 -7.59
C VAL A 112 6.54 10.58 -8.07
N SER A 113 7.09 11.54 -8.81
CA SER A 113 6.30 12.64 -9.32
C SER A 113 5.35 12.17 -10.42
N LYS A 114 5.78 11.19 -11.19
CA LYS A 114 4.97 10.65 -12.27
C LYS A 114 3.68 10.02 -11.72
N ALA A 115 3.79 9.44 -10.53
CA ALA A 115 2.64 8.80 -9.89
C ALA A 115 1.94 9.76 -8.94
N LEU A 116 2.73 10.54 -8.20
CA LEU A 116 2.19 11.50 -7.25
C LEU A 116 1.40 12.59 -7.97
N ASN A 117 1.84 12.93 -9.18
CA ASN A 117 1.17 13.97 -9.97
C ASN A 117 -0.23 13.52 -10.37
N MET A 118 -0.37 12.23 -10.66
CA MET A 118 -1.66 11.67 -11.06
C MET A 118 -2.67 11.79 -9.92
N TRP A 119 -2.20 11.64 -8.69
CA TRP A 119 -3.05 11.72 -7.52
C TRP A 119 -3.66 13.11 -7.38
N GLY A 120 -2.82 14.13 -7.47
CA GLY A 120 -3.29 15.50 -7.34
C GLY A 120 -4.01 15.97 -8.59
N LYS A 121 -3.77 15.29 -9.71
CA LYS A 121 -4.42 15.64 -10.97
C LYS A 121 -5.90 15.31 -10.95
N GLU A 122 -6.31 14.53 -9.95
CA GLU A 122 -7.71 14.15 -9.81
C GLU A 122 -8.35 14.82 -8.60
N ILE A 123 -7.64 15.80 -8.04
CA ILE A 123 -8.14 16.54 -6.89
C ILE A 123 -7.74 18.01 -6.95
N PRO A 124 -8.65 18.88 -6.49
CA PRO A 124 -8.42 20.34 -6.48
C PRO A 124 -7.36 20.74 -5.47
N LEU A 125 -6.58 19.77 -5.00
CA LEU A 125 -5.53 20.04 -4.02
C LEU A 125 -4.48 20.98 -4.60
N HIS A 126 -3.29 20.95 -4.02
CA HIS A 126 -2.20 21.80 -4.47
C HIS A 126 -0.84 21.21 -4.08
N PHE A 127 -0.01 20.95 -5.09
CA PHE A 127 1.31 20.37 -4.85
C PHE A 127 2.41 21.40 -5.13
N ARG A 128 3.52 21.29 -4.41
CA ARG A 128 4.63 22.21 -4.57
C ARG A 128 5.95 21.45 -4.68
N LYS A 129 6.84 21.93 -5.55
CA LYS A 129 8.14 21.30 -5.75
C LYS A 129 9.11 21.69 -4.63
N VAL A 130 10.03 20.79 -4.31
CA VAL A 130 11.02 21.04 -3.27
C VAL A 130 12.37 21.38 -3.87
N VAL A 131 12.94 22.51 -3.47
CA VAL A 131 14.24 22.95 -3.97
C VAL A 131 15.05 23.63 -2.87
N TRP A 132 14.40 23.89 -1.73
CA TRP A 132 15.06 24.52 -0.60
C TRP A 132 14.33 24.22 0.69
N GLY A 133 14.96 23.39 1.54
CA GLY A 133 14.35 23.04 2.81
C GLY A 133 13.88 21.60 2.84
N THR A 134 12.97 21.30 3.76
CA THR A 134 12.43 19.95 3.89
C THR A 134 11.05 19.84 3.26
N ALA A 135 10.67 18.62 2.87
CA ALA A 135 9.37 18.38 2.27
C ALA A 135 8.47 17.56 3.18
N ASP A 136 7.18 17.53 2.87
CA ASP A 136 6.22 16.78 3.67
C ASP A 136 6.43 15.28 3.50
N ILE A 137 6.19 14.79 2.29
CA ILE A 137 6.35 13.37 1.99
C ILE A 137 7.77 13.06 1.56
N MET A 138 8.53 12.41 2.44
CA MET A 138 9.91 12.05 2.14
C MET A 138 9.99 10.65 1.54
N ILE A 139 10.67 10.54 0.40
CA ILE A 139 10.81 9.27 -0.28
C ILE A 139 12.22 8.71 -0.11
N GLY A 140 12.40 7.81 0.85
CA GLY A 140 13.70 7.22 1.09
C GLY A 140 13.64 5.70 1.17
N PHE A 141 14.78 5.06 0.93
CA PHE A 141 14.85 3.61 0.97
C PHE A 141 15.56 3.13 2.24
N ALA A 142 15.13 1.97 2.74
CA ALA A 142 15.72 1.41 3.95
C ALA A 142 14.87 0.27 4.49
N ARG A 143 15.44 -0.51 5.42
CA ARG A 143 14.74 -1.63 6.01
C ARG A 143 14.27 -1.30 7.42
N GLY A 144 13.49 -2.19 8.01
CA GLY A 144 12.98 -1.98 9.35
C GLY A 144 14.09 -1.71 10.35
N ALA A 145 15.31 -2.12 10.00
CA ALA A 145 16.46 -1.91 10.87
C ALA A 145 16.78 -0.43 11.04
N HIS A 146 16.17 0.40 10.19
CA HIS A 146 16.38 1.84 10.24
C HIS A 146 15.76 2.43 11.50
N GLY A 147 14.96 1.62 12.20
CA GLY A 147 14.31 2.09 13.42
C GLY A 147 12.79 2.12 13.29
N ASP A 148 12.24 1.11 12.63
CA ASP A 148 10.80 1.02 12.45
C ASP A 148 10.23 -0.23 13.12
N SER A 149 9.05 -0.10 13.69
CA SER A 149 8.39 -1.21 14.37
C SER A 149 8.05 -2.32 13.38
N TYR A 150 7.97 -3.55 13.88
CA TYR A 150 7.65 -4.70 13.04
C TYR A 150 8.74 -4.94 12.00
N PRO A 151 9.14 -6.20 11.84
CA PRO A 151 10.17 -6.60 10.89
C PRO A 151 9.71 -6.47 9.44
N PHE A 152 10.56 -5.89 8.61
CA PHE A 152 10.24 -5.71 7.19
C PHE A 152 10.19 -7.05 6.46
N ASP A 153 11.02 -7.98 6.91
CA ASP A 153 11.09 -9.30 6.30
C ASP A 153 11.80 -9.25 4.95
N GLY A 154 12.21 -8.05 4.55
CA GLY A 154 12.89 -7.88 3.28
C GLY A 154 12.14 -8.53 2.13
N PRO A 155 12.71 -9.61 1.58
CA PRO A 155 12.11 -10.33 0.46
C PRO A 155 10.86 -11.09 0.87
N GLY A 156 9.85 -11.06 -0.01
CA GLY A 156 8.60 -11.75 0.28
C GLY A 156 7.50 -10.80 0.69
N ASN A 157 6.54 -11.31 1.45
CA ASN A 157 5.41 -10.49 1.91
C ASN A 157 5.90 -9.10 2.35
N THR A 158 5.01 -8.12 2.26
CA THR A 158 5.34 -6.75 2.64
C THR A 158 6.16 -6.07 1.56
N LEU A 159 5.55 -5.13 0.86
CA LEU A 159 6.23 -4.40 -0.20
C LEU A 159 6.88 -3.13 0.34
N ALA A 160 6.08 -2.30 1.02
CA ALA A 160 6.58 -1.06 1.59
C ALA A 160 5.60 -0.50 2.60
N HIS A 161 6.12 0.18 3.62
CA HIS A 161 5.29 0.78 4.66
C HIS A 161 5.22 2.29 4.49
N ALA A 162 4.00 2.82 4.38
CA ALA A 162 3.80 4.25 4.22
C ALA A 162 3.14 4.86 5.46
N PHE A 163 3.38 6.14 5.67
CA PHE A 163 2.81 6.83 6.82
C PHE A 163 1.69 7.77 6.39
N ALA A 164 0.69 7.93 7.25
CA ALA A 164 -0.45 8.80 6.97
C ALA A 164 -0.09 10.26 7.19
N PRO A 165 -0.93 11.16 6.66
CA PRO A 165 -0.72 12.61 6.78
C PRO A 165 -0.93 13.10 8.20
N GLY A 166 0.06 12.88 9.06
CA GLY A 166 -0.04 13.32 10.44
C GLY A 166 1.24 13.93 10.95
N THR A 167 1.20 15.23 11.26
CA THR A 167 2.37 15.93 11.76
C THR A 167 3.45 16.03 10.69
N GLY A 168 4.46 16.85 10.95
CA GLY A 168 5.54 17.03 10.00
C GLY A 168 6.34 15.75 9.80
N LEU A 169 6.73 15.12 10.90
CA LEU A 169 7.51 13.89 10.84
C LEU A 169 6.72 12.78 10.16
N GLY A 170 5.42 12.71 10.46
CA GLY A 170 4.58 11.69 9.85
C GLY A 170 4.16 12.04 8.45
N GLY A 171 3.69 11.04 7.70
CA GLY A 171 3.26 11.28 6.34
C GLY A 171 4.38 11.10 5.34
N ASP A 172 5.40 10.34 5.72
CA ASP A 172 6.55 10.08 4.86
C ASP A 172 6.34 8.82 4.04
N ALA A 173 7.11 8.68 2.96
CA ALA A 173 7.00 7.51 2.09
C ALA A 173 8.27 6.65 2.18
N HIS A 174 8.09 5.35 2.38
CA HIS A 174 9.21 4.43 2.48
C HIS A 174 9.04 3.27 1.51
N PHE A 175 10.15 2.62 1.18
CA PHE A 175 10.13 1.49 0.25
C PHE A 175 11.09 0.40 0.70
N ASP A 176 10.66 -0.85 0.58
CA ASP A 176 11.49 -1.99 0.98
C ASP A 176 12.65 -2.17 0.02
N GLU A 177 13.81 -1.64 0.38
CA GLU A 177 15.00 -1.74 -0.45
C GLU A 177 15.36 -3.20 -0.72
N ASP A 178 14.78 -4.09 0.08
CA ASP A 178 15.03 -5.53 -0.08
C ASP A 178 14.19 -6.10 -1.22
N GLU A 179 13.19 -5.35 -1.64
CA GLU A 179 12.31 -5.79 -2.73
C GLU A 179 12.96 -5.54 -4.08
N ARG A 180 12.22 -5.80 -5.15
CA ARG A 180 12.72 -5.61 -6.51
C ARG A 180 12.00 -4.45 -7.19
N TRP A 181 12.74 -3.37 -7.43
CA TRP A 181 12.18 -2.19 -8.07
C TRP A 181 12.86 -1.91 -9.40
N THR A 182 12.10 -1.43 -10.38
CA THR A 182 12.65 -1.12 -11.69
C THR A 182 11.58 -0.55 -12.61
N ASP A 183 12.01 0.07 -13.70
CA ASP A 183 11.08 0.67 -14.66
C ASP A 183 11.31 0.09 -16.06
N GLY A 184 12.46 0.40 -16.65
CA GLY A 184 12.76 -0.10 -17.98
C GLY A 184 12.96 -1.60 -18.01
N SER A 185 13.06 -2.20 -16.82
CA SER A 185 13.26 -3.64 -16.71
C SER A 185 11.92 -4.36 -16.47
N SER A 186 10.95 -3.63 -15.92
CA SER A 186 9.64 -4.19 -15.65
C SER A 186 9.75 -5.68 -15.28
N LEU A 187 10.46 -5.95 -14.19
CA LEU A 187 10.64 -7.33 -13.74
C LEU A 187 10.02 -7.53 -12.36
N GLY A 188 10.05 -6.49 -11.54
CA GLY A 188 9.47 -6.58 -10.21
C GLY A 188 8.39 -5.54 -9.97
N ILE A 189 8.44 -4.89 -8.81
CA ILE A 189 7.45 -3.87 -8.47
C ILE A 189 7.79 -2.54 -9.15
N ASN A 190 7.13 -2.29 -10.27
CA ASN A 190 7.35 -1.05 -11.02
C ASN A 190 7.23 0.17 -10.10
N PHE A 191 8.29 0.97 -10.06
CA PHE A 191 8.31 2.17 -9.23
C PHE A 191 7.10 3.05 -9.53
N LEU A 192 6.71 3.11 -10.80
CA LEU A 192 5.57 3.92 -11.22
C LEU A 192 4.27 3.37 -10.65
N TYR A 193 4.08 2.06 -10.79
CA TYR A 193 2.88 1.40 -10.30
C TYR A 193 2.86 1.39 -8.78
N ALA A 194 4.02 1.16 -8.17
CA ALA A 194 4.13 1.12 -6.72
C ALA A 194 3.99 2.52 -6.12
N ALA A 195 4.50 3.52 -6.83
CA ALA A 195 4.42 4.90 -6.38
C ALA A 195 2.98 5.32 -6.12
N THR A 196 2.10 4.97 -7.05
CA THR A 196 0.68 5.31 -6.92
C THR A 196 0.08 4.71 -5.66
N HIS A 197 0.44 3.46 -5.37
CA HIS A 197 -0.06 2.78 -4.18
C HIS A 197 0.58 3.33 -2.92
N ALA A 198 1.87 3.64 -2.99
CA ALA A 198 2.60 4.18 -1.86
C ALA A 198 2.25 5.65 -1.63
N LEU A 199 2.28 6.43 -2.70
CA LEU A 199 1.97 7.85 -2.62
C LEU A 199 0.53 8.07 -2.17
N GLY A 200 -0.38 7.22 -2.65
CA GLY A 200 -1.78 7.33 -2.27
C GLY A 200 -1.99 7.15 -0.78
N HIS A 201 -1.08 6.42 -0.14
CA HIS A 201 -1.19 6.18 1.30
C HIS A 201 -0.90 7.45 2.09
N SER A 202 -0.03 8.29 1.55
CA SER A 202 0.33 9.55 2.20
C SER A 202 -0.82 10.55 2.14
N LEU A 203 -1.73 10.34 1.18
CA LEU A 203 -2.88 11.22 1.02
C LEU A 203 -4.08 10.69 1.79
N GLY A 204 -3.92 9.53 2.43
CA GLY A 204 -4.99 8.94 3.19
C GLY A 204 -5.85 8.01 2.36
N MET A 205 -5.63 8.01 1.05
CA MET A 205 -6.39 7.16 0.15
C MET A 205 -6.36 5.71 0.62
N GLY A 206 -7.55 5.10 0.71
CA GLY A 206 -7.63 3.72 1.14
C GLY A 206 -7.81 2.75 -0.01
N HIS A 207 -7.48 1.48 0.22
CA HIS A 207 -7.61 0.47 -0.82
C HIS A 207 -9.03 0.41 -1.35
N SER A 208 -9.21 -0.29 -2.47
CA SER A 208 -10.52 -0.41 -3.09
C SER A 208 -10.86 -1.87 -3.37
N SER A 209 -12.15 -2.18 -3.43
CA SER A 209 -12.60 -3.55 -3.69
C SER A 209 -12.71 -3.80 -5.19
N ASP A 210 -12.49 -2.76 -5.98
CA ASP A 210 -12.57 -2.87 -7.43
C ASP A 210 -11.39 -3.66 -7.98
N PRO A 211 -11.67 -4.57 -8.93
CA PRO A 211 -10.64 -5.40 -9.56
C PRO A 211 -9.71 -4.60 -10.45
N ASN A 212 -10.03 -3.33 -10.64
CA ASN A 212 -9.22 -2.46 -11.48
C ASN A 212 -8.85 -1.17 -10.73
N ALA A 213 -8.73 -1.27 -9.42
CA ALA A 213 -8.38 -0.13 -8.59
C ALA A 213 -6.87 0.03 -8.48
N VAL A 214 -6.41 1.27 -8.40
CA VAL A 214 -4.99 1.56 -8.30
C VAL A 214 -4.43 1.11 -6.95
N MET A 215 -5.30 1.12 -5.94
CA MET A 215 -4.90 0.71 -4.60
C MET A 215 -5.28 -0.74 -4.33
N TYR A 216 -5.69 -1.45 -5.37
CA TYR A 216 -6.10 -2.84 -5.26
C TYR A 216 -4.98 -3.67 -4.63
N PRO A 217 -5.23 -4.19 -3.43
CA PRO A 217 -4.27 -5.02 -2.69
C PRO A 217 -4.05 -6.37 -3.35
N THR A 218 -5.00 -6.77 -4.20
CA THR A 218 -4.92 -8.05 -4.89
C THR A 218 -4.05 -7.95 -6.15
N TYR A 219 -2.85 -7.42 -5.99
CA TYR A 219 -1.92 -7.26 -7.10
C TYR A 219 -1.44 -8.62 -7.60
N GLY A 220 -1.64 -8.88 -8.90
CA GLY A 220 -1.22 -10.13 -9.48
C GLY A 220 -2.20 -10.65 -10.51
N ASN A 221 -2.29 -9.97 -11.64
CA ASN A 221 -3.20 -10.37 -12.70
C ASN A 221 -2.77 -9.78 -14.05
N GLY A 222 -2.58 -8.46 -14.06
CA GLY A 222 -2.17 -7.79 -15.30
C GLY A 222 -1.04 -6.81 -15.06
N ASP A 223 -0.30 -6.50 -16.12
CA ASP A 223 0.82 -5.57 -16.03
C ASP A 223 0.60 -4.37 -16.94
N PRO A 224 0.18 -3.24 -16.35
CA PRO A 224 -0.08 -2.00 -17.09
C PRO A 224 1.20 -1.36 -17.61
N GLN A 225 1.23 -1.05 -18.90
CA GLN A 225 2.39 -0.44 -19.53
C GLN A 225 2.42 1.07 -19.26
N ASN A 226 1.23 1.66 -19.09
CA ASN A 226 1.13 3.09 -18.83
C ASN A 226 0.58 3.34 -17.42
N PHE A 227 -0.40 2.54 -17.03
CA PHE A 227 -1.02 2.68 -15.71
C PHE A 227 -1.79 4.00 -15.62
N LYS A 228 -3.00 3.94 -15.06
CA LYS A 228 -3.83 5.11 -14.90
C LYS A 228 -4.62 5.05 -13.59
N LEU A 229 -5.28 6.16 -13.26
CA LEU A 229 -6.07 6.23 -12.03
C LEU A 229 -7.36 5.44 -12.17
N SER A 230 -7.83 4.88 -11.06
CA SER A 230 -9.06 4.10 -11.05
C SER A 230 -10.28 4.99 -10.83
N GLN A 231 -11.42 4.56 -11.34
CA GLN A 231 -12.66 5.32 -11.21
C GLN A 231 -13.09 5.41 -9.75
N ASP A 232 -13.42 4.26 -9.18
CA ASP A 232 -13.86 4.19 -7.78
C ASP A 232 -12.81 4.80 -6.85
N ASP A 233 -11.55 4.77 -7.29
CA ASP A 233 -10.46 5.32 -6.51
C ASP A 233 -10.55 6.84 -6.44
N ILE A 234 -10.71 7.48 -7.60
CA ILE A 234 -10.81 8.93 -7.67
C ILE A 234 -12.13 9.41 -7.08
N LYS A 235 -13.21 8.72 -7.42
CA LYS A 235 -14.54 9.09 -6.92
C LYS A 235 -14.55 9.09 -5.39
N GLY A 236 -13.76 8.21 -4.79
CA GLY A 236 -13.71 8.13 -3.35
C GLY A 236 -13.12 9.38 -2.72
N ILE A 237 -11.99 9.82 -3.24
CA ILE A 237 -11.33 11.01 -2.71
C ILE A 237 -12.06 12.27 -3.14
N GLN A 238 -12.70 12.22 -4.31
CA GLN A 238 -13.44 13.36 -4.82
C GLN A 238 -14.59 13.73 -3.89
N LYS A 239 -15.26 12.72 -3.35
CA LYS A 239 -16.38 12.94 -2.44
C LYS A 239 -15.89 13.41 -1.08
N LEU A 240 -14.60 13.22 -0.83
CA LEU A 240 -14.00 13.61 0.44
C LEU A 240 -13.35 14.98 0.33
N TYR A 241 -12.76 15.27 -0.82
CA TYR A 241 -12.11 16.55 -1.06
C TYR A 241 -13.08 17.55 -1.67
N GLY A 242 -13.96 17.07 -2.53
CA GLY A 242 -14.93 17.94 -3.18
C GLY A 242 -16.36 17.56 -2.84
N LYS A 243 -17.15 17.27 -3.86
CA LYS A 243 -18.54 16.89 -3.66
C LYS A 243 -18.95 15.77 -4.62
N ARG A 244 -19.99 15.03 -4.25
CA ARG A 244 -20.48 13.94 -5.07
C ARG A 244 -19.39 12.88 -5.26
N SER A 245 -19.64 11.94 -6.17
CA SER A 245 -18.68 10.87 -6.45
C SER A 245 -18.56 9.93 -5.26
N ASN A 246 -19.48 10.06 -4.31
CA ASN A 246 -19.47 9.22 -3.12
C ASN A 246 -19.35 7.75 -3.49
N SER A 247 -18.95 6.93 -2.53
CA SER A 247 -18.80 5.50 -2.76
C SER A 247 -19.22 4.70 -1.53
N ARG A 248 -18.94 3.40 -1.54
CA ARG A 248 -19.29 2.53 -0.43
C ARG A 248 -18.15 2.44 0.58
N LYS A 249 -16.94 2.74 0.12
CA LYS A 249 -15.77 2.68 0.98
C LYS A 249 -15.52 1.27 1.50
N LYS A 250 -14.34 1.06 2.08
CA LYS A 250 -13.99 -0.26 2.62
C LYS A 250 -14.31 -1.36 1.62
CA CA B . 6.19 13.94 6.73
CA CA C . 9.46 -7.66 1.30
ZN ZN D . 10.59 2.83 7.91
ZN ZN E . -1.65 -0.38 0.59
N LEU A 1 -4.27 -15.63 -12.82
CA LEU A 1 -3.67 -16.84 -12.26
C LEU A 1 -4.58 -18.04 -12.47
N PRO A 2 -4.68 -18.49 -13.73
CA PRO A 2 -5.50 -19.64 -14.10
C PRO A 2 -4.94 -20.95 -13.58
N LEU A 3 -3.69 -20.91 -13.10
CA LEU A 3 -3.04 -22.10 -12.57
C LEU A 3 -3.90 -22.78 -11.52
N PRO A 4 -3.61 -24.07 -11.26
CA PRO A 4 -4.36 -24.87 -10.28
C PRO A 4 -4.10 -24.41 -8.85
N GLN A 5 -4.59 -25.20 -7.89
CA GLN A 5 -4.42 -24.87 -6.48
C GLN A 5 -3.48 -25.87 -5.81
N GLU A 6 -2.34 -25.37 -5.34
CA GLU A 6 -1.36 -26.22 -4.67
C GLU A 6 -1.54 -26.17 -3.16
N ALA A 7 -2.21 -25.14 -2.68
CA ALA A 7 -2.46 -24.97 -1.25
C ALA A 7 -3.17 -26.18 -0.67
N GLY A 8 -4.05 -26.79 -1.48
CA GLY A 8 -4.79 -27.95 -1.04
C GLY A 8 -3.88 -29.07 -0.55
N GLY A 9 -2.71 -29.19 -1.16
CA GLY A 9 -1.77 -30.22 -0.77
C GLY A 9 -0.56 -29.67 -0.05
N MET A 10 -0.71 -28.47 0.52
CA MET A 10 0.38 -27.83 1.25
C MET A 10 0.48 -28.39 2.67
N SER A 11 1.61 -28.12 3.32
CA SER A 11 1.82 -28.60 4.69
C SER A 11 1.28 -27.60 5.70
N GLU A 12 1.21 -28.02 6.96
CA GLU A 12 0.70 -27.17 8.02
C GLU A 12 1.46 -25.84 8.07
N LEU A 13 2.73 -25.88 7.70
CA LEU A 13 3.56 -24.69 7.69
C LEU A 13 3.03 -23.65 6.71
N GLN A 14 2.63 -24.12 5.52
CA GLN A 14 2.10 -23.24 4.49
C GLN A 14 0.81 -22.58 4.95
N TRP A 15 -0.07 -23.37 5.55
CA TRP A 15 -1.36 -22.86 6.05
C TRP A 15 -1.14 -21.96 7.27
N GLU A 16 -0.14 -22.28 8.07
CA GLU A 16 0.16 -21.51 9.26
C GLU A 16 0.69 -20.13 8.90
N GLN A 17 1.45 -20.06 7.82
CA GLN A 17 2.02 -18.80 7.37
C GLN A 17 0.92 -17.80 6.98
N ALA A 18 -0.15 -18.33 6.38
CA ALA A 18 -1.27 -17.50 5.97
C ALA A 18 -1.85 -16.74 7.14
N GLN A 19 -1.94 -17.40 8.29
CA GLN A 19 -2.48 -16.78 9.49
C GLN A 19 -1.52 -15.74 10.05
N ASP A 20 -0.24 -16.07 10.07
CA ASP A 20 0.78 -15.16 10.57
C ASP A 20 0.93 -13.95 9.67
N TYR A 21 0.70 -14.15 8.38
CA TYR A 21 0.80 -13.07 7.40
C TYR A 21 -0.27 -12.02 7.63
N LEU A 22 -1.48 -12.47 7.93
CA LEU A 22 -2.60 -11.57 8.17
C LEU A 22 -2.43 -10.85 9.51
N LYS A 23 -1.78 -11.51 10.45
CA LYS A 23 -1.55 -10.94 11.78
C LYS A 23 -0.72 -9.67 11.67
N ARG A 24 0.27 -9.68 10.80
CA ARG A 24 1.14 -8.52 10.61
C ARG A 24 0.50 -7.50 9.66
N PHE A 25 -0.36 -7.99 8.77
CA PHE A 25 -1.04 -7.13 7.82
C PHE A 25 -1.89 -6.09 8.54
N TYR A 26 -2.15 -6.33 9.82
CA TYR A 26 -2.95 -5.41 10.62
C TYR A 26 -2.16 -4.89 11.81
N LEU A 27 -1.93 -5.76 12.79
CA LEU A 27 -1.18 -5.38 13.98
C LEU A 27 -0.64 -6.61 14.71
N TYR A 28 -1.51 -7.26 15.48
CA TYR A 28 -1.13 -8.45 16.22
C TYR A 28 -2.33 -9.05 16.94
N ASP A 29 -3.04 -9.94 16.27
CA ASP A 29 -4.21 -10.59 16.86
C ASP A 29 -3.82 -11.87 17.59
N SER A 30 -3.51 -11.75 18.88
CA SER A 30 -3.11 -12.90 19.68
C SER A 30 -4.33 -13.63 20.24
N GLU A 31 -5.38 -12.86 20.56
CA GLU A 31 -6.61 -13.43 21.09
C GLU A 31 -7.44 -14.05 19.98
N THR A 32 -7.22 -13.61 18.74
CA THR A 32 -7.95 -14.11 17.59
C THR A 32 -7.27 -15.35 17.00
N LYS A 33 -6.27 -15.86 17.72
CA LYS A 33 -5.54 -17.03 17.27
C LYS A 33 -6.27 -18.31 17.65
N ASN A 34 -6.99 -18.88 16.68
CA ASN A 34 -7.75 -20.11 16.92
C ASN A 34 -8.42 -20.59 15.64
N ALA A 35 -8.95 -21.82 15.67
CA ALA A 35 -9.62 -22.38 14.51
C ALA A 35 -10.97 -21.71 14.27
N ASN A 36 -11.62 -21.29 15.35
CA ASN A 36 -12.91 -20.63 15.25
C ASN A 36 -12.74 -19.14 14.98
N SER A 37 -11.89 -18.49 15.76
CA SER A 37 -11.64 -17.06 15.61
C SER A 37 -11.03 -16.76 14.24
N LEU A 38 -10.35 -17.74 13.67
CA LEU A 38 -9.71 -17.59 12.37
C LEU A 38 -10.74 -17.23 11.31
N GLU A 39 -11.91 -17.85 11.37
CA GLU A 39 -12.98 -17.59 10.42
C GLU A 39 -13.48 -16.16 10.54
N ALA A 40 -13.80 -15.75 11.77
CA ALA A 40 -14.30 -14.40 12.02
C ALA A 40 -13.32 -13.36 11.50
N LYS A 41 -12.03 -13.59 11.73
CA LYS A 41 -10.99 -12.67 11.29
C LYS A 41 -10.84 -12.71 9.77
N LEU A 42 -10.75 -13.91 9.23
CA LEU A 42 -10.61 -14.09 7.79
C LEU A 42 -11.72 -13.37 7.03
N LYS A 43 -12.92 -13.39 7.60
CA LYS A 43 -14.07 -12.74 6.99
C LYS A 43 -13.81 -11.25 6.80
N GLU A 44 -13.28 -10.61 7.83
CA GLU A 44 -12.98 -9.18 7.78
C GLU A 44 -11.98 -8.88 6.67
N MET A 45 -11.07 -9.82 6.42
CA MET A 45 -10.05 -9.65 5.39
C MET A 45 -10.68 -9.66 4.00
N GLN A 46 -11.74 -10.46 3.85
CA GLN A 46 -12.43 -10.56 2.57
C GLN A 46 -13.01 -9.22 2.14
N LYS A 47 -13.54 -8.48 3.12
CA LYS A 47 -14.13 -7.17 2.85
C LYS A 47 -13.05 -6.15 2.53
N PHE A 48 -11.89 -6.30 3.17
CA PHE A 48 -10.78 -5.39 2.96
C PHE A 48 -10.17 -5.58 1.58
N PHE A 49 -10.05 -6.84 1.17
CA PHE A 49 -9.48 -7.16 -0.14
C PHE A 49 -10.53 -7.02 -1.24
N GLY A 50 -11.78 -7.34 -0.92
CA GLY A 50 -12.85 -7.23 -1.89
C GLY A 50 -13.28 -8.58 -2.43
N LEU A 51 -12.51 -9.61 -2.12
CA LEU A 51 -12.81 -10.97 -2.58
C LEU A 51 -14.15 -11.44 -2.03
N PRO A 52 -14.98 -12.03 -2.90
CA PRO A 52 -16.29 -12.55 -2.52
C PRO A 52 -16.20 -13.77 -1.62
N ILE A 53 -15.44 -14.76 -2.05
CA ILE A 53 -15.26 -15.99 -1.28
C ILE A 53 -14.91 -15.68 0.16
N THR A 54 -15.85 -15.93 1.07
CA THR A 54 -15.65 -15.68 2.49
C THR A 54 -15.26 -16.96 3.22
N GLY A 55 -14.55 -16.81 4.33
CA GLY A 55 -14.13 -17.97 5.11
C GLY A 55 -13.30 -18.93 4.29
N MET A 56 -12.74 -18.45 3.18
CA MET A 56 -11.91 -19.28 2.31
C MET A 56 -10.43 -19.01 2.54
N LEU A 57 -9.59 -19.95 2.13
CA LEU A 57 -8.15 -19.81 2.28
C LEU A 57 -7.41 -20.92 1.55
N ASN A 58 -7.18 -20.72 0.26
CA ASN A 58 -6.48 -21.70 -0.56
C ASN A 58 -6.44 -21.27 -2.02
N SER A 59 -7.46 -20.51 -2.43
CA SER A 59 -7.55 -20.03 -3.81
C SER A 59 -6.84 -18.69 -3.97
N ARG A 60 -7.62 -17.63 -4.04
CA ARG A 60 -7.06 -16.28 -4.19
C ARG A 60 -6.68 -15.70 -2.84
N VAL A 61 -7.33 -16.18 -1.78
CA VAL A 61 -7.05 -15.70 -0.43
C VAL A 61 -5.63 -16.04 -0.01
N ILE A 62 -5.19 -17.25 -0.33
CA ILE A 62 -3.84 -17.70 0.01
C ILE A 62 -2.81 -17.05 -0.91
N GLU A 63 -3.20 -16.79 -2.14
CA GLU A 63 -2.30 -16.18 -3.12
C GLU A 63 -1.83 -14.82 -2.63
N ILE A 64 -2.75 -14.02 -2.10
CA ILE A 64 -2.42 -12.69 -1.60
C ILE A 64 -1.45 -12.77 -0.43
N MET A 65 -1.51 -13.87 0.32
CA MET A 65 -0.63 -14.07 1.47
C MET A 65 0.82 -14.20 1.02
N GLN A 66 1.04 -14.83 -0.13
CA GLN A 66 2.38 -15.01 -0.66
C GLN A 66 2.75 -13.86 -1.59
N LYS A 67 1.74 -13.24 -2.19
CA LYS A 67 1.96 -12.13 -3.10
C LYS A 67 2.08 -10.81 -2.35
N PRO A 68 3.20 -10.09 -2.58
CA PRO A 68 3.46 -8.81 -1.92
C PRO A 68 2.53 -7.70 -2.41
N ARG A 69 2.26 -6.73 -1.54
CA ARG A 69 1.38 -5.62 -1.88
C ARG A 69 1.79 -4.35 -1.15
N CYS A 70 1.51 -4.30 0.14
CA CYS A 70 1.85 -3.14 0.96
C CYS A 70 2.57 -3.56 2.23
N GLY A 71 3.56 -2.78 2.64
CA GLY A 71 4.33 -3.09 3.83
C GLY A 71 3.80 -2.36 5.05
N VAL A 72 2.58 -1.83 4.95
CA VAL A 72 1.97 -1.11 6.05
C VAL A 72 0.61 -1.70 6.41
N PRO A 73 0.26 -1.67 7.70
CA PRO A 73 -1.02 -2.19 8.19
C PRO A 73 -2.20 -1.33 7.78
N ASP A 74 -3.40 -1.73 8.18
CA ASP A 74 -4.61 -1.00 7.85
C ASP A 74 -5.50 -0.82 9.07
N VAL A 75 -4.90 -0.92 10.25
CA VAL A 75 -5.63 -0.76 11.50
C VAL A 75 -4.95 0.25 12.42
N ALA A 76 -5.75 1.20 12.92
CA ALA A 76 -5.22 2.23 13.81
C ALA A 76 -6.10 2.37 15.05
N GLU A 77 -5.62 3.14 16.02
CA GLU A 77 -6.36 3.36 17.26
C GLU A 77 -6.32 4.82 17.67
N TYR A 78 -7.50 5.39 17.95
CA TYR A 78 -7.60 6.78 18.34
C TYR A 78 -6.91 7.02 19.69
N SER A 79 -5.95 7.93 19.70
CA SER A 79 -5.21 8.25 20.90
C SER A 79 -4.16 9.34 20.64
N LEU A 80 -4.50 10.57 21.01
CA LEU A 80 -3.58 11.69 20.82
C LEU A 80 -3.18 11.82 19.35
N PHE A 81 -4.00 11.25 18.47
CA PHE A 81 -3.72 11.29 17.03
C PHE A 81 -4.04 12.67 16.46
N PRO A 82 -3.46 12.97 15.29
CA PRO A 82 -3.66 14.26 14.61
C PRO A 82 -5.08 14.40 14.07
N ASN A 83 -5.33 15.49 13.34
CA ASN A 83 -6.64 15.75 12.77
C ASN A 83 -6.57 15.73 11.24
N SER A 84 -7.70 15.42 10.62
CA SER A 84 -7.77 15.37 9.16
C SER A 84 -6.87 14.26 8.61
N PRO A 85 -7.51 13.20 8.09
CA PRO A 85 -6.79 12.06 7.52
C PRO A 85 -6.08 12.40 6.22
N LYS A 86 -6.81 13.03 5.30
CA LYS A 86 -6.26 13.41 4.02
C LYS A 86 -5.63 14.81 4.09
N TRP A 87 -4.62 15.03 3.27
CA TRP A 87 -3.93 16.32 3.23
C TRP A 87 -4.94 17.47 3.22
N THR A 88 -5.00 18.20 4.33
CA THR A 88 -5.92 19.32 4.45
C THR A 88 -5.23 20.64 4.11
N SER A 89 -3.91 20.57 3.90
CA SER A 89 -3.13 21.76 3.56
C SER A 89 -3.54 22.31 2.21
N LYS A 90 -2.92 23.42 1.82
CA LYS A 90 -3.22 24.06 0.54
C LYS A 90 -2.22 23.63 -0.53
N VAL A 91 -1.14 22.98 -0.10
CA VAL A 91 -0.11 22.51 -1.01
C VAL A 91 0.68 21.36 -0.40
N VAL A 92 1.05 20.39 -1.25
CA VAL A 92 1.81 19.24 -0.79
C VAL A 92 3.20 19.20 -1.45
N THR A 93 4.22 19.04 -0.62
CA THR A 93 5.59 18.98 -1.12
C THR A 93 6.22 17.62 -0.86
N TYR A 94 7.09 17.20 -1.78
CA TYR A 94 7.75 15.91 -1.65
C TYR A 94 9.21 15.99 -2.12
N ARG A 95 10.08 15.22 -1.48
CA ARG A 95 11.50 15.20 -1.81
C ARG A 95 12.10 13.83 -1.53
N ILE A 96 12.96 13.38 -2.44
CA ILE A 96 13.63 12.09 -2.29
C ILE A 96 14.73 12.16 -1.23
N VAL A 97 14.66 11.27 -0.25
CA VAL A 97 15.65 11.23 0.82
C VAL A 97 16.89 10.44 0.40
N SER A 98 16.65 9.33 -0.31
CA SER A 98 17.75 8.49 -0.77
C SER A 98 17.36 7.76 -2.06
N TYR A 99 18.34 7.13 -2.69
CA TYR A 99 18.10 6.40 -3.93
C TYR A 99 18.69 4.99 -3.86
N THR A 100 18.11 4.07 -4.62
CA THR A 100 18.56 2.69 -4.65
C THR A 100 19.41 2.41 -5.88
N ARG A 101 20.47 1.62 -5.70
CA ARG A 101 21.36 1.27 -6.79
C ARG A 101 20.57 0.72 -7.98
N ASP A 102 19.33 0.30 -7.72
CA ASP A 102 18.48 -0.24 -8.77
C ASP A 102 18.15 0.82 -9.81
N LEU A 103 17.99 2.06 -9.36
CA LEU A 103 17.67 3.18 -10.24
C LEU A 103 18.34 4.46 -9.78
N PRO A 104 18.63 5.36 -10.73
CA PRO A 104 19.27 6.65 -10.45
C PRO A 104 18.37 7.60 -9.69
N HIS A 105 18.97 8.47 -8.88
CA HIS A 105 18.21 9.43 -8.10
C HIS A 105 17.24 10.22 -8.98
N ILE A 106 17.59 10.35 -10.26
CA ILE A 106 16.76 11.07 -11.22
C ILE A 106 15.54 10.24 -11.63
N THR A 107 15.76 8.94 -11.83
CA THR A 107 14.69 8.04 -12.22
C THR A 107 13.68 7.85 -11.10
N VAL A 108 14.19 7.75 -9.87
CA VAL A 108 13.33 7.56 -8.70
C VAL A 108 12.58 8.84 -8.36
N ASP A 109 13.30 9.97 -8.37
CA ASP A 109 12.70 11.26 -8.07
C ASP A 109 11.56 11.57 -9.04
N ARG A 110 11.81 11.33 -10.31
CA ARG A 110 10.81 11.59 -11.35
C ARG A 110 9.66 10.60 -11.25
N LEU A 111 9.98 9.37 -10.86
CA LEU A 111 8.96 8.32 -10.73
C LEU A 111 7.92 8.71 -9.69
N VAL A 112 8.38 9.12 -8.52
CA VAL A 112 7.48 9.53 -7.44
C VAL A 112 6.53 10.63 -7.90
N SER A 113 7.06 11.59 -8.65
CA SER A 113 6.27 12.70 -9.15
C SER A 113 5.29 12.23 -10.22
N LYS A 114 5.71 11.25 -11.01
CA LYS A 114 4.88 10.70 -12.07
C LYS A 114 3.61 10.08 -11.51
N ALA A 115 3.72 9.50 -10.31
CA ALA A 115 2.58 8.87 -9.66
C ALA A 115 1.91 9.83 -8.69
N LEU A 116 2.71 10.59 -7.95
CA LEU A 116 2.19 11.55 -6.98
C LEU A 116 1.43 12.67 -7.68
N ASN A 117 1.88 13.02 -8.88
CA ASN A 117 1.24 14.08 -9.66
C ASN A 117 -0.13 13.63 -10.16
N MET A 118 -0.23 12.37 -10.56
CA MET A 118 -1.49 11.83 -11.05
C MET A 118 -2.55 11.84 -9.96
N TRP A 119 -2.13 11.64 -8.72
CA TRP A 119 -3.05 11.62 -7.59
C TRP A 119 -3.72 12.98 -7.43
N GLY A 120 -2.91 14.04 -7.37
CA GLY A 120 -3.44 15.38 -7.21
C GLY A 120 -4.10 15.89 -8.48
N LYS A 121 -3.70 15.34 -9.61
CA LYS A 121 -4.26 15.74 -10.91
C LYS A 121 -5.73 15.34 -11.01
N GLU A 122 -6.16 14.45 -10.11
CA GLU A 122 -7.54 13.98 -10.11
C GLU A 122 -8.32 14.58 -8.95
N ILE A 123 -7.75 15.60 -8.33
CA ILE A 123 -8.39 16.28 -7.20
C ILE A 123 -8.11 17.77 -7.21
N PRO A 124 -9.00 18.55 -6.57
CA PRO A 124 -8.87 20.00 -6.49
C PRO A 124 -7.72 20.43 -5.60
N LEU A 125 -6.95 19.46 -5.12
CA LEU A 125 -5.81 19.73 -4.25
C LEU A 125 -4.76 20.58 -4.98
N HIS A 126 -3.52 20.50 -4.53
CA HIS A 126 -2.43 21.25 -5.13
C HIS A 126 -1.08 20.68 -4.71
N PHE A 127 -0.15 20.59 -5.67
CA PHE A 127 1.17 20.07 -5.40
C PHE A 127 2.25 21.08 -5.79
N ARG A 128 3.30 21.15 -4.98
CA ARG A 128 4.39 22.08 -5.25
C ARG A 128 5.71 21.33 -5.38
N LYS A 129 6.55 21.79 -6.32
CA LYS A 129 7.85 21.17 -6.55
C LYS A 129 8.87 21.64 -5.52
N VAL A 130 9.80 20.75 -5.16
CA VAL A 130 10.84 21.08 -4.20
C VAL A 130 12.17 21.34 -4.88
N VAL A 131 12.76 22.49 -4.60
CA VAL A 131 14.04 22.86 -5.20
C VAL A 131 14.93 23.58 -4.19
N TRP A 132 14.32 24.06 -3.11
CA TRP A 132 15.05 24.77 -2.07
C TRP A 132 14.43 24.53 -0.69
N GLY A 133 15.14 23.76 0.13
CA GLY A 133 14.64 23.46 1.47
C GLY A 133 14.17 22.02 1.60
N THR A 134 13.37 21.75 2.62
CA THR A 134 12.86 20.41 2.86
C THR A 134 11.41 20.27 2.39
N ALA A 135 11.00 19.05 2.10
CA ALA A 135 9.63 18.80 1.64
C ALA A 135 8.84 18.03 2.69
N ASP A 136 7.52 18.02 2.53
CA ASP A 136 6.64 17.33 3.47
C ASP A 136 6.83 15.82 3.38
N ILE A 137 6.62 15.27 2.18
CA ILE A 137 6.77 13.84 1.97
C ILE A 137 8.23 13.46 1.74
N MET A 138 8.68 12.42 2.43
CA MET A 138 10.06 11.95 2.30
C MET A 138 10.11 10.62 1.56
N ILE A 139 10.74 10.63 0.39
CA ILE A 139 10.86 9.42 -0.41
C ILE A 139 12.29 8.87 -0.36
N GLY A 140 12.54 7.99 0.60
CA GLY A 140 13.86 7.40 0.73
C GLY A 140 13.82 5.89 0.84
N PHE A 141 14.98 5.25 0.72
CA PHE A 141 15.08 3.80 0.80
C PHE A 141 15.67 3.37 2.14
N ALA A 142 15.25 2.20 2.60
CA ALA A 142 15.74 1.66 3.87
C ALA A 142 15.05 0.36 4.23
N ARG A 143 15.59 -0.35 5.21
CA ARG A 143 15.01 -1.62 5.64
C ARG A 143 14.26 -1.45 6.96
N GLY A 144 13.60 -2.52 7.39
CA GLY A 144 12.84 -2.47 8.63
C GLY A 144 13.70 -2.08 9.81
N ALA A 145 15.02 -2.17 9.63
CA ALA A 145 15.96 -1.82 10.69
C ALA A 145 16.51 -0.41 10.50
N HIS A 146 15.88 0.35 9.63
CA HIS A 146 16.31 1.71 9.35
C HIS A 146 16.09 2.62 10.56
N GLY A 147 15.03 2.34 11.31
CA GLY A 147 14.72 3.13 12.49
C GLY A 147 13.23 3.25 12.74
N ASP A 148 12.54 2.12 12.67
CA ASP A 148 11.09 2.10 12.89
C ASP A 148 10.62 0.70 13.28
N SER A 149 9.56 0.65 14.08
CA SER A 149 9.01 -0.63 14.53
C SER A 149 8.50 -1.45 13.35
N TYR A 150 9.31 -2.38 12.88
CA TYR A 150 8.94 -3.24 11.76
C TYR A 150 10.17 -3.89 11.14
N PRO A 151 10.19 -5.23 11.15
CA PRO A 151 11.29 -6.01 10.58
C PRO A 151 11.36 -5.92 9.07
N PHE A 152 12.58 -5.91 8.54
CA PHE A 152 12.78 -5.82 7.10
C PHE A 152 12.02 -6.92 6.37
N ASP A 153 11.71 -7.99 7.10
CA ASP A 153 10.98 -9.12 6.52
C ASP A 153 11.62 -9.57 5.21
N GLY A 154 12.88 -9.18 5.00
CA GLY A 154 13.57 -9.55 3.79
C GLY A 154 12.69 -9.45 2.55
N PRO A 155 13.08 -10.16 1.48
CA PRO A 155 12.34 -10.16 0.22
C PRO A 155 11.01 -10.90 0.34
N GLY A 156 9.99 -10.41 -0.37
CA GLY A 156 8.69 -11.04 -0.33
C GLY A 156 7.68 -10.24 0.49
N ASN A 157 6.94 -10.93 1.34
CA ASN A 157 5.95 -10.29 2.18
C ASN A 157 6.39 -8.89 2.59
N THR A 158 5.50 -7.92 2.47
CA THR A 158 5.81 -6.54 2.83
C THR A 158 6.59 -5.85 1.72
N LEU A 159 5.91 -4.97 0.99
CA LEU A 159 6.54 -4.23 -0.10
C LEU A 159 7.11 -2.90 0.39
N ALA A 160 6.25 -2.09 1.01
CA ALA A 160 6.67 -0.80 1.52
C ALA A 160 5.71 -0.30 2.60
N HIS A 161 6.24 0.44 3.56
CA HIS A 161 5.42 0.97 4.65
C HIS A 161 5.29 2.49 4.55
N ALA A 162 4.07 2.96 4.36
CA ALA A 162 3.81 4.40 4.24
C ALA A 162 3.04 4.91 5.44
N PHE A 163 3.24 6.18 5.76
CA PHE A 163 2.57 6.81 6.90
C PHE A 163 1.68 7.96 6.45
N ALA A 164 0.74 8.36 7.29
CA ALA A 164 -0.17 9.45 6.98
C ALA A 164 0.36 10.77 7.52
N PRO A 165 -0.20 11.88 7.03
CA PRO A 165 0.20 13.23 7.44
C PRO A 165 -0.21 13.54 8.88
N GLY A 166 0.62 13.12 9.83
CA GLY A 166 0.32 13.36 11.23
C GLY A 166 1.33 14.28 11.89
N THR A 167 0.86 15.43 12.35
CA THR A 167 1.73 16.40 13.00
C THR A 167 2.65 17.09 11.99
N GLY A 168 3.59 16.33 11.45
CA GLY A 168 4.52 16.89 10.48
C GLY A 168 5.54 15.87 10.00
N LEU A 169 6.34 15.37 10.93
CA LEU A 169 7.37 14.38 10.59
C LEU A 169 6.75 13.19 9.86
N GLY A 170 5.45 13.00 10.03
CA GLY A 170 4.77 11.89 9.38
C GLY A 170 4.44 12.19 7.93
N GLY A 171 3.66 11.31 7.31
CA GLY A 171 3.29 11.49 5.93
C GLY A 171 4.44 11.24 4.97
N ASP A 172 5.43 10.49 5.44
CA ASP A 172 6.60 10.17 4.62
C ASP A 172 6.42 8.82 3.92
N ALA A 173 7.22 8.60 2.88
CA ALA A 173 7.14 7.36 2.12
C ALA A 173 8.41 6.52 2.29
N HIS A 174 8.22 5.24 2.59
CA HIS A 174 9.35 4.34 2.80
C HIS A 174 9.24 3.12 1.87
N PHE A 175 10.37 2.73 1.27
CA PHE A 175 10.41 1.59 0.37
C PHE A 175 11.34 0.51 0.89
N ASP A 176 10.92 -0.74 0.76
CA ASP A 176 11.72 -1.87 1.23
C ASP A 176 12.92 -2.09 0.32
N GLU A 177 14.09 -1.63 0.76
CA GLU A 177 15.31 -1.78 -0.02
C GLU A 177 15.59 -3.24 -0.31
N ASP A 178 14.93 -4.13 0.42
CA ASP A 178 15.10 -5.57 0.23
C ASP A 178 14.31 -6.06 -0.98
N GLU A 179 13.37 -5.24 -1.44
CA GLU A 179 12.54 -5.60 -2.58
C GLU A 179 13.26 -5.27 -3.89
N ARG A 180 12.59 -5.55 -5.00
CA ARG A 180 13.16 -5.29 -6.32
C ARG A 180 12.34 -4.24 -7.07
N TRP A 181 12.94 -3.07 -7.30
CA TRP A 181 12.27 -1.99 -8.00
C TRP A 181 12.98 -1.66 -9.32
N THR A 182 12.21 -1.25 -10.32
CA THR A 182 12.76 -0.91 -11.62
C THR A 182 11.67 -0.42 -12.57
N ASP A 183 12.09 0.23 -13.66
CA ASP A 183 11.15 0.75 -14.64
C ASP A 183 11.42 0.15 -16.01
N GLY A 184 12.53 0.57 -16.63
CA GLY A 184 12.89 0.08 -17.94
C GLY A 184 13.11 -1.42 -17.95
N SER A 185 13.26 -2.01 -16.76
CA SER A 185 13.48 -3.44 -16.65
C SER A 185 12.16 -4.18 -16.42
N SER A 186 11.18 -3.47 -15.88
CA SER A 186 9.87 -4.06 -15.60
C SER A 186 10.01 -5.52 -15.22
N LEU A 187 10.76 -5.80 -14.15
CA LEU A 187 10.97 -7.16 -13.69
C LEU A 187 10.39 -7.36 -12.29
N GLY A 188 10.45 -6.30 -11.48
CA GLY A 188 9.92 -6.38 -10.13
C GLY A 188 8.78 -5.41 -9.90
N ILE A 189 8.78 -4.75 -8.74
CA ILE A 189 7.74 -3.80 -8.40
C ILE A 189 7.98 -2.46 -9.08
N ASN A 190 7.31 -2.25 -10.21
CA ASN A 190 7.44 -1.00 -10.95
C ASN A 190 7.32 0.21 -10.03
N PHE A 191 8.36 1.03 -9.97
CA PHE A 191 8.37 2.21 -9.12
C PHE A 191 7.16 3.09 -9.43
N LEU A 192 6.77 3.15 -10.71
CA LEU A 192 5.63 3.96 -11.13
C LEU A 192 4.33 3.38 -10.57
N TYR A 193 4.15 2.08 -10.72
CA TYR A 193 2.94 1.42 -10.24
C TYR A 193 2.91 1.39 -8.72
N ALA A 194 4.07 1.16 -8.11
CA ALA A 194 4.18 1.12 -6.66
C ALA A 194 4.05 2.50 -6.05
N ALA A 195 4.56 3.50 -6.76
CA ALA A 195 4.49 4.88 -6.29
C ALA A 195 3.05 5.31 -6.01
N THR A 196 2.15 4.96 -6.93
CA THR A 196 0.74 5.30 -6.77
C THR A 196 0.17 4.73 -5.48
N HIS A 197 0.55 3.49 -5.17
CA HIS A 197 0.08 2.83 -3.96
C HIS A 197 0.75 3.42 -2.72
N ALA A 198 2.06 3.59 -2.79
CA ALA A 198 2.81 4.15 -1.68
C ALA A 198 2.48 5.62 -1.45
N LEU A 199 2.47 6.39 -2.54
CA LEU A 199 2.16 7.81 -2.46
C LEU A 199 0.72 8.03 -2.02
N GLY A 200 -0.19 7.22 -2.55
CA GLY A 200 -1.59 7.34 -2.20
C GLY A 200 -1.82 7.25 -0.70
N HIS A 201 -0.97 6.49 -0.03
CA HIS A 201 -1.08 6.32 1.42
C HIS A 201 -0.79 7.64 2.15
N SER A 202 0.11 8.43 1.59
CA SER A 202 0.49 9.70 2.18
C SER A 202 -0.67 10.69 2.10
N LEU A 203 -1.60 10.43 1.19
CA LEU A 203 -2.76 11.30 1.01
C LEU A 203 -3.92 10.86 1.89
N GLY A 204 -3.73 9.76 2.61
CA GLY A 204 -4.76 9.25 3.49
C GLY A 204 -5.76 8.37 2.75
N MET A 205 -5.45 8.06 1.49
CA MET A 205 -6.33 7.21 0.69
C MET A 205 -6.37 5.79 1.22
N GLY A 206 -7.55 5.17 1.17
CA GLY A 206 -7.70 3.82 1.66
C GLY A 206 -7.80 2.81 0.54
N HIS A 207 -7.52 1.55 0.84
CA HIS A 207 -7.58 0.48 -0.15
C HIS A 207 -8.98 0.38 -0.76
N SER A 208 -9.06 -0.23 -1.93
CA SER A 208 -10.34 -0.38 -2.61
C SER A 208 -10.65 -1.86 -2.86
N SER A 209 -11.94 -2.19 -2.88
CA SER A 209 -12.36 -3.57 -3.10
C SER A 209 -12.51 -3.86 -4.60
N ASP A 210 -12.32 -2.83 -5.41
CA ASP A 210 -12.42 -2.98 -6.86
C ASP A 210 -11.24 -3.78 -7.42
N PRO A 211 -11.54 -4.69 -8.37
CA PRO A 211 -10.52 -5.53 -8.98
C PRO A 211 -9.59 -4.74 -9.90
N ASN A 212 -9.93 -3.48 -10.12
CA ASN A 212 -9.12 -2.61 -10.98
C ASN A 212 -8.75 -1.33 -10.25
N ALA A 213 -8.63 -1.41 -8.93
CA ALA A 213 -8.28 -0.25 -8.12
C ALA A 213 -6.77 -0.11 -8.01
N VAL A 214 -6.30 1.14 -7.96
CA VAL A 214 -4.87 1.41 -7.85
C VAL A 214 -4.33 0.99 -6.50
N MET A 215 -5.20 1.01 -5.49
CA MET A 215 -4.80 0.61 -4.14
C MET A 215 -5.18 -0.84 -3.85
N TYR A 216 -5.58 -1.55 -4.91
CA TYR A 216 -5.98 -2.94 -4.77
C TYR A 216 -4.85 -3.76 -4.15
N PRO A 217 -5.12 -4.30 -2.94
CA PRO A 217 -4.14 -5.11 -2.21
C PRO A 217 -3.91 -6.47 -2.86
N THR A 218 -4.84 -6.88 -3.72
CA THR A 218 -4.74 -8.16 -4.41
C THR A 218 -3.88 -8.03 -5.67
N TYR A 219 -2.68 -7.47 -5.50
CA TYR A 219 -1.77 -7.30 -6.62
C TYR A 219 -1.18 -8.64 -7.07
N GLY A 220 -1.38 -8.97 -8.34
CA GLY A 220 -0.86 -10.22 -8.86
C GLY A 220 -1.43 -10.55 -10.23
N ASN A 221 -2.68 -10.15 -10.46
CA ASN A 221 -3.34 -10.41 -11.74
C ASN A 221 -3.43 -9.15 -12.57
N GLY A 222 -2.96 -9.22 -13.82
CA GLY A 222 -2.99 -8.07 -14.70
C GLY A 222 -1.78 -7.18 -14.54
N ASP A 223 -1.09 -6.91 -15.64
CA ASP A 223 0.11 -6.06 -15.60
C ASP A 223 -0.10 -4.81 -16.45
N PRO A 224 -0.39 -3.69 -15.78
CA PRO A 224 -0.62 -2.40 -16.44
C PRO A 224 0.66 -1.83 -17.05
N GLN A 225 0.67 -1.68 -18.37
CA GLN A 225 1.83 -1.14 -19.07
C GLN A 225 1.87 0.39 -18.97
N ASN A 226 0.71 0.98 -18.72
CA ASN A 226 0.61 2.44 -18.60
C ASN A 226 0.17 2.84 -17.20
N PHE A 227 -0.73 2.06 -16.62
CA PHE A 227 -1.24 2.33 -15.28
C PHE A 227 -2.03 3.63 -15.26
N LYS A 228 -3.24 3.57 -14.70
CA LYS A 228 -4.10 4.74 -14.62
C LYS A 228 -4.89 4.73 -13.31
N LEU A 229 -5.42 5.90 -12.93
CA LEU A 229 -6.20 6.03 -11.70
C LEU A 229 -7.50 5.25 -11.80
N SER A 230 -7.95 4.73 -10.66
CA SER A 230 -9.19 3.97 -10.61
C SER A 230 -10.39 4.88 -10.41
N GLN A 231 -11.56 4.43 -10.89
CA GLN A 231 -12.78 5.21 -10.76
C GLN A 231 -13.19 5.35 -9.30
N ASP A 232 -13.60 4.24 -8.70
CA ASP A 232 -14.02 4.24 -7.31
C ASP A 232 -12.92 4.77 -6.40
N ASP A 233 -11.67 4.67 -6.87
CA ASP A 233 -10.52 5.16 -6.11
C ASP A 233 -10.54 6.68 -6.01
N ILE A 234 -10.70 7.34 -7.14
CA ILE A 234 -10.74 8.80 -7.19
C ILE A 234 -12.01 9.33 -6.54
N LYS A 235 -13.13 8.70 -6.84
CA LYS A 235 -14.42 9.12 -6.28
C LYS A 235 -14.39 9.09 -4.76
N GLY A 236 -13.60 8.17 -4.20
CA GLY A 236 -13.50 8.06 -2.76
C GLY A 236 -12.78 9.24 -2.14
N ILE A 237 -11.66 9.63 -2.74
CA ILE A 237 -10.87 10.76 -2.24
C ILE A 237 -11.57 12.08 -2.53
N GLN A 238 -12.27 12.15 -3.66
CA GLN A 238 -12.98 13.36 -4.05
C GLN A 238 -14.13 13.64 -3.09
N LYS A 239 -14.65 12.59 -2.47
CA LYS A 239 -15.76 12.72 -1.53
C LYS A 239 -15.28 13.29 -0.21
N LEU A 240 -13.99 13.14 0.07
CA LEU A 240 -13.41 13.66 1.30
C LEU A 240 -12.75 15.01 1.07
N TYR A 241 -12.52 15.36 -0.18
CA TYR A 241 -11.90 16.63 -0.54
C TYR A 241 -12.94 17.60 -1.11
N GLY A 242 -13.90 17.06 -1.85
CA GLY A 242 -14.94 17.88 -2.43
C GLY A 242 -16.28 17.71 -1.75
N LYS A 243 -17.28 17.27 -2.52
CA LYS A 243 -18.61 17.06 -1.97
C LYS A 243 -18.87 15.59 -1.72
N ARG A 244 -19.31 15.26 -0.50
CA ARG A 244 -19.60 13.88 -0.13
C ARG A 244 -20.54 13.23 -1.15
N SER A 245 -20.29 11.95 -1.44
CA SER A 245 -21.10 11.21 -2.40
C SER A 245 -20.87 9.72 -2.27
N ASN A 246 -20.50 9.28 -1.06
CA ASN A 246 -20.24 7.87 -0.80
C ASN A 246 -19.91 7.65 0.67
N SER A 247 -19.76 6.38 1.05
CA SER A 247 -19.44 6.03 2.43
C SER A 247 -18.30 5.02 2.48
N ARG A 248 -17.21 5.40 3.12
CA ARG A 248 -16.04 4.53 3.24
C ARG A 248 -15.11 5.00 4.35
N LYS A 249 -14.78 4.10 5.27
CA LYS A 249 -13.90 4.43 6.39
C LYS A 249 -12.58 3.66 6.28
N LYS A 250 -11.67 4.18 5.48
CA LYS A 250 -10.36 3.55 5.28
C LYS A 250 -10.50 2.04 5.19
CA CA B . 6.69 14.64 6.75
CA CA C . 9.86 -7.52 1.35
ZN ZN D . 10.21 2.83 8.23
ZN ZN E . -1.81 -0.05 0.58
N LEU A 1 2.87 -16.91 -9.42
CA LEU A 1 1.65 -16.13 -9.51
C LEU A 1 0.47 -17.01 -9.94
N PRO A 2 0.58 -17.60 -11.13
CA PRO A 2 -0.46 -18.48 -11.68
C PRO A 2 -0.57 -19.80 -10.91
N LEU A 3 -1.36 -20.72 -11.45
CA LEU A 3 -1.55 -22.02 -10.82
C LEU A 3 -2.13 -21.87 -9.42
N PRO A 4 -3.42 -21.50 -9.34
CA PRO A 4 -4.12 -21.32 -8.07
C PRO A 4 -4.35 -22.63 -7.33
N GLN A 5 -4.06 -23.73 -8.01
CA GLN A 5 -4.24 -25.06 -7.41
C GLN A 5 -2.94 -25.55 -6.79
N GLU A 6 -2.22 -24.64 -6.12
CA GLU A 6 -0.96 -24.99 -5.48
C GLU A 6 -1.17 -25.30 -4.00
N ALA A 7 -2.26 -24.79 -3.44
CA ALA A 7 -2.58 -25.01 -2.04
C ALA A 7 -2.68 -26.50 -1.74
N GLY A 8 -3.16 -27.27 -2.71
CA GLY A 8 -3.29 -28.70 -2.53
C GLY A 8 -1.99 -29.36 -2.13
N GLY A 9 -0.87 -28.75 -2.52
CA GLY A 9 0.44 -29.30 -2.20
C GLY A 9 1.16 -28.48 -1.15
N MET A 10 0.41 -27.70 -0.38
CA MET A 10 1.00 -26.87 0.66
C MET A 10 1.28 -27.67 1.92
N SER A 11 2.10 -27.12 2.80
CA SER A 11 2.45 -27.80 4.05
C SER A 11 1.88 -27.04 5.26
N GLU A 12 1.95 -27.68 6.42
CA GLU A 12 1.44 -27.07 7.65
C GLU A 12 2.10 -25.71 7.89
N LEU A 13 3.35 -25.58 7.45
CA LEU A 13 4.08 -24.33 7.62
C LEU A 13 3.51 -23.23 6.73
N GLN A 14 3.08 -23.61 5.53
CA GLN A 14 2.50 -22.65 4.59
C GLN A 14 1.15 -22.16 5.09
N TRP A 15 0.32 -23.08 5.56
CA TRP A 15 -1.00 -22.73 6.06
C TRP A 15 -0.90 -22.00 7.40
N GLU A 16 0.06 -22.42 8.23
CA GLU A 16 0.25 -21.81 9.54
C GLU A 16 0.88 -20.42 9.39
N GLN A 17 1.77 -20.27 8.41
CA GLN A 17 2.44 -19.01 8.17
C GLN A 17 1.43 -17.92 7.79
N ALA A 18 0.41 -18.31 7.02
CA ALA A 18 -0.61 -17.38 6.59
C ALA A 18 -1.37 -16.79 7.78
N GLN A 19 -1.56 -17.61 8.81
CA GLN A 19 -2.27 -17.18 10.00
C GLN A 19 -1.48 -16.10 10.74
N ASP A 20 -0.17 -16.29 10.85
CA ASP A 20 0.69 -15.34 11.53
C ASP A 20 0.95 -14.11 10.65
N TYR A 21 1.03 -14.35 9.34
CA TYR A 21 1.28 -13.28 8.39
C TYR A 21 0.06 -12.36 8.27
N LEU A 22 -1.12 -12.95 8.35
CA LEU A 22 -2.36 -12.19 8.26
C LEU A 22 -2.54 -11.28 9.47
N LYS A 23 -1.94 -11.68 10.59
CA LYS A 23 -2.03 -10.89 11.83
C LYS A 23 -1.26 -9.58 11.69
N ARG A 24 -0.13 -9.62 11.00
CA ARG A 24 0.69 -8.44 10.80
C ARG A 24 0.11 -7.55 9.69
N PHE A 25 -0.69 -8.16 8.82
CA PHE A 25 -1.29 -7.43 7.71
C PHE A 25 -2.09 -6.23 8.22
N TYR A 26 -2.62 -6.35 9.43
CA TYR A 26 -3.40 -5.27 10.04
C TYR A 26 -2.79 -4.82 11.35
N LEU A 27 -2.51 -5.78 12.23
CA LEU A 27 -1.92 -5.48 13.53
C LEU A 27 -1.38 -6.74 14.19
N TYR A 28 -0.08 -6.74 14.48
CA TYR A 28 0.57 -7.90 15.11
C TYR A 28 -0.05 -8.18 16.47
N ASP A 29 -1.09 -8.99 16.49
CA ASP A 29 -1.78 -9.35 17.73
C ASP A 29 -1.85 -10.87 17.89
N SER A 30 -1.45 -11.35 19.06
CA SER A 30 -1.47 -12.79 19.34
C SER A 30 -2.85 -13.24 19.77
N GLU A 31 -3.76 -12.28 19.95
CA GLU A 31 -5.12 -12.57 20.36
C GLU A 31 -5.89 -13.28 19.24
N THR A 32 -5.30 -13.29 18.05
CA THR A 32 -5.92 -13.94 16.90
C THR A 32 -5.69 -15.44 16.91
N LYS A 33 -4.99 -15.92 17.93
CA LYS A 33 -4.69 -17.33 18.07
C LYS A 33 -5.95 -18.17 17.92
N ASN A 34 -5.78 -19.48 17.73
CA ASN A 34 -6.91 -20.39 17.56
C ASN A 34 -7.67 -20.08 16.28
N ALA A 35 -8.30 -21.11 15.71
CA ALA A 35 -9.06 -20.95 14.49
C ALA A 35 -10.40 -20.26 14.75
N ASN A 36 -10.82 -20.28 16.02
CA ASN A 36 -12.09 -19.65 16.41
C ASN A 36 -12.15 -18.21 15.91
N SER A 37 -11.06 -17.47 16.10
CA SER A 37 -11.00 -16.08 15.68
C SER A 37 -10.55 -15.98 14.23
N LEU A 38 -9.92 -17.04 13.73
CA LEU A 38 -9.43 -17.06 12.36
C LEU A 38 -10.58 -16.83 11.37
N GLU A 39 -11.69 -17.51 11.60
CA GLU A 39 -12.86 -17.38 10.74
C GLU A 39 -13.32 -15.93 10.66
N ALA A 40 -13.48 -15.29 11.82
CA ALA A 40 -13.91 -13.90 11.87
C ALA A 40 -12.89 -12.99 11.20
N LYS A 41 -11.61 -13.32 11.37
CA LYS A 41 -10.54 -12.52 10.79
C LYS A 41 -10.52 -12.66 9.27
N LEU A 42 -10.58 -13.90 8.79
CA LEU A 42 -10.58 -14.17 7.35
C LEU A 42 -11.69 -13.39 6.65
N LYS A 43 -12.84 -13.30 7.30
CA LYS A 43 -13.98 -12.58 6.74
C LYS A 43 -13.63 -11.13 6.46
N GLU A 44 -12.97 -10.49 7.43
CA GLU A 44 -12.58 -9.09 7.29
C GLU A 44 -11.46 -8.95 6.27
N MET A 45 -10.60 -9.95 6.20
CA MET A 45 -9.47 -9.94 5.26
C MET A 45 -9.97 -10.05 3.82
N GLN A 46 -10.88 -10.99 3.59
CA GLN A 46 -11.44 -11.19 2.25
C GLN A 46 -12.21 -9.96 1.79
N LYS A 47 -12.98 -9.37 2.70
CA LYS A 47 -13.78 -8.20 2.38
C LYS A 47 -12.87 -7.00 2.10
N PHE A 48 -11.67 -7.03 2.65
CA PHE A 48 -10.71 -5.95 2.45
C PHE A 48 -10.20 -5.93 1.01
N PHE A 49 -10.01 -7.12 0.44
CA PHE A 49 -9.52 -7.25 -0.93
C PHE A 49 -10.67 -7.06 -1.93
N GLY A 50 -11.86 -7.46 -1.52
CA GLY A 50 -13.02 -7.33 -2.40
C GLY A 50 -13.44 -8.65 -3.01
N LEU A 51 -12.61 -9.66 -2.83
CA LEU A 51 -12.90 -10.99 -3.37
C LEU A 51 -14.18 -11.56 -2.76
N PRO A 52 -14.96 -12.29 -3.57
CA PRO A 52 -16.21 -12.91 -3.14
C PRO A 52 -15.99 -14.04 -2.15
N ILE A 53 -15.17 -15.02 -2.55
CA ILE A 53 -14.88 -16.16 -1.71
C ILE A 53 -14.44 -15.72 -0.31
N THR A 54 -15.30 -15.92 0.68
CA THR A 54 -15.00 -15.55 2.05
C THR A 54 -15.12 -16.75 2.98
N GLY A 55 -14.45 -16.67 4.13
CA GLY A 55 -14.48 -17.75 5.10
C GLY A 55 -13.48 -18.84 4.78
N MET A 56 -12.89 -18.77 3.59
CA MET A 56 -11.91 -19.76 3.17
C MET A 56 -10.69 -19.09 2.54
N LEU A 57 -9.56 -19.78 2.56
CA LEU A 57 -8.33 -19.25 1.98
C LEU A 57 -7.36 -20.38 1.61
N ASN A 58 -6.88 -20.35 0.37
CA ASN A 58 -5.95 -21.37 -0.10
C ASN A 58 -5.66 -21.18 -1.59
N SER A 59 -6.63 -20.63 -2.32
CA SER A 59 -6.49 -20.41 -3.75
C SER A 59 -6.00 -19.00 -4.03
N ARG A 60 -6.94 -18.07 -4.18
CA ARG A 60 -6.60 -16.68 -4.45
C ARG A 60 -6.31 -15.92 -3.16
N VAL A 61 -7.04 -16.26 -2.10
CA VAL A 61 -6.85 -15.63 -0.80
C VAL A 61 -5.44 -15.83 -0.28
N ILE A 62 -4.93 -17.04 -0.45
CA ILE A 62 -3.58 -17.38 0.01
C ILE A 62 -2.53 -16.77 -0.91
N GLU A 63 -2.88 -16.64 -2.19
CA GLU A 63 -1.96 -16.07 -3.17
C GLU A 63 -1.57 -14.64 -2.80
N ILE A 64 -2.56 -13.86 -2.38
CA ILE A 64 -2.32 -12.47 -1.99
C ILE A 64 -1.46 -12.39 -0.74
N MET A 65 -1.57 -13.40 0.12
CA MET A 65 -0.79 -13.46 1.35
C MET A 65 0.67 -13.70 1.06
N GLN A 66 0.95 -14.47 0.01
CA GLN A 66 2.33 -14.78 -0.38
C GLN A 66 2.88 -13.72 -1.32
N LYS A 67 1.98 -13.06 -2.05
CA LYS A 67 2.38 -12.02 -2.99
C LYS A 67 2.53 -10.67 -2.28
N PRO A 68 3.40 -9.82 -2.83
CA PRO A 68 3.66 -8.48 -2.27
C PRO A 68 2.47 -7.55 -2.44
N ARG A 69 2.26 -6.69 -1.45
CA ARG A 69 1.15 -5.74 -1.50
C ARG A 69 1.57 -4.40 -0.90
N CYS A 70 1.45 -4.28 0.42
CA CYS A 70 1.82 -3.05 1.11
C CYS A 70 2.41 -3.35 2.48
N GLY A 71 3.40 -2.56 2.88
CA GLY A 71 4.03 -2.76 4.17
C GLY A 71 3.34 -2.00 5.29
N VAL A 72 2.15 -1.47 4.99
CA VAL A 72 1.38 -0.72 5.98
C VAL A 72 0.06 -1.41 6.30
N PRO A 73 -0.33 -1.37 7.58
CA PRO A 73 -1.57 -2.00 8.04
C PRO A 73 -2.81 -1.26 7.54
N ASP A 74 -3.99 -1.78 7.88
CA ASP A 74 -5.25 -1.18 7.46
C ASP A 74 -6.17 -0.96 8.66
N VAL A 75 -5.60 -0.49 9.76
CA VAL A 75 -6.38 -0.25 10.98
C VAL A 75 -5.72 0.83 11.83
N ALA A 76 -6.51 1.81 12.24
CA ALA A 76 -6.02 2.90 13.07
C ALA A 76 -6.92 3.13 14.28
N GLU A 77 -6.46 3.96 15.20
CA GLU A 77 -7.23 4.26 16.41
C GLU A 77 -6.50 5.28 17.28
N TYR A 78 -7.25 6.18 17.90
CA TYR A 78 -6.67 7.20 18.76
C TYR A 78 -5.77 8.13 17.97
N SER A 79 -5.34 9.23 18.60
CA SER A 79 -4.48 10.20 17.96
C SER A 79 -5.20 10.90 16.81
N LEU A 80 -5.41 12.20 16.94
CA LEU A 80 -6.09 12.98 15.92
C LEU A 80 -5.52 14.39 15.85
N PHE A 81 -4.22 14.51 16.08
CA PHE A 81 -3.55 15.81 16.04
C PHE A 81 -3.84 16.53 14.72
N PRO A 82 -3.47 15.90 13.60
CA PRO A 82 -3.68 16.46 12.27
C PRO A 82 -5.15 16.47 11.87
N ASN A 83 -5.55 17.51 11.14
CA ASN A 83 -6.94 17.64 10.70
C ASN A 83 -7.21 16.75 9.49
N SER A 84 -8.17 15.84 9.64
CA SER A 84 -8.52 14.93 8.57
C SER A 84 -7.37 13.97 8.26
N PRO A 85 -7.71 12.69 8.03
CA PRO A 85 -6.72 11.65 7.71
C PRO A 85 -6.10 11.85 6.34
N LYS A 86 -6.73 12.68 5.53
CA LYS A 86 -6.24 12.95 4.17
C LYS A 86 -5.62 14.35 4.08
N TRP A 87 -4.72 14.53 3.14
CA TRP A 87 -4.06 15.82 2.94
C TRP A 87 -5.07 16.94 2.88
N THR A 88 -5.07 17.80 3.89
CA THR A 88 -5.99 18.93 3.95
C THR A 88 -5.24 20.26 3.87
N SER A 89 -3.92 20.19 3.94
CA SER A 89 -3.09 21.39 3.87
C SER A 89 -3.33 22.15 2.57
N LYS A 90 -2.68 23.31 2.44
CA LYS A 90 -2.82 24.12 1.25
C LYS A 90 -1.86 23.65 0.15
N VAL A 91 -0.72 23.12 0.56
CA VAL A 91 0.28 22.63 -0.37
C VAL A 91 1.19 21.59 0.28
N VAL A 92 1.60 20.60 -0.51
CA VAL A 92 2.47 19.53 -0.01
C VAL A 92 3.67 19.34 -0.92
N THR A 93 4.85 19.23 -0.32
CA THR A 93 6.08 19.03 -1.08
C THR A 93 6.71 17.68 -0.77
N TYR A 94 7.44 17.14 -1.74
CA TYR A 94 8.10 15.85 -1.57
C TYR A 94 9.55 15.92 -2.02
N ARG A 95 10.40 15.15 -1.34
CA ARG A 95 11.83 15.13 -1.67
C ARG A 95 12.42 13.74 -1.41
N ILE A 96 13.24 13.27 -2.34
CA ILE A 96 13.87 11.96 -2.22
C ILE A 96 15.01 12.01 -1.21
N VAL A 97 15.06 11.01 -0.33
CA VAL A 97 16.11 10.93 0.68
C VAL A 97 17.28 10.08 0.18
N SER A 98 16.97 8.99 -0.50
CA SER A 98 18.00 8.10 -1.03
C SER A 98 17.52 7.40 -2.30
N TYR A 99 18.43 6.74 -2.99
CA TYR A 99 18.11 6.03 -4.21
C TYR A 99 18.68 4.62 -4.20
N THR A 100 18.06 3.73 -4.97
CA THR A 100 18.51 2.34 -5.06
C THR A 100 19.35 2.10 -6.31
N ARG A 101 20.39 1.29 -6.18
CA ARG A 101 21.27 0.99 -7.29
C ARG A 101 20.47 0.50 -8.50
N ASP A 102 19.23 0.09 -8.25
CA ASP A 102 18.36 -0.39 -9.32
C ASP A 102 18.05 0.73 -10.30
N LEU A 103 17.90 1.94 -9.78
CA LEU A 103 17.58 3.09 -10.62
C LEU A 103 18.28 4.35 -10.10
N PRO A 104 18.57 5.29 -11.01
CA PRO A 104 19.23 6.55 -10.67
C PRO A 104 18.33 7.48 -9.85
N HIS A 105 18.96 8.30 -9.01
CA HIS A 105 18.22 9.23 -8.16
C HIS A 105 17.22 10.05 -9.00
N ILE A 106 17.54 10.22 -10.28
CA ILE A 106 16.68 10.98 -11.18
C ILE A 106 15.46 10.16 -11.59
N THR A 107 15.67 8.87 -11.81
CA THR A 107 14.60 7.97 -12.21
C THR A 107 13.60 7.76 -11.09
N VAL A 108 14.11 7.64 -9.87
CA VAL A 108 13.27 7.45 -8.69
C VAL A 108 12.52 8.72 -8.33
N ASP A 109 13.24 9.84 -8.33
CA ASP A 109 12.65 11.13 -8.00
C ASP A 109 11.52 11.47 -8.97
N ARG A 110 11.78 11.27 -10.26
CA ARG A 110 10.79 11.56 -11.28
C ARG A 110 9.63 10.57 -11.22
N LEU A 111 9.94 9.33 -10.85
CA LEU A 111 8.92 8.28 -10.75
C LEU A 111 7.85 8.67 -9.72
N VAL A 112 8.29 9.08 -8.54
CA VAL A 112 7.38 9.47 -7.48
C VAL A 112 6.42 10.56 -7.96
N SER A 113 6.96 11.53 -8.70
CA SER A 113 6.15 12.63 -9.21
C SER A 113 5.19 12.14 -10.29
N LYS A 114 5.63 11.15 -11.06
CA LYS A 114 4.81 10.59 -12.13
C LYS A 114 3.53 9.97 -11.57
N ALA A 115 3.62 9.42 -10.37
CA ALA A 115 2.48 8.80 -9.72
C ALA A 115 1.80 9.76 -8.76
N LEU A 116 2.60 10.54 -8.03
CA LEU A 116 2.08 11.51 -7.07
C LEU A 116 1.30 12.61 -7.79
N ASN A 117 1.74 12.94 -9.00
CA ASN A 117 1.09 13.99 -9.79
C ASN A 117 -0.33 13.57 -10.17
N MET A 118 -0.50 12.29 -10.49
CA MET A 118 -1.81 11.77 -10.87
C MET A 118 -2.81 11.91 -9.72
N TRP A 119 -2.31 11.76 -8.50
CA TRP A 119 -3.16 11.88 -7.31
C TRP A 119 -3.68 13.30 -7.14
N GLY A 120 -2.75 14.27 -7.15
CA GLY A 120 -3.14 15.66 -7.01
C GLY A 120 -4.09 16.12 -8.09
N LYS A 121 -3.87 15.65 -9.32
CA LYS A 121 -4.70 16.01 -10.44
C LYS A 121 -6.15 15.57 -10.22
N GLU A 122 -6.34 14.67 -9.27
CA GLU A 122 -7.67 14.16 -8.95
C GLU A 122 -8.25 14.87 -7.73
N ILE A 123 -7.60 15.96 -7.32
CA ILE A 123 -8.05 16.73 -6.16
C ILE A 123 -7.73 18.21 -6.34
N PRO A 124 -8.61 19.06 -5.80
CA PRO A 124 -8.45 20.52 -5.88
C PRO A 124 -7.30 21.02 -5.02
N LEU A 125 -6.54 20.09 -4.44
CA LEU A 125 -5.41 20.44 -3.59
C LEU A 125 -4.35 21.18 -4.37
N HIS A 126 -3.12 21.14 -3.89
CA HIS A 126 -2.01 21.82 -4.55
C HIS A 126 -0.68 21.15 -4.20
N PHE A 127 0.05 20.72 -5.23
CA PHE A 127 1.33 20.06 -5.04
C PHE A 127 2.48 20.97 -5.46
N ARG A 128 3.50 21.07 -4.63
CA ARG A 128 4.66 21.90 -4.92
C ARG A 128 5.93 21.07 -4.98
N LYS A 129 6.81 21.41 -5.91
CA LYS A 129 8.07 20.68 -6.08
C LYS A 129 9.10 21.16 -5.05
N VAL A 130 10.12 20.33 -4.83
CA VAL A 130 11.18 20.67 -3.88
C VAL A 130 12.44 21.12 -4.61
N VAL A 131 12.94 22.30 -4.23
CA VAL A 131 14.15 22.85 -4.85
C VAL A 131 14.96 23.65 -3.83
N TRP A 132 14.33 23.96 -2.71
CA TRP A 132 14.99 24.74 -1.66
C TRP A 132 14.40 24.42 -0.29
N GLY A 133 15.17 23.72 0.54
CA GLY A 133 14.70 23.37 1.87
C GLY A 133 14.24 21.93 1.96
N THR A 134 13.52 21.60 3.03
CA THR A 134 13.03 20.25 3.23
C THR A 134 11.55 20.13 2.87
N ALA A 135 11.12 18.93 2.53
CA ALA A 135 9.73 18.69 2.17
C ALA A 135 9.03 17.82 3.22
N ASP A 136 7.70 17.79 3.15
CA ASP A 136 6.92 16.99 4.10
C ASP A 136 6.98 15.51 3.74
N ILE A 137 6.89 15.21 2.45
CA ILE A 137 6.94 13.83 1.98
C ILE A 137 8.36 13.43 1.59
N MET A 138 8.99 12.59 2.41
CA MET A 138 10.35 12.14 2.14
C MET A 138 10.33 10.75 1.50
N ILE A 139 10.94 10.65 0.32
CA ILE A 139 11.00 9.38 -0.40
C ILE A 139 12.40 8.78 -0.35
N GLY A 140 12.61 7.88 0.61
CA GLY A 140 13.91 7.25 0.75
C GLY A 140 13.80 5.75 0.92
N PHE A 141 14.94 5.06 0.77
CA PHE A 141 14.96 3.60 0.90
C PHE A 141 15.63 3.19 2.20
N ALA A 142 15.18 2.08 2.77
CA ALA A 142 15.73 1.57 4.02
C ALA A 142 14.90 0.43 4.57
N ARG A 143 15.45 -0.30 5.54
CA ARG A 143 14.75 -1.42 6.14
C ARG A 143 14.25 -1.05 7.53
N GLY A 144 13.48 -1.95 8.14
CA GLY A 144 12.95 -1.70 9.47
C GLY A 144 14.02 -1.33 10.47
N ALA A 145 15.26 -1.72 10.17
CA ALA A 145 16.38 -1.42 11.05
C ALA A 145 16.66 0.08 11.10
N HIS A 146 16.04 0.82 10.20
CA HIS A 146 16.21 2.27 10.13
C HIS A 146 15.61 2.95 11.35
N GLY A 147 14.82 2.19 12.11
CA GLY A 147 14.18 2.74 13.29
C GLY A 147 12.67 2.69 13.21
N ASP A 148 12.14 1.61 12.66
CA ASP A 148 10.69 1.44 12.52
C ASP A 148 10.22 0.17 13.22
N SER A 149 9.06 0.25 13.86
CA SER A 149 8.50 -0.90 14.57
C SER A 149 8.16 -2.02 13.60
N TYR A 150 8.12 -3.25 14.11
CA TYR A 150 7.81 -4.41 13.28
C TYR A 150 8.89 -4.64 12.23
N PRO A 151 9.34 -5.90 12.11
CA PRO A 151 10.37 -6.28 11.14
C PRO A 151 9.88 -6.20 9.70
N PHE A 152 10.69 -5.62 8.83
CA PHE A 152 10.33 -5.48 7.42
C PHE A 152 10.28 -6.84 6.74
N ASP A 153 11.08 -7.78 7.23
CA ASP A 153 11.12 -9.13 6.67
C ASP A 153 11.88 -9.14 5.34
N GLY A 154 12.31 -7.96 4.91
CA GLY A 154 13.03 -7.86 3.65
C GLY A 154 12.25 -8.42 2.48
N PRO A 155 12.80 -9.48 1.85
CA PRO A 155 12.16 -10.13 0.71
C PRO A 155 10.89 -10.89 1.10
N GLY A 156 9.86 -10.78 0.26
CA GLY A 156 8.61 -11.46 0.54
C GLY A 156 7.55 -10.52 1.05
N ASN A 157 6.68 -11.04 1.91
CA ASN A 157 5.60 -10.24 2.48
C ASN A 157 6.09 -8.83 2.83
N THR A 158 5.19 -7.86 2.74
CA THR A 158 5.54 -6.47 3.04
C THR A 158 6.33 -5.84 1.90
N LEU A 159 5.71 -4.91 1.20
CA LEU A 159 6.36 -4.23 0.09
C LEU A 159 6.96 -2.90 0.54
N ALA A 160 6.15 -2.06 1.17
CA ALA A 160 6.60 -0.77 1.65
C ALA A 160 5.64 -0.20 2.70
N HIS A 161 6.19 0.54 3.66
CA HIS A 161 5.39 1.14 4.71
C HIS A 161 5.31 2.65 4.55
N ALA A 162 4.08 3.17 4.51
CA ALA A 162 3.85 4.60 4.36
C ALA A 162 3.33 5.22 5.65
N PHE A 163 3.27 6.55 5.68
CA PHE A 163 2.78 7.26 6.85
C PHE A 163 1.65 8.22 6.48
N ALA A 164 0.78 8.49 7.44
CA ALA A 164 -0.35 9.39 7.22
C ALA A 164 0.06 10.85 7.45
N PRO A 165 -0.80 11.77 6.99
CA PRO A 165 -0.55 13.21 7.13
C PRO A 165 -0.67 13.67 8.57
N GLY A 166 0.35 13.37 9.38
CA GLY A 166 0.34 13.77 10.77
C GLY A 166 1.66 14.33 11.23
N THR A 167 1.75 15.65 11.33
CA THR A 167 2.97 16.31 11.76
C THR A 167 4.07 16.16 10.71
N GLY A 168 5.21 16.82 10.94
CA GLY A 168 6.31 16.75 10.01
C GLY A 168 6.69 15.33 9.66
N LEU A 169 6.89 14.50 10.69
CA LEU A 169 7.27 13.10 10.49
C LEU A 169 6.21 12.37 9.66
N GLY A 170 4.95 12.80 9.79
CA GLY A 170 3.87 12.17 9.06
C GLY A 170 3.90 12.53 7.58
N GLY A 171 3.39 11.63 6.75
CA GLY A 171 3.38 11.89 5.32
C GLY A 171 4.67 11.47 4.64
N ASP A 172 5.47 10.67 5.33
CA ASP A 172 6.74 10.22 4.78
C ASP A 172 6.55 8.93 3.97
N ALA A 173 7.38 8.77 2.94
CA ALA A 173 7.29 7.59 2.09
C ALA A 173 8.54 6.73 2.24
N HIS A 174 8.33 5.43 2.45
CA HIS A 174 9.42 4.48 2.62
C HIS A 174 9.22 3.26 1.73
N PHE A 175 10.31 2.79 1.13
CA PHE A 175 10.26 1.62 0.26
C PHE A 175 11.21 0.53 0.75
N ASP A 176 10.76 -0.72 0.67
CA ASP A 176 11.57 -1.85 1.11
C ASP A 176 12.76 -2.06 0.17
N GLU A 177 13.92 -1.55 0.57
CA GLU A 177 15.13 -1.68 -0.24
C GLU A 177 15.45 -3.15 -0.50
N ASP A 178 14.84 -4.03 0.28
CA ASP A 178 15.06 -5.46 0.14
C ASP A 178 14.25 -6.02 -1.03
N GLU A 179 13.27 -5.25 -1.48
CA GLU A 179 12.41 -5.67 -2.59
C GLU A 179 13.09 -5.40 -3.93
N ARG A 180 12.38 -5.68 -5.01
CA ARG A 180 12.90 -5.47 -6.35
C ARG A 180 12.08 -4.42 -7.10
N TRP A 181 12.71 -3.28 -7.40
CA TRP A 181 12.03 -2.20 -8.11
C TRP A 181 12.70 -1.94 -9.45
N THR A 182 11.91 -1.48 -10.42
CA THR A 182 12.43 -1.19 -11.76
C THR A 182 11.33 -0.67 -12.67
N ASP A 183 11.71 -0.07 -13.78
CA ASP A 183 10.77 0.47 -14.74
C ASP A 183 10.96 -0.15 -16.12
N GLY A 184 12.10 0.16 -16.74
CA GLY A 184 12.39 -0.38 -18.06
C GLY A 184 12.62 -1.87 -18.04
N SER A 185 12.74 -2.44 -16.84
CA SER A 185 12.97 -3.87 -16.68
C SER A 185 11.67 -4.59 -16.38
N SER A 186 10.71 -3.87 -15.82
CA SER A 186 9.41 -4.45 -15.47
C SER A 186 9.56 -5.91 -15.06
N LEU A 187 10.31 -6.14 -13.99
CA LEU A 187 10.54 -7.50 -13.50
C LEU A 187 9.97 -7.66 -12.09
N GLY A 188 10.02 -6.60 -11.31
CA GLY A 188 9.50 -6.65 -9.96
C GLY A 188 8.41 -5.62 -9.72
N ILE A 189 8.47 -4.95 -8.56
CA ILE A 189 7.48 -3.94 -8.22
C ILE A 189 7.77 -2.62 -8.93
N ASN A 190 7.08 -2.40 -10.05
CA ASN A 190 7.25 -1.18 -10.83
C ASN A 190 7.14 0.05 -9.94
N PHE A 191 8.19 0.86 -9.91
CA PHE A 191 8.21 2.08 -9.10
C PHE A 191 7.01 2.96 -9.42
N LEU A 192 6.62 2.98 -10.68
CA LEU A 192 5.48 3.78 -11.13
C LEU A 192 4.18 3.25 -10.55
N TYR A 193 3.98 1.94 -10.65
CA TYR A 193 2.77 1.30 -10.13
C TYR A 193 2.76 1.32 -8.61
N ALA A 194 3.94 1.12 -8.02
CA ALA A 194 4.07 1.11 -6.56
C ALA A 194 3.92 2.51 -5.99
N ALA A 195 4.43 3.50 -6.72
CA ALA A 195 4.36 4.89 -6.28
C ALA A 195 2.91 5.32 -6.03
N THR A 196 2.03 4.95 -6.97
CA THR A 196 0.62 5.30 -6.86
C THR A 196 0.02 4.73 -5.58
N HIS A 197 0.39 3.49 -5.26
CA HIS A 197 -0.11 2.84 -4.06
C HIS A 197 0.51 3.42 -2.80
N ALA A 198 1.83 3.62 -2.84
CA ALA A 198 2.55 4.19 -1.71
C ALA A 198 2.19 5.65 -1.50
N LEU A 199 2.23 6.42 -2.59
CA LEU A 199 1.91 7.84 -2.53
C LEU A 199 0.47 8.06 -2.12
N GLY A 200 -0.42 7.22 -2.64
CA GLY A 200 -1.84 7.33 -2.31
C GLY A 200 -2.11 7.12 -0.84
N HIS A 201 -1.23 6.37 -0.18
CA HIS A 201 -1.39 6.07 1.24
C HIS A 201 -1.18 7.34 2.07
N SER A 202 -0.16 8.12 1.73
CA SER A 202 0.15 9.35 2.46
C SER A 202 -1.04 10.30 2.42
N LEU A 203 -1.87 10.17 1.39
CA LEU A 203 -3.05 11.03 1.24
C LEU A 203 -4.23 10.47 2.02
N GLY A 204 -4.00 9.36 2.73
CA GLY A 204 -5.05 8.75 3.51
C GLY A 204 -5.94 7.83 2.69
N MET A 205 -5.75 7.86 1.38
CA MET A 205 -6.53 7.01 0.47
C MET A 205 -6.44 5.54 0.88
N GLY A 206 -7.58 4.87 0.91
CA GLY A 206 -7.61 3.47 1.29
C GLY A 206 -7.70 2.54 0.09
N HIS A 207 -7.58 1.25 0.34
CA HIS A 207 -7.65 0.25 -0.72
C HIS A 207 -9.05 0.19 -1.32
N SER A 208 -9.15 -0.41 -2.50
CA SER A 208 -10.44 -0.54 -3.19
C SER A 208 -10.75 -1.99 -3.50
N SER A 209 -12.03 -2.31 -3.61
CA SER A 209 -12.46 -3.67 -3.91
C SER A 209 -12.53 -3.90 -5.42
N ASP A 210 -12.28 -2.84 -6.18
CA ASP A 210 -12.32 -2.92 -7.63
C ASP A 210 -11.12 -3.71 -8.16
N PRO A 211 -11.38 -4.60 -9.13
CA PRO A 211 -10.34 -5.44 -9.74
C PRO A 211 -9.39 -4.63 -10.61
N ASN A 212 -9.70 -3.35 -10.80
CA ASN A 212 -8.87 -2.46 -11.61
C ASN A 212 -8.56 -1.17 -10.86
N ALA A 213 -8.50 -1.26 -9.54
CA ALA A 213 -8.20 -0.10 -8.71
C ALA A 213 -6.70 0.09 -8.54
N VAL A 214 -6.27 1.35 -8.46
CA VAL A 214 -4.86 1.66 -8.30
C VAL A 214 -4.35 1.23 -6.93
N MET A 215 -5.26 1.18 -5.96
CA MET A 215 -4.91 0.78 -4.60
C MET A 215 -5.24 -0.69 -4.37
N TYR A 216 -5.61 -1.39 -5.43
CA TYR A 216 -5.95 -2.80 -5.35
C TYR A 216 -4.81 -3.60 -4.73
N PRO A 217 -5.08 -4.19 -3.55
CA PRO A 217 -4.09 -5.00 -2.83
C PRO A 217 -3.79 -6.31 -3.54
N THR A 218 -4.69 -6.72 -4.44
CA THR A 218 -4.50 -7.96 -5.18
C THR A 218 -3.63 -7.74 -6.41
N TYR A 219 -2.47 -7.14 -6.20
CA TYR A 219 -1.53 -6.86 -7.29
C TYR A 219 -0.78 -8.14 -7.69
N GLY A 220 -0.79 -8.43 -8.98
CA GLY A 220 -0.09 -9.61 -9.47
C GLY A 220 0.10 -9.59 -10.97
N ASN A 221 -0.26 -10.69 -11.63
CA ASN A 221 -0.12 -10.78 -13.08
C ASN A 221 -0.75 -9.58 -13.77
N GLY A 222 -0.20 -9.21 -14.93
CA GLY A 222 -0.72 -8.08 -15.68
C GLY A 222 -0.09 -6.76 -15.24
N ASP A 223 0.89 -6.29 -16.01
CA ASP A 223 1.56 -5.05 -15.71
C ASP A 223 1.25 -3.99 -16.76
N PRO A 224 0.33 -3.07 -16.41
CA PRO A 224 -0.07 -1.98 -17.32
C PRO A 224 1.03 -0.95 -17.53
N GLN A 225 1.39 -0.71 -18.78
CA GLN A 225 2.43 0.26 -19.11
C GLN A 225 1.88 1.68 -19.07
N ASN A 226 0.56 1.81 -19.20
CA ASN A 226 -0.08 3.11 -19.18
C ASN A 226 -1.23 3.14 -18.19
N PHE A 227 -1.04 2.47 -17.05
CA PHE A 227 -2.06 2.41 -16.01
C PHE A 227 -2.53 3.82 -15.63
N LYS A 228 -3.73 3.90 -15.08
CA LYS A 228 -4.29 5.18 -14.66
C LYS A 228 -5.12 5.03 -13.39
N LEU A 229 -5.49 6.16 -12.79
CA LEU A 229 -6.27 6.16 -11.57
C LEU A 229 -7.62 5.46 -11.79
N SER A 230 -8.12 4.83 -10.73
CA SER A 230 -9.39 4.12 -10.81
C SER A 230 -10.57 5.05 -10.54
N GLN A 231 -11.71 4.75 -11.13
CA GLN A 231 -12.90 5.57 -10.95
C GLN A 231 -13.37 5.53 -9.49
N ASP A 232 -13.77 4.36 -9.03
CA ASP A 232 -14.24 4.20 -7.66
C ASP A 232 -13.18 4.69 -6.66
N ASP A 233 -11.92 4.63 -7.07
CA ASP A 233 -10.82 5.07 -6.22
C ASP A 233 -10.85 6.59 -6.04
N ILE A 234 -10.93 7.31 -7.15
CA ILE A 234 -10.97 8.77 -7.11
C ILE A 234 -12.28 9.27 -6.51
N LYS A 235 -13.38 8.62 -6.88
CA LYS A 235 -14.69 9.00 -6.37
C LYS A 235 -14.72 8.97 -4.85
N GLY A 236 -13.94 8.07 -4.26
CA GLY A 236 -13.90 7.96 -2.82
C GLY A 236 -13.32 9.21 -2.16
N ILE A 237 -12.17 9.65 -2.65
CA ILE A 237 -11.52 10.84 -2.12
C ILE A 237 -12.26 12.11 -2.51
N GLN A 238 -12.89 12.08 -3.67
CA GLN A 238 -13.64 13.22 -4.17
C GLN A 238 -14.78 13.58 -3.23
N LYS A 239 -15.30 12.58 -2.52
CA LYS A 239 -16.39 12.78 -1.58
C LYS A 239 -15.89 13.46 -0.31
N LEU A 240 -14.62 13.28 -0.01
CA LEU A 240 -14.01 13.87 1.18
C LEU A 240 -13.28 15.18 0.83
N TYR A 241 -12.84 15.28 -0.41
CA TYR A 241 -12.13 16.47 -0.88
C TYR A 241 -13.10 17.48 -1.49
N GLY A 242 -14.13 16.97 -2.16
CA GLY A 242 -15.12 17.84 -2.79
C GLY A 242 -16.49 17.21 -2.84
N LYS A 243 -16.99 17.00 -4.06
CA LYS A 243 -18.31 16.41 -4.24
C LYS A 243 -18.22 14.89 -4.27
N ARG A 244 -19.28 14.23 -3.79
CA ARG A 244 -19.31 12.77 -3.76
C ARG A 244 -19.68 12.21 -5.12
N SER A 245 -19.97 10.91 -5.17
CA SER A 245 -20.33 10.25 -6.42
C SER A 245 -21.40 9.19 -6.18
N ASN A 246 -21.02 8.11 -5.51
CA ASN A 246 -21.93 7.02 -5.21
C ASN A 246 -21.81 6.57 -3.76
N SER A 247 -20.58 6.49 -3.28
CA SER A 247 -20.32 6.08 -1.90
C SER A 247 -20.79 4.65 -1.67
N ARG A 248 -19.84 3.70 -1.72
CA ARG A 248 -20.16 2.30 -1.52
C ARG A 248 -19.13 1.63 -0.62
N LYS A 249 -17.89 1.53 -1.11
CA LYS A 249 -16.81 0.92 -0.35
C LYS A 249 -17.21 -0.46 0.15
N LYS A 250 -17.16 -1.44 -0.75
CA LYS A 250 -17.52 -2.82 -0.40
C LYS A 250 -17.21 -3.77 -1.54
CA CA B . 6.65 13.63 6.50
CA CA C . 9.60 -7.54 1.52
ZN ZN D . 10.04 3.54 8.24
ZN ZN E . -1.81 -0.44 0.57
N LEU A 1 -0.10 -17.92 -15.28
CA LEU A 1 0.79 -18.79 -14.52
C LEU A 1 0.03 -19.53 -13.43
N PRO A 2 -0.81 -20.48 -13.85
CA PRO A 2 -1.63 -21.29 -12.92
C PRO A 2 -0.78 -22.25 -12.10
N LEU A 3 -1.40 -22.90 -11.12
CA LEU A 3 -0.70 -23.85 -10.26
C LEU A 3 -1.68 -24.55 -9.32
N PRO A 4 -2.50 -25.45 -9.86
CA PRO A 4 -3.49 -26.20 -9.08
C PRO A 4 -2.84 -27.21 -8.15
N GLN A 5 -3.67 -27.94 -7.41
CA GLN A 5 -3.17 -28.94 -6.47
C GLN A 5 -1.92 -28.45 -5.75
N GLU A 6 -1.93 -27.17 -5.37
CA GLU A 6 -0.79 -26.58 -4.67
C GLU A 6 -1.00 -26.62 -3.16
N ALA A 7 -2.14 -26.10 -2.71
CA ALA A 7 -2.46 -26.08 -1.29
C ALA A 7 -2.70 -27.49 -0.76
N GLY A 8 -3.27 -28.34 -1.60
CA GLY A 8 -3.55 -29.71 -1.19
C GLY A 8 -2.31 -30.43 -0.70
N GLY A 9 -1.14 -29.99 -1.16
CA GLY A 9 0.10 -30.61 -0.76
C GLY A 9 0.92 -29.72 0.17
N MET A 10 0.25 -28.77 0.82
CA MET A 10 0.91 -27.86 1.74
C MET A 10 1.03 -28.48 3.13
N SER A 11 1.89 -27.90 3.95
CA SER A 11 2.11 -28.40 5.31
C SER A 11 1.59 -27.39 6.34
N GLU A 12 1.51 -27.84 7.59
CA GLU A 12 1.03 -26.98 8.67
C GLU A 12 1.84 -25.68 8.74
N LEU A 13 3.11 -25.78 8.37
CA LEU A 13 4.00 -24.61 8.39
C LEU A 13 3.56 -23.59 7.35
N GLN A 14 3.22 -24.08 6.16
CA GLN A 14 2.79 -23.19 5.07
C GLN A 14 1.52 -22.44 5.46
N TRP A 15 0.59 -23.14 6.08
CA TRP A 15 -0.67 -22.53 6.50
C TRP A 15 -0.47 -21.62 7.70
N GLU A 16 0.49 -21.99 8.56
CA GLU A 16 0.78 -21.20 9.75
C GLU A 16 1.31 -19.82 9.37
N GLN A 17 2.09 -19.78 8.30
CA GLN A 17 2.67 -18.51 7.83
C GLN A 17 1.58 -17.54 7.40
N ALA A 18 0.52 -18.08 6.80
CA ALA A 18 -0.59 -17.27 6.33
C ALA A 18 -1.20 -16.46 7.49
N GLN A 19 -1.26 -17.07 8.66
CA GLN A 19 -1.80 -16.41 9.84
C GLN A 19 -0.93 -15.24 10.28
N ASP A 20 0.39 -15.47 10.27
CA ASP A 20 1.34 -14.44 10.67
C ASP A 20 1.38 -13.31 9.63
N TYR A 21 1.16 -13.68 8.37
CA TYR A 21 1.17 -12.69 7.29
C TYR A 21 0.00 -11.72 7.40
N LEU A 22 -1.19 -12.26 7.56
CA LEU A 22 -2.39 -11.44 7.69
C LEU A 22 -2.39 -10.66 9.00
N LYS A 23 -1.81 -11.27 10.04
CA LYS A 23 -1.73 -10.63 11.34
C LYS A 23 -1.02 -9.29 11.25
N ARG A 24 0.04 -9.24 10.44
CA ARG A 24 0.81 -8.01 10.26
C ARG A 24 0.16 -7.10 9.21
N PHE A 25 -0.60 -7.71 8.30
CA PHE A 25 -1.28 -6.97 7.25
C PHE A 25 -2.22 -5.93 7.84
N TYR A 26 -2.60 -6.13 9.09
CA TYR A 26 -3.51 -5.21 9.78
C TYR A 26 -2.86 -4.62 11.02
N LEU A 27 -2.27 -5.48 11.85
CA LEU A 27 -1.62 -5.05 13.07
C LEU A 27 -0.77 -6.18 13.66
N TYR A 28 -1.10 -6.58 14.89
CA TYR A 28 -0.36 -7.64 15.56
C TYR A 28 -0.86 -7.82 16.99
N ASP A 29 -1.86 -8.68 17.16
CA ASP A 29 -2.43 -8.94 18.47
C ASP A 29 -2.42 -10.44 18.78
N SER A 30 -1.33 -10.90 19.39
CA SER A 30 -1.18 -12.31 19.74
C SER A 30 -2.43 -12.81 20.47
N GLU A 31 -3.10 -11.91 21.18
CA GLU A 31 -4.30 -12.26 21.93
C GLU A 31 -5.34 -12.92 21.02
N THR A 32 -5.38 -12.48 19.76
CA THR A 32 -6.32 -13.02 18.79
C THR A 32 -5.84 -14.35 18.24
N LYS A 33 -4.54 -14.59 18.36
CA LYS A 33 -3.95 -15.84 17.86
C LYS A 33 -4.72 -17.05 18.38
N ASN A 34 -5.53 -17.65 17.51
CA ASN A 34 -6.32 -18.81 17.88
C ASN A 34 -7.08 -19.36 16.67
N ALA A 35 -7.57 -20.59 16.81
CA ALA A 35 -8.32 -21.23 15.73
C ALA A 35 -9.72 -20.64 15.61
N ASN A 36 -10.33 -20.32 16.74
CA ASN A 36 -11.66 -19.74 16.76
C ASN A 36 -11.66 -18.33 16.20
N SER A 37 -10.72 -17.51 16.66
CA SER A 37 -10.60 -16.13 16.21
C SER A 37 -10.09 -16.07 14.77
N LEU A 38 -9.41 -17.13 14.35
CA LEU A 38 -8.86 -17.20 12.99
C LEU A 38 -9.97 -17.07 11.96
N GLU A 39 -11.08 -17.78 12.19
CA GLU A 39 -12.21 -17.74 11.28
C GLU A 39 -12.72 -16.31 11.09
N ALA A 40 -12.99 -15.63 12.20
CA ALA A 40 -13.48 -14.26 12.16
C ALA A 40 -12.42 -13.32 11.61
N LYS A 41 -11.16 -13.59 11.94
CA LYS A 41 -10.04 -12.76 11.46
C LYS A 41 -9.91 -12.86 9.95
N LEU A 42 -9.90 -14.09 9.43
CA LEU A 42 -9.77 -14.31 8.00
C LEU A 42 -10.95 -13.71 7.25
N LYS A 43 -12.14 -13.76 7.86
CA LYS A 43 -13.34 -13.23 7.25
C LYS A 43 -13.19 -11.73 6.99
N GLU A 44 -12.68 -11.01 7.97
CA GLU A 44 -12.49 -9.57 7.84
C GLU A 44 -11.53 -9.24 6.70
N MET A 45 -10.57 -10.13 6.47
CA MET A 45 -9.60 -9.95 5.40
C MET A 45 -10.26 -10.00 4.04
N GLN A 46 -11.29 -10.83 3.92
CA GLN A 46 -12.02 -10.98 2.67
C GLN A 46 -12.72 -9.67 2.28
N LYS A 47 -13.27 -9.00 3.27
CA LYS A 47 -13.96 -7.73 3.05
C LYS A 47 -12.98 -6.63 2.64
N PHE A 48 -11.74 -6.76 3.11
CA PHE A 48 -10.71 -5.78 2.79
C PHE A 48 -10.30 -5.88 1.32
N PHE A 49 -10.15 -7.10 0.83
CA PHE A 49 -9.77 -7.34 -0.55
C PHE A 49 -10.97 -7.24 -1.48
N GLY A 50 -12.13 -7.68 -0.99
CA GLY A 50 -13.34 -7.64 -1.79
C GLY A 50 -13.73 -9.00 -2.32
N LEU A 51 -12.84 -9.98 -2.18
CA LEU A 51 -13.10 -11.33 -2.65
C LEU A 51 -14.33 -11.93 -1.95
N PRO A 52 -15.16 -12.64 -2.73
CA PRO A 52 -16.37 -13.27 -2.21
C PRO A 52 -16.06 -14.45 -1.30
N ILE A 53 -15.25 -15.39 -1.80
CA ILE A 53 -14.88 -16.56 -1.04
C ILE A 53 -14.32 -16.18 0.33
N THR A 54 -15.10 -16.43 1.37
CA THR A 54 -14.67 -16.11 2.74
C THR A 54 -14.52 -17.37 3.58
N GLY A 55 -13.92 -17.23 4.75
CA GLY A 55 -13.73 -18.37 5.63
C GLY A 55 -12.80 -19.40 5.06
N MET A 56 -12.10 -19.03 3.99
CA MET A 56 -11.17 -19.94 3.33
C MET A 56 -9.78 -19.31 3.23
N LEU A 57 -8.77 -20.16 3.02
CA LEU A 57 -7.39 -19.70 2.92
C LEU A 57 -6.51 -20.75 2.27
N ASN A 58 -6.34 -20.65 0.95
CA ASN A 58 -5.53 -21.59 0.20
C ASN A 58 -5.63 -21.35 -1.30
N SER A 59 -6.76 -20.79 -1.71
CA SER A 59 -7.01 -20.50 -3.12
C SER A 59 -6.49 -19.11 -3.50
N ARG A 60 -7.40 -18.15 -3.57
CA ARG A 60 -7.03 -16.79 -3.92
C ARG A 60 -6.58 -16.01 -2.69
N VAL A 61 -7.10 -16.40 -1.52
CA VAL A 61 -6.73 -15.75 -0.27
C VAL A 61 -5.26 -15.91 0.02
N ILE A 62 -4.73 -17.10 -0.23
CA ILE A 62 -3.32 -17.38 0.01
C ILE A 62 -2.44 -16.74 -1.06
N GLU A 63 -2.97 -16.64 -2.26
CA GLU A 63 -2.24 -16.05 -3.38
C GLU A 63 -1.86 -14.60 -3.06
N ILE A 64 -2.81 -13.85 -2.52
CA ILE A 64 -2.58 -12.45 -2.17
C ILE A 64 -1.63 -12.33 -0.99
N MET A 65 -1.67 -13.33 -0.11
CA MET A 65 -0.81 -13.33 1.08
C MET A 65 0.66 -13.49 0.68
N GLN A 66 0.91 -14.26 -0.37
CA GLN A 66 2.26 -14.51 -0.84
C GLN A 66 2.68 -13.43 -1.85
N LYS A 67 1.70 -12.81 -2.48
CA LYS A 67 1.96 -11.77 -3.46
C LYS A 67 2.13 -10.41 -2.78
N PRO A 68 3.35 -9.86 -2.86
CA PRO A 68 3.67 -8.56 -2.25
C PRO A 68 3.00 -7.40 -2.97
N ARG A 69 2.66 -6.36 -2.22
CA ARG A 69 2.00 -5.18 -2.80
C ARG A 69 2.28 -3.94 -1.96
N CYS A 70 1.87 -3.99 -0.69
CA CYS A 70 2.08 -2.87 0.22
C CYS A 70 2.33 -3.36 1.64
N GLY A 71 3.18 -2.65 2.36
CA GLY A 71 3.50 -3.03 3.73
C GLY A 71 2.76 -2.19 4.75
N VAL A 72 1.74 -1.47 4.30
CA VAL A 72 0.95 -0.62 5.19
C VAL A 72 -0.37 -1.29 5.56
N PRO A 73 -0.73 -1.19 6.85
CA PRO A 73 -1.98 -1.78 7.35
C PRO A 73 -3.22 -1.04 6.85
N ASP A 74 -4.38 -1.68 7.01
CA ASP A 74 -5.63 -1.08 6.57
C ASP A 74 -6.71 -1.23 7.63
N VAL A 75 -6.35 -0.93 8.88
CA VAL A 75 -7.29 -1.03 9.99
C VAL A 75 -7.13 0.13 10.96
N ALA A 76 -8.24 0.78 11.29
CA ALA A 76 -8.23 1.90 12.21
C ALA A 76 -9.28 1.75 13.30
N GLU A 77 -9.23 2.62 14.30
CA GLU A 77 -10.18 2.57 15.41
C GLU A 77 -10.16 3.88 16.20
N TYR A 78 -11.09 4.01 17.14
CA TYR A 78 -11.17 5.21 17.96
C TYR A 78 -9.83 5.53 18.59
N SER A 79 -9.15 6.54 18.05
CA SER A 79 -7.85 6.96 18.55
C SER A 79 -7.72 8.48 18.55
N LEU A 80 -6.58 8.98 19.01
CA LEU A 80 -6.33 10.41 19.05
C LEU A 80 -5.53 10.85 17.84
N PHE A 81 -6.04 10.53 16.66
CA PHE A 81 -5.39 10.90 15.41
C PHE A 81 -5.64 12.37 15.08
N PRO A 82 -4.79 12.93 14.20
CA PRO A 82 -4.90 14.34 13.79
C PRO A 82 -6.12 14.58 12.90
N ASN A 83 -6.85 15.64 13.19
CA ASN A 83 -8.04 15.98 12.42
C ASN A 83 -7.73 16.02 10.92
N SER A 84 -8.62 15.46 10.12
CA SER A 84 -8.44 15.43 8.67
C SER A 84 -7.20 14.61 8.30
N PRO A 85 -7.43 13.32 7.99
CA PRO A 85 -6.35 12.40 7.61
C PRO A 85 -5.77 12.73 6.25
N LYS A 86 -6.64 12.88 5.25
CA LYS A 86 -6.20 13.19 3.89
C LYS A 86 -5.51 14.55 3.85
N TRP A 87 -4.58 14.72 2.91
CA TRP A 87 -3.86 15.97 2.77
C TRP A 87 -4.81 17.15 2.69
N THR A 88 -4.82 17.97 3.75
CA THR A 88 -5.69 19.13 3.80
C THR A 88 -4.91 20.42 3.58
N SER A 89 -3.58 20.32 3.68
CA SER A 89 -2.72 21.47 3.50
C SER A 89 -2.93 22.10 2.11
N LYS A 90 -2.65 23.39 2.01
CA LYS A 90 -2.80 24.10 0.74
C LYS A 90 -1.81 23.59 -0.29
N VAL A 91 -0.65 23.14 0.17
CA VAL A 91 0.38 22.62 -0.71
C VAL A 91 1.29 21.64 0.01
N VAL A 92 1.69 20.58 -0.69
CA VAL A 92 2.57 19.57 -0.11
C VAL A 92 3.84 19.40 -0.94
N THR A 93 4.97 19.24 -0.25
CA THR A 93 6.25 19.08 -0.92
C THR A 93 6.85 17.72 -0.62
N TYR A 94 7.57 17.16 -1.60
CA TYR A 94 8.19 15.86 -1.44
C TYR A 94 9.66 15.89 -1.87
N ARG A 95 10.49 15.10 -1.19
CA ARG A 95 11.91 15.05 -1.50
C ARG A 95 12.47 13.65 -1.24
N ILE A 96 13.32 13.18 -2.14
CA ILE A 96 13.92 11.87 -2.02
C ILE A 96 15.02 11.87 -0.95
N VAL A 97 15.01 10.84 -0.11
CA VAL A 97 16.01 10.71 0.96
C VAL A 97 17.21 9.90 0.49
N SER A 98 16.95 8.85 -0.27
CA SER A 98 18.02 7.98 -0.77
C SER A 98 17.60 7.34 -2.09
N TYR A 99 18.58 6.71 -2.76
CA TYR A 99 18.32 6.05 -4.03
C TYR A 99 18.91 4.65 -4.05
N THR A 100 18.33 3.79 -4.89
CA THR A 100 18.80 2.41 -5.00
C THR A 100 19.63 2.20 -6.26
N ARG A 101 20.69 1.40 -6.14
CA ARG A 101 21.56 1.13 -7.28
C ARG A 101 20.76 0.66 -8.48
N ASP A 102 19.53 0.21 -8.24
CA ASP A 102 18.66 -0.26 -9.31
C ASP A 102 18.30 0.86 -10.26
N LEU A 103 18.10 2.06 -9.71
CA LEU A 103 17.75 3.22 -10.52
C LEU A 103 18.44 4.48 -9.98
N PRO A 104 18.68 5.44 -10.88
CA PRO A 104 19.33 6.70 -10.53
C PRO A 104 18.44 7.60 -9.67
N HIS A 105 19.06 8.42 -8.84
CA HIS A 105 18.33 9.33 -7.96
C HIS A 105 17.34 10.16 -8.76
N ILE A 106 17.64 10.37 -10.03
CA ILE A 106 16.77 11.15 -10.91
C ILE A 106 15.55 10.35 -11.35
N THR A 107 15.76 9.07 -11.63
CA THR A 107 14.70 8.19 -12.06
C THR A 107 13.72 7.92 -10.93
N VAL A 108 14.25 7.79 -9.71
CA VAL A 108 13.42 7.54 -8.53
C VAL A 108 12.60 8.76 -8.17
N ASP A 109 13.23 9.93 -8.23
CA ASP A 109 12.55 11.18 -7.90
C ASP A 109 11.49 11.51 -8.94
N ARG A 110 11.79 11.24 -10.21
CA ARG A 110 10.87 11.51 -11.30
C ARG A 110 9.67 10.56 -11.25
N LEU A 111 9.92 9.33 -10.80
CA LEU A 111 8.86 8.34 -10.70
C LEU A 111 7.81 8.75 -9.68
N VAL A 112 8.27 9.17 -8.50
CA VAL A 112 7.36 9.60 -7.45
C VAL A 112 6.42 10.70 -7.93
N SER A 113 6.97 11.64 -8.70
CA SER A 113 6.19 12.75 -9.23
C SER A 113 5.21 12.26 -10.29
N LYS A 114 5.62 11.27 -11.06
CA LYS A 114 4.78 10.71 -12.11
C LYS A 114 3.53 10.07 -11.52
N ALA A 115 3.66 9.49 -10.33
CA ALA A 115 2.53 8.85 -9.66
C ALA A 115 1.83 9.82 -8.72
N LEU A 116 2.62 10.63 -8.02
CA LEU A 116 2.08 11.61 -7.08
C LEU A 116 1.25 12.66 -7.81
N ASN A 117 1.66 12.97 -9.04
CA ASN A 117 0.96 13.97 -9.85
C ASN A 117 -0.43 13.48 -10.22
N MET A 118 -0.55 12.19 -10.52
CA MET A 118 -1.82 11.60 -10.89
C MET A 118 -2.83 11.73 -9.76
N TRP A 119 -2.35 11.65 -8.52
CA TRP A 119 -3.22 11.76 -7.35
C TRP A 119 -3.76 13.18 -7.21
N GLY A 120 -2.92 14.17 -7.51
CA GLY A 120 -3.32 15.56 -7.41
C GLY A 120 -4.26 15.96 -8.53
N LYS A 121 -4.05 15.39 -9.71
CA LYS A 121 -4.88 15.69 -10.87
C LYS A 121 -6.32 15.27 -10.64
N GLU A 122 -6.53 14.44 -9.62
CA GLU A 122 -7.87 13.95 -9.29
C GLU A 122 -8.40 14.62 -8.03
N ILE A 123 -7.73 15.70 -7.62
CA ILE A 123 -8.13 16.43 -6.42
C ILE A 123 -7.78 17.91 -6.54
N PRO A 124 -8.66 18.78 -6.03
CA PRO A 124 -8.46 20.23 -6.07
C PRO A 124 -7.33 20.68 -5.14
N LEU A 125 -6.39 19.78 -4.87
CA LEU A 125 -5.27 20.08 -4.00
C LEU A 125 -4.18 20.83 -4.77
N HIS A 126 -2.95 20.79 -4.24
CA HIS A 126 -1.83 21.46 -4.87
C HIS A 126 -0.51 20.83 -4.43
N PHE A 127 0.40 20.63 -5.38
CA PHE A 127 1.69 20.04 -5.09
C PHE A 127 2.83 21.02 -5.40
N ARG A 128 3.81 21.07 -4.52
CA ARG A 128 4.95 21.97 -4.69
C ARG A 128 6.26 21.19 -4.82
N LYS A 129 7.14 21.64 -5.70
CA LYS A 129 8.42 20.98 -5.90
C LYS A 129 9.43 21.38 -4.82
N VAL A 130 10.39 20.51 -4.58
CA VAL A 130 11.41 20.77 -3.57
C VAL A 130 12.73 21.19 -4.21
N VAL A 131 13.27 22.33 -3.77
CA VAL A 131 14.52 22.85 -4.30
C VAL A 131 15.33 23.54 -3.23
N TRP A 132 14.64 24.05 -2.20
CA TRP A 132 15.30 24.74 -1.11
C TRP A 132 14.66 24.38 0.23
N GLY A 133 15.39 23.61 1.04
CA GLY A 133 14.87 23.20 2.33
C GLY A 133 14.39 21.76 2.34
N THR A 134 13.68 21.38 3.40
CA THR A 134 13.16 20.03 3.52
C THR A 134 11.68 19.96 3.17
N ALA A 135 11.22 18.78 2.76
CA ALA A 135 9.82 18.60 2.41
C ALA A 135 9.11 17.70 3.41
N ASP A 136 7.78 17.70 3.36
CA ASP A 136 6.98 16.89 4.27
C ASP A 136 7.04 15.42 3.88
N ILE A 137 6.91 15.15 2.59
CA ILE A 137 6.94 13.79 2.09
C ILE A 137 8.36 13.36 1.75
N MET A 138 8.88 12.40 2.50
CA MET A 138 10.24 11.90 2.27
C MET A 138 10.21 10.57 1.54
N ILE A 139 10.87 10.52 0.39
CA ILE A 139 10.92 9.30 -0.41
C ILE A 139 12.30 8.65 -0.33
N GLY A 140 12.46 7.71 0.60
CA GLY A 140 13.73 7.03 0.77
C GLY A 140 13.58 5.52 0.81
N PHE A 141 14.70 4.82 0.81
CA PHE A 141 14.69 3.35 0.84
C PHE A 141 15.15 2.84 2.21
N ALA A 142 14.63 1.68 2.61
CA ALA A 142 15.00 1.08 3.88
C ALA A 142 14.10 -0.11 4.21
N ARG A 143 14.51 -0.90 5.18
CA ARG A 143 13.74 -2.07 5.59
C ARG A 143 13.10 -1.86 6.96
N GLY A 144 12.28 -2.81 7.38
CA GLY A 144 11.62 -2.71 8.68
C GLY A 144 12.61 -2.52 9.81
N ALA A 145 13.87 -2.86 9.56
CA ALA A 145 14.91 -2.72 10.57
C ALA A 145 15.59 -1.36 10.48
N HIS A 146 14.97 -0.45 9.72
CA HIS A 146 15.52 0.89 9.56
C HIS A 146 15.23 1.76 10.78
N GLY A 147 14.30 1.31 11.62
CA GLY A 147 13.94 2.05 12.81
C GLY A 147 12.46 2.28 12.93
N ASP A 148 11.68 1.21 12.77
CA ASP A 148 10.23 1.31 12.86
C ASP A 148 9.62 -0.03 13.30
N SER A 149 8.33 0.00 13.62
CA SER A 149 7.64 -1.21 14.05
C SER A 149 7.57 -2.24 12.94
N TYR A 150 7.23 -3.47 13.29
CA TYR A 150 7.13 -4.55 12.31
C TYR A 150 8.49 -4.85 11.69
N PRO A 151 8.83 -6.15 11.60
CA PRO A 151 10.10 -6.59 11.03
C PRO A 151 10.17 -6.37 9.52
N PHE A 152 11.37 -6.18 9.01
CA PHE A 152 11.58 -5.96 7.59
C PHE A 152 10.93 -7.06 6.76
N ASP A 153 11.13 -8.31 7.19
CA ASP A 153 10.55 -9.45 6.50
C ASP A 153 11.33 -9.76 5.22
N GLY A 154 12.06 -8.76 4.73
CA GLY A 154 12.83 -8.93 3.51
C GLY A 154 11.95 -9.13 2.29
N PRO A 155 12.37 -10.05 1.40
CA PRO A 155 11.63 -10.35 0.17
C PRO A 155 10.31 -11.06 0.44
N GLY A 156 9.29 -10.72 -0.34
CA GLY A 156 7.99 -11.34 -0.16
C GLY A 156 6.99 -10.43 0.53
N ASN A 157 6.15 -11.01 1.37
CA ASN A 157 5.15 -10.23 2.10
C ASN A 157 5.68 -8.85 2.46
N THR A 158 4.81 -7.84 2.36
CA THR A 158 5.20 -6.47 2.68
C THR A 158 6.04 -5.87 1.56
N LEU A 159 5.54 -4.80 0.95
CA LEU A 159 6.24 -4.13 -0.14
C LEU A 159 6.80 -2.80 0.33
N ALA A 160 5.94 -1.97 0.93
CA ALA A 160 6.36 -0.66 1.42
C ALA A 160 5.45 -0.19 2.55
N HIS A 161 6.00 0.59 3.47
CA HIS A 161 5.24 1.11 4.60
C HIS A 161 5.16 2.63 4.55
N ALA A 162 3.96 3.14 4.29
CA ALA A 162 3.75 4.58 4.21
C ALA A 162 2.91 5.07 5.39
N PHE A 163 2.82 6.39 5.53
CA PHE A 163 2.04 6.99 6.61
C PHE A 163 1.41 8.30 6.16
N ALA A 164 0.44 8.78 6.94
CA ALA A 164 -0.25 10.03 6.63
C ALA A 164 0.40 11.20 7.35
N PRO A 165 0.06 12.42 6.90
CA PRO A 165 0.60 13.65 7.50
C PRO A 165 0.06 13.90 8.90
N GLY A 166 0.58 13.18 9.88
CA GLY A 166 0.14 13.34 11.24
C GLY A 166 1.21 13.94 12.14
N THR A 167 0.91 15.09 12.74
CA THR A 167 1.85 15.76 13.61
C THR A 167 2.94 16.47 12.81
N GLY A 168 3.67 15.70 12.01
CA GLY A 168 4.74 16.27 11.20
C GLY A 168 5.58 15.20 10.51
N LEU A 169 6.15 14.30 11.30
CA LEU A 169 6.97 13.23 10.77
C LEU A 169 6.18 12.35 9.81
N GLY A 170 4.85 12.44 9.90
CA GLY A 170 3.99 11.64 9.05
C GLY A 170 4.02 12.11 7.60
N GLY A 171 3.32 11.40 6.74
CA GLY A 171 3.27 11.77 5.33
C GLY A 171 4.54 11.38 4.60
N ASP A 172 5.36 10.55 5.22
CA ASP A 172 6.61 10.10 4.62
C ASP A 172 6.41 8.77 3.88
N ALA A 173 7.20 8.57 2.83
CA ALA A 173 7.11 7.34 2.04
C ALA A 173 8.38 6.50 2.20
N HIS A 174 8.20 5.22 2.48
CA HIS A 174 9.32 4.31 2.65
C HIS A 174 9.17 3.07 1.78
N PHE A 175 10.23 2.71 1.07
CA PHE A 175 10.20 1.55 0.19
C PHE A 175 11.10 0.44 0.74
N ASP A 176 10.63 -0.80 0.64
CA ASP A 176 11.39 -1.95 1.11
C ASP A 176 12.61 -2.21 0.22
N GLU A 177 13.77 -1.75 0.67
CA GLU A 177 15.00 -1.93 -0.08
C GLU A 177 15.27 -3.41 -0.35
N ASP A 178 14.59 -4.27 0.40
CA ASP A 178 14.75 -5.71 0.25
C ASP A 178 14.02 -6.21 -0.99
N GLU A 179 13.11 -5.38 -1.52
CA GLU A 179 12.35 -5.75 -2.71
C GLU A 179 13.09 -5.35 -3.98
N ARG A 180 12.46 -5.56 -5.12
CA ARG A 180 13.05 -5.24 -6.41
C ARG A 180 12.34 -4.05 -7.06
N TRP A 181 13.09 -2.98 -7.30
CA TRP A 181 12.52 -1.78 -7.91
C TRP A 181 13.18 -1.50 -9.26
N THR A 182 12.37 -1.10 -10.24
CA THR A 182 12.87 -0.81 -11.57
C THR A 182 11.76 -0.30 -12.49
N ASP A 183 12.14 0.31 -13.59
CA ASP A 183 11.16 0.83 -14.55
C ASP A 183 11.43 0.28 -15.95
N GLY A 184 12.54 0.70 -16.55
CA GLY A 184 12.89 0.24 -17.88
C GLY A 184 13.18 -1.24 -17.92
N SER A 185 13.31 -1.85 -16.75
CA SER A 185 13.59 -3.28 -16.65
C SER A 185 12.31 -4.08 -16.43
N SER A 186 11.30 -3.42 -15.87
CA SER A 186 10.02 -4.07 -15.60
C SER A 186 10.22 -5.53 -15.20
N LEU A 187 10.93 -5.74 -14.10
CA LEU A 187 11.20 -7.09 -13.60
C LEU A 187 10.56 -7.31 -12.24
N GLY A 188 10.52 -6.25 -11.43
CA GLY A 188 9.93 -6.35 -10.12
C GLY A 188 8.79 -5.38 -9.91
N ILE A 189 8.77 -4.73 -8.75
CA ILE A 189 7.73 -3.76 -8.44
C ILE A 189 8.00 -2.42 -9.11
N ASN A 190 7.33 -2.18 -10.23
CA ASN A 190 7.49 -0.93 -10.97
C ASN A 190 7.35 0.27 -10.04
N PHE A 191 8.40 1.10 -9.98
CA PHE A 191 8.38 2.29 -9.14
C PHE A 191 7.15 3.15 -9.43
N LEU A 192 6.75 3.19 -10.69
CA LEU A 192 5.60 3.97 -11.11
C LEU A 192 4.32 3.41 -10.52
N TYR A 193 4.14 2.09 -10.63
CA TYR A 193 2.95 1.43 -10.11
C TYR A 193 2.96 1.44 -8.58
N ALA A 194 4.12 1.20 -7.99
CA ALA A 194 4.25 1.18 -6.54
C ALA A 194 4.07 2.58 -5.96
N ALA A 195 4.56 3.59 -6.69
CA ALA A 195 4.44 4.97 -6.24
C ALA A 195 2.98 5.36 -6.02
N THR A 196 2.13 4.99 -6.97
CA THR A 196 0.71 5.30 -6.89
C THR A 196 0.09 4.73 -5.61
N HIS A 197 0.46 3.49 -5.29
CA HIS A 197 -0.06 2.83 -4.09
C HIS A 197 0.57 3.43 -2.84
N ALA A 198 1.87 3.68 -2.89
CA ALA A 198 2.58 4.26 -1.75
C ALA A 198 2.20 5.72 -1.54
N LEU A 199 2.21 6.49 -2.62
CA LEU A 199 1.87 7.91 -2.55
C LEU A 199 0.41 8.10 -2.13
N GLY A 200 -0.48 7.30 -2.72
CA GLY A 200 -1.89 7.39 -2.39
C GLY A 200 -2.15 7.14 -0.92
N HIS A 201 -1.29 6.37 -0.29
CA HIS A 201 -1.43 6.06 1.13
C HIS A 201 -1.23 7.30 1.99
N SER A 202 -0.20 8.09 1.66
CA SER A 202 0.10 9.30 2.40
C SER A 202 -1.08 10.27 2.37
N LEU A 203 -1.90 10.15 1.33
CA LEU A 203 -3.07 11.02 1.18
C LEU A 203 -4.25 10.47 1.97
N GLY A 204 -4.02 9.37 2.69
CA GLY A 204 -5.09 8.76 3.48
C GLY A 204 -5.96 7.85 2.66
N MET A 205 -5.76 7.86 1.33
CA MET A 205 -6.55 7.03 0.44
C MET A 205 -6.58 5.58 0.93
N GLY A 206 -7.77 4.98 0.91
CA GLY A 206 -7.91 3.60 1.36
C GLY A 206 -8.03 2.63 0.20
N HIS A 207 -7.73 1.36 0.47
CA HIS A 207 -7.80 0.33 -0.56
C HIS A 207 -9.21 0.25 -1.14
N SER A 208 -9.32 -0.31 -2.36
CA SER A 208 -10.60 -0.45 -3.02
C SER A 208 -10.86 -1.90 -3.39
N SER A 209 -12.11 -2.34 -3.21
CA SER A 209 -12.49 -3.71 -3.52
C SER A 209 -12.66 -3.89 -5.03
N ASP A 210 -12.53 -2.79 -5.77
CA ASP A 210 -12.67 -2.83 -7.22
C ASP A 210 -11.48 -3.53 -7.87
N PRO A 211 -11.75 -4.42 -8.83
CA PRO A 211 -10.71 -5.16 -9.54
C PRO A 211 -9.90 -4.27 -10.47
N ASN A 212 -10.31 -3.01 -10.59
CA ASN A 212 -9.61 -2.06 -11.45
C ASN A 212 -9.18 -0.83 -10.65
N ALA A 213 -9.05 -1.00 -9.35
CA ALA A 213 -8.64 0.09 -8.47
C ALA A 213 -7.13 0.18 -8.38
N VAL A 214 -6.61 1.40 -8.26
CA VAL A 214 -5.17 1.62 -8.16
C VAL A 214 -4.63 1.12 -6.83
N MET A 215 -5.48 1.12 -5.81
CA MET A 215 -5.08 0.67 -4.48
C MET A 215 -5.48 -0.80 -4.28
N TYR A 216 -5.83 -1.47 -5.36
CA TYR A 216 -6.23 -2.87 -5.29
C TYR A 216 -5.14 -3.71 -4.63
N PRO A 217 -5.45 -4.23 -3.43
CA PRO A 217 -4.52 -5.06 -2.67
C PRO A 217 -4.28 -6.43 -3.31
N THR A 218 -5.19 -6.81 -4.21
CA THR A 218 -5.09 -8.09 -4.90
C THR A 218 -4.16 -8.00 -6.10
N TYR A 219 -2.91 -7.64 -5.85
CA TYR A 219 -1.92 -7.51 -6.90
C TYR A 219 -1.91 -8.75 -7.79
N GLY A 220 -2.13 -8.55 -9.09
CA GLY A 220 -2.14 -9.66 -10.02
C GLY A 220 -3.27 -9.57 -11.03
N ASN A 221 -2.99 -9.01 -12.19
CA ASN A 221 -3.99 -8.86 -13.24
C ASN A 221 -3.39 -8.19 -14.47
N GLY A 222 -4.27 -7.78 -15.39
CA GLY A 222 -3.80 -7.13 -16.61
C GLY A 222 -2.85 -5.99 -16.32
N ASP A 223 -1.57 -6.20 -16.62
CA ASP A 223 -0.55 -5.18 -16.40
C ASP A 223 -0.64 -4.08 -17.45
N PRO A 224 -1.00 -2.87 -17.02
CA PRO A 224 -1.12 -1.72 -17.91
C PRO A 224 0.22 -1.23 -18.43
N GLN A 225 0.22 -0.66 -19.63
CA GLN A 225 1.44 -0.16 -20.24
C GLN A 225 1.80 1.22 -19.70
N ASN A 226 0.78 1.99 -19.35
CA ASN A 226 0.98 3.33 -18.81
C ASN A 226 0.31 3.48 -17.45
N PHE A 227 -0.76 2.72 -17.24
CA PHE A 227 -1.49 2.78 -15.97
C PHE A 227 -2.19 4.12 -15.80
N LYS A 228 -3.40 4.09 -15.26
CA LYS A 228 -4.17 5.32 -15.04
C LYS A 228 -4.95 5.23 -13.74
N LEU A 229 -5.42 6.38 -13.25
CA LEU A 229 -6.19 6.44 -12.02
C LEU A 229 -7.47 5.62 -12.14
N SER A 230 -7.91 5.06 -11.01
CA SER A 230 -9.12 4.25 -10.99
C SER A 230 -10.36 5.12 -10.76
N GLN A 231 -11.50 4.66 -11.27
CA GLN A 231 -12.75 5.40 -11.13
C GLN A 231 -13.13 5.54 -9.66
N ASP A 232 -13.44 4.41 -9.03
CA ASP A 232 -13.83 4.41 -7.63
C ASP A 232 -12.76 5.08 -6.77
N ASP A 233 -11.52 5.05 -7.25
CA ASP A 233 -10.40 5.65 -6.52
C ASP A 233 -10.52 7.17 -6.51
N ILE A 234 -10.77 7.74 -7.68
CA ILE A 234 -10.90 9.19 -7.79
C ILE A 234 -12.17 9.68 -7.09
N LYS A 235 -13.26 8.97 -7.28
CA LYS A 235 -14.53 9.33 -6.66
C LYS A 235 -14.44 9.27 -5.14
N GLY A 236 -13.61 8.37 -4.64
CA GLY A 236 -13.43 8.22 -3.21
C GLY A 236 -12.86 9.47 -2.57
N ILE A 237 -11.77 9.97 -3.14
CA ILE A 237 -11.12 11.17 -2.62
C ILE A 237 -11.95 12.42 -2.93
N GLN A 238 -12.65 12.39 -4.05
CA GLN A 238 -13.49 13.52 -4.46
C GLN A 238 -14.68 13.70 -3.51
N LYS A 239 -15.06 12.61 -2.85
CA LYS A 239 -16.18 12.64 -1.92
C LYS A 239 -15.79 13.34 -0.62
N LEU A 240 -14.50 13.27 -0.29
CA LEU A 240 -14.00 13.90 0.93
C LEU A 240 -13.38 15.26 0.63
N TYR A 241 -12.85 15.40 -0.58
CA TYR A 241 -12.22 16.65 -1.00
C TYR A 241 -13.23 17.56 -1.69
N GLY A 242 -14.15 16.95 -2.44
CA GLY A 242 -15.15 17.72 -3.15
C GLY A 242 -16.54 17.12 -3.00
N LYS A 243 -17.15 16.76 -4.12
CA LYS A 243 -18.49 16.17 -4.11
C LYS A 243 -18.50 14.82 -4.82
N ARG A 244 -18.90 13.79 -4.08
CA ARG A 244 -18.96 12.44 -4.64
C ARG A 244 -19.45 11.44 -3.60
N SER A 245 -19.56 10.18 -4.00
CA SER A 245 -20.03 9.13 -3.11
C SER A 245 -21.34 9.51 -2.44
N ASN A 246 -21.76 8.72 -1.46
CA ASN A 246 -23.00 8.97 -0.75
C ASN A 246 -23.08 8.14 0.53
N SER A 247 -22.66 6.88 0.44
CA SER A 247 -22.68 5.98 1.58
C SER A 247 -21.42 5.14 1.62
N ARG A 248 -21.39 4.17 2.54
CA ARG A 248 -20.24 3.29 2.69
C ARG A 248 -20.13 2.34 1.50
N LYS A 249 -18.90 1.89 1.23
CA LYS A 249 -18.66 0.99 0.12
C LYS A 249 -17.22 0.50 0.11
N LYS A 250 -16.28 1.43 0.31
CA LYS A 250 -14.87 1.10 0.33
C LYS A 250 -14.59 -0.02 1.33
CA CA B . 6.67 14.44 7.14
CA CA C . 9.26 -7.57 1.22
ZN ZN D . 9.65 3.26 8.17
ZN ZN E . -1.92 -0.44 0.42
N LEU A 1 -1.90 -16.46 -17.28
CA LEU A 1 -1.66 -16.61 -15.85
C LEU A 1 -2.91 -17.11 -15.13
N PRO A 2 -3.22 -18.40 -15.32
CA PRO A 2 -4.39 -19.03 -14.70
C PRO A 2 -4.23 -19.19 -13.19
N LEU A 3 -5.27 -19.71 -12.55
CA LEU A 3 -5.24 -19.91 -11.10
C LEU A 3 -5.76 -21.30 -10.74
N PRO A 4 -4.95 -22.33 -11.01
CA PRO A 4 -5.31 -23.72 -10.72
C PRO A 4 -5.34 -24.01 -9.23
N GLN A 5 -5.53 -25.28 -8.88
CA GLN A 5 -5.57 -25.70 -7.48
C GLN A 5 -4.18 -25.97 -6.95
N GLU A 6 -3.61 -25.00 -6.23
CA GLU A 6 -2.27 -25.14 -5.67
C GLU A 6 -2.34 -25.63 -4.22
N ALA A 7 -3.45 -25.35 -3.56
CA ALA A 7 -3.65 -25.77 -2.18
C ALA A 7 -3.48 -27.27 -2.03
N GLY A 8 -3.89 -28.01 -3.05
CA GLY A 8 -3.78 -29.46 -3.02
C GLY A 8 -2.36 -29.92 -2.75
N GLY A 9 -1.39 -29.08 -3.10
CA GLY A 9 0.01 -29.44 -2.90
C GLY A 9 0.64 -28.64 -1.78
N MET A 10 -0.19 -28.08 -0.90
CA MET A 10 0.31 -27.28 0.22
C MET A 10 0.38 -28.12 1.49
N SER A 11 1.13 -27.64 2.47
CA SER A 11 1.28 -28.34 3.74
C SER A 11 0.63 -27.57 4.88
N GLU A 12 0.50 -28.21 6.03
CA GLU A 12 -0.11 -27.59 7.20
C GLU A 12 0.61 -26.29 7.55
N LEU A 13 1.91 -26.24 7.29
CA LEU A 13 2.70 -25.06 7.58
C LEU A 13 2.24 -23.87 6.75
N GLN A 14 1.96 -24.12 5.47
CA GLN A 14 1.50 -23.07 4.57
C GLN A 14 0.16 -22.50 5.04
N TRP A 15 -0.75 -23.39 5.44
CA TRP A 15 -2.06 -22.97 5.90
C TRP A 15 -1.98 -22.32 7.27
N GLU A 16 -1.04 -22.79 8.09
CA GLU A 16 -0.85 -22.25 9.44
C GLU A 16 -0.24 -20.86 9.38
N GLN A 17 0.76 -20.69 8.51
CA GLN A 17 1.43 -19.40 8.36
C GLN A 17 0.47 -18.33 7.86
N ALA A 18 -0.45 -18.73 6.98
CA ALA A 18 -1.43 -17.81 6.43
C ALA A 18 -2.25 -17.15 7.54
N GLN A 19 -2.52 -17.91 8.61
CA GLN A 19 -3.29 -17.40 9.73
C GLN A 19 -2.50 -16.36 10.50
N ASP A 20 -1.20 -16.59 10.64
CA ASP A 20 -0.33 -15.67 11.36
C ASP A 20 -0.01 -14.44 10.50
N TYR A 21 0.05 -14.64 9.20
CA TYR A 21 0.35 -13.56 8.27
C TYR A 21 -0.68 -12.44 8.38
N LEU A 22 -1.92 -12.82 8.62
CA LEU A 22 -3.01 -11.86 8.74
C LEU A 22 -2.91 -11.09 10.06
N LYS A 23 -2.19 -11.67 11.03
CA LYS A 23 -2.01 -11.05 12.32
C LYS A 23 -0.97 -9.94 12.26
N ARG A 24 -0.05 -10.06 11.31
CA ARG A 24 1.01 -9.06 11.14
C ARG A 24 0.52 -7.90 10.30
N PHE A 25 -0.45 -8.16 9.43
CA PHE A 25 -1.01 -7.12 8.57
C PHE A 25 -1.64 -6.01 9.39
N TYR A 26 -2.01 -6.33 10.63
CA TYR A 26 -2.62 -5.35 11.52
C TYR A 26 -1.79 -5.17 12.78
N LEU A 27 -0.48 -4.97 12.60
CA LEU A 27 0.42 -4.77 13.72
C LEU A 27 0.62 -6.07 14.50
N TYR A 28 -0.42 -6.46 15.24
CA TYR A 28 -0.37 -7.69 16.02
C TYR A 28 -1.70 -7.94 16.73
N ASP A 29 -2.48 -8.88 16.20
CA ASP A 29 -3.77 -9.22 16.78
C ASP A 29 -3.69 -10.51 17.57
N SER A 30 -3.49 -10.39 18.88
CA SER A 30 -3.38 -11.54 19.76
C SER A 30 -4.77 -12.01 20.20
N GLU A 31 -5.75 -11.11 20.11
CA GLU A 31 -7.11 -11.44 20.51
C GLU A 31 -7.73 -12.44 19.54
N THR A 32 -7.07 -12.65 18.42
CA THR A 32 -7.56 -13.59 17.40
C THR A 32 -7.12 -15.01 17.71
N LYS A 33 -6.55 -15.21 18.89
CA LYS A 33 -6.09 -16.54 19.31
C LYS A 33 -7.13 -17.60 18.98
N ASN A 34 -6.66 -18.85 18.86
CA ASN A 34 -7.56 -19.96 18.55
C ASN A 34 -8.10 -19.84 17.13
N ALA A 35 -7.95 -20.90 16.34
CA ALA A 35 -8.42 -20.91 14.96
C ALA A 35 -9.88 -20.47 14.89
N ASN A 36 -10.64 -20.76 15.93
CA ASN A 36 -12.06 -20.39 15.98
C ASN A 36 -12.23 -18.89 15.75
N SER A 37 -11.27 -18.11 16.23
CA SER A 37 -11.33 -16.66 16.06
C SER A 37 -10.73 -16.24 14.72
N LEU A 38 -9.78 -17.01 14.23
CA LEU A 38 -9.14 -16.72 12.95
C LEU A 38 -10.17 -16.66 11.83
N GLU A 39 -11.17 -17.53 11.91
CA GLU A 39 -12.22 -17.57 10.90
C GLU A 39 -12.91 -16.23 10.76
N ALA A 40 -13.34 -15.67 11.89
CA ALA A 40 -14.02 -14.38 11.91
C ALA A 40 -13.08 -13.26 11.46
N LYS A 41 -11.81 -13.38 11.86
CA LYS A 41 -10.81 -12.37 11.51
C LYS A 41 -10.51 -12.41 10.02
N LEU A 42 -10.24 -13.61 9.49
CA LEU A 42 -9.94 -13.78 8.08
C LEU A 42 -11.06 -13.22 7.22
N LYS A 43 -12.30 -13.41 7.67
CA LYS A 43 -13.47 -12.92 6.94
C LYS A 43 -13.39 -11.40 6.73
N GLU A 44 -13.03 -10.68 7.78
CA GLU A 44 -12.93 -9.23 7.71
C GLU A 44 -11.87 -8.82 6.68
N MET A 45 -10.84 -9.64 6.53
CA MET A 45 -9.76 -9.36 5.58
C MET A 45 -10.27 -9.48 4.15
N GLN A 46 -11.19 -10.41 3.93
CA GLN A 46 -11.75 -10.62 2.59
C GLN A 46 -12.37 -9.34 2.06
N LYS A 47 -13.05 -8.59 2.93
CA LYS A 47 -13.68 -7.34 2.55
C LYS A 47 -12.64 -6.27 2.24
N PHE A 48 -11.48 -6.38 2.88
CA PHE A 48 -10.40 -5.42 2.67
C PHE A 48 -9.79 -5.58 1.28
N PHE A 49 -9.68 -6.82 0.83
CA PHE A 49 -9.12 -7.11 -0.49
C PHE A 49 -10.16 -6.92 -1.58
N GLY A 50 -11.41 -7.25 -1.27
CA GLY A 50 -12.48 -7.11 -2.24
C GLY A 50 -12.93 -8.45 -2.79
N LEU A 51 -12.18 -9.50 -2.50
CA LEU A 51 -12.52 -10.84 -2.97
C LEU A 51 -13.82 -11.33 -2.34
N PRO A 52 -14.65 -11.98 -3.16
CA PRO A 52 -15.94 -12.52 -2.72
C PRO A 52 -15.78 -13.71 -1.77
N ILE A 53 -15.00 -14.69 -2.19
CA ILE A 53 -14.76 -15.87 -1.38
C ILE A 53 -14.28 -15.50 0.02
N THR A 54 -15.15 -15.68 1.01
CA THR A 54 -14.81 -15.36 2.39
C THR A 54 -14.89 -16.59 3.28
N GLY A 55 -14.17 -16.57 4.40
CA GLY A 55 -14.19 -17.69 5.32
C GLY A 55 -13.28 -18.82 4.86
N MET A 56 -12.74 -18.70 3.65
CA MET A 56 -11.85 -19.71 3.11
C MET A 56 -10.63 -19.07 2.46
N LEU A 57 -9.58 -19.86 2.28
CA LEU A 57 -8.35 -19.37 1.67
C LEU A 57 -7.55 -20.53 1.05
N ASN A 58 -7.16 -20.36 -0.21
CA ASN A 58 -6.39 -21.38 -0.91
C ASN A 58 -6.16 -20.97 -2.36
N SER A 59 -7.10 -20.23 -2.93
CA SER A 59 -7.00 -19.78 -4.31
C SER A 59 -6.35 -18.40 -4.39
N ARG A 60 -7.18 -17.37 -4.30
CA ARG A 60 -6.69 -15.99 -4.37
C ARG A 60 -6.23 -15.52 -2.99
N VAL A 61 -6.92 -15.96 -1.95
CA VAL A 61 -6.58 -15.58 -0.58
C VAL A 61 -5.18 -16.03 -0.22
N ILE A 62 -4.84 -17.26 -0.60
CA ILE A 62 -3.52 -17.81 -0.32
C ILE A 62 -2.46 -17.20 -1.24
N GLU A 63 -2.87 -16.86 -2.46
CA GLU A 63 -1.96 -16.27 -3.43
C GLU A 63 -1.51 -14.88 -2.98
N ILE A 64 -2.46 -14.08 -2.50
CA ILE A 64 -2.15 -12.73 -2.05
C ILE A 64 -1.28 -12.76 -0.80
N MET A 65 -1.43 -13.81 0.01
CA MET A 65 -0.65 -13.96 1.23
C MET A 65 0.84 -13.97 0.92
N GLN A 66 1.22 -14.64 -0.15
CA GLN A 66 2.62 -14.73 -0.56
C GLN A 66 2.98 -13.61 -1.52
N LYS A 67 1.96 -13.09 -2.22
CA LYS A 67 2.17 -12.02 -3.18
C LYS A 67 2.32 -10.68 -2.47
N PRO A 68 3.51 -10.07 -2.57
CA PRO A 68 3.80 -8.77 -1.95
C PRO A 68 3.06 -7.63 -2.62
N ARG A 69 2.56 -6.70 -1.83
CA ARG A 69 1.83 -5.55 -2.35
C ARG A 69 2.19 -4.28 -1.58
N CYS A 70 1.89 -4.28 -0.28
CA CYS A 70 2.18 -3.13 0.57
C CYS A 70 2.57 -3.57 1.97
N GLY A 71 3.39 -2.77 2.64
CA GLY A 71 3.82 -3.10 3.98
C GLY A 71 3.21 -2.18 5.03
N VAL A 72 2.06 -1.60 4.70
CA VAL A 72 1.37 -0.71 5.63
C VAL A 72 0.18 -1.40 6.28
N PRO A 73 0.02 -1.18 7.60
CA PRO A 73 -1.07 -1.78 8.37
C PRO A 73 -2.43 -1.19 8.01
N ASP A 74 -3.45 -2.04 7.97
CA ASP A 74 -4.79 -1.60 7.64
C ASP A 74 -5.60 -1.28 8.90
N VAL A 75 -4.89 -0.99 9.98
CA VAL A 75 -5.53 -0.68 11.25
C VAL A 75 -5.05 0.66 11.79
N ALA A 76 -5.99 1.53 12.15
CA ALA A 76 -5.66 2.85 12.69
C ALA A 76 -6.44 3.13 13.95
N GLU A 77 -6.08 4.22 14.64
CA GLU A 77 -6.75 4.60 15.87
C GLU A 77 -6.14 5.88 16.44
N TYR A 78 -6.85 6.50 17.38
CA TYR A 78 -6.39 7.73 18.02
C TYR A 78 -4.95 7.58 18.51
N SER A 79 -4.00 8.03 17.71
CA SER A 79 -2.59 7.95 18.06
C SER A 79 -1.76 8.88 17.18
N LEU A 80 -0.45 8.89 17.42
CA LEU A 80 0.47 9.73 16.66
C LEU A 80 0.34 11.20 17.08
N PHE A 81 -0.89 11.70 17.04
CA PHE A 81 -1.15 13.09 17.42
C PHE A 81 -2.31 13.67 16.62
N PRO A 82 -2.15 13.68 15.28
CA PRO A 82 -3.17 14.20 14.37
C PRO A 82 -4.41 13.30 14.31
N ASN A 83 -5.34 13.65 13.43
CA ASN A 83 -6.57 12.88 13.28
C ASN A 83 -7.43 13.44 12.14
N SER A 84 -7.30 12.82 10.96
CA SER A 84 -8.06 13.26 9.79
C SER A 84 -7.99 12.21 8.68
N PRO A 85 -9.00 12.24 7.80
CA PRO A 85 -9.08 11.30 6.68
C PRO A 85 -8.01 11.57 5.62
N LYS A 86 -7.91 12.83 5.21
CA LYS A 86 -6.93 13.22 4.21
C LYS A 86 -6.16 14.46 4.64
N TRP A 87 -5.35 15.01 3.75
CA TRP A 87 -4.57 16.20 4.05
C TRP A 87 -5.47 17.40 4.31
N THR A 88 -5.09 18.21 5.29
CA THR A 88 -5.88 19.39 5.64
C THR A 88 -5.09 20.67 5.37
N SER A 89 -3.84 20.51 4.92
CA SER A 89 -2.98 21.65 4.63
C SER A 89 -3.44 22.36 3.35
N LYS A 90 -2.71 23.41 2.98
CA LYS A 90 -3.04 24.17 1.77
C LYS A 90 -2.15 23.76 0.61
N VAL A 91 -1.05 23.06 0.92
CA VAL A 91 -0.12 22.60 -0.11
C VAL A 91 0.66 21.38 0.37
N VAL A 92 0.93 20.46 -0.55
CA VAL A 92 1.68 19.26 -0.23
C VAL A 92 2.96 19.17 -1.04
N THR A 93 4.07 18.93 -0.34
CA THR A 93 5.37 18.82 -1.00
C THR A 93 5.99 17.44 -0.78
N TYR A 94 7.02 17.13 -1.55
CA TYR A 94 7.70 15.84 -1.44
C TYR A 94 9.16 15.96 -1.86
N ARG A 95 10.02 15.18 -1.22
CA ARG A 95 11.44 15.20 -1.52
C ARG A 95 12.07 13.82 -1.27
N ILE A 96 12.84 13.35 -2.24
CA ILE A 96 13.49 12.05 -2.14
C ILE A 96 14.69 12.12 -1.19
N VAL A 97 14.77 11.15 -0.29
CA VAL A 97 15.87 11.09 0.68
C VAL A 97 17.08 10.39 0.08
N SER A 98 16.84 9.32 -0.66
CA SER A 98 17.91 8.56 -1.29
C SER A 98 17.39 7.74 -2.47
N TYR A 99 18.31 7.17 -3.24
CA TYR A 99 17.94 6.36 -4.40
C TYR A 99 18.55 4.97 -4.30
N THR A 100 17.91 4.01 -4.98
CA THR A 100 18.39 2.64 -4.96
C THR A 100 19.29 2.36 -6.17
N ARG A 101 20.35 1.59 -5.95
CA ARG A 101 21.28 1.25 -7.02
C ARG A 101 20.55 0.67 -8.22
N ASP A 102 19.32 0.21 -7.99
CA ASP A 102 18.51 -0.36 -9.06
C ASP A 102 18.17 0.70 -10.11
N LEU A 103 17.93 1.92 -9.66
CA LEU A 103 17.60 3.01 -10.56
C LEU A 103 18.28 4.31 -10.12
N PRO A 104 18.52 5.21 -11.10
CA PRO A 104 19.16 6.50 -10.83
C PRO A 104 18.27 7.44 -10.04
N HIS A 105 18.89 8.32 -9.26
CA HIS A 105 18.15 9.29 -8.46
C HIS A 105 17.15 10.05 -9.31
N ILE A 106 17.45 10.20 -10.60
CA ILE A 106 16.58 10.91 -11.51
C ILE A 106 15.36 10.07 -11.88
N THR A 107 15.58 8.77 -12.06
CA THR A 107 14.49 7.85 -12.41
C THR A 107 13.53 7.67 -11.24
N VAL A 108 14.08 7.60 -10.03
CA VAL A 108 13.28 7.42 -8.83
C VAL A 108 12.52 8.70 -8.48
N ASP A 109 13.23 9.83 -8.53
CA ASP A 109 12.63 11.12 -8.21
C ASP A 109 11.49 11.44 -9.19
N ARG A 110 11.74 11.19 -10.46
CA ARG A 110 10.72 11.45 -11.49
C ARG A 110 9.58 10.46 -11.38
N LEU A 111 9.88 9.23 -10.98
CA LEU A 111 8.86 8.20 -10.84
C LEU A 111 7.83 8.59 -9.79
N VAL A 112 8.29 9.05 -8.63
CA VAL A 112 7.40 9.46 -7.56
C VAL A 112 6.44 10.53 -8.03
N SER A 113 6.94 11.47 -8.82
CA SER A 113 6.11 12.56 -9.35
C SER A 113 5.12 12.03 -10.39
N LYS A 114 5.54 11.02 -11.13
CA LYS A 114 4.69 10.43 -12.17
C LYS A 114 3.43 9.84 -11.55
N ALA A 115 3.55 9.32 -10.33
CA ALA A 115 2.42 8.74 -9.64
C ALA A 115 1.78 9.74 -8.67
N LEU A 116 2.61 10.51 -7.99
CA LEU A 116 2.13 11.51 -7.04
C LEU A 116 1.35 12.60 -7.76
N ASN A 117 1.77 12.92 -8.98
CA ASN A 117 1.11 13.96 -9.76
C ASN A 117 -0.29 13.53 -10.17
N MET A 118 -0.44 12.23 -10.45
CA MET A 118 -1.74 11.69 -10.85
C MET A 118 -2.72 11.72 -9.68
N TRP A 119 -2.22 11.55 -8.47
CA TRP A 119 -3.06 11.57 -7.28
C TRP A 119 -3.60 12.97 -7.02
N GLY A 120 -2.74 13.97 -7.13
CA GLY A 120 -3.15 15.34 -6.90
C GLY A 120 -4.00 15.88 -8.03
N LYS A 121 -3.62 15.55 -9.26
CA LYS A 121 -4.34 16.02 -10.44
C LYS A 121 -5.78 15.51 -10.41
N GLU A 122 -6.05 14.50 -9.59
CA GLU A 122 -7.38 13.93 -9.47
C GLU A 122 -8.11 14.50 -8.26
N ILE A 123 -7.57 15.58 -7.71
CA ILE A 123 -8.18 16.22 -6.54
C ILE A 123 -7.93 17.73 -6.57
N PRO A 124 -8.88 18.48 -5.98
CA PRO A 124 -8.78 19.95 -5.91
C PRO A 124 -7.68 20.42 -4.97
N LEU A 125 -6.89 19.47 -4.47
CA LEU A 125 -5.80 19.79 -3.55
C LEU A 125 -4.79 20.73 -4.22
N HIS A 126 -3.58 20.77 -3.68
CA HIS A 126 -2.53 21.62 -4.20
C HIS A 126 -1.15 21.06 -3.86
N PHE A 127 -0.36 20.78 -4.89
CA PHE A 127 0.98 20.24 -4.70
C PHE A 127 2.04 21.28 -5.06
N ARG A 128 3.18 21.21 -4.38
CA ARG A 128 4.27 22.15 -4.62
C ARG A 128 5.59 21.40 -4.79
N LYS A 129 6.42 21.89 -5.71
CA LYS A 129 7.71 21.27 -5.98
C LYS A 129 8.75 21.72 -4.95
N VAL A 130 9.68 20.82 -4.64
CA VAL A 130 10.74 21.12 -3.68
C VAL A 130 12.05 21.42 -4.38
N VAL A 131 12.64 22.57 -4.05
CA VAL A 131 13.91 22.98 -4.65
C VAL A 131 14.79 23.69 -3.63
N TRP A 132 14.22 24.01 -2.47
CA TRP A 132 14.95 24.68 -1.41
C TRP A 132 14.33 24.40 -0.05
N GLY A 133 15.03 23.61 0.76
CA GLY A 133 14.53 23.27 2.08
C GLY A 133 14.07 21.83 2.17
N THR A 134 13.24 21.55 3.16
CA THR A 134 12.71 20.20 3.37
C THR A 134 11.29 20.08 2.85
N ALA A 135 10.89 18.85 2.52
CA ALA A 135 9.54 18.61 2.02
C ALA A 135 8.71 17.81 3.03
N ASP A 136 7.40 17.79 2.82
CA ASP A 136 6.51 17.07 3.71
C ASP A 136 6.72 15.56 3.61
N ILE A 137 6.47 15.02 2.42
CA ILE A 137 6.65 13.59 2.18
C ILE A 137 8.07 13.28 1.74
N MET A 138 8.73 12.40 2.49
CA MET A 138 10.10 12.01 2.17
C MET A 138 10.13 10.66 1.46
N ILE A 139 10.77 10.62 0.30
CA ILE A 139 10.86 9.39 -0.47
C ILE A 139 12.27 8.80 -0.40
N GLY A 140 12.47 7.87 0.54
CA GLY A 140 13.77 7.24 0.70
C GLY A 140 13.68 5.73 0.72
N PHE A 141 14.84 5.07 0.61
CA PHE A 141 14.88 3.61 0.63
C PHE A 141 15.41 3.10 1.96
N ALA A 142 14.89 1.95 2.39
CA ALA A 142 15.31 1.35 3.65
C ALA A 142 14.40 0.20 4.04
N ARG A 143 14.84 -0.60 5.01
CA ARG A 143 14.06 -1.75 5.47
C ARG A 143 13.48 -1.47 6.86
N GLY A 144 12.65 -2.40 7.34
CA GLY A 144 12.05 -2.26 8.64
C GLY A 144 13.08 -2.07 9.74
N ALA A 145 14.33 -2.39 9.44
CA ALA A 145 15.41 -2.25 10.41
C ALA A 145 16.12 -0.91 10.25
N HIS A 146 15.50 -0.01 9.49
CA HIS A 146 16.07 1.31 9.26
C HIS A 146 15.82 2.23 10.45
N GLY A 147 15.07 1.73 11.43
CA GLY A 147 14.76 2.52 12.60
C GLY A 147 13.30 2.93 12.67
N ASP A 148 12.41 1.96 12.46
CA ASP A 148 10.98 2.23 12.49
C ASP A 148 10.19 0.93 12.67
N SER A 149 8.88 1.06 12.81
CA SER A 149 8.01 -0.11 13.00
C SER A 149 8.05 -1.00 11.76
N TYR A 150 7.37 -2.15 11.85
CA TYR A 150 7.33 -3.09 10.74
C TYR A 150 8.71 -3.66 10.45
N PRO A 151 8.85 -4.99 10.59
CA PRO A 151 10.11 -5.68 10.35
C PRO A 151 10.49 -5.70 8.87
N PHE A 152 11.79 -5.73 8.60
CA PHE A 152 12.28 -5.76 7.22
C PHE A 152 11.64 -6.89 6.44
N ASP A 153 11.46 -8.04 7.09
CA ASP A 153 10.87 -9.20 6.45
C ASP A 153 11.53 -9.48 5.11
N GLY A 154 12.72 -8.92 4.91
CA GLY A 154 13.44 -9.12 3.66
C GLY A 154 12.51 -9.17 2.46
N PRO A 155 12.90 -9.92 1.42
CA PRO A 155 12.12 -10.07 0.20
C PRO A 155 10.85 -10.88 0.42
N GLY A 156 9.78 -10.51 -0.28
CA GLY A 156 8.52 -11.21 -0.15
C GLY A 156 7.50 -10.42 0.64
N ASN A 157 6.76 -11.10 1.51
CA ASN A 157 5.75 -10.46 2.32
C ASN A 157 6.16 -9.04 2.70
N THR A 158 5.22 -8.10 2.59
CA THR A 158 5.48 -6.70 2.91
C THR A 158 6.29 -6.03 1.81
N LEU A 159 5.65 -5.12 1.09
CA LEU A 159 6.30 -4.40 0.00
C LEU A 159 6.93 -3.11 0.51
N ALA A 160 6.13 -2.28 1.16
CA ALA A 160 6.62 -1.01 1.70
C ALA A 160 5.64 -0.44 2.72
N HIS A 161 6.17 0.28 3.70
CA HIS A 161 5.35 0.88 4.75
C HIS A 161 5.27 2.40 4.56
N ALA A 162 4.05 2.91 4.50
CA ALA A 162 3.82 4.33 4.32
C ALA A 162 3.23 4.95 5.59
N PHE A 163 3.46 6.26 5.77
CA PHE A 163 2.96 6.97 6.94
C PHE A 163 1.79 7.87 6.56
N ALA A 164 0.90 8.12 7.52
CA ALA A 164 -0.25 8.97 7.29
C ALA A 164 0.13 10.44 7.34
N PRO A 165 -0.78 11.30 6.84
CA PRO A 165 -0.55 12.75 6.81
C PRO A 165 -0.59 13.37 8.20
N GLY A 166 0.50 13.22 8.95
CA GLY A 166 0.57 13.77 10.29
C GLY A 166 1.83 14.58 10.52
N THR A 167 1.67 15.85 10.85
CA THR A 167 2.80 16.73 11.09
C THR A 167 3.81 16.66 9.95
N GLY A 168 4.98 17.25 10.17
CA GLY A 168 6.01 17.24 9.15
C GLY A 168 6.72 15.90 9.05
N LEU A 169 7.23 15.41 10.17
CA LEU A 169 7.94 14.14 10.20
C LEU A 169 7.06 13.03 9.65
N GLY A 170 5.77 13.07 9.98
CA GLY A 170 4.85 12.05 9.49
C GLY A 170 4.40 12.32 8.07
N GLY A 171 3.83 11.30 7.43
CA GLY A 171 3.36 11.45 6.07
C GLY A 171 4.47 11.23 5.05
N ASP A 172 5.50 10.51 5.45
CA ASP A 172 6.62 10.23 4.56
C ASP A 172 6.41 8.92 3.81
N ALA A 173 7.18 8.72 2.74
CA ALA A 173 7.06 7.52 1.92
C ALA A 173 8.32 6.66 2.05
N HIS A 174 8.13 5.37 2.30
CA HIS A 174 9.24 4.44 2.45
C HIS A 174 9.08 3.26 1.49
N PHE A 175 10.20 2.60 1.20
CA PHE A 175 10.19 1.45 0.30
C PHE A 175 11.16 0.37 0.77
N ASP A 176 10.73 -0.87 0.71
CA ASP A 176 11.55 -2.00 1.13
C ASP A 176 12.74 -2.20 0.18
N GLU A 177 13.89 -1.69 0.57
CA GLU A 177 15.10 -1.81 -0.24
C GLU A 177 15.41 -3.28 -0.53
N ASP A 178 14.80 -4.17 0.25
CA ASP A 178 15.02 -5.61 0.07
C ASP A 178 14.22 -6.14 -1.12
N GLU A 179 13.24 -5.35 -1.57
CA GLU A 179 12.42 -5.74 -2.70
C GLU A 179 13.10 -5.41 -4.02
N ARG A 180 12.38 -5.64 -5.12
CA ARG A 180 12.93 -5.37 -6.45
C ARG A 180 12.22 -4.18 -7.09
N TRP A 181 12.98 -3.12 -7.34
CA TRP A 181 12.42 -1.91 -7.96
C TRP A 181 13.05 -1.66 -9.32
N THR A 182 12.23 -1.21 -10.27
CA THR A 182 12.70 -0.92 -11.62
C THR A 182 11.59 -0.35 -12.49
N ASP A 183 11.96 0.24 -13.61
CA ASP A 183 10.99 0.81 -14.54
C ASP A 183 11.16 0.21 -15.94
N GLY A 184 12.26 0.55 -16.58
CA GLY A 184 12.52 0.06 -17.93
C GLY A 184 12.84 -1.42 -17.93
N SER A 185 13.06 -1.99 -16.76
CA SER A 185 13.39 -3.41 -16.63
C SER A 185 12.14 -4.22 -16.31
N SER A 186 11.15 -3.56 -15.71
CA SER A 186 9.91 -4.24 -15.34
C SER A 186 10.16 -5.69 -14.98
N LEU A 187 10.79 -5.92 -13.83
CA LEU A 187 11.09 -7.27 -13.38
C LEU A 187 10.36 -7.57 -12.07
N GLY A 188 10.18 -6.54 -11.24
CA GLY A 188 9.50 -6.72 -9.97
C GLY A 188 8.44 -5.67 -9.73
N ILE A 189 8.51 -5.01 -8.58
CA ILE A 189 7.54 -3.98 -8.23
C ILE A 189 7.88 -2.67 -8.93
N ASN A 190 7.17 -2.39 -10.02
CA ASN A 190 7.38 -1.16 -10.78
C ASN A 190 7.22 0.07 -9.89
N PHE A 191 8.25 0.91 -9.86
CA PHE A 191 8.22 2.12 -9.06
C PHE A 191 6.98 2.95 -9.36
N LEU A 192 6.53 2.92 -10.60
CA LEU A 192 5.34 3.67 -11.02
C LEU A 192 4.09 3.10 -10.36
N TYR A 193 3.94 1.78 -10.40
CA TYR A 193 2.78 1.12 -9.81
C TYR A 193 2.84 1.19 -8.29
N ALA A 194 4.03 1.02 -7.74
CA ALA A 194 4.23 1.07 -6.29
C ALA A 194 4.05 2.49 -5.76
N ALA A 195 4.49 3.47 -6.55
CA ALA A 195 4.39 4.87 -6.16
C ALA A 195 2.95 5.25 -5.87
N THR A 196 2.04 4.82 -6.74
CA THR A 196 0.62 5.12 -6.57
C THR A 196 0.09 4.60 -5.23
N HIS A 197 0.53 3.40 -4.86
CA HIS A 197 0.10 2.78 -3.61
C HIS A 197 0.78 3.47 -2.43
N ALA A 198 2.06 3.78 -2.57
CA ALA A 198 2.82 4.43 -1.51
C ALA A 198 2.40 5.89 -1.36
N LEU A 199 2.32 6.60 -2.48
CA LEU A 199 1.94 8.01 -2.47
C LEU A 199 0.50 8.17 -2.00
N GLY A 200 -0.38 7.29 -2.47
CA GLY A 200 -1.78 7.35 -2.10
C GLY A 200 -1.98 7.19 -0.60
N HIS A 201 -1.07 6.48 0.04
CA HIS A 201 -1.15 6.25 1.48
C HIS A 201 -0.89 7.54 2.25
N SER A 202 -0.01 8.38 1.70
CA SER A 202 0.34 9.63 2.34
C SER A 202 -0.83 10.61 2.29
N LEU A 203 -1.76 10.38 1.37
CA LEU A 203 -2.93 11.23 1.22
C LEU A 203 -4.07 10.75 2.13
N GLY A 204 -3.82 9.66 2.85
CA GLY A 204 -4.83 9.13 3.74
C GLY A 204 -5.81 8.21 3.03
N MET A 205 -5.51 7.90 1.78
CA MET A 205 -6.36 7.01 0.99
C MET A 205 -6.29 5.58 1.49
N GLY A 206 -7.31 4.79 1.16
CA GLY A 206 -7.34 3.40 1.58
C GLY A 206 -7.53 2.44 0.43
N HIS A 207 -7.15 1.18 0.63
CA HIS A 207 -7.28 0.17 -0.40
C HIS A 207 -8.69 0.16 -0.98
N SER A 208 -8.83 -0.42 -2.16
CA SER A 208 -10.13 -0.49 -2.83
C SER A 208 -10.51 -1.95 -3.13
N SER A 209 -11.81 -2.22 -3.16
CA SER A 209 -12.30 -3.56 -3.43
C SER A 209 -12.47 -3.78 -4.94
N ASP A 210 -12.24 -2.73 -5.71
CA ASP A 210 -12.37 -2.80 -7.16
C ASP A 210 -11.23 -3.62 -7.76
N PRO A 211 -11.55 -4.47 -8.74
CA PRO A 211 -10.57 -5.32 -9.42
C PRO A 211 -9.63 -4.51 -10.31
N ASN A 212 -9.92 -3.23 -10.46
CA ASN A 212 -9.10 -2.35 -11.29
C ASN A 212 -8.70 -1.09 -10.51
N ALA A 213 -8.57 -1.23 -9.20
CA ALA A 213 -8.20 -0.09 -8.36
C ALA A 213 -6.68 0.05 -8.27
N VAL A 214 -6.21 1.29 -8.17
CA VAL A 214 -4.78 1.56 -8.09
C VAL A 214 -4.22 1.07 -6.76
N MET A 215 -5.06 1.03 -5.74
CA MET A 215 -4.64 0.58 -4.42
C MET A 215 -5.00 -0.89 -4.20
N TYR A 216 -5.44 -1.55 -5.28
CA TYR A 216 -5.82 -2.95 -5.20
C TYR A 216 -4.67 -3.80 -4.68
N PRO A 217 -4.87 -4.39 -3.49
CA PRO A 217 -3.85 -5.24 -2.85
C PRO A 217 -3.67 -6.56 -3.58
N THR A 218 -4.64 -6.92 -4.41
CA THR A 218 -4.57 -8.17 -5.17
C THR A 218 -3.77 -7.99 -6.44
N TYR A 219 -2.50 -7.62 -6.30
CA TYR A 219 -1.63 -7.41 -7.44
C TYR A 219 -1.73 -8.58 -8.42
N GLY A 220 -2.08 -8.26 -9.67
CA GLY A 220 -2.21 -9.30 -10.68
C GLY A 220 -1.49 -8.93 -11.97
N ASN A 221 -1.83 -9.63 -13.05
CA ASN A 221 -1.21 -9.39 -14.35
C ASN A 221 -2.09 -8.51 -15.21
N GLY A 222 -1.76 -8.41 -16.49
CA GLY A 222 -2.54 -7.59 -17.41
C GLY A 222 -2.58 -6.14 -16.99
N ASP A 223 -1.49 -5.42 -17.25
CA ASP A 223 -1.41 -4.01 -16.89
C ASP A 223 -1.17 -3.15 -18.14
N PRO A 224 -1.60 -1.89 -18.07
CA PRO A 224 -1.44 -0.94 -19.19
C PRO A 224 0.02 -0.54 -19.40
N GLN A 225 0.28 0.12 -20.52
CA GLN A 225 1.64 0.56 -20.84
C GLN A 225 1.98 1.87 -20.13
N ASN A 226 0.95 2.64 -19.81
CA ASN A 226 1.13 3.92 -19.12
C ASN A 226 0.63 3.84 -17.68
N PHE A 227 -0.52 3.19 -17.50
CA PHE A 227 -1.12 3.05 -16.17
C PHE A 227 -1.45 4.41 -15.57
N LYS A 228 -2.67 4.53 -15.05
CA LYS A 228 -3.11 5.79 -14.45
C LYS A 228 -4.01 5.52 -13.25
N LEU A 229 -4.54 6.59 -12.65
CA LEU A 229 -5.41 6.47 -11.50
C LEU A 229 -6.65 5.65 -11.84
N SER A 230 -7.18 4.94 -10.84
CA SER A 230 -8.36 4.12 -11.03
C SER A 230 -9.64 4.93 -10.84
N GLN A 231 -10.74 4.43 -11.37
CA GLN A 231 -12.02 5.11 -11.26
C GLN A 231 -12.45 5.23 -9.80
N ASP A 232 -12.72 4.08 -9.18
CA ASP A 232 -13.15 4.06 -7.79
C ASP A 232 -12.14 4.77 -6.90
N ASP A 233 -10.89 4.82 -7.33
CA ASP A 233 -9.83 5.47 -6.58
C ASP A 233 -10.02 6.98 -6.58
N ILE A 234 -10.25 7.55 -7.77
CA ILE A 234 -10.46 8.99 -7.89
C ILE A 234 -11.78 9.42 -7.26
N LYS A 235 -12.82 8.63 -7.51
CA LYS A 235 -14.15 8.93 -6.96
C LYS A 235 -14.14 8.84 -5.45
N GLY A 236 -13.31 7.96 -4.91
CA GLY A 236 -13.21 7.79 -3.46
C GLY A 236 -12.72 9.05 -2.77
N ILE A 237 -11.63 9.61 -3.27
CA ILE A 237 -11.06 10.82 -2.70
C ILE A 237 -11.91 12.03 -3.01
N GLN A 238 -12.54 12.02 -4.18
CA GLN A 238 -13.39 13.13 -4.60
C GLN A 238 -14.67 13.18 -3.77
N LYS A 239 -15.05 12.05 -3.20
CA LYS A 239 -16.26 11.97 -2.38
C LYS A 239 -16.02 12.61 -1.02
N LEU A 240 -14.77 12.60 -0.57
CA LEU A 240 -14.41 13.18 0.72
C LEU A 240 -13.86 14.60 0.54
N TYR A 241 -13.29 14.86 -0.62
CA TYR A 241 -12.73 16.17 -0.92
C TYR A 241 -13.76 17.07 -1.59
N GLY A 242 -14.60 16.47 -2.43
CA GLY A 242 -15.63 17.23 -3.12
C GLY A 242 -16.93 16.47 -3.25
N LYS A 243 -17.35 16.22 -4.49
CA LYS A 243 -18.59 15.49 -4.74
C LYS A 243 -18.34 13.99 -4.79
N ARG A 244 -19.34 13.22 -4.40
CA ARG A 244 -19.23 11.76 -4.41
C ARG A 244 -19.70 11.18 -5.73
N SER A 245 -19.77 9.85 -5.80
CA SER A 245 -20.21 9.17 -7.01
C SER A 245 -20.96 7.88 -6.67
N ASN A 246 -20.41 7.12 -5.74
CA ASN A 246 -21.03 5.86 -5.33
C ASN A 246 -20.43 5.37 -4.01
N SER A 247 -20.86 4.19 -3.58
CA SER A 247 -20.38 3.60 -2.34
C SER A 247 -19.43 2.45 -2.61
N ARG A 248 -18.17 2.59 -2.19
CA ARG A 248 -17.18 1.56 -2.39
C ARG A 248 -15.88 1.91 -1.67
N LYS A 249 -14.89 1.03 -1.79
CA LYS A 249 -13.59 1.25 -1.14
C LYS A 249 -13.75 1.35 0.37
N LYS A 250 -13.81 0.20 1.03
CA LYS A 250 -13.97 0.16 2.48
C LYS A 250 -12.78 0.82 3.17
CA CA B . 6.36 13.84 6.35
CA CA C . 9.57 -7.55 1.34
ZN ZN D . 10.25 3.04 8.01
ZN ZN E . -1.72 -0.28 0.99
N LEU A 1 1.11 -13.45 -12.15
CA LEU A 1 0.67 -14.61 -12.93
C LEU A 1 -0.04 -15.63 -12.04
N PRO A 2 -0.83 -16.51 -12.67
CA PRO A 2 -1.56 -17.56 -11.96
C PRO A 2 -0.64 -18.63 -11.39
N LEU A 3 -1.23 -19.57 -10.66
CA LEU A 3 -0.47 -20.66 -10.06
C LEU A 3 -1.37 -21.84 -9.71
N PRO A 4 -0.77 -23.02 -9.54
CA PRO A 4 -1.50 -24.25 -9.19
C PRO A 4 -2.05 -24.21 -7.76
N GLN A 5 -2.57 -25.33 -7.30
CA GLN A 5 -3.12 -25.43 -5.95
C GLN A 5 -2.36 -26.45 -5.12
N GLU A 6 -1.20 -26.06 -4.61
CA GLU A 6 -0.38 -26.94 -3.79
C GLU A 6 -0.66 -26.72 -2.31
N ALA A 7 -1.16 -25.54 -1.97
CA ALA A 7 -1.48 -25.21 -0.58
C ALA A 7 -2.44 -26.23 0.02
N GLY A 8 -3.34 -26.74 -0.81
CA GLY A 8 -4.31 -27.71 -0.34
C GLY A 8 -3.65 -28.93 0.29
N GLY A 9 -2.49 -29.31 -0.22
CA GLY A 9 -1.78 -30.45 0.31
C GLY A 9 -0.53 -30.06 1.07
N MET A 10 -0.48 -28.80 1.51
CA MET A 10 0.68 -28.31 2.26
C MET A 10 0.63 -28.77 3.70
N SER A 11 1.77 -28.67 4.39
CA SER A 11 1.86 -29.08 5.78
C SER A 11 1.36 -27.98 6.71
N GLU A 12 1.18 -28.32 7.98
CA GLU A 12 0.70 -27.36 8.97
C GLU A 12 1.65 -26.17 9.07
N LEU A 13 2.93 -26.41 8.84
CA LEU A 13 3.93 -25.35 8.90
C LEU A 13 3.70 -24.31 7.82
N GLN A 14 3.38 -24.78 6.62
CA GLN A 14 3.13 -23.89 5.49
C GLN A 14 1.83 -23.11 5.70
N TRP A 15 0.83 -23.77 6.26
CA TRP A 15 -0.46 -23.14 6.51
C TRP A 15 -0.36 -22.16 7.68
N GLU A 16 0.48 -22.48 8.65
CA GLU A 16 0.66 -21.64 9.82
C GLU A 16 1.14 -20.25 9.43
N GLN A 17 1.96 -20.19 8.39
CA GLN A 17 2.49 -18.91 7.90
C GLN A 17 1.36 -18.02 7.40
N ALA A 18 0.36 -18.62 6.77
CA ALA A 18 -0.78 -17.88 6.25
C ALA A 18 -1.46 -17.08 7.35
N GLN A 19 -1.62 -17.69 8.51
CA GLN A 19 -2.27 -17.03 9.64
C GLN A 19 -1.35 -15.98 10.25
N ASP A 20 -0.07 -16.32 10.39
CA ASP A 20 0.90 -15.40 10.97
C ASP A 20 1.04 -14.16 10.11
N TYR A 21 0.87 -14.32 8.79
CA TYR A 21 0.97 -13.20 7.87
C TYR A 21 -0.22 -12.24 8.03
N LEU A 22 -1.39 -12.81 8.29
CA LEU A 22 -2.59 -12.00 8.46
C LEU A 22 -2.55 -11.24 9.79
N LYS A 23 -1.79 -11.76 10.74
CA LYS A 23 -1.66 -11.14 12.05
C LYS A 23 -0.82 -9.86 11.96
N ARG A 24 0.26 -9.93 11.20
CA ARG A 24 1.14 -8.77 11.03
C ARG A 24 0.45 -7.66 10.25
N PHE A 25 -0.49 -8.06 9.39
CA PHE A 25 -1.22 -7.09 8.58
C PHE A 25 -2.03 -6.14 9.46
N TYR A 26 -2.36 -6.60 10.66
CA TYR A 26 -3.13 -5.79 11.60
C TYR A 26 -2.36 -5.58 12.89
N LEU A 27 -1.04 -5.39 12.77
CA LEU A 27 -0.19 -5.17 13.94
C LEU A 27 -0.05 -6.45 14.75
N TYR A 28 -1.12 -6.85 15.42
CA TYR A 28 -1.11 -8.05 16.24
C TYR A 28 -2.48 -8.32 16.86
N ASP A 29 -3.19 -9.30 16.32
CA ASP A 29 -4.51 -9.64 16.82
C ASP A 29 -4.42 -10.66 17.95
N SER A 30 -4.32 -10.17 19.17
CA SER A 30 -4.22 -11.05 20.34
C SER A 30 -5.61 -11.48 20.81
N GLU A 31 -6.58 -10.58 20.71
CA GLU A 31 -7.94 -10.87 21.12
C GLU A 31 -8.60 -11.87 20.19
N THR A 32 -7.98 -12.08 19.03
CA THR A 32 -8.50 -13.00 18.03
C THR A 32 -7.93 -14.41 18.23
N LYS A 33 -7.23 -14.60 19.35
CA LYS A 33 -6.63 -15.89 19.66
C LYS A 33 -7.70 -16.97 19.79
N ASN A 34 -7.75 -17.87 18.82
CA ASN A 34 -8.73 -18.95 18.82
C ASN A 34 -8.57 -19.85 17.59
N ALA A 35 -8.96 -21.10 17.73
CA ALA A 35 -8.86 -22.05 16.62
C ALA A 35 -9.94 -21.80 15.58
N ASN A 36 -11.15 -21.48 16.04
CA ASN A 36 -12.26 -21.22 15.15
C ASN A 36 -12.23 -19.78 14.65
N SER A 37 -11.61 -18.91 15.43
CA SER A 37 -11.52 -17.50 15.07
C SER A 37 -10.82 -17.32 13.74
N LEU A 38 -10.03 -18.32 13.35
CA LEU A 38 -9.30 -18.29 12.09
C LEU A 38 -10.25 -18.11 10.92
N GLU A 39 -11.36 -18.83 10.94
CA GLU A 39 -12.35 -18.75 9.88
C GLU A 39 -12.97 -17.36 9.81
N ALA A 40 -13.47 -16.88 10.94
CA ALA A 40 -14.08 -15.56 11.01
C ALA A 40 -13.09 -14.47 10.60
N LYS A 41 -11.89 -14.51 11.19
CA LYS A 41 -10.85 -13.55 10.88
C LYS A 41 -10.49 -13.58 9.40
N LEU A 42 -10.45 -14.78 8.84
CA LEU A 42 -10.11 -14.95 7.43
C LEU A 42 -11.21 -14.36 6.53
N LYS A 43 -12.46 -14.49 6.97
CA LYS A 43 -13.59 -13.98 6.22
C LYS A 43 -13.52 -12.46 6.10
N GLU A 44 -13.21 -11.80 7.21
CA GLU A 44 -13.11 -10.34 7.22
C GLU A 44 -11.89 -9.88 6.43
N MET A 45 -10.83 -10.67 6.47
CA MET A 45 -9.59 -10.34 5.77
C MET A 45 -9.81 -10.36 4.26
N GLN A 46 -10.45 -11.42 3.77
CA GLN A 46 -10.71 -11.56 2.35
C GLN A 46 -11.54 -10.39 1.82
N LYS A 47 -12.51 -9.97 2.63
CA LYS A 47 -13.38 -8.85 2.25
C LYS A 47 -12.55 -7.59 2.01
N PHE A 48 -11.35 -7.55 2.55
CA PHE A 48 -10.47 -6.40 2.39
C PHE A 48 -9.95 -6.30 0.96
N PHE A 49 -9.51 -7.43 0.42
CA PHE A 49 -8.99 -7.47 -0.94
C PHE A 49 -10.14 -7.57 -1.96
N GLY A 50 -11.36 -7.69 -1.45
CA GLY A 50 -12.52 -7.78 -2.32
C GLY A 50 -12.67 -9.17 -2.92
N LEU A 51 -11.93 -10.13 -2.38
CA LEU A 51 -11.99 -11.50 -2.86
C LEU A 51 -13.40 -12.08 -2.72
N PRO A 52 -13.83 -12.85 -3.73
CA PRO A 52 -15.16 -13.46 -3.74
C PRO A 52 -15.29 -14.58 -2.71
N ILE A 53 -14.37 -15.53 -2.74
CA ILE A 53 -14.39 -16.64 -1.81
C ILE A 53 -14.44 -16.14 -0.36
N THR A 54 -15.23 -16.82 0.46
CA THR A 54 -15.37 -16.46 1.86
C THR A 54 -15.18 -17.66 2.77
N GLY A 55 -14.28 -17.53 3.74
CA GLY A 55 -14.01 -18.62 4.65
C GLY A 55 -13.00 -19.61 4.12
N MET A 56 -12.43 -19.28 2.97
CA MET A 56 -11.43 -20.15 2.34
C MET A 56 -10.24 -19.34 1.85
N LEU A 57 -9.08 -19.99 1.75
CA LEU A 57 -7.87 -19.33 1.30
C LEU A 57 -6.84 -20.35 0.78
N ASN A 58 -6.32 -20.11 -0.41
CA ASN A 58 -5.33 -21.01 -1.02
C ASN A 58 -5.00 -20.58 -2.43
N SER A 59 -5.93 -19.87 -3.07
CA SER A 59 -5.74 -19.39 -4.43
C SER A 59 -5.41 -17.90 -4.45
N ARG A 60 -6.45 -17.08 -4.35
CA ARG A 60 -6.27 -15.63 -4.36
C ARG A 60 -5.94 -15.11 -2.97
N VAL A 61 -6.68 -15.59 -1.97
CA VAL A 61 -6.47 -15.18 -0.59
C VAL A 61 -5.04 -15.46 -0.15
N ILE A 62 -4.55 -16.66 -0.46
CA ILE A 62 -3.20 -17.05 -0.10
C ILE A 62 -2.17 -16.36 -0.99
N GLU A 63 -2.56 -16.07 -2.23
CA GLU A 63 -1.67 -15.41 -3.18
C GLU A 63 -1.22 -14.06 -2.65
N ILE A 64 -2.16 -13.33 -2.04
CA ILE A 64 -1.87 -12.01 -1.49
C ILE A 64 -0.93 -12.11 -0.29
N MET A 65 -1.01 -13.23 0.43
CA MET A 65 -0.17 -13.45 1.60
C MET A 65 1.30 -13.55 1.20
N GLN A 66 1.55 -14.08 0.02
CA GLN A 66 2.91 -14.22 -0.48
C GLN A 66 3.26 -13.12 -1.47
N LYS A 67 2.23 -12.58 -2.13
CA LYS A 67 2.43 -11.52 -3.11
C LYS A 67 2.45 -10.16 -2.43
N PRO A 68 3.58 -9.44 -2.57
CA PRO A 68 3.76 -8.11 -1.97
C PRO A 68 2.90 -7.05 -2.65
N ARG A 69 2.38 -6.12 -1.85
CA ARG A 69 1.55 -5.05 -2.38
C ARG A 69 1.58 -3.83 -1.47
N CYS A 70 1.29 -4.05 -0.18
CA CYS A 70 1.29 -2.97 0.79
C CYS A 70 1.91 -3.42 2.11
N GLY A 71 2.93 -2.71 2.55
CA GLY A 71 3.60 -3.06 3.80
C GLY A 71 2.83 -2.58 5.02
N VAL A 72 2.22 -1.41 4.91
CA VAL A 72 1.44 -0.85 6.01
C VAL A 72 0.23 -1.71 6.34
N PRO A 73 -0.14 -1.75 7.63
CA PRO A 73 -1.28 -2.54 8.09
C PRO A 73 -2.62 -1.95 7.63
N ASP A 74 -3.65 -2.77 7.63
CA ASP A 74 -4.99 -2.34 7.23
C ASP A 74 -5.73 -1.68 8.39
N VAL A 75 -5.07 -1.63 9.54
CA VAL A 75 -5.67 -1.03 10.74
C VAL A 75 -5.09 0.36 11.00
N ALA A 76 -5.98 1.34 11.17
CA ALA A 76 -5.56 2.71 11.43
C ALA A 76 -6.30 3.29 12.62
N GLU A 77 -5.87 4.47 13.07
CA GLU A 77 -6.50 5.13 14.22
C GLU A 77 -6.81 6.59 13.88
N TYR A 78 -8.00 7.03 14.23
CA TYR A 78 -8.43 8.40 13.98
C TYR A 78 -7.37 9.39 14.45
N SER A 79 -6.89 10.21 13.51
CA SER A 79 -5.87 11.21 13.84
C SER A 79 -6.34 12.12 14.95
N LEU A 80 -5.48 13.06 15.35
CA LEU A 80 -5.80 14.00 16.41
C LEU A 80 -5.35 15.42 16.05
N PHE A 81 -4.04 15.58 15.85
CA PHE A 81 -3.49 16.88 15.50
C PHE A 81 -3.77 17.21 14.04
N PRO A 82 -3.34 16.31 13.14
CA PRO A 82 -3.54 16.48 11.69
C PRO A 82 -5.00 16.35 11.28
N ASN A 83 -5.58 17.44 10.79
CA ASN A 83 -6.98 17.44 10.37
C ASN A 83 -7.23 16.34 9.34
N SER A 84 -7.87 15.26 9.79
CA SER A 84 -8.17 14.13 8.91
C SER A 84 -6.89 13.46 8.44
N PRO A 85 -7.02 12.20 7.98
CA PRO A 85 -5.88 11.41 7.49
C PRO A 85 -5.34 11.94 6.17
N LYS A 86 -6.20 12.65 5.43
CA LYS A 86 -5.80 13.22 4.14
C LYS A 86 -5.21 14.61 4.31
N TRP A 87 -4.30 14.97 3.41
CA TRP A 87 -3.66 16.27 3.46
C TRP A 87 -4.68 17.39 3.59
N THR A 88 -4.44 18.31 4.52
CA THR A 88 -5.35 19.43 4.74
C THR A 88 -4.68 20.75 4.39
N SER A 89 -3.38 20.71 4.17
CA SER A 89 -2.62 21.92 3.82
C SER A 89 -3.07 22.47 2.47
N LYS A 90 -2.40 23.53 2.03
CA LYS A 90 -2.73 24.16 0.75
C LYS A 90 -1.77 23.70 -0.35
N VAL A 91 -0.70 23.03 0.05
CA VAL A 91 0.28 22.53 -0.89
C VAL A 91 1.05 21.34 -0.31
N VAL A 92 1.36 20.37 -1.17
CA VAL A 92 2.09 19.18 -0.74
C VAL A 92 3.41 19.06 -1.49
N THR A 93 4.49 18.84 -0.74
CA THR A 93 5.81 18.70 -1.32
C THR A 93 6.38 17.31 -1.08
N TYR A 94 7.39 16.95 -1.88
CA TYR A 94 8.01 15.64 -1.75
C TYR A 94 9.49 15.70 -2.15
N ARG A 95 10.30 14.87 -1.49
CA ARG A 95 11.73 14.84 -1.77
C ARG A 95 12.31 13.45 -1.52
N ILE A 96 13.19 13.00 -2.40
CA ILE A 96 13.80 11.69 -2.26
C ILE A 96 14.92 11.71 -1.22
N VAL A 97 14.92 10.72 -0.33
CA VAL A 97 15.94 10.62 0.70
C VAL A 97 17.17 9.88 0.20
N SER A 98 16.94 8.82 -0.56
CA SER A 98 18.03 8.01 -1.10
C SER A 98 17.70 7.51 -2.50
N TYR A 99 18.70 6.96 -3.18
CA TYR A 99 18.52 6.44 -4.53
C TYR A 99 18.63 4.92 -4.55
N THR A 100 17.90 4.30 -5.47
CA THR A 100 17.92 2.84 -5.60
C THR A 100 19.11 2.38 -6.44
N ARG A 101 19.72 1.27 -6.03
CA ARG A 101 20.87 0.72 -6.73
C ARG A 101 20.45 0.12 -8.06
N ASP A 102 19.14 0.02 -8.27
CA ASP A 102 18.61 -0.54 -9.52
C ASP A 102 18.26 0.56 -10.51
N LEU A 103 17.97 1.75 -9.99
CA LEU A 103 17.61 2.89 -10.82
C LEU A 103 18.28 4.17 -10.32
N PRO A 104 18.53 5.11 -11.25
CA PRO A 104 19.17 6.38 -10.93
C PRO A 104 18.28 7.29 -10.10
N HIS A 105 18.89 8.13 -9.29
CA HIS A 105 18.15 9.06 -8.43
C HIS A 105 17.14 9.86 -9.25
N ILE A 106 17.43 10.02 -10.54
CA ILE A 106 16.54 10.76 -11.43
C ILE A 106 15.33 9.93 -11.83
N THR A 107 15.54 8.63 -12.03
CA THR A 107 14.47 7.72 -12.41
C THR A 107 13.48 7.54 -11.26
N VAL A 108 14.01 7.45 -10.04
CA VAL A 108 13.17 7.28 -8.85
C VAL A 108 12.40 8.54 -8.53
N ASP A 109 13.09 9.68 -8.57
CA ASP A 109 12.46 10.96 -8.28
C ASP A 109 11.38 11.28 -9.30
N ARG A 110 11.63 10.95 -10.55
CA ARG A 110 10.67 11.20 -11.63
C ARG A 110 9.47 10.27 -11.51
N LEU A 111 9.72 9.05 -11.03
CA LEU A 111 8.66 8.07 -10.88
C LEU A 111 7.66 8.50 -9.81
N VAL A 112 8.18 8.90 -8.65
CA VAL A 112 7.33 9.35 -7.55
C VAL A 112 6.43 10.49 -7.99
N SER A 113 6.99 11.43 -8.74
CA SER A 113 6.24 12.58 -9.22
C SER A 113 5.22 12.17 -10.29
N LYS A 114 5.60 11.17 -11.08
CA LYS A 114 4.73 10.68 -12.14
C LYS A 114 3.43 10.11 -11.55
N ALA A 115 3.54 9.52 -10.37
CA ALA A 115 2.37 8.94 -9.70
C ALA A 115 1.77 9.92 -8.70
N LEU A 116 2.64 10.62 -7.97
CA LEU A 116 2.19 11.59 -6.97
C LEU A 116 1.46 12.75 -7.63
N ASN A 117 1.90 13.10 -8.84
CA ASN A 117 1.29 14.21 -9.59
C ASN A 117 -0.12 13.83 -10.04
N MET A 118 -0.27 12.62 -10.57
CA MET A 118 -1.57 12.15 -11.04
C MET A 118 -2.60 12.19 -9.92
N TRP A 119 -2.15 11.92 -8.70
CA TRP A 119 -3.05 11.92 -7.54
C TRP A 119 -3.65 13.31 -7.32
N GLY A 120 -2.79 14.33 -7.36
CA GLY A 120 -3.25 15.69 -7.15
C GLY A 120 -4.02 16.22 -8.34
N LYS A 121 -3.63 15.78 -9.53
CA LYS A 121 -4.28 16.22 -10.76
C LYS A 121 -5.75 15.78 -10.78
N GLU A 122 -6.10 14.87 -9.89
CA GLU A 122 -7.47 14.38 -9.80
C GLU A 122 -8.19 14.98 -8.60
N ILE A 123 -7.60 16.01 -8.01
CA ILE A 123 -8.18 16.67 -6.85
C ILE A 123 -7.87 18.17 -6.87
N PRO A 124 -8.73 18.95 -6.18
CA PRO A 124 -8.56 20.41 -6.09
C PRO A 124 -7.35 20.81 -5.24
N LEU A 125 -6.62 19.80 -4.76
CA LEU A 125 -5.45 20.05 -3.94
C LEU A 125 -4.40 20.84 -4.72
N HIS A 126 -3.14 20.74 -4.29
CA HIS A 126 -2.04 21.45 -4.94
C HIS A 126 -0.71 20.87 -4.53
N PHE A 127 0.20 20.73 -5.50
CA PHE A 127 1.52 20.19 -5.24
C PHE A 127 2.61 21.18 -5.62
N ARG A 128 3.73 21.13 -4.90
CA ARG A 128 4.84 22.03 -5.16
C ARG A 128 6.14 21.26 -5.32
N LYS A 129 6.98 21.70 -6.25
CA LYS A 129 8.26 21.06 -6.51
C LYS A 129 9.30 21.49 -5.49
N VAL A 130 10.13 20.55 -5.05
CA VAL A 130 11.17 20.83 -4.08
C VAL A 130 12.53 20.93 -4.74
N VAL A 131 13.27 21.98 -4.42
CA VAL A 131 14.60 22.19 -5.00
C VAL A 131 15.55 22.81 -3.98
N TRP A 132 14.98 23.48 -2.98
CA TRP A 132 15.77 24.12 -1.94
C TRP A 132 15.13 23.90 -0.56
N GLY A 133 15.78 23.09 0.25
CA GLY A 133 15.28 22.81 1.59
C GLY A 133 14.71 21.41 1.71
N THR A 134 13.87 21.21 2.72
CA THR A 134 13.25 19.91 2.95
C THR A 134 11.82 19.88 2.44
N ALA A 135 11.32 18.68 2.13
CA ALA A 135 9.97 18.52 1.64
C ALA A 135 9.09 17.78 2.66
N ASP A 136 7.78 17.84 2.46
CA ASP A 136 6.84 17.18 3.36
C ASP A 136 7.00 15.66 3.29
N ILE A 137 6.75 15.10 2.12
CA ILE A 137 6.85 13.66 1.92
C ILE A 137 8.28 13.26 1.54
N MET A 138 8.80 12.24 2.21
CA MET A 138 10.15 11.76 1.95
C MET A 138 10.13 10.39 1.28
N ILE A 139 10.74 10.29 0.11
CA ILE A 139 10.79 9.04 -0.62
C ILE A 139 12.17 8.40 -0.55
N GLY A 140 12.37 7.53 0.42
CA GLY A 140 13.66 6.87 0.58
C GLY A 140 13.52 5.39 0.85
N PHE A 141 14.61 4.65 0.65
CA PHE A 141 14.61 3.21 0.87
C PHE A 141 15.34 2.85 2.16
N ALA A 142 14.83 1.86 2.87
CA ALA A 142 15.42 1.42 4.12
C ALA A 142 14.63 0.27 4.74
N ARG A 143 15.22 -0.38 5.74
CA ARG A 143 14.57 -1.49 6.41
C ARG A 143 14.01 -1.06 7.76
N GLY A 144 13.28 -1.96 8.42
CA GLY A 144 12.70 -1.66 9.71
C GLY A 144 13.72 -1.15 10.70
N ALA A 145 14.99 -1.41 10.42
CA ALA A 145 16.07 -0.97 11.29
C ALA A 145 16.53 0.44 10.92
N HIS A 146 15.75 1.13 10.11
CA HIS A 146 16.08 2.48 9.68
C HIS A 146 15.78 3.48 10.79
N GLY A 147 14.90 3.10 11.71
CA GLY A 147 14.54 3.99 12.80
C GLY A 147 13.05 3.97 13.10
N ASP A 148 12.50 2.78 13.30
CA ASP A 148 11.08 2.63 13.59
C ASP A 148 10.75 1.18 13.93
N SER A 149 9.65 0.99 14.66
CA SER A 149 9.23 -0.35 15.05
C SER A 149 8.68 -1.12 13.86
N TYR A 150 8.38 -2.39 14.07
CA TYR A 150 7.86 -3.24 13.02
C TYR A 150 8.87 -3.40 11.89
N PRO A 151 9.48 -4.58 11.80
CA PRO A 151 10.47 -4.89 10.77
C PRO A 151 9.86 -5.00 9.38
N PHE A 152 10.59 -4.53 8.37
CA PHE A 152 10.11 -4.58 6.99
C PHE A 152 9.94 -6.02 6.52
N ASP A 153 10.52 -6.95 7.27
CA ASP A 153 10.43 -8.36 6.93
C ASP A 153 11.35 -8.70 5.77
N GLY A 154 12.00 -7.68 5.22
CA GLY A 154 12.90 -7.89 4.10
C GLY A 154 12.18 -8.35 2.84
N PRO A 155 12.77 -9.32 2.15
CA PRO A 155 12.20 -9.86 0.91
C PRO A 155 10.94 -10.68 1.16
N GLY A 156 9.97 -10.54 0.27
CA GLY A 156 8.71 -11.27 0.42
C GLY A 156 7.59 -10.39 0.93
N ASN A 157 6.72 -10.98 1.74
CA ASN A 157 5.58 -10.24 2.30
C ASN A 157 5.99 -8.82 2.67
N THR A 158 5.04 -7.90 2.60
CA THR A 158 5.29 -6.50 2.92
C THR A 158 6.07 -5.81 1.82
N LEU A 159 5.38 -5.00 1.02
CA LEU A 159 6.01 -4.27 -0.07
C LEU A 159 6.58 -2.95 0.41
N ALA A 160 5.74 -2.13 1.02
CA ALA A 160 6.17 -0.83 1.54
C ALA A 160 5.17 -0.29 2.56
N HIS A 161 5.68 0.46 3.53
CA HIS A 161 4.83 1.03 4.57
C HIS A 161 4.77 2.55 4.44
N ALA A 162 3.57 3.07 4.22
CA ALA A 162 3.37 4.51 4.09
C ALA A 162 2.61 5.08 5.27
N PHE A 163 2.87 6.34 5.61
CA PHE A 163 2.20 7.00 6.71
C PHE A 163 1.44 8.23 6.24
N ALA A 164 0.68 8.83 7.14
CA ALA A 164 -0.10 10.02 6.82
C ALA A 164 0.55 11.27 7.40
N PRO A 165 0.12 12.45 6.90
CA PRO A 165 0.64 13.73 7.36
C PRO A 165 0.21 14.07 8.78
N GLY A 166 1.00 13.63 9.76
CA GLY A 166 0.68 13.89 11.16
C GLY A 166 1.81 14.58 11.89
N THR A 167 1.53 15.77 12.41
CA THR A 167 2.52 16.54 13.13
C THR A 167 3.55 17.15 12.19
N GLY A 168 4.37 16.29 11.58
CA GLY A 168 5.38 16.76 10.66
C GLY A 168 6.26 15.63 10.13
N LEU A 169 6.96 14.97 11.04
CA LEU A 169 7.85 13.87 10.67
C LEU A 169 7.09 12.81 9.86
N GLY A 170 5.80 12.67 10.14
CA GLY A 170 4.98 11.71 9.43
C GLY A 170 4.70 12.12 8.01
N GLY A 171 3.85 11.35 7.33
CA GLY A 171 3.51 11.67 5.95
C GLY A 171 4.64 11.37 4.99
N ASP A 172 5.54 10.48 5.39
CA ASP A 172 6.68 10.11 4.56
C ASP A 172 6.43 8.78 3.86
N ALA A 173 7.19 8.53 2.80
CA ALA A 173 7.06 7.29 2.04
C ALA A 173 8.29 6.41 2.21
N HIS A 174 8.06 5.14 2.51
CA HIS A 174 9.15 4.19 2.70
C HIS A 174 8.95 2.95 1.83
N PHE A 175 10.00 2.54 1.13
CA PHE A 175 9.94 1.37 0.26
C PHE A 175 10.88 0.27 0.75
N ASP A 176 10.41 -0.96 0.70
CA ASP A 176 11.21 -2.11 1.14
C ASP A 176 12.44 -2.28 0.25
N GLU A 177 13.56 -1.73 0.68
CA GLU A 177 14.80 -1.83 -0.07
C GLU A 177 15.15 -3.28 -0.34
N ASP A 178 14.56 -4.18 0.42
CA ASP A 178 14.81 -5.62 0.26
C ASP A 178 14.01 -6.18 -0.91
N GLU A 179 12.92 -5.49 -1.25
CA GLU A 179 12.07 -5.93 -2.36
C GLU A 179 12.75 -5.70 -3.70
N ARG A 180 11.99 -5.89 -4.78
CA ARG A 180 12.52 -5.69 -6.12
C ARG A 180 11.80 -4.55 -6.83
N TRP A 181 12.53 -3.49 -7.12
CA TRP A 181 11.96 -2.32 -7.80
C TRP A 181 12.62 -2.10 -9.16
N THR A 182 11.83 -1.69 -10.14
CA THR A 182 12.34 -1.45 -11.48
C THR A 182 11.24 -0.92 -12.40
N ASP A 183 11.64 -0.36 -13.53
CA ASP A 183 10.69 0.18 -14.50
C ASP A 183 10.91 -0.42 -15.88
N GLY A 184 12.03 -0.07 -16.50
CA GLY A 184 12.35 -0.60 -17.82
C GLY A 184 12.53 -2.10 -17.82
N SER A 185 12.66 -2.68 -16.63
CA SER A 185 12.84 -4.12 -16.50
C SER A 185 11.50 -4.83 -16.29
N SER A 186 10.53 -4.09 -15.78
CA SER A 186 9.20 -4.65 -15.54
C SER A 186 9.29 -6.08 -15.04
N LEU A 187 10.22 -6.31 -14.10
CA LEU A 187 10.42 -7.64 -13.54
C LEU A 187 9.90 -7.70 -12.11
N GLY A 188 10.02 -6.59 -11.39
CA GLY A 188 9.56 -6.54 -10.01
C GLY A 188 8.38 -5.60 -9.83
N ILE A 189 8.32 -4.94 -8.68
CA ILE A 189 7.24 -4.01 -8.39
C ILE A 189 7.46 -2.68 -9.09
N ASN A 190 6.78 -2.48 -10.22
CA ASN A 190 6.91 -1.24 -10.98
C ASN A 190 6.85 -0.03 -10.05
N PHE A 191 7.89 0.81 -10.11
CA PHE A 191 7.96 2.00 -9.28
C PHE A 191 6.78 2.92 -9.55
N LEU A 192 6.39 3.03 -10.81
CA LEU A 192 5.26 3.87 -11.21
C LEU A 192 3.95 3.33 -10.66
N TYR A 193 3.74 2.04 -10.82
CA TYR A 193 2.52 1.39 -10.35
C TYR A 193 2.48 1.38 -8.83
N ALA A 194 3.63 1.13 -8.21
CA ALA A 194 3.72 1.09 -6.76
C ALA A 194 3.63 2.49 -6.16
N ALA A 195 4.17 3.46 -6.87
CA ALA A 195 4.16 4.85 -6.41
C ALA A 195 2.72 5.32 -6.18
N THR A 196 1.84 5.02 -7.12
CA THR A 196 0.44 5.41 -7.03
C THR A 196 -0.20 4.86 -5.76
N HIS A 197 0.09 3.59 -5.46
CA HIS A 197 -0.46 2.96 -4.26
C HIS A 197 0.21 3.48 -3.00
N ALA A 198 1.53 3.64 -3.05
CA ALA A 198 2.29 4.14 -1.92
C ALA A 198 2.00 5.61 -1.68
N LEU A 199 2.05 6.40 -2.74
CA LEU A 199 1.80 7.83 -2.64
C LEU A 199 0.35 8.11 -2.20
N GLY A 200 -0.55 7.24 -2.64
CA GLY A 200 -1.95 7.40 -2.29
C GLY A 200 -2.19 7.28 -0.80
N HIS A 201 -1.32 6.54 -0.12
CA HIS A 201 -1.44 6.35 1.32
C HIS A 201 -1.20 7.65 2.07
N SER A 202 -0.20 8.40 1.64
CA SER A 202 0.14 9.68 2.27
C SER A 202 -1.02 10.65 2.16
N LEU A 203 -1.91 10.40 1.20
CA LEU A 203 -3.06 11.27 0.98
C LEU A 203 -4.23 10.86 1.88
N GLY A 204 -3.99 9.86 2.73
CA GLY A 204 -5.03 9.39 3.63
C GLY A 204 -5.95 8.39 2.97
N MET A 205 -5.82 8.23 1.66
CA MET A 205 -6.63 7.28 0.91
C MET A 205 -6.55 5.88 1.52
N GLY A 206 -7.60 5.09 1.32
CA GLY A 206 -7.62 3.74 1.84
C GLY A 206 -7.70 2.70 0.75
N HIS A 207 -7.68 1.43 1.15
CA HIS A 207 -7.75 0.33 0.20
C HIS A 207 -9.18 0.12 -0.29
N SER A 208 -9.32 -0.36 -1.52
CA SER A 208 -10.63 -0.61 -2.11
C SER A 208 -10.78 -2.06 -2.52
N SER A 209 -12.02 -2.56 -2.48
CA SER A 209 -12.30 -3.94 -2.84
C SER A 209 -12.56 -4.07 -4.33
N ASP A 210 -12.58 -2.93 -5.03
CA ASP A 210 -12.83 -2.91 -6.46
C ASP A 210 -11.62 -3.46 -7.22
N PRO A 211 -11.88 -4.40 -8.14
CA PRO A 211 -10.83 -5.03 -8.96
C PRO A 211 -10.22 -4.07 -9.97
N ASN A 212 -10.83 -2.88 -10.08
CA ASN A 212 -10.35 -1.87 -11.02
C ASN A 212 -9.87 -0.63 -10.27
N ALA A 213 -9.75 -0.74 -8.96
CA ALA A 213 -9.31 0.37 -8.13
C ALA A 213 -7.79 0.41 -8.03
N VAL A 214 -7.23 1.62 -7.96
CA VAL A 214 -5.79 1.79 -7.85
C VAL A 214 -5.28 1.34 -6.49
N MET A 215 -6.15 1.37 -5.49
CA MET A 215 -5.79 0.96 -4.14
C MET A 215 -5.96 -0.55 -3.96
N TYR A 216 -6.33 -1.22 -5.04
CA TYR A 216 -6.53 -2.67 -5.00
C TYR A 216 -5.28 -3.37 -4.47
N PRO A 217 -5.39 -3.94 -3.26
CA PRO A 217 -4.29 -4.65 -2.62
C PRO A 217 -3.97 -5.97 -3.31
N THR A 218 -4.93 -6.47 -4.09
CA THR A 218 -4.76 -7.73 -4.80
C THR A 218 -4.02 -7.51 -6.12
N TYR A 219 -2.85 -6.88 -6.04
CA TYR A 219 -2.05 -6.62 -7.24
C TYR A 219 -1.56 -7.91 -7.87
N GLY A 220 -1.88 -8.10 -9.14
CA GLY A 220 -1.45 -9.30 -9.84
C GLY A 220 -2.15 -9.47 -11.18
N ASN A 221 -2.31 -8.36 -11.89
CA ASN A 221 -2.96 -8.39 -13.20
C ASN A 221 -1.97 -8.01 -14.30
N GLY A 222 -1.09 -7.07 -14.01
CA GLY A 222 -0.10 -6.64 -14.98
C GLY A 222 0.67 -5.42 -14.54
N ASP A 223 1.77 -5.13 -15.22
CA ASP A 223 2.59 -3.98 -14.89
C ASP A 223 2.36 -2.83 -15.86
N PRO A 224 1.56 -1.84 -15.43
CA PRO A 224 1.24 -0.67 -16.27
C PRO A 224 2.45 0.25 -16.46
N GLN A 225 2.90 0.36 -17.71
CA GLN A 225 4.04 1.20 -18.04
C GLN A 225 3.67 2.68 -17.93
N ASN A 226 2.38 2.97 -17.94
CA ASN A 226 1.90 4.35 -17.84
C ASN A 226 1.09 4.54 -16.55
N PHE A 227 0.34 3.52 -16.17
CA PHE A 227 -0.48 3.58 -14.97
C PHE A 227 -1.59 4.62 -15.11
N LYS A 228 -2.76 4.31 -14.56
CA LYS A 228 -3.91 5.21 -14.63
C LYS A 228 -4.71 5.17 -13.33
N LEU A 229 -5.31 6.30 -12.98
CA LEU A 229 -6.11 6.39 -11.76
C LEU A 229 -7.46 5.71 -11.95
N SER A 230 -7.99 5.16 -10.86
CA SER A 230 -9.27 4.47 -10.90
C SER A 230 -10.43 5.46 -10.69
N GLN A 231 -11.61 5.10 -11.20
CA GLN A 231 -12.79 5.95 -11.06
C GLN A 231 -13.18 6.11 -9.60
N ASP A 232 -13.60 5.02 -8.97
CA ASP A 232 -14.00 5.03 -7.58
C ASP A 232 -12.89 5.57 -6.69
N ASP A 233 -11.66 5.44 -7.17
CA ASP A 233 -10.50 5.91 -6.41
C ASP A 233 -10.48 7.44 -6.36
N ILE A 234 -10.66 8.07 -7.52
CA ILE A 234 -10.66 9.53 -7.60
C ILE A 234 -11.87 10.12 -6.91
N LYS A 235 -13.03 9.49 -7.11
CA LYS A 235 -14.27 9.95 -6.50
C LYS A 235 -14.22 9.80 -4.99
N GLY A 236 -13.51 8.78 -4.52
CA GLY A 236 -13.40 8.54 -3.09
C GLY A 236 -12.71 9.68 -2.37
N ILE A 237 -11.58 10.15 -2.92
CA ILE A 237 -10.84 11.24 -2.32
C ILE A 237 -11.56 12.57 -2.51
N GLN A 238 -12.29 12.69 -3.60
CA GLN A 238 -13.03 13.90 -3.90
C GLN A 238 -14.22 14.06 -2.95
N LYS A 239 -14.70 12.95 -2.41
CA LYS A 239 -15.82 12.97 -1.48
C LYS A 239 -15.40 13.50 -0.12
N LEU A 240 -14.12 13.34 0.20
CA LEU A 240 -13.59 13.80 1.48
C LEU A 240 -12.92 15.17 1.32
N TYR A 241 -12.47 15.46 0.11
CA TYR A 241 -11.81 16.73 -0.17
C TYR A 241 -12.81 17.77 -0.65
N GLY A 242 -13.82 17.32 -1.40
CA GLY A 242 -14.82 18.23 -1.91
C GLY A 242 -16.24 17.74 -1.63
N LYS A 243 -17.01 17.52 -2.69
CA LYS A 243 -18.38 17.05 -2.54
C LYS A 243 -18.44 15.54 -2.55
N ARG A 244 -19.22 14.98 -1.63
CA ARG A 244 -19.37 13.52 -1.53
C ARG A 244 -20.65 13.06 -2.21
N SER A 245 -20.86 11.75 -2.23
CA SER A 245 -22.06 11.18 -2.85
C SER A 245 -22.28 9.75 -2.37
N ASN A 246 -21.25 8.91 -2.50
CA ASN A 246 -21.33 7.52 -2.08
C ASN A 246 -20.00 6.81 -2.29
N SER A 247 -19.34 6.46 -1.20
CA SER A 247 -18.05 5.77 -1.27
C SER A 247 -17.67 5.20 0.09
N ARG A 248 -16.56 4.47 0.13
CA ARG A 248 -16.08 3.86 1.36
C ARG A 248 -14.65 4.29 1.67
N LYS A 249 -14.04 3.64 2.65
CA LYS A 249 -12.68 3.95 3.04
C LYS A 249 -11.96 2.71 3.57
N LYS A 250 -10.78 2.91 4.15
CA LYS A 250 -10.00 1.81 4.69
C LYS A 250 -9.69 0.77 3.61
CA CA B . 6.99 14.55 6.69
CA CA C . 9.47 -7.27 1.53
ZN ZN D . 9.67 3.24 8.33
ZN ZN E . -2.07 0.24 0.47
N LEU A 1 -2.69 -19.47 -16.22
CA LEU A 1 -3.55 -20.37 -16.97
C LEU A 1 -4.27 -21.34 -16.05
N PRO A 2 -3.49 -22.15 -15.32
CA PRO A 2 -4.03 -23.14 -14.38
C PRO A 2 -4.67 -22.49 -13.16
N LEU A 3 -5.04 -23.31 -12.18
CA LEU A 3 -5.66 -22.82 -10.96
C LEU A 3 -5.12 -23.54 -9.74
N PRO A 4 -5.30 -22.93 -8.56
CA PRO A 4 -4.84 -23.51 -7.29
C PRO A 4 -5.65 -24.74 -6.88
N GLN A 5 -4.93 -25.82 -6.55
CA GLN A 5 -5.59 -27.05 -6.14
C GLN A 5 -4.75 -27.80 -5.10
N GLU A 6 -3.44 -27.84 -5.34
CA GLU A 6 -2.52 -28.51 -4.43
C GLU A 6 -2.57 -27.90 -3.04
N ALA A 7 -3.08 -26.66 -2.96
CA ALA A 7 -3.19 -25.96 -1.69
C ALA A 7 -3.98 -26.77 -0.68
N GLY A 8 -4.97 -27.51 -1.15
CA GLY A 8 -5.79 -28.32 -0.27
C GLY A 8 -4.97 -29.28 0.56
N GLY A 9 -3.87 -29.78 -0.02
CA GLY A 9 -3.02 -30.71 0.69
C GLY A 9 -1.69 -30.10 1.08
N MET A 10 -1.65 -28.77 1.12
CA MET A 10 -0.43 -28.05 1.48
C MET A 10 0.02 -28.44 2.89
N SER A 11 1.28 -28.12 3.21
CA SER A 11 1.84 -28.44 4.52
C SER A 11 1.26 -27.52 5.59
N GLU A 12 1.25 -28.00 6.83
CA GLU A 12 0.73 -27.23 7.94
C GLU A 12 1.40 -25.86 8.03
N LEU A 13 2.66 -25.80 7.62
CA LEU A 13 3.42 -24.55 7.65
C LEU A 13 2.84 -23.55 6.64
N GLN A 14 2.51 -24.04 5.45
CA GLN A 14 1.94 -23.18 4.41
C GLN A 14 0.61 -22.59 4.85
N TRP A 15 -0.25 -23.43 5.43
CA TRP A 15 -1.56 -22.99 5.90
C TRP A 15 -1.43 -22.15 7.16
N GLU A 16 -0.42 -22.44 7.97
CA GLU A 16 -0.19 -21.72 9.20
C GLU A 16 0.36 -20.32 8.92
N GLN A 17 1.20 -20.22 7.89
CA GLN A 17 1.79 -18.95 7.52
C GLN A 17 0.72 -17.94 7.10
N ALA A 18 -0.32 -18.43 6.42
CA ALA A 18 -1.41 -17.58 5.97
C ALA A 18 -2.08 -16.88 7.15
N GLN A 19 -2.26 -17.61 8.24
CA GLN A 19 -2.90 -17.06 9.43
C GLN A 19 -1.96 -16.10 10.16
N ASP A 20 -0.69 -16.50 10.27
CA ASP A 20 0.31 -15.68 10.93
C ASP A 20 0.56 -14.39 10.16
N TYR A 21 0.42 -14.47 8.84
CA TYR A 21 0.64 -13.30 7.99
C TYR A 21 -0.47 -12.28 8.16
N LEU A 22 -1.69 -12.77 8.38
CA LEU A 22 -2.85 -11.90 8.56
C LEU A 22 -2.78 -11.19 9.92
N LYS A 23 -2.02 -11.76 10.83
CA LYS A 23 -1.86 -11.18 12.16
C LYS A 23 -0.95 -9.96 12.12
N ARG A 24 -0.01 -9.94 11.19
CA ARG A 24 0.92 -8.84 11.05
C ARG A 24 0.32 -7.74 10.16
N PHE A 25 -0.57 -8.13 9.26
CA PHE A 25 -1.21 -7.18 8.35
C PHE A 25 -1.97 -6.12 9.14
N TYR A 26 -2.31 -6.44 10.38
CA TYR A 26 -3.04 -5.51 11.23
C TYR A 26 -2.26 -5.19 12.50
N LEU A 27 -0.98 -4.90 12.33
CA LEU A 27 -0.12 -4.58 13.46
C LEU A 27 0.03 -5.77 14.40
N TYR A 28 0.60 -5.53 15.57
CA TYR A 28 0.80 -6.58 16.57
C TYR A 28 -0.40 -6.68 17.50
N ASP A 29 -1.38 -7.49 17.13
CA ASP A 29 -2.58 -7.67 17.93
C ASP A 29 -2.70 -9.13 18.41
N SER A 30 -2.56 -9.32 19.72
CA SER A 30 -2.65 -10.65 20.30
C SER A 30 -4.10 -11.03 20.58
N GLU A 31 -5.00 -10.08 20.38
CA GLU A 31 -6.42 -10.31 20.61
C GLU A 31 -6.99 -11.31 19.60
N THR A 32 -6.20 -11.60 18.57
CA THR A 32 -6.62 -12.53 17.52
C THR A 32 -6.29 -13.96 17.91
N LYS A 33 -5.87 -14.16 19.16
CA LYS A 33 -5.54 -15.49 19.66
C LYS A 33 -6.68 -16.46 19.40
N ASN A 34 -6.40 -17.75 19.63
CA ASN A 34 -7.40 -18.79 19.41
C ASN A 34 -7.74 -18.92 17.93
N ALA A 35 -8.09 -20.13 17.50
CA ALA A 35 -8.44 -20.38 16.11
C ALA A 35 -9.84 -19.84 15.79
N ASN A 36 -10.65 -19.69 16.81
CA ASN A 36 -12.01 -19.18 16.64
C ASN A 36 -12.00 -17.82 15.98
N SER A 37 -10.88 -17.12 16.08
CA SER A 37 -10.73 -15.79 15.50
C SER A 37 -10.28 -15.89 14.03
N LEU A 38 -9.72 -17.04 13.67
CA LEU A 38 -9.24 -17.26 12.32
C LEU A 38 -10.38 -17.06 11.30
N GLU A 39 -11.53 -17.64 11.62
CA GLU A 39 -12.69 -17.53 10.73
C GLU A 39 -13.06 -16.08 10.49
N ALA A 40 -13.19 -15.30 11.58
CA ALA A 40 -13.54 -13.89 11.47
C ALA A 40 -12.42 -13.11 10.80
N LYS A 41 -11.18 -13.49 11.08
CA LYS A 41 -10.02 -12.81 10.51
C LYS A 41 -9.96 -13.02 9.00
N LEU A 42 -10.11 -14.26 8.58
CA LEU A 42 -10.07 -14.60 7.16
C LEU A 42 -11.23 -13.93 6.41
N LYS A 43 -12.38 -13.83 7.08
CA LYS A 43 -13.56 -13.22 6.50
C LYS A 43 -13.35 -11.72 6.31
N GLU A 44 -12.82 -11.07 7.34
CA GLU A 44 -12.58 -9.62 7.29
C GLU A 44 -11.62 -9.28 6.16
N MET A 45 -10.70 -10.20 5.87
CA MET A 45 -9.72 -10.00 4.81
C MET A 45 -10.39 -10.00 3.43
N GLN A 46 -11.43 -10.82 3.30
CA GLN A 46 -12.16 -10.91 2.04
C GLN A 46 -12.76 -9.57 1.65
N LYS A 47 -13.28 -8.85 2.64
CA LYS A 47 -13.89 -7.55 2.41
C LYS A 47 -12.84 -6.53 1.99
N PHE A 48 -11.61 -6.73 2.45
CA PHE A 48 -10.52 -5.82 2.12
C PHE A 48 -10.12 -5.94 0.66
N PHE A 49 -10.01 -7.17 0.18
CA PHE A 49 -9.65 -7.43 -1.21
C PHE A 49 -10.86 -7.31 -2.12
N GLY A 50 -12.02 -7.72 -1.62
CA GLY A 50 -13.24 -7.66 -2.40
C GLY A 50 -13.65 -9.01 -2.95
N LEU A 51 -12.78 -10.00 -2.78
CA LEU A 51 -13.05 -11.35 -3.26
C LEU A 51 -14.32 -11.91 -2.63
N PRO A 52 -15.15 -12.59 -3.44
CA PRO A 52 -16.40 -13.19 -2.99
C PRO A 52 -16.17 -14.38 -2.06
N ILE A 53 -15.36 -15.34 -2.51
CA ILE A 53 -15.06 -16.52 -1.73
C ILE A 53 -14.59 -16.15 -0.33
N THR A 54 -15.44 -16.40 0.67
CA THR A 54 -15.11 -16.09 2.05
C THR A 54 -14.86 -17.35 2.86
N GLY A 55 -14.25 -17.20 4.02
CA GLY A 55 -13.97 -18.34 4.87
C GLY A 55 -13.09 -19.37 4.19
N MET A 56 -12.41 -18.95 3.12
CA MET A 56 -11.54 -19.85 2.37
C MET A 56 -10.09 -19.39 2.49
N LEU A 57 -9.16 -20.31 2.20
CA LEU A 57 -7.73 -20.00 2.27
C LEU A 57 -6.91 -21.12 1.62
N ASN A 58 -6.75 -21.04 0.31
CA ASN A 58 -5.98 -22.04 -0.43
C ASN A 58 -6.05 -21.78 -1.93
N SER A 59 -7.15 -21.19 -2.37
CA SER A 59 -7.33 -20.88 -3.79
C SER A 59 -6.82 -19.49 -4.12
N ARG A 60 -7.73 -18.53 -4.21
CA ARG A 60 -7.37 -17.16 -4.53
C ARG A 60 -6.97 -16.39 -3.27
N VAL A 61 -7.55 -16.80 -2.14
CA VAL A 61 -7.25 -16.16 -0.86
C VAL A 61 -5.80 -16.36 -0.47
N ILE A 62 -5.30 -17.58 -0.68
CA ILE A 62 -3.92 -17.92 -0.35
C ILE A 62 -2.94 -17.30 -1.34
N GLU A 63 -3.39 -17.17 -2.59
CA GLU A 63 -2.57 -16.60 -3.64
C GLU A 63 -2.13 -15.18 -3.29
N ILE A 64 -3.01 -14.47 -2.59
CA ILE A 64 -2.71 -13.10 -2.18
C ILE A 64 -1.74 -13.06 -1.01
N MET A 65 -1.79 -14.10 -0.18
CA MET A 65 -0.91 -14.19 0.97
C MET A 65 0.56 -14.28 0.55
N GLN A 66 0.80 -15.00 -0.54
CA GLN A 66 2.15 -15.18 -1.06
C GLN A 66 2.53 -14.02 -2.00
N LYS A 67 1.52 -13.38 -2.56
CA LYS A 67 1.74 -12.26 -3.47
C LYS A 67 1.91 -10.96 -2.70
N PRO A 68 3.03 -10.26 -2.95
CA PRO A 68 3.33 -8.99 -2.29
C PRO A 68 2.42 -7.86 -2.75
N ARG A 69 2.34 -6.80 -1.95
CA ARG A 69 1.50 -5.66 -2.28
C ARG A 69 2.01 -4.40 -1.59
N CYS A 70 1.73 -4.28 -0.29
CA CYS A 70 2.15 -3.11 0.48
C CYS A 70 2.50 -3.52 1.91
N GLY A 71 3.35 -2.72 2.55
CA GLY A 71 3.75 -3.01 3.90
C GLY A 71 2.96 -2.21 4.93
N VAL A 72 1.89 -1.58 4.48
CA VAL A 72 1.04 -0.77 5.35
C VAL A 72 -0.10 -1.61 5.91
N PRO A 73 -0.37 -1.44 7.22
CA PRO A 73 -1.44 -2.17 7.91
C PRO A 73 -2.82 -1.70 7.47
N ASP A 74 -3.81 -2.58 7.61
CA ASP A 74 -5.18 -2.27 7.24
C ASP A 74 -5.96 -1.72 8.42
N VAL A 75 -5.23 -1.32 9.47
CA VAL A 75 -5.86 -0.77 10.67
C VAL A 75 -5.33 0.62 10.98
N ALA A 76 -6.25 1.57 11.18
CA ALA A 76 -5.88 2.94 11.49
C ALA A 76 -6.64 3.46 12.70
N GLU A 77 -6.24 4.63 13.19
CA GLU A 77 -6.89 5.24 14.35
C GLU A 77 -7.12 6.72 14.13
N TYR A 78 -8.25 7.23 14.60
CA TYR A 78 -8.59 8.64 14.46
C TYR A 78 -7.43 9.52 14.88
N SER A 79 -6.95 10.35 13.96
CA SER A 79 -5.83 11.26 14.25
C SER A 79 -6.18 12.21 15.38
N LEU A 80 -5.23 13.07 15.74
CA LEU A 80 -5.43 14.04 16.81
C LEU A 80 -4.76 15.37 16.48
N PHE A 81 -3.47 15.31 16.17
CA PHE A 81 -2.71 16.50 15.83
C PHE A 81 -3.13 17.05 14.46
N PRO A 82 -2.94 16.23 13.41
CA PRO A 82 -3.28 16.61 12.04
C PRO A 82 -4.79 16.69 11.83
N ASN A 83 -5.22 17.63 10.99
CA ASN A 83 -6.64 17.80 10.70
C ASN A 83 -7.08 16.92 9.54
N SER A 84 -8.15 16.16 9.74
CA SER A 84 -8.67 15.27 8.71
C SER A 84 -7.66 14.17 8.39
N PRO A 85 -8.17 13.02 7.92
CA PRO A 85 -7.34 11.88 7.56
C PRO A 85 -6.49 12.13 6.32
N LYS A 86 -7.14 12.59 5.25
CA LYS A 86 -6.44 12.88 4.01
C LYS A 86 -5.83 14.28 4.04
N TRP A 87 -4.87 14.51 3.15
CA TRP A 87 -4.20 15.80 3.07
C TRP A 87 -5.22 16.94 3.03
N THR A 88 -5.09 17.87 3.98
CA THR A 88 -6.00 19.01 4.06
C THR A 88 -5.24 20.32 3.82
N SER A 89 -3.93 20.28 3.98
CA SER A 89 -3.10 21.46 3.78
C SER A 89 -3.36 22.08 2.41
N LYS A 90 -2.99 23.35 2.26
CA LYS A 90 -3.17 24.06 1.00
C LYS A 90 -2.17 23.58 -0.05
N VAL A 91 -1.00 23.17 0.40
CA VAL A 91 0.05 22.69 -0.50
C VAL A 91 0.97 21.70 0.21
N VAL A 92 1.43 20.69 -0.53
CA VAL A 92 2.32 19.68 0.02
C VAL A 92 3.54 19.47 -0.87
N THR A 93 4.69 19.29 -0.25
CA THR A 93 5.93 19.08 -0.99
C THR A 93 6.52 17.70 -0.70
N TYR A 94 7.50 17.30 -1.49
CA TYR A 94 8.15 16.00 -1.33
C TYR A 94 9.59 16.05 -1.79
N ARG A 95 10.45 15.27 -1.12
CA ARG A 95 11.87 15.23 -1.46
C ARG A 95 12.43 13.83 -1.22
N ILE A 96 13.23 13.36 -2.17
CA ILE A 96 13.84 12.04 -2.07
C ILE A 96 14.99 12.04 -1.06
N VAL A 97 15.03 11.01 -0.22
CA VAL A 97 16.07 10.89 0.80
C VAL A 97 17.28 10.14 0.25
N SER A 98 17.02 9.09 -0.51
CA SER A 98 18.08 8.28 -1.09
C SER A 98 17.69 7.77 -2.47
N TYR A 99 18.69 7.33 -3.24
CA TYR A 99 18.44 6.82 -4.59
C TYR A 99 18.67 5.31 -4.65
N THR A 100 17.98 4.66 -5.58
CA THR A 100 18.09 3.22 -5.75
C THR A 100 19.32 2.86 -6.59
N ARG A 101 20.00 1.79 -6.21
CA ARG A 101 21.19 1.34 -6.93
C ARG A 101 20.80 0.71 -8.26
N ASP A 102 19.51 0.52 -8.48
CA ASP A 102 19.01 -0.06 -9.71
C ASP A 102 18.58 1.01 -10.70
N LEU A 103 18.21 2.17 -10.17
CA LEU A 103 17.78 3.30 -11.00
C LEU A 103 18.45 4.59 -10.57
N PRO A 104 18.59 5.52 -11.52
CA PRO A 104 19.20 6.83 -11.26
C PRO A 104 18.34 7.72 -10.36
N HIS A 105 18.99 8.59 -9.59
CA HIS A 105 18.28 9.49 -8.70
C HIS A 105 17.20 10.27 -9.46
N ILE A 106 17.41 10.46 -10.75
CA ILE A 106 16.46 11.19 -11.59
C ILE A 106 15.24 10.33 -11.90
N THR A 107 15.48 9.04 -12.16
CA THR A 107 14.41 8.11 -12.47
C THR A 107 13.53 7.84 -11.26
N VAL A 108 14.17 7.74 -10.10
CA VAL A 108 13.44 7.49 -8.85
C VAL A 108 12.67 8.72 -8.41
N ASP A 109 13.33 9.88 -8.47
CA ASP A 109 12.70 11.14 -8.07
C ASP A 109 11.56 11.50 -9.02
N ARG A 110 11.79 11.30 -10.31
CA ARG A 110 10.77 11.60 -11.33
C ARG A 110 9.61 10.63 -11.24
N LEU A 111 9.91 9.39 -10.89
CA LEU A 111 8.88 8.35 -10.77
C LEU A 111 7.85 8.73 -9.72
N VAL A 112 8.32 9.13 -8.55
CA VAL A 112 7.44 9.52 -7.45
C VAL A 112 6.48 10.63 -7.89
N SER A 113 7.01 11.60 -8.63
CA SER A 113 6.21 12.71 -9.12
C SER A 113 5.22 12.25 -10.18
N LYS A 114 5.63 11.27 -10.98
CA LYS A 114 4.78 10.74 -12.04
C LYS A 114 3.52 10.11 -11.46
N ALA A 115 3.65 9.53 -10.27
CA ALA A 115 2.52 8.88 -9.60
C ALA A 115 1.84 9.85 -8.64
N LEU A 116 2.64 10.62 -7.91
CA LEU A 116 2.12 11.58 -6.95
C LEU A 116 1.35 12.69 -7.66
N ASN A 117 1.77 13.03 -8.86
CA ASN A 117 1.12 14.08 -9.64
C ASN A 117 -0.28 13.63 -10.07
N MET A 118 -0.41 12.36 -10.43
CA MET A 118 -1.68 11.81 -10.86
C MET A 118 -2.71 11.89 -9.75
N TRP A 119 -2.25 11.73 -8.51
CA TRP A 119 -3.15 11.78 -7.35
C TRP A 119 -3.73 13.19 -7.18
N GLY A 120 -2.85 14.18 -7.15
CA GLY A 120 -3.29 15.55 -6.99
C GLY A 120 -4.14 16.03 -8.14
N LYS A 121 -3.79 15.60 -9.36
CA LYS A 121 -4.54 15.99 -10.55
C LYS A 121 -5.98 15.50 -10.47
N GLU A 122 -6.24 14.56 -9.56
CA GLU A 122 -7.58 14.02 -9.39
C GLU A 122 -8.27 14.65 -8.19
N ILE A 123 -7.67 15.72 -7.66
CA ILE A 123 -8.23 16.41 -6.50
C ILE A 123 -7.90 17.90 -6.53
N PRO A 124 -8.79 18.72 -5.97
CA PRO A 124 -8.62 20.17 -5.92
C PRO A 124 -7.49 20.59 -4.97
N LEU A 125 -6.55 19.69 -4.76
CA LEU A 125 -5.41 19.96 -3.88
C LEU A 125 -4.35 20.78 -4.59
N HIS A 126 -3.12 20.72 -4.08
CA HIS A 126 -2.01 21.45 -4.68
C HIS A 126 -0.67 20.91 -4.20
N PHE A 127 0.26 20.71 -5.13
CA PHE A 127 1.57 20.19 -4.80
C PHE A 127 2.66 21.18 -5.19
N ARG A 128 3.70 21.26 -4.36
CA ARG A 128 4.81 22.17 -4.62
C ARG A 128 6.12 21.40 -4.78
N LYS A 129 6.96 21.86 -5.71
CA LYS A 129 8.24 21.22 -5.96
C LYS A 129 9.28 21.65 -4.92
N VAL A 130 10.22 20.76 -4.64
CA VAL A 130 11.26 21.05 -3.66
C VAL A 130 12.59 21.37 -4.36
N VAL A 131 13.17 22.51 -4.02
CA VAL A 131 14.44 22.93 -4.62
C VAL A 131 15.31 23.64 -3.60
N TRP A 132 14.72 23.99 -2.46
CA TRP A 132 15.44 24.68 -1.40
C TRP A 132 14.82 24.40 -0.03
N GLY A 133 15.52 23.62 0.79
CA GLY A 133 15.02 23.29 2.11
C GLY A 133 14.56 21.85 2.21
N THR A 134 13.74 21.57 3.22
CA THR A 134 13.22 20.21 3.42
C THR A 134 11.79 20.09 2.94
N ALA A 135 11.38 18.87 2.61
CA ALA A 135 10.03 18.61 2.12
C ALA A 135 9.23 17.80 3.14
N ASP A 136 7.91 17.77 2.96
CA ASP A 136 7.04 17.03 3.85
C ASP A 136 7.12 15.53 3.59
N ILE A 137 6.75 15.13 2.39
CA ILE A 137 6.78 13.72 1.99
C ILE A 137 8.18 13.30 1.56
N MET A 138 8.85 12.53 2.40
CA MET A 138 10.20 12.06 2.08
C MET A 138 10.16 10.70 1.41
N ILE A 139 10.90 10.56 0.30
CA ILE A 139 10.94 9.31 -0.44
C ILE A 139 12.32 8.69 -0.37
N GLY A 140 12.51 7.76 0.57
CA GLY A 140 13.79 7.11 0.72
C GLY A 140 13.64 5.61 0.94
N PHE A 141 14.74 4.88 0.79
CA PHE A 141 14.74 3.43 0.97
C PHE A 141 15.41 3.04 2.27
N ALA A 142 14.96 1.93 2.86
CA ALA A 142 15.52 1.45 4.11
C ALA A 142 14.68 0.30 4.68
N ARG A 143 15.23 -0.40 5.66
CA ARG A 143 14.54 -1.51 6.28
C ARG A 143 14.01 -1.13 7.67
N GLY A 144 13.24 -2.03 8.27
CA GLY A 144 12.69 -1.76 9.58
C GLY A 144 13.75 -1.40 10.60
N ALA A 145 15.00 -1.72 10.29
CA ALA A 145 16.12 -1.43 11.18
C ALA A 145 16.66 -0.02 10.93
N HIS A 146 15.90 0.79 10.19
CA HIS A 146 16.31 2.15 9.88
C HIS A 146 15.98 3.08 11.04
N GLY A 147 15.31 2.55 12.06
CA GLY A 147 14.95 3.36 13.21
C GLY A 147 13.46 3.32 13.50
N ASP A 148 12.74 2.45 12.77
CA ASP A 148 11.31 2.31 12.96
C ASP A 148 10.96 0.97 13.57
N SER A 149 9.75 0.85 14.10
CA SER A 149 9.30 -0.38 14.72
C SER A 149 8.69 -1.33 13.69
N TYR A 150 8.30 -2.51 14.14
CA TYR A 150 7.70 -3.51 13.25
C TYR A 150 8.72 -4.00 12.23
N PRO A 151 8.87 -5.34 12.14
CA PRO A 151 9.80 -5.97 11.21
C PRO A 151 9.36 -5.82 9.75
N PHE A 152 10.33 -5.68 8.86
CA PHE A 152 10.04 -5.53 7.44
C PHE A 152 10.02 -6.90 6.73
N ASP A 153 10.82 -7.83 7.23
CA ASP A 153 10.88 -9.17 6.67
C ASP A 153 11.64 -9.16 5.35
N GLY A 154 12.07 -7.97 4.92
CA GLY A 154 12.81 -7.84 3.68
C GLY A 154 12.11 -8.52 2.52
N PRO A 155 12.67 -9.66 2.07
CA PRO A 155 12.12 -10.44 0.96
C PRO A 155 10.81 -11.13 1.33
N GLY A 156 9.86 -11.12 0.41
CA GLY A 156 8.57 -11.75 0.67
C GLY A 156 7.48 -10.76 0.98
N ASN A 157 6.47 -11.19 1.72
CA ASN A 157 5.36 -10.31 2.09
C ASN A 157 5.87 -8.93 2.50
N THR A 158 5.00 -7.93 2.35
CA THR A 158 5.36 -6.57 2.71
C THR A 158 6.21 -5.92 1.62
N LEU A 159 5.67 -4.90 0.97
CA LEU A 159 6.37 -4.20 -0.09
C LEU A 159 6.94 -2.88 0.41
N ALA A 160 6.09 -2.07 1.03
CA ALA A 160 6.50 -0.77 1.57
C ALA A 160 5.53 -0.28 2.63
N HIS A 161 6.05 0.45 3.61
CA HIS A 161 5.22 0.99 4.68
C HIS A 161 5.09 2.50 4.57
N ALA A 162 3.86 2.98 4.49
CA ALA A 162 3.60 4.41 4.39
C ALA A 162 2.97 4.96 5.66
N PHE A 163 3.06 6.27 5.84
CA PHE A 163 2.50 6.91 7.02
C PHE A 163 1.43 7.94 6.64
N ALA A 164 0.61 8.32 7.61
CA ALA A 164 -0.45 9.29 7.37
C ALA A 164 0.06 10.72 7.55
N PRO A 165 -0.73 11.69 7.05
CA PRO A 165 -0.39 13.11 7.14
C PRO A 165 -0.46 13.63 8.58
N GLY A 166 0.48 13.22 9.41
CA GLY A 166 0.51 13.66 10.79
C GLY A 166 1.84 14.23 11.20
N THR A 167 1.90 15.55 11.39
CA THR A 167 3.13 16.22 11.78
C THR A 167 4.22 16.00 10.74
N GLY A 168 5.35 16.67 10.93
CA GLY A 168 6.47 16.54 10.00
C GLY A 168 6.90 15.10 9.84
N LEU A 169 6.80 14.32 10.91
CA LEU A 169 7.19 12.91 10.88
C LEU A 169 6.20 12.10 10.06
N GLY A 170 5.01 12.65 9.84
CA GLY A 170 4.00 11.96 9.07
C GLY A 170 4.10 12.25 7.57
N GLY A 171 3.39 11.47 6.77
CA GLY A 171 3.41 11.66 5.34
C GLY A 171 4.72 11.21 4.72
N ASP A 172 5.49 10.42 5.46
CA ASP A 172 6.77 9.92 4.98
C ASP A 172 6.59 8.65 4.18
N ALA A 173 7.36 8.50 3.11
CA ALA A 173 7.28 7.32 2.26
C ALA A 173 8.54 6.48 2.37
N HIS A 174 8.38 5.18 2.60
CA HIS A 174 9.51 4.27 2.72
C HIS A 174 9.30 3.03 1.85
N PHE A 175 10.34 2.68 1.09
CA PHE A 175 10.28 1.51 0.22
C PHE A 175 11.19 0.40 0.72
N ASP A 176 10.71 -0.83 0.67
CA ASP A 176 11.48 -1.98 1.11
C ASP A 176 12.70 -2.19 0.23
N GLU A 177 13.85 -1.66 0.66
CA GLU A 177 15.09 -1.79 -0.10
C GLU A 177 15.43 -3.25 -0.34
N ASP A 178 14.79 -4.14 0.43
CA ASP A 178 15.04 -5.57 0.30
C ASP A 178 14.28 -6.15 -0.90
N GLU A 179 13.31 -5.38 -1.40
CA GLU A 179 12.51 -5.82 -2.54
C GLU A 179 13.22 -5.47 -3.85
N ARG A 180 12.51 -5.66 -4.97
CA ARG A 180 13.07 -5.38 -6.28
C ARG A 180 12.31 -4.25 -6.96
N TRP A 181 13.01 -3.16 -7.25
CA TRP A 181 12.40 -2.01 -7.90
C TRP A 181 13.02 -1.76 -9.28
N THR A 182 12.20 -1.32 -10.22
CA THR A 182 12.68 -1.04 -11.57
C THR A 182 11.55 -0.50 -12.45
N ASP A 183 11.92 0.10 -13.58
CA ASP A 183 10.95 0.65 -14.51
C ASP A 183 11.14 0.07 -15.91
N GLY A 184 12.24 0.45 -16.56
CA GLY A 184 12.53 -0.02 -17.89
C GLY A 184 12.73 -1.53 -17.93
N SER A 185 12.89 -2.13 -16.76
CA SER A 185 13.11 -3.57 -16.67
C SER A 185 11.78 -4.30 -16.46
N SER A 186 10.80 -3.60 -15.91
CA SER A 186 9.49 -4.17 -15.65
C SER A 186 9.62 -5.62 -15.18
N LEU A 187 10.56 -5.86 -14.28
CA LEU A 187 10.80 -7.20 -13.75
C LEU A 187 10.32 -7.30 -12.31
N GLY A 188 10.45 -6.21 -11.57
CA GLY A 188 10.02 -6.19 -10.18
C GLY A 188 8.82 -5.29 -9.95
N ILE A 189 8.78 -4.64 -8.79
CA ILE A 189 7.69 -3.74 -8.45
C ILE A 189 7.85 -2.39 -9.13
N ASN A 190 7.17 -2.22 -10.26
CA ASN A 190 7.24 -0.97 -11.00
C ASN A 190 7.13 0.24 -10.07
N PHE A 191 8.19 1.05 -10.04
CA PHE A 191 8.22 2.23 -9.19
C PHE A 191 7.00 3.12 -9.44
N LEU A 192 6.58 3.18 -10.70
CA LEU A 192 5.42 3.99 -11.07
C LEU A 192 4.14 3.42 -10.47
N TYR A 193 3.95 2.11 -10.61
CA TYR A 193 2.78 1.44 -10.07
C TYR A 193 2.80 1.42 -8.56
N ALA A 194 3.98 1.22 -7.99
CA ALA A 194 4.13 1.18 -6.54
C ALA A 194 3.99 2.58 -5.94
N ALA A 195 4.49 3.58 -6.66
CA ALA A 195 4.41 4.95 -6.19
C ALA A 195 2.98 5.38 -5.91
N THR A 196 2.07 5.02 -6.83
CA THR A 196 0.67 5.36 -6.68
C THR A 196 0.09 4.77 -5.40
N HIS A 197 0.47 3.53 -5.10
CA HIS A 197 0.00 2.85 -3.89
C HIS A 197 0.65 3.44 -2.64
N ALA A 198 1.97 3.64 -2.71
CA ALA A 198 2.71 4.20 -1.58
C ALA A 198 2.36 5.66 -1.37
N LEU A 199 2.35 6.44 -2.44
CA LEU A 199 2.02 7.86 -2.37
C LEU A 199 0.57 8.07 -1.97
N GLY A 200 -0.32 7.28 -2.56
CA GLY A 200 -1.73 7.38 -2.25
C GLY A 200 -2.03 7.12 -0.78
N HIS A 201 -1.14 6.37 -0.13
CA HIS A 201 -1.32 6.04 1.27
C HIS A 201 -1.16 7.28 2.15
N SER A 202 -0.16 8.10 1.84
CA SER A 202 0.10 9.32 2.59
C SER A 202 -1.08 10.27 2.50
N LEU A 203 -1.88 10.12 1.45
CA LEU A 203 -3.05 10.98 1.25
C LEU A 203 -4.26 10.43 2.02
N GLY A 204 -4.05 9.35 2.75
CA GLY A 204 -5.13 8.75 3.52
C GLY A 204 -5.96 7.79 2.70
N MET A 205 -5.73 7.78 1.39
CA MET A 205 -6.47 6.90 0.48
C MET A 205 -6.32 5.44 0.90
N GLY A 206 -7.43 4.73 1.00
CA GLY A 206 -7.39 3.34 1.38
C GLY A 206 -7.54 2.40 0.20
N HIS A 207 -7.41 1.10 0.45
CA HIS A 207 -7.52 0.11 -0.61
C HIS A 207 -8.95 0.04 -1.14
N SER A 208 -9.11 -0.58 -2.31
CA SER A 208 -10.43 -0.70 -2.94
C SER A 208 -10.72 -2.15 -3.29
N SER A 209 -12.01 -2.48 -3.40
CA SER A 209 -12.41 -3.84 -3.73
C SER A 209 -12.48 -4.02 -5.25
N ASP A 210 -12.26 -2.95 -5.97
CA ASP A 210 -12.29 -2.98 -7.44
C ASP A 210 -11.09 -3.75 -7.99
N PRO A 211 -11.35 -4.66 -8.94
CA PRO A 211 -10.30 -5.47 -9.57
C PRO A 211 -9.38 -4.63 -10.46
N ASN A 212 -9.73 -3.36 -10.65
CA ASN A 212 -8.94 -2.47 -11.48
C ASN A 212 -8.59 -1.19 -10.73
N ALA A 213 -8.54 -1.29 -9.40
CA ALA A 213 -8.22 -0.14 -8.56
C ALA A 213 -6.70 0.00 -8.39
N VAL A 214 -6.24 1.24 -8.30
CA VAL A 214 -4.82 1.51 -8.13
C VAL A 214 -4.33 1.04 -6.76
N MET A 215 -5.25 1.02 -5.79
CA MET A 215 -4.91 0.60 -4.43
C MET A 215 -5.21 -0.89 -4.24
N TYR A 216 -5.58 -1.56 -5.33
CA TYR A 216 -5.90 -2.98 -5.28
C TYR A 216 -4.73 -3.77 -4.71
N PRO A 217 -4.93 -4.34 -3.50
CA PRO A 217 -3.90 -5.14 -2.82
C PRO A 217 -3.66 -6.48 -3.51
N THR A 218 -4.61 -6.89 -4.35
CA THR A 218 -4.49 -8.14 -5.07
C THR A 218 -3.66 -7.98 -6.34
N TYR A 219 -2.41 -7.57 -6.18
CA TYR A 219 -1.52 -7.37 -7.31
C TYR A 219 -1.58 -8.55 -8.28
N GLY A 220 -1.92 -8.26 -9.53
CA GLY A 220 -2.01 -9.31 -10.54
C GLY A 220 -0.73 -9.48 -11.31
N ASN A 221 -0.70 -10.47 -12.19
CA ASN A 221 0.48 -10.75 -13.01
C ASN A 221 0.70 -9.64 -14.03
N GLY A 222 -0.13 -9.62 -15.07
CA GLY A 222 -0.01 -8.60 -16.10
C GLY A 222 -0.23 -7.20 -15.56
N ASP A 223 0.85 -6.44 -15.42
CA ASP A 223 0.77 -5.08 -14.91
C ASP A 223 0.61 -4.08 -16.05
N PRO A 224 -0.01 -2.93 -15.75
CA PRO A 224 -0.24 -1.87 -16.74
C PRO A 224 1.05 -1.19 -17.17
N GLN A 225 1.16 -0.91 -18.46
CA GLN A 225 2.35 -0.25 -19.00
C GLN A 225 2.29 1.26 -18.78
N ASN A 226 1.07 1.78 -18.61
CA ASN A 226 0.87 3.20 -18.41
C ASN A 226 0.32 3.47 -17.01
N PHE A 227 -0.61 2.62 -16.57
CA PHE A 227 -1.22 2.76 -15.24
C PHE A 227 -2.07 4.02 -15.18
N LYS A 228 -3.28 3.88 -14.63
CA LYS A 228 -4.20 5.01 -14.50
C LYS A 228 -4.98 4.93 -13.20
N LEU A 229 -5.51 6.06 -12.76
CA LEU A 229 -6.29 6.12 -11.52
C LEU A 229 -7.62 5.41 -11.69
N SER A 230 -8.12 4.83 -10.59
CA SER A 230 -9.38 4.12 -10.62
C SER A 230 -10.55 5.07 -10.37
N GLN A 231 -11.70 4.77 -10.97
CA GLN A 231 -12.89 5.60 -10.81
C GLN A 231 -13.37 5.60 -9.36
N ASP A 232 -13.79 4.42 -8.89
CA ASP A 232 -14.27 4.28 -7.52
C ASP A 232 -13.23 4.77 -6.52
N ASP A 233 -11.95 4.68 -6.91
CA ASP A 233 -10.87 5.11 -6.05
C ASP A 233 -10.86 6.63 -5.91
N ILE A 234 -10.94 7.34 -7.03
CA ILE A 234 -10.93 8.79 -7.03
C ILE A 234 -12.23 9.34 -6.43
N LYS A 235 -13.35 8.75 -6.84
CA LYS A 235 -14.66 9.18 -6.35
C LYS A 235 -14.72 9.11 -4.82
N GLY A 236 -14.00 8.15 -4.26
CA GLY A 236 -13.99 7.99 -2.81
C GLY A 236 -13.35 9.18 -2.11
N ILE A 237 -12.16 9.56 -2.56
CA ILE A 237 -11.45 10.68 -1.97
C ILE A 237 -12.08 12.00 -2.36
N GLN A 238 -12.66 12.04 -3.56
CA GLN A 238 -13.30 13.26 -4.06
C GLN A 238 -14.47 13.66 -3.17
N LYS A 239 -15.02 12.70 -2.44
CA LYS A 239 -16.14 12.95 -1.54
C LYS A 239 -15.67 13.68 -0.29
N LEU A 240 -14.40 13.53 0.05
CA LEU A 240 -13.83 14.17 1.22
C LEU A 240 -13.20 15.52 0.86
N TYR A 241 -12.70 15.61 -0.38
CA TYR A 241 -12.08 16.84 -0.84
C TYR A 241 -13.09 17.74 -1.55
N GLY A 242 -14.04 17.11 -2.25
CA GLY A 242 -15.05 17.86 -2.96
C GLY A 242 -16.45 17.61 -2.42
N LYS A 243 -17.34 17.14 -3.27
CA LYS A 243 -18.71 16.85 -2.87
C LYS A 243 -18.89 15.37 -2.56
N ARG A 244 -19.51 15.07 -1.42
CA ARG A 244 -19.73 13.70 -1.00
C ARG A 244 -20.39 12.90 -2.12
N SER A 245 -20.31 11.57 -2.01
CA SER A 245 -20.90 10.69 -3.01
C SER A 245 -20.83 9.23 -2.56
N ASN A 246 -19.63 8.79 -2.19
CA ASN A 246 -19.44 7.42 -1.73
C ASN A 246 -19.47 7.34 -0.21
N SER A 247 -19.11 6.17 0.32
CA SER A 247 -19.11 5.96 1.76
C SER A 247 -17.89 5.12 2.18
N ARG A 248 -17.94 3.84 1.88
CA ARG A 248 -16.86 2.93 2.23
C ARG A 248 -16.68 2.84 3.74
N LYS A 249 -15.78 1.98 4.18
CA LYS A 249 -15.50 1.80 5.60
C LYS A 249 -14.01 1.85 5.89
N LYS A 250 -13.29 2.67 5.13
CA LYS A 250 -11.86 2.81 5.30
C LYS A 250 -11.29 3.88 4.36
CA CA B . 6.85 14.01 6.52
CA CA C . 9.48 -7.67 1.51
ZN ZN D . 10.11 3.40 8.31
ZN ZN E . -1.62 -0.53 0.63
N LEU A 1 3.35 -19.44 -8.03
CA LEU A 1 1.95 -19.30 -8.45
C LEU A 1 1.29 -20.67 -8.61
N PRO A 2 1.09 -21.36 -7.47
CA PRO A 2 0.46 -22.69 -7.46
C PRO A 2 -1.03 -22.62 -7.80
N LEU A 3 -1.70 -23.76 -7.68
CA LEU A 3 -3.13 -23.84 -7.97
C LEU A 3 -3.92 -24.18 -6.71
N PRO A 4 -5.24 -23.88 -6.75
CA PRO A 4 -6.13 -24.15 -5.62
C PRO A 4 -6.36 -25.64 -5.41
N GLN A 5 -7.31 -25.97 -4.52
CA GLN A 5 -7.62 -27.36 -4.22
C GLN A 5 -6.50 -28.03 -3.44
N GLU A 6 -5.37 -28.24 -4.10
CA GLU A 6 -4.21 -28.87 -3.45
C GLU A 6 -3.80 -28.09 -2.20
N ALA A 7 -4.00 -26.78 -2.22
CA ALA A 7 -3.65 -25.93 -1.10
C ALA A 7 -4.37 -26.38 0.17
N GLY A 8 -5.59 -26.89 0.01
CA GLY A 8 -6.36 -27.36 1.15
C GLY A 8 -5.62 -28.40 1.96
N GLY A 9 -4.80 -29.20 1.28
CA GLY A 9 -4.04 -30.24 1.96
C GLY A 9 -2.57 -29.90 2.07
N MET A 10 -2.23 -28.63 1.88
CA MET A 10 -0.84 -28.19 1.95
C MET A 10 -0.29 -28.34 3.37
N SER A 11 1.03 -28.29 3.49
CA SER A 11 1.68 -28.43 4.79
C SER A 11 1.08 -27.46 5.81
N GLU A 12 1.04 -27.88 7.07
CA GLU A 12 0.48 -27.05 8.13
C GLU A 12 1.26 -25.75 8.26
N LEU A 13 2.55 -25.79 7.95
CA LEU A 13 3.39 -24.60 8.03
C LEU A 13 2.93 -23.54 7.05
N GLN A 14 2.57 -23.97 5.83
CA GLN A 14 2.12 -23.06 4.81
C GLN A 14 0.83 -22.34 5.24
N TRP A 15 -0.09 -23.11 5.80
CA TRP A 15 -1.36 -22.55 6.25
C TRP A 15 -1.17 -21.72 7.53
N GLU A 16 -0.19 -22.12 8.34
CA GLU A 16 0.09 -21.42 9.58
C GLU A 16 0.78 -20.08 9.31
N GLN A 17 1.63 -20.06 8.30
CA GLN A 17 2.35 -18.85 7.94
C GLN A 17 1.39 -17.76 7.49
N ALA A 18 0.35 -18.15 6.77
CA ALA A 18 -0.65 -17.20 6.28
C ALA A 18 -1.39 -16.55 7.44
N GLN A 19 -1.77 -17.36 8.43
CA GLN A 19 -2.49 -16.85 9.59
C GLN A 19 -1.64 -15.84 10.36
N ASP A 20 -0.37 -16.15 10.54
CA ASP A 20 0.55 -15.28 11.25
C ASP A 20 0.91 -14.06 10.41
N TYR A 21 0.94 -14.25 9.09
CA TYR A 21 1.27 -13.16 8.17
C TYR A 21 0.14 -12.13 8.12
N LEU A 22 -1.10 -12.61 8.20
CA LEU A 22 -2.26 -11.74 8.15
C LEU A 22 -2.39 -10.94 9.44
N LYS A 23 -1.76 -11.44 10.51
CA LYS A 23 -1.80 -10.77 11.81
C LYS A 23 -0.89 -9.54 11.81
N ARG A 24 0.21 -9.62 11.09
CA ARG A 24 1.17 -8.52 11.01
C ARG A 24 0.67 -7.45 10.04
N PHE A 25 -0.14 -7.86 9.08
CA PHE A 25 -0.68 -6.93 8.09
C PHE A 25 -1.80 -6.10 8.68
N TYR A 26 -2.07 -6.30 9.98
CA TYR A 26 -3.12 -5.57 10.67
C TYR A 26 -2.55 -4.75 11.82
N LEU A 27 -2.21 -5.43 12.91
CA LEU A 27 -1.65 -4.76 14.08
C LEU A 27 -0.94 -5.76 14.99
N TYR A 28 -0.50 -6.88 14.40
CA TYR A 28 0.20 -7.91 15.16
C TYR A 28 -0.58 -8.27 16.42
N ASP A 29 -1.48 -9.24 16.30
CA ASP A 29 -2.29 -9.68 17.43
C ASP A 29 -2.15 -11.18 17.65
N SER A 30 -1.51 -11.57 18.76
CA SER A 30 -1.31 -12.97 19.07
C SER A 30 -2.52 -13.55 19.79
N GLU A 31 -3.45 -12.68 20.16
CA GLU A 31 -4.66 -13.10 20.86
C GLU A 31 -5.71 -13.58 19.88
N THR A 32 -5.52 -13.27 18.60
CA THR A 32 -6.45 -13.68 17.56
C THR A 32 -6.09 -15.05 17.00
N LYS A 33 -5.16 -15.72 17.66
CA LYS A 33 -4.72 -17.05 17.24
C LYS A 33 -5.72 -18.12 17.70
N ASN A 34 -6.58 -18.55 16.80
CA ASN A 34 -7.58 -19.57 17.11
C ASN A 34 -8.23 -20.11 15.84
N ALA A 35 -8.84 -21.28 15.95
CA ALA A 35 -9.50 -21.90 14.80
C ALA A 35 -10.82 -21.20 14.50
N ASN A 36 -11.54 -20.80 15.54
CA ASN A 36 -12.83 -20.12 15.37
C ASN A 36 -12.62 -18.67 14.95
N SER A 37 -11.75 -17.96 15.66
CA SER A 37 -11.46 -16.57 15.36
C SER A 37 -10.90 -16.42 13.95
N LEU A 38 -10.33 -17.50 13.44
CA LEU A 38 -9.75 -17.49 12.10
C LEU A 38 -10.80 -17.15 11.05
N GLU A 39 -11.97 -17.77 11.18
CA GLU A 39 -13.07 -17.54 10.24
C GLU A 39 -13.52 -16.08 10.28
N ALA A 40 -13.78 -15.58 11.48
CA ALA A 40 -14.22 -14.19 11.65
C ALA A 40 -13.12 -13.22 11.20
N LYS A 41 -11.87 -13.58 11.47
CA LYS A 41 -10.74 -12.74 11.10
C LYS A 41 -10.56 -12.70 9.58
N LEU A 42 -10.55 -13.89 8.96
CA LEU A 42 -10.39 -13.99 7.53
C LEU A 42 -11.53 -13.28 6.79
N LYS A 43 -12.73 -13.36 7.37
CA LYS A 43 -13.91 -12.73 6.78
C LYS A 43 -13.69 -11.23 6.62
N GLU A 44 -13.18 -10.59 7.67
CA GLU A 44 -12.93 -9.16 7.65
C GLU A 44 -11.90 -8.80 6.59
N MET A 45 -10.95 -9.72 6.35
CA MET A 45 -9.91 -9.50 5.36
C MET A 45 -10.49 -9.50 3.95
N GLN A 46 -11.52 -10.30 3.73
CA GLN A 46 -12.16 -10.40 2.43
C GLN A 46 -12.67 -9.03 1.98
N LYS A 47 -13.21 -8.27 2.92
CA LYS A 47 -13.73 -6.95 2.62
C LYS A 47 -12.61 -5.98 2.27
N PHE A 48 -11.43 -6.23 2.82
CA PHE A 48 -10.27 -5.38 2.57
C PHE A 48 -9.76 -5.56 1.14
N PHE A 49 -9.70 -6.82 0.69
CA PHE A 49 -9.24 -7.13 -0.65
C PHE A 49 -10.37 -6.95 -1.67
N GLY A 50 -11.59 -7.27 -1.25
CA GLY A 50 -12.74 -7.14 -2.14
C GLY A 50 -13.18 -8.47 -2.70
N LEU A 51 -12.40 -9.51 -2.46
CA LEU A 51 -12.72 -10.85 -2.94
C LEU A 51 -14.05 -11.32 -2.39
N PRO A 52 -14.88 -11.92 -3.26
CA PRO A 52 -16.19 -12.44 -2.88
C PRO A 52 -16.10 -13.66 -1.96
N ILE A 53 -15.34 -14.65 -2.39
CA ILE A 53 -15.16 -15.87 -1.62
C ILE A 53 -14.77 -15.55 -0.18
N THR A 54 -15.70 -15.77 0.74
CA THR A 54 -15.45 -15.52 2.15
C THR A 54 -15.04 -16.78 2.88
N GLY A 55 -14.34 -16.62 4.00
CA GLY A 55 -13.89 -17.77 4.77
C GLY A 55 -13.01 -18.70 3.96
N MET A 56 -12.43 -18.18 2.89
CA MET A 56 -11.56 -18.98 2.03
C MET A 56 -10.10 -18.60 2.26
N LEU A 57 -9.22 -19.61 2.20
CA LEU A 57 -7.80 -19.38 2.40
C LEU A 57 -6.98 -20.56 1.87
N ASN A 58 -6.82 -20.61 0.55
CA ASN A 58 -6.07 -21.69 -0.08
C ASN A 58 -6.02 -21.50 -1.60
N SER A 59 -7.05 -20.88 -2.14
CA SER A 59 -7.13 -20.63 -3.58
C SER A 59 -6.53 -19.27 -3.93
N ARG A 60 -7.39 -18.28 -4.10
CA ARG A 60 -6.95 -16.93 -4.44
C ARG A 60 -6.57 -16.16 -3.18
N VAL A 61 -7.23 -16.46 -2.08
CA VAL A 61 -6.96 -15.80 -0.81
C VAL A 61 -5.54 -16.07 -0.33
N ILE A 62 -5.13 -17.33 -0.44
CA ILE A 62 -3.79 -17.74 -0.02
C ILE A 62 -2.73 -17.15 -0.94
N GLU A 63 -3.07 -16.96 -2.21
CA GLU A 63 -2.16 -16.39 -3.18
C GLU A 63 -1.69 -15.01 -2.76
N ILE A 64 -2.63 -14.19 -2.29
CA ILE A 64 -2.32 -12.84 -1.86
C ILE A 64 -1.63 -12.84 -0.49
N MET A 65 -1.97 -13.84 0.32
CA MET A 65 -1.40 -13.97 1.66
C MET A 65 0.08 -14.33 1.58
N GLN A 66 0.48 -14.98 0.49
CA GLN A 66 1.86 -15.38 0.30
C GLN A 66 2.58 -14.41 -0.64
N LYS A 67 1.82 -13.73 -1.49
CA LYS A 67 2.38 -12.78 -2.44
C LYS A 67 2.55 -11.41 -1.79
N PRO A 68 3.51 -10.63 -2.29
CA PRO A 68 3.79 -9.28 -1.77
C PRO A 68 2.68 -8.29 -2.11
N ARG A 69 2.53 -7.27 -1.27
CA ARG A 69 1.51 -6.25 -1.49
C ARG A 69 1.98 -4.89 -0.98
N CYS A 70 1.81 -4.68 0.32
CA CYS A 70 2.21 -3.41 0.94
C CYS A 70 2.71 -3.64 2.36
N GLY A 71 3.53 -2.71 2.85
CA GLY A 71 4.07 -2.84 4.19
C GLY A 71 3.25 -2.07 5.21
N VAL A 72 2.08 -1.59 4.79
CA VAL A 72 1.20 -0.84 5.68
C VAL A 72 0.08 -1.71 6.21
N PRO A 73 -0.19 -1.60 7.52
CA PRO A 73 -1.25 -2.38 8.17
C PRO A 73 -2.65 -1.93 7.75
N ASP A 74 -3.63 -2.81 7.95
CA ASP A 74 -5.01 -2.50 7.59
C ASP A 74 -5.77 -1.95 8.79
N VAL A 75 -5.05 -1.71 9.89
CA VAL A 75 -5.66 -1.18 11.09
C VAL A 75 -4.63 -0.47 11.96
N ALA A 76 -5.06 0.58 12.65
CA ALA A 76 -4.17 1.34 13.52
C ALA A 76 -4.81 1.57 14.89
N GLU A 77 -4.02 2.07 15.82
CA GLU A 77 -4.49 2.33 17.18
C GLU A 77 -3.45 3.06 18.00
N TYR A 78 -3.82 3.46 19.21
CA TYR A 78 -2.91 4.18 20.09
C TYR A 78 -2.51 5.53 19.51
N SER A 79 -2.22 6.49 20.39
CA SER A 79 -1.83 7.83 19.95
C SER A 79 -2.96 8.50 19.19
N LEU A 80 -3.56 9.52 19.81
CA LEU A 80 -4.67 10.25 19.19
C LEU A 80 -4.21 10.94 17.91
N PHE A 81 -4.39 10.25 16.78
CA PHE A 81 -4.00 10.78 15.48
C PHE A 81 -4.56 12.20 15.29
N PRO A 82 -3.92 12.96 14.40
CA PRO A 82 -4.34 14.34 14.10
C PRO A 82 -5.68 14.39 13.35
N ASN A 83 -6.11 15.60 13.01
CA ASN A 83 -7.35 15.79 12.29
C ASN A 83 -7.15 15.67 10.79
N SER A 84 -8.16 15.14 10.10
CA SER A 84 -8.08 14.97 8.64
C SER A 84 -6.98 13.99 8.27
N PRO A 85 -7.35 12.71 8.09
CA PRO A 85 -6.42 11.66 7.74
C PRO A 85 -5.89 11.80 6.31
N LYS A 86 -6.48 12.73 5.57
CA LYS A 86 -6.08 12.98 4.19
C LYS A 86 -5.51 14.39 4.03
N TRP A 87 -4.57 14.53 3.10
CA TRP A 87 -3.95 15.82 2.84
C TRP A 87 -5.00 16.93 2.72
N THR A 88 -5.05 17.81 3.72
CA THR A 88 -6.01 18.89 3.72
C THR A 88 -5.31 20.25 3.66
N SER A 89 -3.98 20.22 3.72
CA SER A 89 -3.19 21.45 3.68
C SER A 89 -3.40 22.18 2.36
N LYS A 90 -3.01 23.45 2.33
CA LYS A 90 -3.15 24.27 1.13
C LYS A 90 -2.18 23.81 0.04
N VAL A 91 -1.03 23.29 0.46
CA VAL A 91 -0.02 22.82 -0.48
C VAL A 91 0.86 21.73 0.15
N VAL A 92 1.27 20.76 -0.66
CA VAL A 92 2.12 19.68 -0.18
C VAL A 92 3.32 19.47 -1.09
N THR A 93 4.48 19.26 -0.48
CA THR A 93 5.71 19.05 -1.24
C THR A 93 6.29 17.67 -0.96
N TYR A 94 7.27 17.27 -1.77
CA TYR A 94 7.91 15.97 -1.63
C TYR A 94 9.35 16.02 -2.10
N ARG A 95 10.21 15.23 -1.45
CA ARG A 95 11.63 15.19 -1.80
C ARG A 95 12.20 13.81 -1.51
N ILE A 96 13.06 13.33 -2.41
CA ILE A 96 13.69 12.03 -2.24
C ILE A 96 14.79 12.08 -1.19
N VAL A 97 14.79 11.08 -0.31
CA VAL A 97 15.79 11.00 0.75
C VAL A 97 17.01 10.22 0.30
N SER A 98 16.78 9.13 -0.43
CA SER A 98 17.87 8.29 -0.93
C SER A 98 17.60 7.83 -2.35
N TYR A 99 18.62 7.29 -3.00
CA TYR A 99 18.49 6.82 -4.38
C TYR A 99 18.69 5.30 -4.44
N THR A 100 18.02 4.67 -5.41
CA THR A 100 18.12 3.22 -5.58
C THR A 100 19.36 2.85 -6.39
N ARG A 101 20.01 1.76 -5.99
CA ARG A 101 21.22 1.30 -6.68
C ARG A 101 20.86 0.67 -8.03
N ASP A 102 19.57 0.50 -8.27
CA ASP A 102 19.10 -0.08 -9.52
C ASP A 102 18.71 1.01 -10.51
N LEU A 103 18.32 2.17 -9.99
CA LEU A 103 17.92 3.30 -10.83
C LEU A 103 18.54 4.60 -10.34
N PRO A 104 18.72 5.55 -11.25
CA PRO A 104 19.31 6.86 -10.93
C PRO A 104 18.38 7.71 -10.08
N HIS A 105 18.98 8.59 -9.27
CA HIS A 105 18.20 9.47 -8.40
C HIS A 105 17.17 10.26 -9.20
N ILE A 106 17.45 10.46 -10.49
CA ILE A 106 16.55 11.19 -11.36
C ILE A 106 15.35 10.35 -11.74
N THR A 107 15.58 9.05 -11.97
CA THR A 107 14.50 8.14 -12.34
C THR A 107 13.55 7.92 -11.17
N VAL A 108 14.11 7.80 -9.97
CA VAL A 108 13.30 7.59 -8.78
C VAL A 108 12.54 8.84 -8.39
N ASP A 109 13.24 9.98 -8.40
CA ASP A 109 12.63 11.25 -8.05
C ASP A 109 11.49 11.60 -9.00
N ARG A 110 11.73 11.39 -10.30
CA ARG A 110 10.72 11.69 -11.31
C ARG A 110 9.57 10.68 -11.23
N LEU A 111 9.89 9.44 -10.87
CA LEU A 111 8.89 8.39 -10.75
C LEU A 111 7.83 8.76 -9.71
N VAL A 112 8.29 9.16 -8.54
CA VAL A 112 7.38 9.55 -7.46
C VAL A 112 6.42 10.63 -7.91
N SER A 113 6.93 11.61 -8.65
CA SER A 113 6.12 12.71 -9.14
C SER A 113 5.15 12.24 -10.22
N LYS A 114 5.60 11.27 -11.02
CA LYS A 114 4.78 10.72 -12.09
C LYS A 114 3.52 10.05 -11.53
N ALA A 115 3.65 9.47 -10.34
CA ALA A 115 2.52 8.81 -9.70
C ALA A 115 1.82 9.75 -8.72
N LEU A 116 2.61 10.51 -7.98
CA LEU A 116 2.06 11.45 -7.01
C LEU A 116 1.28 12.56 -7.69
N ASN A 117 1.73 12.93 -8.89
CA ASN A 117 1.05 13.99 -9.65
C ASN A 117 -0.36 13.55 -10.06
N MET A 118 -0.50 12.30 -10.46
CA MET A 118 -1.79 11.76 -10.86
C MET A 118 -2.81 11.90 -9.73
N TRP A 119 -2.35 11.76 -8.49
CA TRP A 119 -3.22 11.88 -7.34
C TRP A 119 -3.76 13.30 -7.18
N GLY A 120 -2.84 14.27 -7.19
CA GLY A 120 -3.24 15.66 -7.04
C GLY A 120 -4.16 16.11 -8.16
N LYS A 121 -3.91 15.62 -9.37
CA LYS A 121 -4.72 15.98 -10.52
C LYS A 121 -6.17 15.53 -10.33
N GLU A 122 -6.38 14.63 -9.38
CA GLU A 122 -7.72 14.11 -9.10
C GLU A 122 -8.31 14.79 -7.86
N ILE A 123 -7.67 15.88 -7.43
CA ILE A 123 -8.13 16.61 -6.26
C ILE A 123 -7.85 18.10 -6.40
N PRO A 124 -8.75 18.93 -5.85
CA PRO A 124 -8.63 20.38 -5.90
C PRO A 124 -7.48 20.90 -5.04
N LEU A 125 -6.69 19.97 -4.49
CA LEU A 125 -5.56 20.33 -3.65
C LEU A 125 -4.53 21.13 -4.43
N HIS A 126 -3.28 21.10 -3.96
CA HIS A 126 -2.20 21.82 -4.62
C HIS A 126 -0.85 21.24 -4.22
N PHE A 127 -0.04 20.90 -5.23
CA PHE A 127 1.28 20.33 -4.98
C PHE A 127 2.38 21.31 -5.38
N ARG A 128 3.46 21.34 -4.60
CA ARG A 128 4.58 22.23 -4.88
C ARG A 128 5.85 21.44 -5.16
N LYS A 129 6.63 21.91 -6.13
CA LYS A 129 7.87 21.25 -6.50
C LYS A 129 9.00 21.65 -5.55
N VAL A 130 9.86 20.69 -5.24
CA VAL A 130 10.99 20.93 -4.34
C VAL A 130 12.29 21.06 -5.12
N VAL A 131 13.14 22.01 -4.71
CA VAL A 131 14.42 22.23 -5.36
C VAL A 131 15.41 22.89 -4.42
N TRP A 132 14.89 23.65 -3.46
CA TRP A 132 15.74 24.34 -2.49
C TRP A 132 15.18 24.18 -1.08
N GLY A 133 15.88 23.40 -0.26
CA GLY A 133 15.44 23.18 1.11
C GLY A 133 14.89 21.79 1.33
N THR A 134 14.09 21.63 2.37
CA THR A 134 13.50 20.33 2.69
C THR A 134 12.04 20.26 2.24
N ALA A 135 11.55 19.04 2.01
CA ALA A 135 10.17 18.84 1.58
C ALA A 135 9.35 18.19 2.67
N ASP A 136 8.02 18.22 2.52
CA ASP A 136 7.12 17.62 3.49
C ASP A 136 7.28 16.09 3.52
N ILE A 137 6.98 15.47 2.38
CA ILE A 137 7.09 14.01 2.28
C ILE A 137 8.52 13.59 1.99
N MET A 138 8.93 12.47 2.58
CA MET A 138 10.28 11.96 2.37
C MET A 138 10.25 10.63 1.61
N ILE A 139 10.88 10.62 0.44
CA ILE A 139 10.92 9.41 -0.38
C ILE A 139 12.30 8.76 -0.32
N GLY A 140 12.48 7.85 0.64
CA GLY A 140 13.76 7.17 0.78
C GLY A 140 13.60 5.66 0.87
N PHE A 141 14.71 4.94 0.76
CA PHE A 141 14.69 3.49 0.83
C PHE A 141 15.23 3.01 2.17
N ALA A 142 14.73 1.86 2.63
CA ALA A 142 15.17 1.29 3.89
C ALA A 142 14.28 0.12 4.31
N ARG A 143 14.74 -0.65 5.28
CA ARG A 143 13.99 -1.80 5.77
C ARG A 143 13.46 -1.54 7.17
N GLY A 144 12.64 -2.48 7.67
CA GLY A 144 12.07 -2.33 9.00
C GLY A 144 13.13 -2.11 10.06
N ALA A 145 14.38 -2.42 9.73
CA ALA A 145 15.49 -2.26 10.66
C ALA A 145 16.13 -0.89 10.51
N HIS A 146 15.45 0.02 9.80
CA HIS A 146 15.95 1.36 9.58
C HIS A 146 15.68 2.24 10.80
N GLY A 147 15.03 1.67 11.80
CA GLY A 147 14.71 2.42 13.00
C GLY A 147 13.23 2.75 13.11
N ASP A 148 12.39 1.77 12.84
CA ASP A 148 10.95 1.96 12.90
C ASP A 148 10.24 0.70 13.38
N SER A 149 8.96 0.82 13.69
CA SER A 149 8.18 -0.32 14.15
C SER A 149 8.07 -1.39 13.07
N TYR A 150 7.65 -2.59 13.47
CA TYR A 150 7.50 -3.69 12.54
C TYR A 150 8.86 -4.10 11.95
N PRO A 151 9.13 -5.41 11.95
CA PRO A 151 10.39 -5.96 11.42
C PRO A 151 10.47 -5.84 9.90
N PHE A 152 11.69 -5.72 9.39
CA PHE A 152 11.92 -5.60 7.96
C PHE A 152 11.24 -6.74 7.20
N ASP A 153 11.36 -7.95 7.75
CA ASP A 153 10.75 -9.12 7.12
C ASP A 153 11.58 -9.59 5.94
N GLY A 154 12.36 -8.68 5.37
CA GLY A 154 13.19 -9.02 4.23
C GLY A 154 12.39 -9.14 2.95
N PRO A 155 12.86 -10.01 2.04
CA PRO A 155 12.20 -10.25 0.75
C PRO A 155 10.86 -10.98 0.91
N GLY A 156 9.89 -10.59 0.09
CA GLY A 156 8.59 -11.22 0.16
C GLY A 156 7.54 -10.34 0.85
N ASN A 157 6.70 -10.96 1.67
CA ASN A 157 5.67 -10.22 2.38
C ASN A 157 6.15 -8.83 2.77
N THR A 158 5.26 -7.85 2.66
CA THR A 158 5.60 -6.47 2.99
C THR A 158 6.39 -5.81 1.88
N LEU A 159 5.75 -4.91 1.15
CA LEU A 159 6.40 -4.21 0.05
C LEU A 159 6.97 -2.87 0.52
N ALA A 160 6.13 -2.04 1.13
CA ALA A 160 6.55 -0.74 1.63
C ALA A 160 5.60 -0.23 2.70
N HIS A 161 6.14 0.52 3.66
CA HIS A 161 5.34 1.07 4.75
C HIS A 161 5.21 2.58 4.61
N ALA A 162 3.97 3.05 4.53
CA ALA A 162 3.70 4.48 4.40
C ALA A 162 3.10 5.05 5.68
N PHE A 163 3.18 6.37 5.83
CA PHE A 163 2.65 7.03 7.01
C PHE A 163 1.55 8.02 6.63
N ALA A 164 0.67 8.31 7.58
CA ALA A 164 -0.44 9.24 7.35
C ALA A 164 0.01 10.68 7.51
N PRO A 165 -0.81 11.62 7.02
CA PRO A 165 -0.51 13.06 7.10
C PRO A 165 -0.59 13.59 8.52
N GLY A 166 0.34 13.15 9.36
CA GLY A 166 0.36 13.59 10.75
C GLY A 166 1.71 14.13 11.16
N THR A 167 1.81 15.45 11.32
CA THR A 167 3.06 16.09 11.72
C THR A 167 4.06 16.08 10.57
N GLY A 168 5.19 16.75 10.78
CA GLY A 168 6.22 16.80 9.76
C GLY A 168 6.57 15.43 9.20
N LEU A 169 6.97 14.53 10.08
CA LEU A 169 7.34 13.18 9.67
C LEU A 169 6.15 12.47 9.02
N GLY A 170 4.95 12.99 9.27
CA GLY A 170 3.76 12.40 8.70
C GLY A 170 3.69 12.57 7.19
N GLY A 171 3.11 11.58 6.52
CA GLY A 171 2.99 11.64 5.08
C GLY A 171 4.26 11.22 4.37
N ASP A 172 5.19 10.63 5.12
CA ASP A 172 6.45 10.19 4.56
C ASP A 172 6.29 8.85 3.86
N ALA A 173 7.10 8.63 2.81
CA ALA A 173 7.04 7.39 2.05
C ALA A 173 8.31 6.57 2.24
N HIS A 174 8.14 5.30 2.56
CA HIS A 174 9.27 4.40 2.77
C HIS A 174 9.16 3.15 1.90
N PHE A 175 10.23 2.80 1.22
CA PHE A 175 10.25 1.63 0.36
C PHE A 175 11.20 0.56 0.90
N ASP A 176 10.77 -0.69 0.81
CA ASP A 176 11.58 -1.81 1.31
C ASP A 176 12.77 -2.05 0.40
N GLU A 177 13.94 -1.57 0.82
CA GLU A 177 15.16 -1.73 0.04
C GLU A 177 15.45 -3.21 -0.21
N ASP A 178 14.80 -4.08 0.55
CA ASP A 178 14.99 -5.52 0.41
C ASP A 178 14.21 -6.05 -0.79
N GLU A 179 13.26 -5.25 -1.28
CA GLU A 179 12.44 -5.64 -2.42
C GLU A 179 13.15 -5.31 -3.74
N ARG A 180 12.45 -5.51 -4.85
CA ARG A 180 13.01 -5.24 -6.16
C ARG A 180 12.30 -4.07 -6.82
N TRP A 181 13.03 -2.98 -7.03
CA TRP A 181 12.47 -1.79 -7.66
C TRP A 181 13.13 -1.51 -9.00
N THR A 182 12.33 -1.13 -10.00
CA THR A 182 12.84 -0.83 -11.33
C THR A 182 11.73 -0.35 -12.25
N ASP A 183 12.12 0.27 -13.36
CA ASP A 183 11.15 0.78 -14.33
C ASP A 183 11.42 0.21 -15.72
N GLY A 184 12.54 0.63 -16.31
CA GLY A 184 12.89 0.16 -17.64
C GLY A 184 13.19 -1.33 -17.67
N SER A 185 13.32 -1.93 -16.48
CA SER A 185 13.61 -3.35 -16.37
C SER A 185 12.32 -4.16 -16.18
N SER A 186 11.29 -3.49 -15.67
CA SER A 186 10.01 -4.14 -15.43
C SER A 186 10.21 -5.60 -15.01
N LEU A 187 10.92 -5.80 -13.91
CA LEU A 187 11.19 -7.15 -13.41
C LEU A 187 10.56 -7.34 -12.03
N GLY A 188 10.53 -6.27 -11.24
CA GLY A 188 9.96 -6.34 -9.91
C GLY A 188 8.79 -5.40 -9.73
N ILE A 189 8.73 -4.74 -8.58
CA ILE A 189 7.65 -3.81 -8.30
C ILE A 189 7.89 -2.46 -8.97
N ASN A 190 7.25 -2.26 -10.11
CA ASN A 190 7.38 -1.01 -10.86
C ASN A 190 7.26 0.19 -9.93
N PHE A 191 8.24 1.08 -9.99
CA PHE A 191 8.24 2.28 -9.16
C PHE A 191 7.02 3.15 -9.46
N LEU A 192 6.64 3.21 -10.73
CA LEU A 192 5.50 4.00 -11.15
C LEU A 192 4.20 3.42 -10.59
N TYR A 193 4.03 2.11 -10.73
CA TYR A 193 2.84 1.44 -10.25
C TYR A 193 2.81 1.40 -8.73
N ALA A 194 3.98 1.21 -8.12
CA ALA A 194 4.10 1.15 -6.68
C ALA A 194 3.95 2.54 -6.07
N ALA A 195 4.47 3.55 -6.76
CA ALA A 195 4.39 4.92 -6.29
C ALA A 195 2.94 5.34 -6.05
N THR A 196 2.08 5.02 -7.00
CA THR A 196 0.66 5.36 -6.89
C THR A 196 0.04 4.77 -5.64
N HIS A 197 0.40 3.52 -5.35
CA HIS A 197 -0.13 2.84 -4.17
C HIS A 197 0.50 3.39 -2.90
N ALA A 198 1.82 3.57 -2.92
CA ALA A 198 2.54 4.09 -1.77
C ALA A 198 2.18 5.55 -1.51
N LEU A 199 2.21 6.35 -2.58
CA LEU A 199 1.89 7.77 -2.47
C LEU A 199 0.44 7.98 -2.04
N GLY A 200 -0.45 7.12 -2.54
CA GLY A 200 -1.85 7.21 -2.19
C GLY A 200 -2.10 7.03 -0.72
N HIS A 201 -1.21 6.29 -0.06
CA HIS A 201 -1.33 6.03 1.38
C HIS A 201 -1.12 7.31 2.18
N SER A 202 -0.11 8.09 1.79
CA SER A 202 0.21 9.33 2.48
C SER A 202 -0.97 10.28 2.45
N LEU A 203 -1.81 10.16 1.43
CA LEU A 203 -2.97 11.01 1.28
C LEU A 203 -4.15 10.46 2.07
N GLY A 204 -3.93 9.34 2.75
CA GLY A 204 -4.98 8.73 3.55
C GLY A 204 -5.83 7.76 2.74
N MET A 205 -5.64 7.76 1.43
CA MET A 205 -6.39 6.87 0.54
C MET A 205 -6.15 5.41 0.91
N GLY A 206 -7.24 4.67 1.12
CA GLY A 206 -7.13 3.27 1.46
C GLY A 206 -7.38 2.35 0.28
N HIS A 207 -7.28 1.05 0.50
CA HIS A 207 -7.49 0.07 -0.55
C HIS A 207 -8.96 0.04 -0.96
N SER A 208 -9.23 -0.48 -2.16
CA SER A 208 -10.59 -0.57 -2.67
C SER A 208 -10.95 -2.01 -3.00
N SER A 209 -12.25 -2.30 -3.03
CA SER A 209 -12.73 -3.65 -3.33
C SER A 209 -12.91 -3.83 -4.84
N ASP A 210 -12.69 -2.76 -5.59
CA ASP A 210 -12.82 -2.81 -7.03
C ASP A 210 -11.68 -3.60 -7.66
N PRO A 211 -12.01 -4.44 -8.65
CA PRO A 211 -11.03 -5.28 -9.35
C PRO A 211 -10.10 -4.45 -10.24
N ASN A 212 -10.40 -3.16 -10.36
CA ASN A 212 -9.59 -2.26 -11.17
C ASN A 212 -9.16 -1.04 -10.37
N ALA A 213 -8.94 -1.23 -9.09
CA ALA A 213 -8.52 -0.14 -8.21
C ALA A 213 -7.00 0.02 -8.22
N VAL A 214 -6.54 1.26 -8.09
CA VAL A 214 -5.11 1.54 -8.08
C VAL A 214 -4.48 1.12 -6.77
N MET A 215 -5.27 1.11 -5.71
CA MET A 215 -4.79 0.72 -4.39
C MET A 215 -5.06 -0.77 -4.13
N TYR A 216 -5.53 -1.47 -5.15
CA TYR A 216 -5.82 -2.88 -5.04
C TYR A 216 -4.60 -3.67 -4.57
N PRO A 217 -4.77 -4.45 -3.50
CA PRO A 217 -3.69 -5.26 -2.93
C PRO A 217 -3.28 -6.42 -3.84
N THR A 218 -4.25 -6.91 -4.61
CA THR A 218 -4.00 -8.02 -5.53
C THR A 218 -3.42 -7.52 -6.85
N TYR A 219 -2.24 -6.91 -6.78
CA TYR A 219 -1.59 -6.38 -7.97
C TYR A 219 -1.70 -7.37 -9.14
N GLY A 220 -1.81 -6.83 -10.35
CA GLY A 220 -1.92 -7.67 -11.53
C GLY A 220 -0.68 -8.51 -11.75
N ASN A 221 -0.77 -9.46 -12.68
CA ASN A 221 0.37 -10.33 -12.99
C ASN A 221 1.60 -9.52 -13.34
N GLY A 222 1.60 -8.94 -14.54
CA GLY A 222 2.72 -8.14 -14.97
C GLY A 222 2.66 -6.71 -14.47
N ASP A 223 3.09 -5.77 -15.29
CA ASP A 223 3.08 -4.36 -14.92
C ASP A 223 2.21 -3.55 -15.87
N PRO A 224 1.67 -2.43 -15.37
CA PRO A 224 0.81 -1.54 -16.16
C PRO A 224 1.58 -0.80 -17.26
N GLN A 225 1.17 -1.02 -18.50
CA GLN A 225 1.82 -0.37 -19.64
C GLN A 225 1.86 1.14 -19.46
N ASN A 226 0.73 1.71 -19.04
CA ASN A 226 0.64 3.15 -18.83
C ASN A 226 0.21 3.46 -17.39
N PHE A 227 -0.67 2.63 -16.86
CA PHE A 227 -1.16 2.81 -15.50
C PHE A 227 -2.00 4.08 -15.40
N LYS A 228 -3.19 3.96 -14.82
CA LYS A 228 -4.09 5.09 -14.66
C LYS A 228 -4.86 4.99 -13.34
N LEU A 229 -5.37 6.13 -12.88
CA LEU A 229 -6.13 6.18 -11.63
C LEU A 229 -7.42 5.38 -11.76
N SER A 230 -7.87 4.81 -10.65
CA SER A 230 -9.10 4.03 -10.63
C SER A 230 -10.31 4.92 -10.37
N GLN A 231 -11.46 4.51 -10.88
CA GLN A 231 -12.69 5.27 -10.70
C GLN A 231 -13.13 5.26 -9.24
N ASP A 232 -13.45 4.08 -8.74
CA ASP A 232 -13.88 3.93 -7.35
C ASP A 232 -12.85 4.52 -6.39
N ASP A 233 -11.59 4.53 -6.81
CA ASP A 233 -10.51 5.07 -5.99
C ASP A 233 -10.61 6.58 -5.89
N ILE A 234 -10.76 7.24 -7.03
CA ILE A 234 -10.88 8.69 -7.07
C ILE A 234 -12.19 9.16 -6.46
N LYS A 235 -13.27 8.50 -6.83
CA LYS A 235 -14.60 8.84 -6.32
C LYS A 235 -14.62 8.78 -4.80
N GLY A 236 -13.85 7.85 -4.23
CA GLY A 236 -13.81 7.71 -2.79
C GLY A 236 -13.26 8.95 -2.10
N ILE A 237 -12.12 9.44 -2.58
CA ILE A 237 -11.50 10.62 -2.01
C ILE A 237 -12.28 11.88 -2.36
N GLN A 238 -12.95 11.85 -3.51
CA GLN A 238 -13.74 12.99 -3.97
C GLN A 238 -14.84 13.32 -2.96
N LYS A 239 -15.30 12.31 -2.24
CA LYS A 239 -16.35 12.50 -1.25
C LYS A 239 -15.82 13.17 0.00
N LEU A 240 -14.52 12.99 0.25
CA LEU A 240 -13.88 13.60 1.42
C LEU A 240 -13.17 14.90 1.05
N TYR A 241 -12.80 15.01 -0.23
CA TYR A 241 -12.11 16.19 -0.72
C TYR A 241 -13.10 17.21 -1.28
N GLY A 242 -14.16 16.71 -1.89
CA GLY A 242 -15.17 17.58 -2.45
C GLY A 242 -16.54 16.94 -2.51
N LYS A 243 -17.06 16.77 -3.73
CA LYS A 243 -18.37 16.16 -3.92
C LYS A 243 -18.27 14.63 -3.92
N ARG A 244 -19.28 13.98 -3.35
CA ARG A 244 -19.29 12.52 -3.27
C ARG A 244 -19.72 11.92 -4.61
N SER A 245 -19.89 10.60 -4.63
CA SER A 245 -20.30 9.90 -5.84
C SER A 245 -20.87 8.53 -5.51
N ASN A 246 -20.21 7.82 -4.61
CA ASN A 246 -20.66 6.49 -4.20
C ASN A 246 -19.98 6.06 -2.91
N SER A 247 -20.19 4.80 -2.53
CA SER A 247 -19.60 4.26 -1.31
C SER A 247 -18.33 3.47 -1.61
N ARG A 248 -17.71 2.94 -0.57
CA ARG A 248 -16.49 2.15 -0.73
C ARG A 248 -16.15 1.40 0.56
N LYS A 249 -14.99 0.76 0.58
CA LYS A 249 -14.55 0.01 1.74
C LYS A 249 -13.04 0.13 1.92
N LYS A 250 -12.60 0.25 3.18
CA LYS A 250 -11.18 0.37 3.49
C LYS A 250 -10.47 -0.95 3.25
CA CA B . 6.39 14.19 6.07
CA CA C . 9.67 -7.43 1.62
ZN ZN D . 10.08 3.17 8.22
ZN ZN E . -1.70 -0.48 0.59
N LEU A 1 1.66 -16.60 -13.74
CA LEU A 1 0.75 -16.47 -12.61
C LEU A 1 0.16 -17.82 -12.23
N PRO A 2 0.06 -18.08 -10.92
CA PRO A 2 -0.48 -19.34 -10.40
C PRO A 2 -1.99 -19.46 -10.63
N LEU A 3 -2.36 -19.92 -11.82
CA LEU A 3 -3.76 -20.09 -12.18
C LEU A 3 -4.47 -21.05 -11.21
N PRO A 4 -3.98 -22.29 -11.15
CA PRO A 4 -4.53 -23.32 -10.28
C PRO A 4 -4.25 -23.05 -8.81
N GLN A 5 -4.59 -24.00 -7.95
CA GLN A 5 -4.38 -23.86 -6.52
C GLN A 5 -3.35 -24.86 -6.02
N GLU A 6 -2.25 -24.35 -5.46
CA GLU A 6 -1.19 -25.21 -4.94
C GLU A 6 -1.35 -25.43 -3.44
N ALA A 7 -2.07 -24.52 -2.79
CA ALA A 7 -2.30 -24.63 -1.36
C ALA A 7 -2.96 -25.96 -1.00
N GLY A 8 -3.80 -26.46 -1.90
CA GLY A 8 -4.48 -27.71 -1.66
C GLY A 8 -3.51 -28.85 -1.38
N GLY A 9 -2.32 -28.77 -1.96
CA GLY A 9 -1.32 -29.80 -1.76
C GLY A 9 -0.18 -29.34 -0.88
N MET A 10 -0.15 -28.04 -0.58
CA MET A 10 0.90 -27.47 0.25
C MET A 10 0.91 -28.11 1.63
N SER A 11 2.00 -27.92 2.37
CA SER A 11 2.13 -28.47 3.71
C SER A 11 1.41 -27.60 4.74
N GLU A 12 1.26 -28.13 5.95
CA GLU A 12 0.60 -27.39 7.02
C GLU A 12 1.30 -26.07 7.29
N LEU A 13 2.62 -26.05 7.09
CA LEU A 13 3.41 -24.85 7.31
C LEU A 13 2.93 -23.71 6.40
N GLN A 14 2.67 -24.04 5.15
CA GLN A 14 2.21 -23.05 4.18
C GLN A 14 0.87 -22.44 4.62
N TRP A 15 -0.03 -23.29 5.08
CA TRP A 15 -1.35 -22.84 5.52
C TRP A 15 -1.25 -22.11 6.86
N GLU A 16 -0.28 -22.52 7.68
CA GLU A 16 -0.08 -21.90 8.99
C GLU A 16 0.54 -20.52 8.85
N GLN A 17 1.40 -20.35 7.86
CA GLN A 17 2.06 -19.07 7.62
C GLN A 17 1.04 -18.00 7.25
N ALA A 18 0.04 -18.38 6.46
CA ALA A 18 -0.99 -17.45 6.03
C ALA A 18 -1.69 -16.83 7.25
N GLN A 19 -1.85 -17.62 8.31
CA GLN A 19 -2.51 -17.15 9.51
C GLN A 19 -1.67 -16.07 10.21
N ASP A 20 -0.35 -16.27 10.22
CA ASP A 20 0.56 -15.32 10.85
C ASP A 20 0.77 -14.10 9.96
N TYR A 21 0.72 -14.32 8.65
CA TYR A 21 0.90 -13.24 7.68
C TYR A 21 -0.19 -12.18 7.83
N LEU A 22 -1.40 -12.63 8.14
CA LEU A 22 -2.53 -11.72 8.31
C LEU A 22 -2.39 -10.91 9.60
N LYS A 23 -1.59 -11.42 10.52
CA LYS A 23 -1.36 -10.75 11.80
C LYS A 23 -0.45 -9.55 11.62
N ARG A 24 0.44 -9.62 10.64
CA ARG A 24 1.37 -8.54 10.37
C ARG A 24 0.75 -7.50 9.43
N PHE A 25 -0.17 -7.96 8.60
CA PHE A 25 -0.85 -7.08 7.64
C PHE A 25 -1.77 -6.11 8.37
N TYR A 26 -1.97 -6.34 9.66
CA TYR A 26 -2.83 -5.48 10.46
C TYR A 26 -2.06 -4.87 11.63
N LEU A 27 -1.54 -5.73 12.50
CA LEU A 27 -0.79 -5.27 13.66
C LEU A 27 0.05 -6.41 14.24
N TYR A 28 -0.55 -7.20 15.12
CA TYR A 28 0.14 -8.32 15.75
C TYR A 28 -0.78 -9.06 16.70
N ASP A 29 -1.48 -10.06 16.18
CA ASP A 29 -2.41 -10.85 16.98
C ASP A 29 -1.95 -12.30 17.05
N SER A 30 -1.14 -12.63 18.06
CA SER A 30 -0.64 -13.98 18.23
C SER A 30 -1.63 -14.84 19.01
N GLU A 31 -2.35 -14.21 19.94
CA GLU A 31 -3.33 -14.91 20.75
C GLU A 31 -4.59 -15.20 19.94
N THR A 32 -4.71 -14.55 18.78
CA THR A 32 -5.87 -14.74 17.92
C THR A 32 -5.79 -16.05 17.16
N LYS A 33 -4.59 -16.63 17.10
CA LYS A 33 -4.38 -17.89 16.41
C LYS A 33 -5.35 -18.96 16.91
N ASN A 34 -6.39 -19.21 16.14
CA ASN A 34 -7.39 -20.21 16.51
C ASN A 34 -8.36 -20.47 15.36
N ALA A 35 -8.91 -21.67 15.31
CA ALA A 35 -9.85 -22.04 14.26
C ALA A 35 -11.14 -21.23 14.37
N ASN A 36 -11.38 -20.66 15.55
CA ASN A 36 -12.56 -19.85 15.78
C ASN A 36 -12.34 -18.41 15.33
N SER A 37 -11.23 -17.83 15.77
CA SER A 37 -10.90 -16.46 15.42
C SER A 37 -10.42 -16.36 13.97
N LEU A 38 -9.97 -17.49 13.42
CA LEU A 38 -9.48 -17.54 12.05
C LEU A 38 -10.60 -17.22 11.07
N GLU A 39 -11.77 -17.80 11.30
CA GLU A 39 -12.92 -17.58 10.43
C GLU A 39 -13.36 -16.12 10.49
N ALA A 40 -13.55 -15.61 11.69
CA ALA A 40 -13.98 -14.23 11.89
C ALA A 40 -12.94 -13.26 11.35
N LYS A 41 -11.69 -13.45 11.76
CA LYS A 41 -10.59 -12.59 11.32
C LYS A 41 -10.44 -12.63 9.80
N LEU A 42 -10.39 -13.85 9.26
CA LEU A 42 -10.26 -14.03 7.82
C LEU A 42 -11.39 -13.33 7.06
N LYS A 43 -12.58 -13.37 7.64
CA LYS A 43 -13.75 -12.75 7.04
C LYS A 43 -13.51 -11.25 6.81
N GLU A 44 -12.98 -10.59 7.84
CA GLU A 44 -12.71 -9.15 7.75
C GLU A 44 -11.72 -8.85 6.63
N MET A 45 -10.80 -9.79 6.39
CA MET A 45 -9.81 -9.62 5.35
C MET A 45 -10.45 -9.67 3.97
N GLN A 46 -11.49 -10.47 3.84
CA GLN A 46 -12.18 -10.61 2.56
C GLN A 46 -12.78 -9.28 2.13
N LYS A 47 -13.32 -8.53 3.09
CA LYS A 47 -13.93 -7.24 2.80
C LYS A 47 -12.86 -6.20 2.49
N PHE A 48 -11.70 -6.33 3.12
CA PHE A 48 -10.59 -5.41 2.90
C PHE A 48 -10.00 -5.59 1.51
N PHE A 49 -9.87 -6.85 1.10
CA PHE A 49 -9.30 -7.16 -0.21
C PHE A 49 -10.36 -7.03 -1.30
N GLY A 50 -11.59 -7.39 -0.96
CA GLY A 50 -12.68 -7.31 -1.93
C GLY A 50 -13.07 -8.67 -2.48
N LEU A 51 -12.26 -9.68 -2.18
CA LEU A 51 -12.53 -11.04 -2.65
C LEU A 51 -13.86 -11.54 -2.12
N PRO A 52 -14.63 -12.22 -3.00
CA PRO A 52 -15.94 -12.77 -2.65
C PRO A 52 -15.84 -13.94 -1.68
N ILE A 53 -15.03 -14.94 -2.04
CA ILE A 53 -14.85 -16.12 -1.20
C ILE A 53 -14.46 -15.72 0.22
N THR A 54 -15.40 -15.91 1.16
CA THR A 54 -15.18 -15.57 2.54
C THR A 54 -15.18 -16.81 3.42
N GLY A 55 -14.44 -16.76 4.53
CA GLY A 55 -14.37 -17.90 5.42
C GLY A 55 -13.47 -19.01 4.89
N MET A 56 -12.91 -18.79 3.72
CA MET A 56 -12.03 -19.78 3.10
C MET A 56 -10.78 -19.11 2.53
N LEU A 57 -9.74 -19.92 2.30
CA LEU A 57 -8.49 -19.41 1.76
C LEU A 57 -7.70 -20.51 1.08
N ASN A 58 -7.28 -20.26 -0.17
CA ASN A 58 -6.52 -21.24 -0.93
C ASN A 58 -6.32 -20.77 -2.36
N SER A 59 -7.27 -19.98 -2.86
CA SER A 59 -7.20 -19.47 -4.22
C SER A 59 -6.61 -18.06 -4.24
N ARG A 60 -7.47 -17.06 -4.07
CA ARG A 60 -7.05 -15.67 -4.07
C ARG A 60 -6.55 -15.25 -2.69
N VAL A 61 -7.18 -15.80 -1.65
CA VAL A 61 -6.81 -15.48 -0.28
C VAL A 61 -5.36 -15.86 0.00
N ILE A 62 -4.98 -17.06 -0.41
CA ILE A 62 -3.61 -17.55 -0.21
C ILE A 62 -2.65 -16.90 -1.20
N GLU A 63 -3.15 -16.59 -2.40
CA GLU A 63 -2.33 -15.96 -3.42
C GLU A 63 -1.79 -14.62 -2.94
N ILE A 64 -2.65 -13.83 -2.31
CA ILE A 64 -2.26 -12.52 -1.81
C ILE A 64 -1.27 -12.65 -0.65
N MET A 65 -1.39 -13.75 0.09
CA MET A 65 -0.51 -14.00 1.24
C MET A 65 0.94 -14.10 0.77
N GLN A 66 1.16 -14.74 -0.36
CA GLN A 66 2.50 -14.90 -0.91
C GLN A 66 2.87 -13.74 -1.82
N LYS A 67 1.86 -13.11 -2.40
CA LYS A 67 2.07 -11.98 -3.31
C LYS A 67 2.19 -10.68 -2.52
N PRO A 68 3.19 -9.87 -2.87
CA PRO A 68 3.43 -8.57 -2.21
C PRO A 68 2.36 -7.55 -2.54
N ARG A 69 2.10 -6.64 -1.60
CA ARG A 69 1.09 -5.60 -1.81
C ARG A 69 1.53 -4.30 -1.15
N CYS A 70 1.37 -4.21 0.17
CA CYS A 70 1.75 -3.02 0.92
C CYS A 70 2.29 -3.38 2.30
N GLY A 71 3.32 -2.66 2.73
CA GLY A 71 3.91 -2.92 4.04
C GLY A 71 3.27 -2.12 5.13
N VAL A 72 2.08 -1.58 4.87
CA VAL A 72 1.34 -0.79 5.84
C VAL A 72 0.11 -1.52 6.35
N PRO A 73 -0.17 -1.40 7.65
CA PRO A 73 -1.32 -2.04 8.28
C PRO A 73 -2.64 -1.42 7.83
N ASP A 74 -3.75 -1.95 8.36
CA ASP A 74 -5.07 -1.45 8.02
C ASP A 74 -5.98 -1.38 9.25
N VAL A 75 -5.35 -1.22 10.42
CA VAL A 75 -6.09 -1.15 11.66
C VAL A 75 -5.55 -0.04 12.56
N ALA A 76 -6.45 0.80 13.05
CA ALA A 76 -6.07 1.91 13.93
C ALA A 76 -6.92 1.95 15.18
N GLU A 77 -6.54 2.78 16.14
CA GLU A 77 -7.28 2.91 17.40
C GLU A 77 -6.94 4.22 18.10
N TYR A 78 -7.66 4.51 19.17
CA TYR A 78 -7.43 5.74 19.94
C TYR A 78 -5.95 5.87 20.32
N SER A 79 -5.42 7.09 20.19
CA SER A 79 -4.03 7.35 20.52
C SER A 79 -3.68 8.81 20.28
N LEU A 80 -2.44 9.18 20.56
CA LEU A 80 -1.98 10.55 20.38
C LEU A 80 -1.71 10.85 18.90
N PHE A 81 -2.74 10.68 18.08
CA PHE A 81 -2.62 10.93 16.65
C PHE A 81 -3.29 12.24 16.27
N PRO A 82 -2.92 12.78 15.09
CA PRO A 82 -3.47 14.04 14.59
C PRO A 82 -4.93 13.90 14.17
N ASN A 83 -5.48 14.98 13.60
CA ASN A 83 -6.87 14.97 13.16
C ASN A 83 -6.98 15.44 11.71
N SER A 84 -7.06 14.48 10.79
CA SER A 84 -7.16 14.78 9.38
C SER A 84 -7.24 13.50 8.54
N PRO A 85 -8.32 13.37 7.77
CA PRO A 85 -8.53 12.20 6.91
C PRO A 85 -7.57 12.15 5.74
N LYS A 86 -7.41 13.28 5.04
CA LYS A 86 -6.52 13.37 3.90
C LYS A 86 -5.77 14.69 3.91
N TRP A 87 -4.94 14.90 2.89
CA TRP A 87 -4.17 16.14 2.77
C TRP A 87 -5.08 17.35 2.71
N THR A 88 -5.08 18.14 3.77
CA THR A 88 -5.91 19.34 3.84
C THR A 88 -5.08 20.60 3.63
N SER A 89 -3.76 20.46 3.73
CA SER A 89 -2.85 21.60 3.56
C SER A 89 -3.06 22.25 2.20
N LYS A 90 -2.76 23.54 2.12
CA LYS A 90 -2.91 24.29 0.88
C LYS A 90 -1.96 23.76 -0.20
N VAL A 91 -0.81 23.26 0.24
CA VAL A 91 0.19 22.72 -0.68
C VAL A 91 1.11 21.73 0.03
N VAL A 92 1.51 20.69 -0.69
CA VAL A 92 2.39 19.68 -0.14
C VAL A 92 3.65 19.51 -0.99
N THR A 93 4.79 19.36 -0.32
CA THR A 93 6.07 19.19 -1.02
C THR A 93 6.67 17.82 -0.74
N TYR A 94 7.43 17.31 -1.71
CA TYR A 94 8.07 16.00 -1.56
C TYR A 94 9.55 16.07 -1.96
N ARG A 95 10.37 15.27 -1.29
CA ARG A 95 11.79 15.24 -1.58
C ARG A 95 12.36 13.85 -1.32
N ILE A 96 13.23 13.40 -2.22
CA ILE A 96 13.85 12.08 -2.10
C ILE A 96 14.97 12.09 -1.07
N VAL A 97 14.99 11.07 -0.21
CA VAL A 97 16.01 10.96 0.83
C VAL A 97 17.21 10.16 0.33
N SER A 98 16.94 9.10 -0.40
CA SER A 98 18.00 8.24 -0.93
C SER A 98 17.67 7.77 -2.34
N TYR A 99 18.64 7.17 -3.01
CA TYR A 99 18.46 6.67 -4.36
C TYR A 99 18.62 5.16 -4.41
N THR A 100 17.93 4.52 -5.35
CA THR A 100 18.00 3.07 -5.51
C THR A 100 19.21 2.67 -6.34
N ARG A 101 19.86 1.57 -5.95
CA ARG A 101 21.03 1.09 -6.66
C ARG A 101 20.64 0.47 -8.01
N ASP A 102 19.34 0.34 -8.23
CA ASP A 102 18.83 -0.24 -9.47
C ASP A 102 18.45 0.87 -10.46
N LEU A 103 18.11 2.04 -9.92
CA LEU A 103 17.72 3.17 -10.76
C LEU A 103 18.39 4.45 -10.29
N PRO A 104 18.60 5.39 -11.21
CA PRO A 104 19.23 6.68 -10.91
C PRO A 104 18.35 7.58 -10.05
N HIS A 105 18.97 8.43 -9.26
CA HIS A 105 18.24 9.35 -8.39
C HIS A 105 17.21 10.15 -9.19
N ILE A 106 17.47 10.31 -10.48
CA ILE A 106 16.58 11.06 -11.35
C ILE A 106 15.35 10.23 -11.72
N THR A 107 15.57 8.94 -11.96
CA THR A 107 14.49 8.04 -12.32
C THR A 107 13.55 7.80 -11.14
N VAL A 108 14.12 7.68 -9.95
CA VAL A 108 13.33 7.45 -8.75
C VAL A 108 12.60 8.73 -8.33
N ASP A 109 13.31 9.85 -8.34
CA ASP A 109 12.73 11.13 -7.97
C ASP A 109 11.58 11.49 -8.90
N ARG A 110 11.79 11.31 -10.20
CA ARG A 110 10.77 11.63 -11.19
C ARG A 110 9.61 10.64 -11.12
N LEU A 111 9.92 9.40 -10.77
CA LEU A 111 8.90 8.36 -10.64
C LEU A 111 7.86 8.73 -9.60
N VAL A 112 8.34 9.14 -8.42
CA VAL A 112 7.45 9.52 -7.33
C VAL A 112 6.48 10.62 -7.77
N SER A 113 6.99 11.58 -8.52
CA SER A 113 6.18 12.69 -9.01
C SER A 113 5.19 12.22 -10.06
N LYS A 114 5.61 11.24 -10.86
CA LYS A 114 4.76 10.70 -11.91
C LYS A 114 3.52 10.05 -11.32
N ALA A 115 3.66 9.46 -10.14
CA ALA A 115 2.54 8.82 -9.46
C ALA A 115 1.84 9.77 -8.51
N LEU A 116 2.63 10.57 -7.79
CA LEU A 116 2.09 11.53 -6.84
C LEU A 116 1.26 12.60 -7.56
N ASN A 117 1.68 12.95 -8.77
CA ASN A 117 0.98 13.95 -9.56
C ASN A 117 -0.40 13.45 -9.97
N MET A 118 -0.48 12.19 -10.35
CA MET A 118 -1.75 11.59 -10.77
C MET A 118 -2.78 11.69 -9.66
N TRP A 119 -2.33 11.60 -8.42
CA TRP A 119 -3.22 11.68 -7.26
C TRP A 119 -3.86 13.06 -7.16
N GLY A 120 -3.04 14.09 -7.25
CA GLY A 120 -3.53 15.45 -7.17
C GLY A 120 -4.27 15.87 -8.42
N LYS A 121 -3.95 15.24 -9.54
CA LYS A 121 -4.58 15.55 -10.81
C LYS A 121 -6.06 15.21 -10.78
N GLU A 122 -6.47 14.44 -9.77
CA GLU A 122 -7.87 14.05 -9.62
C GLU A 122 -8.49 14.70 -8.39
N ILE A 123 -7.80 15.70 -7.85
CA ILE A 123 -8.29 16.42 -6.68
C ILE A 123 -7.85 17.88 -6.70
N PRO A 124 -8.68 18.75 -6.08
CA PRO A 124 -8.39 20.19 -6.02
C PRO A 124 -7.22 20.51 -5.09
N LEU A 125 -6.34 19.52 -4.92
CA LEU A 125 -5.17 19.70 -4.05
C LEU A 125 -4.16 20.64 -4.70
N HIS A 126 -2.90 20.49 -4.32
CA HIS A 126 -1.83 21.33 -4.86
C HIS A 126 -0.47 20.83 -4.39
N PHE A 127 0.39 20.49 -5.35
CA PHE A 127 1.74 20.01 -5.03
C PHE A 127 2.79 21.07 -5.35
N ARG A 128 3.80 21.16 -4.50
CA ARG A 128 4.87 22.13 -4.69
C ARG A 128 6.20 21.42 -4.94
N LYS A 129 7.00 21.98 -5.84
CA LYS A 129 8.30 21.41 -6.18
C LYS A 129 9.35 21.81 -5.14
N VAL A 130 10.22 20.85 -4.80
CA VAL A 130 11.28 21.10 -3.82
C VAL A 130 12.62 21.30 -4.50
N VAL A 131 13.38 22.28 -4.02
CA VAL A 131 14.70 22.57 -4.58
C VAL A 131 15.62 23.20 -3.54
N TRP A 132 15.01 23.89 -2.58
CA TRP A 132 15.78 24.55 -1.53
C TRP A 132 15.15 24.29 -0.16
N GLY A 133 15.83 23.48 0.64
CA GLY A 133 15.33 23.15 1.97
C GLY A 133 14.80 21.73 2.07
N THR A 134 13.98 21.47 3.08
CA THR A 134 13.42 20.14 3.28
C THR A 134 11.97 20.08 2.79
N ALA A 135 11.52 18.88 2.45
CA ALA A 135 10.16 18.68 1.97
C ALA A 135 9.33 17.88 2.98
N ASP A 136 8.01 17.90 2.80
CA ASP A 136 7.12 17.18 3.68
C ASP A 136 7.20 15.67 3.45
N ILE A 137 6.94 15.27 2.20
CA ILE A 137 6.99 13.86 1.84
C ILE A 137 8.42 13.41 1.56
N MET A 138 8.94 12.54 2.42
CA MET A 138 10.30 12.03 2.27
C MET A 138 10.29 10.68 1.57
N ILE A 139 10.89 10.62 0.38
CA ILE A 139 10.96 9.39 -0.39
C ILE A 139 12.36 8.79 -0.35
N GLY A 140 12.58 7.87 0.58
CA GLY A 140 13.88 7.23 0.70
C GLY A 140 13.77 5.72 0.86
N PHE A 141 14.91 5.04 0.76
CA PHE A 141 14.93 3.58 0.89
C PHE A 141 15.50 3.17 2.24
N ALA A 142 15.05 2.02 2.74
CA ALA A 142 15.51 1.52 4.03
C ALA A 142 14.68 0.31 4.47
N ARG A 143 15.17 -0.39 5.49
CA ARG A 143 14.48 -1.56 6.01
C ARG A 143 13.77 -1.24 7.32
N GLY A 144 12.99 -2.19 7.82
CA GLY A 144 12.26 -1.98 9.05
C GLY A 144 13.19 -1.66 10.21
N ALA A 145 14.48 -1.91 10.04
CA ALA A 145 15.46 -1.64 11.08
C ALA A 145 16.10 -0.27 10.87
N HIS A 146 15.50 0.54 10.00
CA HIS A 146 16.01 1.87 9.71
C HIS A 146 15.79 2.81 10.89
N GLY A 147 15.02 2.34 11.87
CA GLY A 147 14.73 3.16 13.04
C GLY A 147 13.25 3.49 13.17
N ASP A 148 12.41 2.46 13.07
CA ASP A 148 10.97 2.64 13.19
C ASP A 148 10.27 1.31 13.47
N SER A 149 8.98 1.38 13.79
CA SER A 149 8.21 0.19 14.09
C SER A 149 8.11 -0.72 12.87
N TYR A 150 7.50 -1.89 13.06
CA TYR A 150 7.35 -2.85 11.98
C TYR A 150 8.71 -3.38 11.51
N PRO A 151 8.90 -4.70 11.64
CA PRO A 151 10.16 -5.35 11.25
C PRO A 151 10.35 -5.36 9.72
N PHE A 152 11.60 -5.37 9.29
CA PHE A 152 11.92 -5.38 7.88
C PHE A 152 11.20 -6.53 7.17
N ASP A 153 11.20 -7.70 7.80
CA ASP A 153 10.55 -8.87 7.23
C ASP A 153 11.38 -9.47 6.11
N GLY A 154 12.26 -8.65 5.53
CA GLY A 154 13.10 -9.11 4.44
C GLY A 154 12.35 -9.24 3.13
N PRO A 155 12.86 -10.10 2.24
CA PRO A 155 12.25 -10.33 0.93
C PRO A 155 10.93 -11.08 1.03
N GLY A 156 9.97 -10.71 0.18
CA GLY A 156 8.67 -11.37 0.20
C GLY A 156 7.60 -10.50 0.84
N ASN A 157 6.76 -11.12 1.66
CA ASN A 157 5.69 -10.41 2.35
C ASN A 157 6.12 -8.99 2.71
N THR A 158 5.19 -8.06 2.63
CA THR A 158 5.48 -6.67 2.96
C THR A 158 6.30 -6.01 1.86
N LEU A 159 5.66 -5.13 1.08
CA LEU A 159 6.34 -4.43 0.00
C LEU A 159 6.98 -3.15 0.50
N ALA A 160 6.17 -2.29 1.12
CA ALA A 160 6.66 -1.02 1.65
C ALA A 160 5.68 -0.42 2.64
N HIS A 161 6.20 0.29 3.63
CA HIS A 161 5.35 0.92 4.64
C HIS A 161 5.30 2.43 4.44
N ALA A 162 4.09 2.98 4.41
CA ALA A 162 3.89 4.40 4.22
C ALA A 162 3.39 5.06 5.50
N PHE A 163 3.55 6.37 5.59
CA PHE A 163 3.12 7.13 6.76
C PHE A 163 1.88 7.95 6.45
N ALA A 164 0.96 8.02 7.42
CA ALA A 164 -0.28 8.77 7.24
C ALA A 164 -0.02 10.27 7.31
N PRO A 165 -0.99 11.06 6.84
CA PRO A 165 -0.89 12.53 6.83
C PRO A 165 -0.97 13.11 8.24
N GLY A 166 0.13 13.00 8.99
CA GLY A 166 0.17 13.52 10.33
C GLY A 166 1.35 14.44 10.57
N THR A 167 1.10 15.75 10.53
CA THR A 167 2.15 16.73 10.74
C THR A 167 3.25 16.58 9.69
N GLY A 168 4.24 17.48 9.74
CA GLY A 168 5.34 17.43 8.80
C GLY A 168 5.98 16.06 8.74
N LEU A 169 6.29 15.49 9.90
CA LEU A 169 6.92 14.18 9.96
C LEU A 169 6.04 13.12 9.31
N GLY A 170 4.75 13.43 9.17
CA GLY A 170 3.82 12.49 8.57
C GLY A 170 3.81 12.59 7.06
N GLY A 171 3.17 11.62 6.40
CA GLY A 171 3.10 11.62 4.96
C GLY A 171 4.41 11.21 4.31
N ASP A 172 5.29 10.58 5.11
CA ASP A 172 6.58 10.14 4.61
C ASP A 172 6.45 8.86 3.80
N ALA A 173 7.33 8.67 2.83
CA ALA A 173 7.30 7.49 1.98
C ALA A 173 8.53 6.62 2.23
N HIS A 174 8.29 5.33 2.46
CA HIS A 174 9.37 4.38 2.70
C HIS A 174 9.23 3.14 1.83
N PHE A 175 10.32 2.74 1.18
CA PHE A 175 10.32 1.57 0.31
C PHE A 175 11.27 0.50 0.84
N ASP A 176 10.84 -0.76 0.76
CA ASP A 176 11.64 -1.88 1.23
C ASP A 176 12.83 -2.12 0.30
N GLU A 177 13.99 -1.61 0.68
CA GLU A 177 15.19 -1.77 -0.13
C GLU A 177 15.51 -3.24 -0.36
N ASP A 178 14.88 -4.10 0.44
CA ASP A 178 15.09 -5.54 0.32
C ASP A 178 14.28 -6.10 -0.85
N GLU A 179 13.30 -5.34 -1.31
CA GLU A 179 12.46 -5.76 -2.42
C GLU A 179 13.14 -5.52 -3.76
N ARG A 180 12.42 -5.79 -4.84
CA ARG A 180 12.96 -5.60 -6.19
C ARG A 180 12.16 -4.55 -6.94
N TRP A 181 12.78 -3.41 -7.20
CA TRP A 181 12.12 -2.32 -7.92
C TRP A 181 12.84 -2.03 -9.25
N THR A 182 12.08 -1.53 -10.22
CA THR A 182 12.64 -1.21 -11.53
C THR A 182 11.56 -0.67 -12.46
N ASP A 183 12.00 -0.04 -13.55
CA ASP A 183 11.07 0.51 -14.53
C ASP A 183 11.29 -0.11 -15.91
N GLY A 184 12.36 0.31 -16.57
CA GLY A 184 12.68 -0.22 -17.89
C GLY A 184 12.80 -1.73 -17.90
N SER A 185 13.03 -2.31 -16.72
CA SER A 185 13.16 -3.75 -16.59
C SER A 185 11.82 -4.41 -16.31
N SER A 186 10.89 -3.63 -15.74
CA SER A 186 9.57 -4.14 -15.42
C SER A 186 9.63 -5.60 -15.00
N LEU A 187 10.56 -5.92 -14.11
CA LEU A 187 10.72 -7.29 -13.62
C LEU A 187 10.18 -7.44 -12.21
N GLY A 188 10.31 -6.38 -11.42
CA GLY A 188 9.83 -6.41 -10.05
C GLY A 188 8.68 -5.45 -9.81
N ILE A 189 8.66 -4.82 -8.64
CA ILE A 189 7.62 -3.87 -8.30
C ILE A 189 7.86 -2.51 -8.97
N ASN A 190 7.19 -2.30 -10.10
CA ASN A 190 7.34 -1.04 -10.84
C ASN A 190 7.24 0.15 -9.89
N PHE A 191 8.31 0.95 -9.85
CA PHE A 191 8.34 2.12 -8.99
C PHE A 191 7.15 3.04 -9.27
N LEU A 192 6.75 3.12 -10.53
CA LEU A 192 5.63 3.95 -10.93
C LEU A 192 4.32 3.41 -10.37
N TYR A 193 4.11 2.11 -10.52
CA TYR A 193 2.90 1.46 -10.03
C TYR A 193 2.88 1.43 -8.50
N ALA A 194 4.06 1.24 -7.90
CA ALA A 194 4.18 1.19 -6.45
C ALA A 194 4.02 2.57 -5.85
N ALA A 195 4.53 3.58 -6.55
CA ALA A 195 4.44 4.96 -6.08
C ALA A 195 3.01 5.37 -5.82
N THR A 196 2.12 5.02 -6.75
CA THR A 196 0.70 5.35 -6.63
C THR A 196 0.11 4.76 -5.35
N HIS A 197 0.48 3.52 -5.06
CA HIS A 197 -0.01 2.83 -3.87
C HIS A 197 0.62 3.40 -2.61
N ALA A 198 1.92 3.68 -2.69
CA ALA A 198 2.65 4.23 -1.55
C ALA A 198 2.29 5.69 -1.32
N LEU A 199 2.29 6.47 -2.39
CA LEU A 199 1.96 7.89 -2.31
C LEU A 199 0.51 8.09 -1.86
N GLY A 200 -0.39 7.30 -2.43
CA GLY A 200 -1.79 7.39 -2.09
C GLY A 200 -2.03 7.19 -0.60
N HIS A 201 -1.16 6.42 0.03
CA HIS A 201 -1.29 6.15 1.47
C HIS A 201 -1.07 7.42 2.28
N SER A 202 -0.05 8.19 1.92
CA SER A 202 0.26 9.43 2.62
C SER A 202 -0.92 10.40 2.57
N LEU A 203 -1.75 10.25 1.54
CA LEU A 203 -2.92 11.12 1.38
C LEU A 203 -4.07 10.62 2.23
N GLY A 204 -3.88 9.50 2.91
CA GLY A 204 -4.92 8.95 3.75
C GLY A 204 -5.83 8.00 3.00
N MET A 205 -5.63 7.91 1.68
CA MET A 205 -6.45 7.04 0.85
C MET A 205 -6.28 5.58 1.27
N GLY A 206 -7.40 4.86 1.36
CA GLY A 206 -7.36 3.46 1.76
C GLY A 206 -7.49 2.53 0.57
N HIS A 207 -7.40 1.23 0.84
CA HIS A 207 -7.52 0.22 -0.22
C HIS A 207 -8.95 0.15 -0.75
N SER A 208 -9.11 -0.41 -1.94
CA SER A 208 -10.41 -0.55 -2.56
C SER A 208 -10.74 -2.01 -2.85
N SER A 209 -12.03 -2.34 -2.85
CA SER A 209 -12.47 -3.70 -3.11
C SER A 209 -12.65 -3.94 -4.60
N ASP A 210 -12.47 -2.88 -5.39
CA ASP A 210 -12.62 -2.98 -6.84
C ASP A 210 -11.45 -3.74 -7.45
N PRO A 211 -11.76 -4.63 -8.42
CA PRO A 211 -10.75 -5.43 -9.10
C PRO A 211 -9.85 -4.60 -10.01
N ASN A 212 -10.20 -3.32 -10.18
CA ASN A 212 -9.44 -2.42 -11.02
C ASN A 212 -9.04 -1.16 -10.25
N ALA A 213 -8.86 -1.31 -8.94
CA ALA A 213 -8.48 -0.19 -8.10
C ALA A 213 -6.96 -0.03 -8.04
N VAL A 214 -6.51 1.22 -7.95
CA VAL A 214 -5.07 1.50 -7.90
C VAL A 214 -4.48 1.03 -6.57
N MET A 215 -5.29 1.03 -5.53
CA MET A 215 -4.85 0.61 -4.20
C MET A 215 -5.20 -0.86 -3.95
N TYR A 216 -5.63 -1.54 -5.00
CA TYR A 216 -6.00 -2.95 -4.89
C TYR A 216 -4.85 -3.77 -4.32
N PRO A 217 -5.07 -4.33 -3.12
CA PRO A 217 -4.07 -5.15 -2.43
C PRO A 217 -3.83 -6.50 -3.13
N THR A 218 -4.78 -6.89 -3.98
CA THR A 218 -4.69 -8.14 -4.70
C THR A 218 -3.86 -7.99 -5.97
N TYR A 219 -2.66 -7.45 -5.82
CA TYR A 219 -1.77 -7.24 -6.96
C TYR A 219 -1.16 -8.57 -7.43
N GLY A 220 -1.34 -8.87 -8.71
CA GLY A 220 -0.81 -10.10 -9.26
C GLY A 220 -1.45 -10.46 -10.58
N ASN A 221 -0.72 -10.22 -11.67
CA ASN A 221 -1.22 -10.53 -13.01
C ASN A 221 -0.19 -10.17 -14.07
N GLY A 222 -0.03 -8.87 -14.31
CA GLY A 222 0.93 -8.40 -15.30
C GLY A 222 1.65 -7.14 -14.88
N ASP A 223 2.53 -6.65 -15.73
CA ASP A 223 3.28 -5.44 -15.44
C ASP A 223 2.54 -4.20 -15.92
N PRO A 224 2.69 -3.09 -15.19
CA PRO A 224 2.04 -1.82 -15.52
C PRO A 224 2.61 -1.18 -16.78
N GLN A 225 1.80 -1.10 -17.82
CA GLN A 225 2.23 -0.51 -19.08
C GLN A 225 2.14 1.01 -19.03
N ASN A 226 1.02 1.51 -18.52
CA ASN A 226 0.82 2.95 -18.42
C ASN A 226 0.36 3.34 -17.01
N PHE A 227 -0.51 2.52 -16.43
CA PHE A 227 -1.02 2.78 -15.09
C PHE A 227 -1.86 4.04 -15.06
N LYS A 228 -3.09 3.93 -14.55
CA LYS A 228 -3.99 5.06 -14.46
C LYS A 228 -4.83 5.00 -13.18
N LEU A 229 -5.39 6.13 -12.79
CA LEU A 229 -6.21 6.21 -11.58
C LEU A 229 -7.46 5.36 -11.73
N SER A 230 -7.92 4.80 -10.61
CA SER A 230 -9.13 3.96 -10.61
C SER A 230 -10.38 4.80 -10.44
N GLN A 231 -11.49 4.32 -11.00
CA GLN A 231 -12.76 5.04 -10.90
C GLN A 231 -13.24 5.10 -9.45
N ASP A 232 -13.58 3.94 -8.90
CA ASP A 232 -14.06 3.87 -7.51
C ASP A 232 -13.05 4.49 -6.56
N ASP A 233 -11.79 4.50 -6.96
CA ASP A 233 -10.72 5.07 -6.14
C ASP A 233 -10.84 6.59 -6.07
N ILE A 234 -10.99 7.21 -7.24
CA ILE A 234 -11.12 8.66 -7.32
C ILE A 234 -12.45 9.14 -6.74
N LYS A 235 -13.52 8.44 -7.08
CA LYS A 235 -14.84 8.78 -6.60
C LYS A 235 -14.88 8.78 -5.07
N GLY A 236 -14.08 7.92 -4.46
CA GLY A 236 -14.03 7.85 -3.02
C GLY A 236 -13.38 9.07 -2.39
N ILE A 237 -12.25 9.48 -2.94
CA ILE A 237 -11.53 10.64 -2.44
C ILE A 237 -12.25 11.94 -2.80
N GLN A 238 -12.90 11.94 -3.96
CA GLN A 238 -13.64 13.12 -4.43
C GLN A 238 -14.83 13.41 -3.52
N LYS A 239 -15.31 12.37 -2.84
CA LYS A 239 -16.45 12.51 -1.94
C LYS A 239 -16.05 13.23 -0.65
N LEU A 240 -14.78 13.08 -0.27
CA LEU A 240 -14.27 13.71 0.94
C LEU A 240 -13.55 15.01 0.61
N TYR A 241 -13.08 15.12 -0.63
CA TYR A 241 -12.38 16.33 -1.08
C TYR A 241 -13.34 17.32 -1.72
N GLY A 242 -14.34 16.79 -2.41
CA GLY A 242 -15.33 17.65 -3.06
C GLY A 242 -16.63 16.93 -3.34
N LYS A 243 -16.97 16.79 -4.61
CA LYS A 243 -18.20 16.11 -5.00
C LYS A 243 -17.93 14.68 -5.42
N ARG A 244 -18.69 13.74 -4.86
CA ARG A 244 -18.53 12.32 -5.19
C ARG A 244 -18.74 12.08 -6.68
N SER A 245 -18.54 10.84 -7.11
CA SER A 245 -18.71 10.47 -8.51
C SER A 245 -19.59 9.25 -8.64
N ASN A 246 -19.78 8.79 -9.88
CA ASN A 246 -20.61 7.62 -10.14
C ASN A 246 -19.84 6.59 -10.98
N SER A 247 -19.70 5.39 -10.44
CA SER A 247 -18.98 4.32 -11.14
C SER A 247 -19.09 3.01 -10.36
N ARG A 248 -18.77 1.91 -11.02
CA ARG A 248 -18.82 0.59 -10.41
C ARG A 248 -18.22 -0.47 -11.32
N LYS A 249 -17.89 -1.63 -10.75
CA LYS A 249 -17.31 -2.72 -11.51
C LYS A 249 -17.13 -3.96 -10.63
N LYS A 250 -18.10 -4.20 -9.75
CA LYS A 250 -18.06 -5.35 -8.86
C LYS A 250 -16.76 -5.37 -8.06
CA CA B . 6.50 13.81 5.98
CA CA C . 9.65 -7.48 1.61
ZN ZN D . 9.87 3.30 8.31
ZN ZN E . -1.80 -0.20 0.54
#